data_6RKE
#
_entry.id   6RKE
#
_cell.length_a   128.060
_cell.length_b   148.860
_cell.length_c   183.170
_cell.angle_alpha   90.00
_cell.angle_beta   90.00
_cell.angle_gamma   90.00
#
_symmetry.space_group_name_H-M   'P 21 21 21'
#
loop_
_entity.id
_entity.type
_entity.pdbx_description
1 polymer 'Molybdenum storage protein subunit beta'
2 polymer 'Molybdenum storage protein subunit alpha'
3 non-polymer "ADENOSINE-5'-DIPHOSPHATE"
4 non-polymer 'MAGNESIUM ION'
5 non-polymer 'bis(mu4-oxo)-tetrakis(mu3-oxo)-hexakis(mu2-oxo)-hexadecaoxo-octamolybdenum (VI)'
6 non-polymer 'MOLYBDATE ION'
7 non-polymer 'PHOSPHATE ION'
8 non-polymer 'MO(8)-O(26) Cluster'
9 non-polymer "ADENOSINE-5'-TRIPHOSPHATE"
10 non-polymer '(mu3-oxo)-tris(mu2-oxo)-nonakisoxo-trimolybdenum (VI)'
11 non-polymer 'MO(10)-O(35) Cluster'
12 water water
#
loop_
_entity_poly.entity_id
_entity_poly.type
_entity_poly.pdbx_seq_one_letter_code
_entity_poly.pdbx_strand_id
1 'polypeptide(L)'
;ANSTAELEELLMQRSLTDPQLQAAAAAAADFRILPDATVIKIGGQSVIDRGRAAVYPLVDEIVAARKNHKLLIGTGAGTR
ARHLYSIAAGLGLPAGVLAQLGSSVADQNAAMLGQLLAKHGIPVVGGAGLSAVPLSLAEVNAVVFSGMPPYKLWMRPAAE
GVIPPYRTDAGCFLLAEQFGCKQMIFVKDEDGLYTANPKTSKDATFIPRISVDEMKAKGLHDSILEFPVLDLLQSAQHVR
EVQVVNGLVPGNLTRALAGEHVGTIITAS
;
B,D,F,H,J,L
2 'polypeptide(L)'
;TDTTNSIKHVISPLARQTLQDRDLTRPVAGKRPIRLLPWLQVVKIGGRVMDRGADAILPLVEELRKLLPEHRLLILTGAG
VRARHVFSVGLDLGLPVGSLAPLAASEAGQNGHILAAMLASEGVSYVEHPTVADQLAIHLSATRAVVGSAFPPYHHHEFP
GSRIPPHRADTGAFLLADAFGAAGLTIVENVDGIYTADPNGPDRGQARFLPETSATDLAKSEGPLPVDRALLDVMATARH
IERVQVVNGLVPGRLTAALRGEHVGTLIRTGVRPA
;
A,C,E,G,I,K
#
loop_
_chem_comp.id
_chem_comp.type
_chem_comp.name
_chem_comp.formula
8M0 non-polymer 'bis(mu4-oxo)-tetrakis(mu3-oxo)-hexakis(mu2-oxo)-hexadecaoxo-octamolybdenum (VI)' 'Mo8 O28 -8'
ADP non-polymer ADENOSINE-5'-DIPHOSPHATE 'C10 H15 N5 O10 P2'
ATP non-polymer ADENOSINE-5'-TRIPHOSPHATE 'C10 H16 N5 O13 P3'
LHW non-polymer 'MO(10)-O(35) Cluster' 'H16 Mo10 O35 5'
LJB non-polymer 'MO(8)-O(26) Cluster' 'H15 Mo8 O26 7'
M10 non-polymer '(mu3-oxo)-tris(mu2-oxo)-nonakisoxo-trimolybdenum (VI)' 'Mo3 O13 -8'
MG non-polymer 'MAGNESIUM ION' 'Mg 2'
MOO non-polymer 'MOLYBDATE ION' 'Mo O4 -2'
PO4 non-polymer 'PHOSPHATE ION' 'O4 P -3'
#
# COMPACT_ATOMS: atom_id res chain seq x y z
N ASN A 2 -4.02 -40.65 47.87
CA ASN A 2 -4.07 -40.09 46.52
C ASN A 2 -4.39 -38.59 46.51
N SER A 3 -5.36 -38.28 45.65
CA SER A 3 -6.19 -37.09 45.52
C SER A 3 -5.93 -36.45 44.15
N THR A 4 -6.59 -36.94 43.10
CA THR A 4 -6.68 -36.15 41.88
C THR A 4 -7.52 -34.90 42.11
N ALA A 5 -8.35 -34.90 43.16
CA ALA A 5 -9.13 -33.72 43.49
C ALA A 5 -8.23 -32.55 43.87
N GLU A 6 -7.15 -32.81 44.60
CA GLU A 6 -6.21 -31.74 44.90
C GLU A 6 -5.38 -31.37 43.68
N LEU A 7 -5.02 -32.36 42.87
CA LEU A 7 -4.34 -32.07 41.60
C LEU A 7 -5.23 -31.22 40.72
N GLU A 8 -6.52 -31.58 40.60
CA GLU A 8 -7.44 -30.81 39.77
C GLU A 8 -7.69 -29.44 40.36
N GLU A 9 -7.74 -29.33 41.69
CA GLU A 9 -7.89 -28.00 42.30
C GLU A 9 -6.65 -27.16 42.07
N LEU A 10 -5.46 -27.73 42.27
CA LEU A 10 -4.23 -26.98 42.02
C LEU A 10 -4.13 -26.57 40.56
N LEU A 11 -4.53 -27.45 39.65
CA LEU A 11 -4.44 -27.13 38.22
C LEU A 11 -5.32 -25.94 37.86
N MET A 12 -6.36 -25.66 38.63
CA MET A 12 -7.26 -24.56 38.31
C MET A 12 -6.97 -23.29 39.09
N GLN A 13 -6.49 -23.39 40.33
CA GLN A 13 -6.30 -22.22 41.19
CA GLN A 13 -6.31 -22.21 41.15
C GLN A 13 -4.86 -21.73 41.24
N ARG A 14 -3.92 -22.46 40.66
CA ARG A 14 -2.52 -22.10 40.76
C ARG A 14 -1.88 -21.89 39.39
N SER A 15 -0.74 -21.21 39.39
CA SER A 15 0.11 -21.17 38.22
C SER A 15 0.73 -22.53 37.97
N LEU A 16 1.04 -22.82 36.71
CA LEU A 16 1.72 -24.06 36.39
C LEU A 16 3.13 -24.09 36.97
N THR A 17 3.68 -22.94 37.35
CA THR A 17 4.99 -22.85 37.98
C THR A 17 4.93 -23.13 39.47
N ASP A 18 3.76 -23.31 40.04
CA ASP A 18 3.63 -23.52 41.48
C ASP A 18 4.27 -24.86 41.86
N PRO A 19 5.21 -24.89 42.80
CA PRO A 19 5.82 -26.17 43.18
CA PRO A 19 5.82 -26.17 43.18
C PRO A 19 4.80 -27.18 43.68
N GLN A 20 3.72 -26.72 44.32
CA GLN A 20 2.68 -27.63 44.79
C GLN A 20 1.96 -28.29 43.62
N LEU A 21 1.68 -27.52 42.56
CA LEU A 21 1.07 -28.09 41.36
C LEU A 21 2.02 -29.07 40.69
N GLN A 22 3.30 -28.69 40.57
CA GLN A 22 4.27 -29.57 39.93
C GLN A 22 4.39 -30.89 40.67
N ALA A 23 4.38 -30.87 42.00
CA ALA A 23 4.51 -32.10 42.76
C ALA A 23 3.28 -32.98 42.59
N ALA A 24 2.09 -32.38 42.55
CA ALA A 24 0.87 -33.17 42.38
C ALA A 24 0.84 -33.81 40.99
N ALA A 25 1.32 -33.10 39.98
CA ALA A 25 1.36 -33.67 38.64
C ALA A 25 2.35 -34.82 38.55
N ALA A 26 3.46 -34.74 39.29
CA ALA A 26 4.46 -35.80 39.26
C ALA A 26 3.92 -37.12 39.81
N ALA A 27 2.86 -37.07 40.61
CA ALA A 27 2.27 -38.29 41.16
C ALA A 27 1.29 -38.97 40.21
N ALA A 28 1.07 -38.40 39.02
CA ALA A 28 0.14 -38.99 38.07
C ALA A 28 0.67 -40.33 37.55
N ALA A 29 -0.27 -41.15 37.07
CA ALA A 29 0.09 -42.43 36.48
C ALA A 29 0.97 -42.23 35.25
N ASP A 30 1.71 -43.28 34.89
CA ASP A 30 2.67 -43.24 33.79
C ASP A 30 2.27 -44.26 32.74
N PHE A 31 1.80 -43.78 31.59
CA PHE A 31 1.37 -44.63 30.50
C PHE A 31 2.43 -44.65 29.40
N ARG A 32 2.82 -45.84 28.97
CA ARG A 32 3.78 -46.01 27.89
C ARG A 32 3.04 -46.31 26.60
N ILE A 33 3.21 -45.44 25.60
CA ILE A 33 2.41 -45.53 24.39
C ILE A 33 2.83 -46.72 23.55
N LEU A 34 4.14 -46.89 23.33
CA LEU A 34 4.67 -48.01 22.56
C LEU A 34 5.74 -48.72 23.38
N PRO A 35 5.34 -49.47 24.41
CA PRO A 35 6.33 -50.05 25.33
C PRO A 35 7.19 -51.12 24.68
N ASP A 36 6.69 -51.79 23.64
CA ASP A 36 7.43 -52.89 23.02
C ASP A 36 8.29 -52.45 21.85
N ALA A 37 8.36 -51.16 21.57
CA ALA A 37 9.09 -50.65 20.43
C ALA A 37 10.49 -50.18 20.83
N THR A 38 11.40 -50.19 19.87
CA THR A 38 12.77 -49.71 20.04
C THR A 38 13.03 -48.62 19.02
N VAL A 39 13.61 -47.52 19.46
CA VAL A 39 14.04 -46.44 18.57
C VAL A 39 15.53 -46.61 18.31
N ILE A 40 15.91 -46.62 17.05
CA ILE A 40 17.31 -46.66 16.66
C ILE A 40 17.59 -45.44 15.79
N LYS A 41 18.77 -44.87 15.92
CA LYS A 41 19.23 -43.82 15.03
C LYS A 41 20.27 -44.42 14.09
N ILE A 42 20.02 -44.30 12.80
CA ILE A 42 21.02 -44.62 11.79
C ILE A 42 21.83 -43.34 11.56
N GLY A 43 23.13 -43.41 11.83
CA GLY A 43 23.99 -42.25 11.76
C GLY A 43 23.92 -41.51 10.44
N GLY A 44 24.04 -40.19 10.50
CA GLY A 44 24.08 -39.38 9.30
C GLY A 44 25.48 -39.28 8.76
N GLN A 45 26.32 -38.46 9.40
CA GLN A 45 27.72 -38.39 9.01
C GLN A 45 28.43 -39.71 9.23
N SER A 46 28.02 -40.46 10.26
CA SER A 46 28.73 -41.67 10.63
C SER A 46 28.34 -42.88 9.79
N VAL A 47 27.14 -42.89 9.20
CA VAL A 47 26.68 -44.09 8.50
C VAL A 47 26.17 -43.77 7.10
N ILE A 48 25.10 -42.98 7.02
CA ILE A 48 24.45 -42.79 5.73
C ILE A 48 25.37 -42.05 4.76
N ASP A 49 26.17 -41.11 5.27
CA ASP A 49 27.13 -40.41 4.43
C ASP A 49 28.21 -41.33 3.88
N ARG A 50 28.35 -42.54 4.41
CA ARG A 50 29.29 -43.51 3.86
C ARG A 50 28.74 -44.22 2.64
N GLY A 51 27.43 -44.15 2.41
CA GLY A 51 26.83 -44.74 1.23
C GLY A 51 26.63 -46.25 1.33
N ARG A 52 26.80 -46.92 0.18
CA ARG A 52 26.37 -48.31 0.05
C ARG A 52 27.10 -49.22 1.02
N ALA A 53 28.40 -49.02 1.20
CA ALA A 53 29.20 -49.96 1.98
C ALA A 53 28.71 -50.07 3.42
N ALA A 54 28.10 -49.00 3.95
CA ALA A 54 27.59 -48.99 5.31
C ALA A 54 26.08 -49.16 5.38
N VAL A 55 25.34 -48.60 4.43
CA VAL A 55 23.88 -48.59 4.51
C VAL A 55 23.32 -49.96 4.10
N TYR A 56 23.84 -50.55 3.04
CA TYR A 56 23.28 -51.80 2.55
C TYR A 56 23.37 -52.92 3.58
N PRO A 57 24.49 -53.13 4.26
CA PRO A 57 24.49 -54.18 5.31
C PRO A 57 23.50 -53.90 6.43
N LEU A 58 23.33 -52.64 6.82
CA LEU A 58 22.40 -52.32 7.90
C LEU A 58 20.96 -52.46 7.45
N VAL A 59 20.67 -52.22 6.17
CA VAL A 59 19.33 -52.48 5.66
C VAL A 59 18.99 -53.96 5.80
N ASP A 60 19.95 -54.84 5.49
CA ASP A 60 19.71 -56.27 5.64
C ASP A 60 19.48 -56.63 7.11
N GLU A 61 20.25 -56.03 8.01
CA GLU A 61 20.07 -56.29 9.43
C GLU A 61 18.69 -55.82 9.90
N ILE A 62 18.26 -54.65 9.43
CA ILE A 62 16.96 -54.11 9.81
C ILE A 62 15.84 -55.05 9.35
N VAL A 63 15.91 -55.49 8.10
CA VAL A 63 14.86 -56.34 7.55
C VAL A 63 14.80 -57.66 8.32
N ALA A 64 15.95 -58.18 8.74
CA ALA A 64 15.97 -59.40 9.53
C ALA A 64 15.55 -59.15 10.97
N ALA A 65 15.93 -57.99 11.52
CA ALA A 65 15.65 -57.73 12.93
C ALA A 65 14.18 -57.44 13.19
N ARG A 66 13.48 -56.86 12.21
CA ARG A 66 12.08 -56.49 12.42
C ARG A 66 11.18 -57.70 12.60
N LYS A 67 11.67 -58.92 12.31
CA LYS A 67 10.88 -60.10 12.59
C LYS A 67 10.77 -60.34 14.09
N ASN A 68 11.74 -59.87 14.87
CA ASN A 68 11.74 -60.06 16.31
C ASN A 68 11.59 -58.77 17.10
N HIS A 69 11.74 -57.61 16.46
CA HIS A 69 11.78 -56.34 17.19
C HIS A 69 10.98 -55.28 16.46
N LYS A 70 10.21 -54.52 17.23
CA LYS A 70 9.47 -53.38 16.72
C LYS A 70 10.39 -52.16 16.69
N LEU A 71 10.56 -51.57 15.50
CA LEU A 71 11.60 -50.58 15.28
C LEU A 71 11.04 -49.25 14.80
N LEU A 72 11.53 -48.17 15.41
CA LEU A 72 11.38 -46.81 14.88
C LEU A 72 12.78 -46.36 14.46
N ILE A 73 12.98 -46.19 13.16
CA ILE A 73 14.30 -45.98 12.58
C ILE A 73 14.45 -44.51 12.23
N GLY A 74 15.21 -43.77 13.04
CA GLY A 74 15.46 -42.37 12.80
C GLY A 74 16.79 -42.16 12.08
N THR A 75 16.84 -41.11 11.28
CA THR A 75 18.01 -40.82 10.45
C THR A 75 18.74 -39.59 10.96
N GLY A 76 20.07 -39.62 10.90
CA GLY A 76 20.88 -38.45 11.13
C GLY A 76 20.86 -37.55 9.90
N ALA A 77 21.67 -36.48 9.98
CA ALA A 77 21.76 -35.52 8.89
C ALA A 77 23.12 -35.67 8.20
N GLY A 78 24.17 -35.11 8.80
CA GLY A 78 25.51 -35.37 8.32
C GLY A 78 26.21 -34.21 7.64
N THR A 79 27.05 -34.53 6.65
CA THR A 79 27.95 -33.54 6.09
C THR A 79 27.21 -32.43 5.34
N ARG A 80 26.06 -32.75 4.73
CA ARG A 80 25.30 -31.70 4.05
C ARG A 80 24.75 -30.69 5.04
N ALA A 81 24.37 -31.13 6.24
CA ALA A 81 23.95 -30.19 7.27
C ALA A 81 25.11 -29.32 7.74
N ARG A 82 26.30 -29.91 7.86
CA ARG A 82 27.46 -29.12 8.25
C ARG A 82 27.77 -28.04 7.22
N HIS A 83 27.57 -28.35 5.93
CA HIS A 83 27.75 -27.34 4.90
C HIS A 83 26.70 -26.24 5.04
N LEU A 84 25.45 -26.62 5.27
CA LEU A 84 24.39 -25.63 5.46
C LEU A 84 24.65 -24.78 6.71
N TYR A 85 25.06 -25.42 7.80
CA TYR A 85 25.40 -24.67 9.00
C TYR A 85 26.55 -23.71 8.73
N SER A 86 27.52 -24.12 7.90
CA SER A 86 28.66 -23.27 7.60
C SER A 86 28.24 -22.03 6.84
N ILE A 87 27.39 -22.20 5.82
CA ILE A 87 26.93 -21.06 5.04
C ILE A 87 26.11 -20.12 5.91
N ALA A 88 25.15 -20.66 6.65
CA ALA A 88 24.26 -19.82 7.45
C ALA A 88 25.00 -19.13 8.59
N ALA A 89 25.93 -19.85 9.24
CA ALA A 89 26.70 -19.23 10.32
C ALA A 89 27.59 -18.11 9.78
N GLY A 90 28.16 -18.29 8.59
CA GLY A 90 28.94 -17.24 7.97
C GLY A 90 28.15 -15.97 7.72
N LEU A 91 26.83 -16.10 7.61
CA LEU A 91 25.95 -14.95 7.43
C LEU A 91 25.37 -14.43 8.74
N GLY A 92 25.71 -15.06 9.87
CA GLY A 92 25.18 -14.63 11.14
C GLY A 92 23.75 -15.03 11.38
N LEU A 93 23.28 -16.10 10.75
CA LEU A 93 21.91 -16.53 10.98
C LEU A 93 21.81 -17.27 12.31
N PRO A 94 20.70 -17.12 13.02
CA PRO A 94 20.57 -17.71 14.36
C PRO A 94 20.31 -19.21 14.31
N ALA A 95 20.44 -19.83 15.48
CA ALA A 95 20.26 -21.28 15.58
C ALA A 95 18.89 -21.72 15.10
N GLY A 96 17.86 -20.89 15.31
CA GLY A 96 16.54 -21.26 14.84
C GLY A 96 16.45 -21.40 13.34
N VAL A 97 17.21 -20.59 12.60
CA VAL A 97 17.24 -20.73 11.15
C VAL A 97 18.06 -21.94 10.73
N LEU A 98 19.21 -22.16 11.38
CA LEU A 98 20.03 -23.32 11.08
C LEU A 98 19.27 -24.62 11.34
N ALA A 99 18.40 -24.63 12.37
CA ALA A 99 17.69 -25.86 12.72
C ALA A 99 16.83 -26.34 11.56
N GLN A 100 16.15 -25.42 10.88
CA GLN A 100 15.30 -25.79 9.76
C GLN A 100 16.13 -26.33 8.60
N LEU A 101 17.33 -25.76 8.39
CA LEU A 101 18.18 -26.24 7.32
C LEU A 101 18.64 -27.67 7.56
N GLY A 102 19.01 -27.99 8.81
CA GLY A 102 19.44 -29.34 9.12
C GLY A 102 18.34 -30.37 8.98
N SER A 103 17.10 -29.97 9.25
CA SER A 103 15.98 -30.90 9.13
CA SER A 103 15.98 -30.90 9.13
C SER A 103 15.83 -31.43 7.71
N SER A 104 16.08 -30.57 6.71
CA SER A 104 15.98 -31.00 5.33
C SER A 104 16.96 -32.13 5.04
N VAL A 105 18.16 -32.08 5.62
CA VAL A 105 19.16 -33.10 5.36
C VAL A 105 18.73 -34.43 5.98
N ALA A 106 18.25 -34.40 7.23
CA ALA A 106 17.73 -35.61 7.83
C ALA A 106 16.54 -36.13 7.05
N ASP A 107 15.74 -35.24 6.47
CA ASP A 107 14.63 -35.64 5.61
C ASP A 107 15.14 -36.40 4.38
N GLN A 108 16.19 -35.86 3.75
CA GLN A 108 16.77 -36.52 2.58
C GLN A 108 17.22 -37.94 2.92
N ASN A 109 17.92 -38.09 4.04
CA ASN A 109 18.43 -39.40 4.42
C ASN A 109 17.29 -40.36 4.72
N ALA A 110 16.21 -39.87 5.34
CA ALA A 110 15.06 -40.73 5.59
C ALA A 110 14.43 -41.18 4.28
N ALA A 111 14.40 -40.30 3.28
CA ALA A 111 13.85 -40.69 1.98
C ALA A 111 14.70 -41.74 1.30
N MET A 112 16.03 -41.59 1.34
CA MET A 112 16.92 -42.57 0.72
C MET A 112 16.83 -43.91 1.44
N LEU A 113 16.84 -43.89 2.77
CA LEU A 113 16.74 -45.14 3.53
C LEU A 113 15.40 -45.81 3.30
N GLY A 114 14.31 -45.04 3.30
CA GLY A 114 12.99 -45.61 3.10
C GLY A 114 12.80 -46.24 1.74
N GLN A 115 13.42 -45.66 0.70
CA GLN A 115 13.29 -46.23 -0.63
C GLN A 115 13.98 -47.58 -0.74
N LEU A 116 15.02 -47.81 0.06
CA LEU A 116 15.64 -49.13 0.11
C LEU A 116 14.81 -50.11 0.91
N LEU A 117 13.91 -49.63 1.75
CA LEU A 117 13.09 -50.50 2.60
C LEU A 117 11.65 -50.60 2.10
N ALA A 118 11.29 -49.89 1.03
CA ALA A 118 9.90 -49.86 0.58
C ALA A 118 9.41 -51.25 0.17
N LYS A 119 10.25 -52.01 -0.53
CA LYS A 119 9.86 -53.34 -0.98
C LYS A 119 9.69 -54.33 0.17
N HIS A 120 10.12 -53.96 1.38
CA HIS A 120 9.90 -54.76 2.57
C HIS A 120 8.71 -54.28 3.39
N GLY A 121 7.98 -53.29 2.91
CA GLY A 121 6.79 -52.80 3.57
C GLY A 121 7.01 -51.71 4.60
N ILE A 122 8.25 -51.27 4.81
CA ILE A 122 8.57 -50.29 5.84
C ILE A 122 8.41 -48.90 5.24
N PRO A 123 7.51 -48.06 5.78
CA PRO A 123 7.31 -46.73 5.18
C PRO A 123 8.13 -45.64 5.86
N VAL A 124 8.26 -44.50 5.19
CA VAL A 124 8.76 -43.29 5.83
C VAL A 124 7.57 -42.50 6.33
N VAL A 125 7.61 -42.09 7.59
CA VAL A 125 6.43 -41.61 8.29
C VAL A 125 6.64 -40.19 8.76
N GLY A 126 5.53 -39.45 8.85
CA GLY A 126 5.51 -38.16 9.48
C GLY A 126 4.69 -38.21 10.75
N GLY A 127 5.15 -39.04 11.70
CA GLY A 127 4.40 -39.35 12.90
C GLY A 127 4.65 -40.79 13.28
N ALA A 128 5.91 -41.12 13.53
CA ALA A 128 6.36 -42.50 13.66
C ALA A 128 5.67 -43.23 14.81
N GLY A 129 5.94 -42.80 16.04
CA GLY A 129 5.46 -43.51 17.21
C GLY A 129 3.96 -43.48 17.45
N LEU A 130 3.22 -42.86 16.53
CA LEU A 130 1.77 -42.97 16.46
C LEU A 130 1.28 -43.48 15.12
N SER A 131 2.20 -43.78 14.21
CA SER A 131 1.92 -44.56 13.00
C SER A 131 1.72 -45.99 13.46
N ALA A 132 0.55 -46.23 14.05
CA ALA A 132 0.32 -47.45 14.82
C ALA A 132 0.15 -48.68 13.95
N VAL A 133 -0.24 -48.51 12.70
CA VAL A 133 -0.61 -49.65 11.87
C VAL A 133 0.61 -50.40 11.36
N PRO A 134 1.65 -49.73 10.84
CA PRO A 134 2.84 -50.50 10.43
C PRO A 134 3.57 -51.14 11.59
N LEU A 135 3.63 -50.46 12.74
CA LEU A 135 4.34 -51.02 13.88
C LEU A 135 3.60 -52.21 14.48
N SER A 136 2.29 -52.28 14.29
CA SER A 136 1.52 -53.39 14.87
CA SER A 136 1.52 -53.39 14.87
C SER A 136 1.60 -54.65 14.03
N LEU A 137 1.74 -54.51 12.71
CA LEU A 137 1.77 -55.66 11.83
C LEU A 137 3.14 -56.33 11.87
N ALA A 138 3.15 -57.65 12.09
CA ALA A 138 4.40 -58.40 12.04
C ALA A 138 5.00 -58.38 10.64
N GLU A 139 4.18 -58.18 9.61
CA GLU A 139 4.68 -58.09 8.25
C GLU A 139 5.49 -56.82 8.01
N VAL A 140 5.32 -55.80 8.85
CA VAL A 140 6.04 -54.54 8.72
C VAL A 140 6.90 -54.32 9.95
N ASN A 141 6.26 -53.96 11.07
CA ASN A 141 6.91 -53.87 12.38
C ASN A 141 8.04 -52.85 12.43
N ALA A 142 8.04 -51.88 11.51
CA ALA A 142 9.10 -50.89 11.47
C ALA A 142 8.64 -49.69 10.68
N VAL A 143 9.17 -48.52 11.05
CA VAL A 143 8.94 -47.27 10.31
C VAL A 143 10.26 -46.51 10.27
N VAL A 144 10.39 -45.64 9.26
CA VAL A 144 11.54 -44.76 9.12
C VAL A 144 11.06 -43.32 9.31
N PHE A 145 11.78 -42.55 10.12
CA PHE A 145 11.46 -41.16 10.35
C PHE A 145 12.72 -40.33 10.33
N SER A 146 12.55 -39.02 10.13
CA SER A 146 13.65 -38.07 10.12
C SER A 146 13.95 -37.62 11.53
N GLY A 147 15.22 -37.72 11.93
CA GLY A 147 15.62 -37.57 13.31
C GLY A 147 15.75 -36.17 13.84
N MET A 148 15.52 -35.13 13.03
CA MET A 148 15.64 -33.76 13.57
C MET A 148 14.42 -33.44 14.42
N PRO A 149 14.59 -32.71 15.52
CA PRO A 149 13.44 -32.25 16.31
C PRO A 149 12.65 -31.18 15.59
N PRO A 150 11.40 -30.95 15.98
CA PRO A 150 10.54 -29.99 15.27
C PRO A 150 10.68 -28.54 15.71
N TYR A 151 11.74 -28.19 16.45
CA TYR A 151 11.78 -26.89 17.12
C TYR A 151 11.81 -25.74 16.11
N LYS A 152 12.50 -25.93 14.99
CA LYS A 152 12.63 -24.95 13.91
C LYS A 152 12.99 -23.61 14.55
N LEU A 153 12.35 -22.50 14.16
CA LEU A 153 12.79 -21.21 14.65
C LEU A 153 12.73 -21.11 16.17
N TRP A 154 11.96 -21.97 16.83
CA TRP A 154 11.88 -22.01 18.29
C TRP A 154 12.99 -22.84 18.92
N MET A 155 14.00 -23.21 18.16
CA MET A 155 15.13 -23.96 18.72
C MET A 155 15.81 -23.15 19.81
N ARG A 156 16.01 -23.77 20.96
CA ARG A 156 16.79 -23.13 22.01
C ARG A 156 18.24 -23.04 21.58
N PRO A 157 18.88 -21.88 21.66
CA PRO A 157 20.28 -21.78 21.27
C PRO A 157 21.20 -22.34 22.35
N ALA A 158 22.42 -22.65 21.93
CA ALA A 158 23.46 -23.01 22.87
C ALA A 158 23.94 -21.75 23.61
N ALA A 159 24.73 -21.96 24.67
CA ALA A 159 25.26 -20.83 25.41
C ALA A 159 26.15 -19.96 24.53
N GLU A 160 26.82 -20.56 23.54
CA GLU A 160 27.69 -19.82 22.64
C GLU A 160 27.52 -20.38 21.24
N GLY A 161 27.41 -19.49 20.26
CA GLY A 161 27.37 -19.87 18.86
C GLY A 161 25.96 -20.14 18.38
N VAL A 162 25.86 -20.35 17.06
CA VAL A 162 24.57 -20.52 16.40
C VAL A 162 24.31 -21.96 15.99
N ILE A 163 25.19 -22.89 16.34
CA ILE A 163 24.92 -24.30 16.02
C ILE A 163 23.74 -24.78 16.85
N PRO A 164 22.70 -25.33 16.25
CA PRO A 164 21.58 -25.87 17.03
C PRO A 164 22.05 -26.95 17.97
N PRO A 165 21.81 -26.79 19.29
CA PRO A 165 22.30 -27.79 20.25
C PRO A 165 21.46 -29.06 20.32
N TYR A 166 20.24 -29.06 19.78
CA TYR A 166 19.38 -30.22 19.75
C TYR A 166 19.23 -30.65 18.29
N ARG A 167 19.94 -31.72 17.91
CA ARG A 167 19.91 -32.20 16.54
C ARG A 167 19.42 -33.64 16.52
N THR A 168 19.96 -34.48 15.63
CA THR A 168 19.31 -35.76 15.36
C THR A 168 19.48 -36.77 16.51
N ASP A 169 20.51 -36.60 17.36
CA ASP A 169 20.58 -37.43 18.56
C ASP A 169 19.40 -37.13 19.49
N ALA A 170 19.15 -35.85 19.74
CA ALA A 170 18.06 -35.48 20.63
C ALA A 170 16.70 -35.78 20.01
N GLY A 171 16.57 -35.61 18.69
CA GLY A 171 15.30 -35.90 18.05
C GLY A 171 14.91 -37.36 18.17
N CYS A 172 15.89 -38.26 18.00
CA CYS A 172 15.62 -39.68 18.12
C CYS A 172 15.39 -40.08 19.57
N PHE A 173 16.19 -39.54 20.50
CA PHE A 173 16.04 -39.93 21.90
C PHE A 173 14.70 -39.49 22.46
N LEU A 174 14.28 -38.25 22.16
CA LEU A 174 13.05 -37.74 22.72
C LEU A 174 11.83 -38.50 22.18
N LEU A 175 11.94 -39.05 20.97
CA LEU A 175 10.88 -39.91 20.46
C LEU A 175 10.76 -41.17 21.30
N ALA A 176 11.89 -41.82 21.57
CA ALA A 176 11.88 -43.01 22.42
C ALA A 176 11.33 -42.69 23.80
N GLU A 177 11.68 -41.53 24.34
CA GLU A 177 11.22 -41.18 25.68
C GLU A 177 9.72 -40.89 25.68
N GLN A 178 9.23 -40.14 24.70
CA GLN A 178 7.83 -39.76 24.69
C GLN A 178 6.93 -40.99 24.57
N PHE A 179 7.29 -41.92 23.71
CA PHE A 179 6.47 -43.09 23.44
C PHE A 179 6.75 -44.25 24.40
N GLY A 180 7.54 -44.01 25.43
CA GLY A 180 7.80 -45.05 26.42
C GLY A 180 8.43 -46.29 25.85
N CYS A 181 9.30 -46.14 24.86
CA CYS A 181 9.95 -47.28 24.23
C CYS A 181 10.87 -47.97 25.22
N LYS A 182 11.12 -49.25 24.95
CA LYS A 182 11.92 -50.08 25.84
C LYS A 182 13.41 -49.87 25.64
N GLN A 183 13.82 -49.23 24.55
CA GLN A 183 15.25 -49.17 24.25
C GLN A 183 15.54 -48.12 23.19
N MET A 184 16.73 -47.53 23.29
CA MET A 184 17.20 -46.53 22.33
C MET A 184 18.65 -46.85 22.00
N ILE A 185 18.91 -47.12 20.73
CA ILE A 185 20.21 -47.55 20.26
C ILE A 185 20.70 -46.55 19.21
N PHE A 186 21.90 -46.02 19.39
CA PHE A 186 22.54 -45.14 18.42
C PHE A 186 23.49 -45.98 17.59
N VAL A 187 23.26 -46.03 16.29
CA VAL A 187 24.07 -46.82 15.37
C VAL A 187 24.98 -45.88 14.61
N LYS A 188 26.27 -45.88 14.97
CA LYS A 188 27.25 -44.99 14.32
C LYS A 188 28.43 -45.81 13.82
N ASP A 189 29.62 -45.20 13.78
CA ASP A 189 30.77 -45.77 13.09
C ASP A 189 31.96 -46.02 14.02
N GLU A 190 31.73 -46.01 15.33
CA GLU A 190 32.79 -46.32 16.29
C GLU A 190 32.24 -47.32 17.30
N ASP A 191 33.17 -48.01 17.97
CA ASP A 191 32.76 -49.05 18.92
C ASP A 191 31.91 -48.47 20.04
N GLY A 192 32.06 -47.18 20.33
CA GLY A 192 31.27 -46.54 21.36
C GLY A 192 31.89 -45.21 21.73
N LEU A 193 31.65 -44.80 22.98
CA LEU A 193 32.22 -43.56 23.49
C LEU A 193 33.68 -43.77 23.87
N TYR A 194 34.53 -42.82 23.48
CA TYR A 194 35.91 -42.75 23.91
C TYR A 194 36.12 -41.50 24.76
N THR A 195 37.32 -41.34 25.31
CA THR A 195 37.63 -40.12 26.05
C THR A 195 37.86 -38.93 25.14
N ALA A 196 38.03 -39.16 23.84
CA ALA A 196 38.17 -38.11 22.85
C ALA A 196 37.79 -38.70 21.51
N ASN A 197 37.72 -37.83 20.50
CA ASN A 197 37.35 -38.32 19.17
C ASN A 197 38.42 -39.28 18.66
N PRO A 198 38.10 -40.57 18.53
CA PRO A 198 39.12 -41.55 18.15
C PRO A 198 39.68 -41.34 16.76
N LYS A 199 39.01 -40.57 15.91
CA LYS A 199 39.53 -40.30 14.58
C LYS A 199 40.69 -39.31 14.63
N THR A 200 40.75 -38.47 15.66
CA THR A 200 41.77 -37.43 15.72
C THR A 200 42.66 -37.51 16.96
N SER A 201 42.35 -38.34 17.94
CA SER A 201 43.19 -38.48 19.13
C SER A 201 43.57 -39.94 19.32
N LYS A 202 44.87 -40.21 19.31
CA LYS A 202 45.36 -41.59 19.32
C LYS A 202 45.26 -42.21 20.70
N ASP A 203 45.61 -41.46 21.76
CA ASP A 203 45.52 -42.00 23.12
C ASP A 203 44.12 -41.84 23.72
N ALA A 204 43.08 -41.80 22.89
CA ALA A 204 41.71 -41.87 23.38
C ALA A 204 41.39 -43.30 23.77
N THR A 205 40.84 -43.49 24.96
CA THR A 205 40.54 -44.82 25.48
C THR A 205 39.04 -45.07 25.47
N PHE A 206 38.69 -46.33 25.27
CA PHE A 206 37.29 -46.72 25.13
C PHE A 206 36.59 -46.74 26.48
N ILE A 207 35.32 -46.38 26.45
CA ILE A 207 34.46 -46.37 27.63
C ILE A 207 33.26 -47.27 27.36
N PRO A 208 33.26 -48.49 27.89
CA PRO A 208 32.14 -49.41 27.60
C PRO A 208 30.85 -49.09 28.36
N ARG A 209 30.98 -48.44 29.52
CA ARG A 209 29.81 -48.15 30.35
C ARG A 209 30.12 -46.93 31.21
N ILE A 210 29.15 -46.01 31.28
CA ILE A 210 29.34 -44.78 32.03
C ILE A 210 27.98 -44.19 32.36
N SER A 211 27.88 -43.54 33.51
CA SER A 211 26.69 -42.79 33.88
C SER A 211 26.82 -41.34 33.41
N VAL A 212 25.70 -40.63 33.43
CA VAL A 212 25.71 -39.22 33.04
C VAL A 212 26.58 -38.42 34.00
N ASP A 213 26.46 -38.69 35.31
CA ASP A 213 27.26 -37.96 36.29
C ASP A 213 28.74 -38.29 36.12
N GLU A 214 29.06 -39.56 35.88
CA GLU A 214 30.45 -39.94 35.66
C GLU A 214 30.99 -39.30 34.38
N MET A 215 30.17 -39.22 33.34
CA MET A 215 30.60 -38.63 32.08
C MET A 215 30.83 -37.13 32.23
N LYS A 216 29.93 -36.43 32.92
CA LYS A 216 30.11 -35.00 33.15
C LYS A 216 31.37 -34.72 33.95
N ALA A 217 31.71 -35.59 34.90
CA ALA A 217 32.91 -35.38 35.71
C ALA A 217 34.17 -35.42 34.84
N LYS A 218 34.15 -36.18 33.76
CA LYS A 218 35.31 -36.22 32.87
C LYS A 218 35.44 -34.94 32.05
N GLY A 219 34.34 -34.24 31.82
CA GLY A 219 34.38 -33.00 31.07
C GLY A 219 34.98 -33.16 29.69
N LEU A 220 34.52 -34.16 28.94
CA LEU A 220 35.04 -34.41 27.62
C LEU A 220 34.77 -33.23 26.69
N HIS A 221 35.70 -32.99 25.78
CA HIS A 221 35.58 -31.89 24.83
C HIS A 221 34.94 -32.32 23.51
N ASP A 222 34.76 -33.62 23.28
CA ASP A 222 34.03 -34.12 22.13
C ASP A 222 33.37 -35.43 22.52
N SER A 223 32.28 -35.77 21.84
CA SER A 223 31.52 -36.95 22.22
C SER A 223 30.85 -37.55 21.00
N ILE A 224 30.54 -38.84 21.10
CA ILE A 224 29.78 -39.55 20.07
C ILE A 224 28.30 -39.21 20.11
N LEU A 225 27.85 -38.52 21.15
CA LEU A 225 26.46 -38.08 21.29
C LEU A 225 26.43 -36.60 21.63
N GLU A 226 25.38 -35.92 21.20
CA GLU A 226 25.17 -34.53 21.58
C GLU A 226 25.15 -34.42 23.10
N PHE A 227 25.89 -33.45 23.64
CA PHE A 227 25.99 -33.33 25.09
C PHE A 227 24.66 -33.01 25.76
N PRO A 228 23.78 -32.16 25.22
CA PRO A 228 22.48 -31.95 25.88
C PRO A 228 21.64 -33.20 26.03
N VAL A 229 21.91 -34.24 25.24
CA VAL A 229 21.17 -35.49 25.36
C VAL A 229 21.41 -36.12 26.72
N LEU A 230 22.59 -35.88 27.31
CA LEU A 230 22.88 -36.40 28.65
C LEU A 230 21.91 -35.83 29.67
N ASP A 231 21.56 -34.54 29.54
CA ASP A 231 20.62 -33.93 30.47
C ASP A 231 19.20 -34.40 30.21
N LEU A 232 18.83 -34.55 28.94
CA LEU A 232 17.53 -35.12 28.62
C LEU A 232 17.41 -36.54 29.15
N LEU A 233 18.50 -37.31 29.10
CA LEU A 233 18.50 -38.67 29.60
C LEU A 233 18.30 -38.70 31.12
N GLN A 234 18.94 -37.77 31.83
CA GLN A 234 18.76 -37.71 33.28
C GLN A 234 17.35 -37.28 33.65
N SER A 235 16.70 -36.48 32.81
CA SER A 235 15.33 -36.04 33.04
C SER A 235 14.30 -37.06 32.60
N ALA A 236 14.70 -38.09 31.87
CA ALA A 236 13.76 -38.97 31.20
C ALA A 236 12.94 -39.79 32.19
N GLN A 237 11.69 -40.05 31.82
CA GLN A 237 10.80 -40.88 32.62
C GLN A 237 10.81 -42.33 32.20
N HIS A 238 11.10 -42.63 30.93
CA HIS A 238 10.96 -43.97 30.39
C HIS A 238 12.27 -44.56 29.92
N VAL A 239 13.03 -43.84 29.09
CA VAL A 239 14.29 -44.34 28.55
C VAL A 239 15.40 -43.83 29.46
N ARG A 240 15.83 -44.68 30.39
CA ARG A 240 16.81 -44.31 31.40
C ARG A 240 18.23 -44.71 31.02
N GLU A 241 18.44 -45.25 29.82
CA GLU A 241 19.77 -45.56 29.34
C GLU A 241 19.73 -45.68 27.83
N VAL A 242 20.88 -45.45 27.19
CA VAL A 242 21.04 -45.62 25.75
C VAL A 242 22.28 -46.45 25.51
N GLN A 243 22.36 -47.04 24.32
CA GLN A 243 23.56 -47.74 23.89
C GLN A 243 24.00 -47.19 22.54
N VAL A 244 25.30 -47.02 22.38
CA VAL A 244 25.91 -46.59 21.13
C VAL A 244 26.73 -47.75 20.60
N VAL A 245 26.43 -48.17 19.37
CA VAL A 245 27.05 -49.35 18.79
C VAL A 245 27.66 -49.00 17.44
N ASN A 246 28.60 -49.84 17.00
CA ASN A 246 29.28 -49.65 15.72
C ASN A 246 28.51 -50.38 14.64
N GLY A 247 27.79 -49.62 13.81
CA GLY A 247 27.04 -50.21 12.71
C GLY A 247 27.89 -50.75 11.59
N LEU A 248 29.18 -50.43 11.57
CA LEU A 248 30.09 -51.00 10.57
C LEU A 248 30.48 -52.43 10.87
N VAL A 249 30.19 -52.90 12.08
CA VAL A 249 30.49 -54.28 12.47
C VAL A 249 29.21 -55.10 12.31
N PRO A 250 29.18 -56.08 11.41
CA PRO A 250 27.94 -56.85 11.20
C PRO A 250 27.47 -57.53 12.47
N GLY A 251 26.17 -57.41 12.75
CA GLY A 251 25.57 -58.06 13.90
C GLY A 251 25.48 -57.20 15.14
N ASN A 252 26.19 -56.08 15.21
CA ASN A 252 26.17 -55.25 16.41
C ASN A 252 24.76 -54.75 16.70
N LEU A 253 24.07 -54.24 15.68
CA LEU A 253 22.71 -53.76 15.88
C LEU A 253 21.79 -54.90 16.30
N THR A 254 21.93 -56.07 15.67
CA THR A 254 21.07 -57.20 15.99
C THR A 254 21.28 -57.64 17.44
N ARG A 255 22.54 -57.75 17.86
CA ARG A 255 22.82 -58.16 19.24
C ARG A 255 22.36 -57.09 20.23
N ALA A 256 22.53 -55.81 19.88
CA ALA A 256 22.08 -54.74 20.76
C ALA A 256 20.56 -54.75 20.91
N LEU A 257 19.85 -55.10 19.85
CA LEU A 257 18.39 -55.20 19.94
C LEU A 257 17.96 -56.32 20.88
N ALA A 258 18.75 -57.39 20.94
CA ALA A 258 18.47 -58.49 21.86
C ALA A 258 18.90 -58.18 23.29
N GLY A 259 19.43 -56.98 23.55
CA GLY A 259 19.84 -56.59 24.88
C GLY A 259 21.30 -56.80 25.21
N GLU A 260 22.11 -57.22 24.25
CA GLU A 260 23.51 -57.47 24.50
C GLU A 260 24.30 -56.16 24.58
N HIS A 261 25.32 -56.17 25.43
CA HIS A 261 26.21 -55.02 25.59
C HIS A 261 27.36 -55.17 24.60
N VAL A 262 27.23 -54.53 23.45
CA VAL A 262 28.25 -54.62 22.41
C VAL A 262 28.99 -53.31 22.19
N GLY A 263 28.46 -52.18 22.66
CA GLY A 263 29.15 -50.92 22.52
C GLY A 263 29.30 -50.19 23.83
N THR A 264 28.80 -48.96 23.90
CA THR A 264 28.84 -48.15 25.10
C THR A 264 27.42 -47.96 25.62
N ILE A 265 27.20 -48.32 26.88
CA ILE A 265 25.93 -48.08 27.55
C ILE A 265 26.08 -46.84 28.41
N ILE A 266 25.22 -45.85 28.19
CA ILE A 266 25.20 -44.62 28.97
C ILE A 266 23.89 -44.62 29.76
N THR A 267 24.00 -44.60 31.09
CA THR A 267 22.85 -44.67 31.96
C THR A 267 22.60 -43.32 32.62
N ALA A 268 21.32 -43.01 32.86
CA ALA A 268 20.96 -41.79 33.54
C ALA A 268 21.47 -41.79 34.98
N SER A 269 21.49 -42.95 35.63
CA SER A 269 21.92 -43.04 37.02
C SER A 269 22.99 -44.11 37.19
N THR B 4 37.26 -48.64 1.42
CA THR B 4 36.07 -48.69 0.58
C THR B 4 34.81 -48.42 1.40
N ASN B 5 35.00 -47.81 2.58
CA ASN B 5 33.89 -47.51 3.48
C ASN B 5 34.00 -46.09 4.03
N SER B 6 34.76 -45.22 3.39
CA SER B 6 35.02 -43.91 3.95
C SER B 6 33.78 -43.02 3.88
N ILE B 7 33.71 -42.06 4.80
CA ILE B 7 32.64 -41.08 4.80
C ILE B 7 32.81 -40.15 3.60
N LYS B 8 31.73 -39.91 2.87
CA LYS B 8 31.72 -38.98 1.75
C LYS B 8 31.40 -37.60 2.29
N HIS B 9 32.39 -36.72 2.30
CA HIS B 9 32.25 -35.40 2.91
C HIS B 9 31.96 -34.33 1.86
N VAL B 10 31.23 -33.32 2.28
CA VAL B 10 31.17 -32.04 1.58
C VAL B 10 32.21 -31.12 2.18
N ILE B 11 33.06 -30.53 1.35
CA ILE B 11 34.07 -29.60 1.86
C ILE B 11 33.36 -28.37 2.40
N SER B 12 33.62 -28.07 3.67
CA SER B 12 33.02 -26.92 4.34
C SER B 12 33.81 -26.65 5.61
N PRO B 13 33.69 -25.45 6.18
CA PRO B 13 34.41 -25.16 7.43
C PRO B 13 34.03 -26.05 8.59
N LEU B 14 32.88 -26.73 8.53
CA LEU B 14 32.45 -27.62 9.61
C LEU B 14 32.49 -29.09 9.21
N ALA B 15 33.13 -29.42 8.09
CA ALA B 15 33.16 -30.80 7.62
C ALA B 15 33.90 -31.70 8.62
N ARG B 16 33.47 -32.97 8.66
CA ARG B 16 34.08 -34.02 9.48
C ARG B 16 33.81 -33.80 10.96
N GLN B 17 33.39 -32.60 11.34
CA GLN B 17 33.19 -32.30 12.74
C GLN B 17 31.94 -32.98 13.28
N THR B 18 31.96 -33.26 14.58
CA THR B 18 30.77 -33.70 15.30
C THR B 18 29.85 -32.53 15.64
N LEU B 19 30.40 -31.32 15.68
CA LEU B 19 29.75 -30.10 16.14
C LEU B 19 29.62 -30.03 17.66
N GLN B 20 30.19 -30.99 18.39
CA GLN B 20 30.20 -30.95 19.84
C GLN B 20 31.47 -30.35 20.43
N ASP B 21 32.54 -30.23 19.63
CA ASP B 21 33.80 -29.65 20.09
C ASP B 21 33.72 -28.14 19.90
N ARG B 22 33.59 -27.41 21.01
CA ARG B 22 33.42 -25.96 20.94
C ARG B 22 34.62 -25.29 20.26
N ASP B 23 35.83 -25.79 20.53
CA ASP B 23 37.02 -25.19 19.94
C ASP B 23 36.99 -25.30 18.42
N LEU B 24 36.33 -26.33 17.88
CA LEU B 24 36.31 -26.55 16.44
C LEU B 24 35.15 -25.83 15.76
N THR B 25 34.06 -25.56 16.48
CA THR B 25 32.93 -24.85 15.90
C THR B 25 33.00 -23.34 16.10
N ARG B 26 33.72 -22.89 17.14
CA ARG B 26 33.72 -21.47 17.46
C ARG B 26 34.23 -20.58 16.33
N PRO B 27 35.29 -20.94 15.60
CA PRO B 27 35.75 -20.04 14.51
C PRO B 27 34.70 -19.86 13.42
N VAL B 28 33.76 -20.78 13.27
CA VAL B 28 32.77 -20.71 12.20
C VAL B 28 31.46 -20.10 12.68
N ALA B 29 30.98 -20.51 13.85
CA ALA B 29 29.63 -20.19 14.27
C ALA B 29 29.56 -19.49 15.62
N GLY B 30 30.69 -19.12 16.22
CA GLY B 30 30.69 -18.65 17.59
C GLY B 30 30.15 -17.25 17.80
N LYS B 31 29.88 -16.50 16.73
CA LYS B 31 29.55 -15.09 16.88
C LYS B 31 28.05 -14.88 17.09
N ARG B 32 27.71 -13.69 17.59
CA ARG B 32 26.32 -13.33 17.83
C ARG B 32 25.58 -13.19 16.50
N PRO B 33 24.37 -13.72 16.40
CA PRO B 33 23.65 -13.66 15.12
C PRO B 33 23.10 -12.27 14.83
N ILE B 34 22.77 -12.06 13.56
CA ILE B 34 22.15 -10.82 13.11
C ILE B 34 20.69 -10.81 13.53
N ARG B 35 20.05 -9.64 13.45
CA ARG B 35 18.61 -9.54 13.64
C ARG B 35 17.91 -9.76 12.31
N LEU B 36 16.81 -10.53 12.35
CA LEU B 36 16.05 -10.81 11.14
C LEU B 36 14.97 -9.75 10.89
N LEU B 37 14.22 -9.39 11.93
CA LEU B 37 13.14 -8.41 11.83
C LEU B 37 13.32 -7.39 12.95
N PRO B 38 14.29 -6.48 12.81
CA PRO B 38 14.57 -5.57 13.94
C PRO B 38 13.46 -4.59 14.25
N TRP B 39 12.55 -4.34 13.31
CA TRP B 39 11.46 -3.40 13.52
C TRP B 39 10.22 -4.05 14.12
N LEU B 40 10.27 -5.34 14.42
CA LEU B 40 9.10 -6.06 14.91
C LEU B 40 8.90 -5.86 16.40
N GLN B 41 7.64 -5.73 16.80
CA GLN B 41 7.22 -5.75 18.20
C GLN B 41 6.39 -7.01 18.44
N VAL B 42 6.81 -7.83 19.40
CA VAL B 42 6.09 -9.04 19.74
C VAL B 42 5.31 -8.81 21.02
N VAL B 43 4.03 -9.15 21.00
CA VAL B 43 3.14 -8.97 22.15
C VAL B 43 2.51 -10.32 22.45
N LYS B 44 2.71 -10.80 23.68
CA LYS B 44 2.15 -12.08 24.11
C LYS B 44 0.95 -11.81 25.02
N ILE B 45 -0.20 -12.31 24.61
CA ILE B 45 -1.44 -12.17 25.37
C ILE B 45 -1.66 -13.44 26.18
N GLY B 46 -1.78 -13.29 27.50
CA GLY B 46 -1.94 -14.44 28.35
C GLY B 46 -3.27 -15.14 28.12
N GLY B 47 -3.23 -16.48 28.21
CA GLY B 47 -4.45 -17.24 28.04
C GLY B 47 -5.49 -16.91 29.10
N ARG B 48 -5.04 -16.65 30.34
CA ARG B 48 -5.96 -16.29 31.41
C ARG B 48 -6.59 -14.92 31.18
N VAL B 49 -5.95 -14.05 30.42
CA VAL B 49 -6.59 -12.80 30.02
C VAL B 49 -7.74 -13.08 29.07
N MET B 50 -7.50 -13.90 28.05
CA MET B 50 -8.57 -14.29 27.13
C MET B 50 -9.69 -15.00 27.86
N ASP B 51 -9.36 -15.76 28.91
CA ASP B 51 -10.38 -16.50 29.65
C ASP B 51 -11.42 -15.59 30.30
N ARG B 52 -11.08 -14.32 30.52
CA ARG B 52 -12.01 -13.40 31.16
C ARG B 52 -13.11 -12.93 30.23
N GLY B 53 -13.04 -13.28 28.95
CA GLY B 53 -14.13 -13.00 28.04
C GLY B 53 -14.15 -11.55 27.56
N ALA B 54 -15.35 -11.15 27.10
CA ALA B 54 -15.50 -9.85 26.47
C ALA B 54 -15.10 -8.70 27.39
N ASP B 55 -15.32 -8.85 28.71
CA ASP B 55 -14.98 -7.78 29.64
C ASP B 55 -13.51 -7.39 29.54
N ALA B 56 -12.64 -8.36 29.25
CA ALA B 56 -11.21 -8.09 29.07
C ALA B 56 -10.80 -8.02 27.61
N ILE B 57 -11.45 -8.79 26.74
CA ILE B 57 -11.01 -8.87 25.35
C ILE B 57 -11.40 -7.60 24.59
N LEU B 58 -12.61 -7.10 24.82
CA LEU B 58 -13.08 -5.93 24.07
C LEU B 58 -12.19 -4.71 24.31
N PRO B 59 -11.84 -4.35 25.55
CA PRO B 59 -10.92 -3.21 25.72
C PRO B 59 -9.55 -3.49 25.13
N LEU B 60 -9.06 -4.73 25.21
CA LEU B 60 -7.78 -5.07 24.62
C LEU B 60 -7.82 -4.95 23.11
N VAL B 61 -8.92 -5.38 22.49
CA VAL B 61 -9.05 -5.26 21.04
C VAL B 61 -9.04 -3.81 20.62
N GLU B 62 -9.72 -2.95 21.39
CA GLU B 62 -9.72 -1.52 21.07
C GLU B 62 -8.32 -0.94 21.21
N GLU B 63 -7.57 -1.35 22.24
CA GLU B 63 -6.21 -0.87 22.40
C GLU B 63 -5.32 -1.38 21.27
N LEU B 64 -5.44 -2.66 20.93
CA LEU B 64 -4.67 -3.20 19.82
C LEU B 64 -5.02 -2.50 18.51
N ARG B 65 -6.30 -2.19 18.30
CA ARG B 65 -6.72 -1.51 17.08
C ARG B 65 -5.99 -0.18 16.92
N LYS B 66 -5.87 0.60 17.99
CA LYS B 66 -5.20 1.89 17.92
C LYS B 66 -3.68 1.75 17.85
N LEU B 67 -3.13 0.58 18.19
CA LEU B 67 -1.71 0.36 18.07
C LEU B 67 -1.29 -0.04 16.65
N LEU B 68 -2.24 -0.49 15.83
CA LEU B 68 -1.89 -0.96 14.49
C LEU B 68 -1.19 0.09 13.64
N PRO B 69 -1.61 1.36 13.61
CA PRO B 69 -0.85 2.35 12.82
C PRO B 69 0.47 2.77 13.44
N GLU B 70 0.79 2.31 14.66
CA GLU B 70 2.00 2.73 15.35
C GLU B 70 3.12 1.70 15.31
N HIS B 71 2.79 0.41 15.35
CA HIS B 71 3.78 -0.64 15.41
C HIS B 71 3.46 -1.75 14.43
N ARG B 72 4.50 -2.51 14.09
CA ARG B 72 4.35 -3.77 13.35
C ARG B 72 4.31 -4.88 14.38
N LEU B 73 3.15 -5.52 14.55
CA LEU B 73 2.89 -6.37 15.70
C LEU B 73 2.78 -7.83 15.31
N LEU B 74 3.48 -8.68 16.04
CA LEU B 74 3.22 -10.12 16.07
C LEU B 74 2.56 -10.41 17.41
N ILE B 75 1.27 -10.76 17.37
CA ILE B 75 0.48 -10.98 18.57
C ILE B 75 0.38 -12.49 18.79
N LEU B 76 0.81 -12.95 19.96
CA LEU B 76 0.84 -14.37 20.28
C LEU B 76 0.00 -14.62 21.53
N THR B 77 -0.89 -15.60 21.45
CA THR B 77 -1.83 -15.87 22.53
C THR B 77 -1.41 -17.11 23.31
N GLY B 78 -1.63 -17.07 24.63
CA GLY B 78 -1.41 -18.21 25.49
C GLY B 78 -2.63 -19.11 25.54
N ALA B 79 -2.56 -20.10 26.44
CA ALA B 79 -3.53 -21.19 26.48
C ALA B 79 -4.64 -20.95 27.50
N GLY B 80 -4.28 -20.71 28.76
CA GLY B 80 -5.28 -20.43 29.77
C GLY B 80 -5.88 -21.68 30.38
N VAL B 81 -7.07 -21.52 30.95
CA VAL B 81 -7.64 -22.52 31.84
C VAL B 81 -7.99 -23.80 31.10
N ARG B 82 -8.31 -23.72 29.81
CA ARG B 82 -8.69 -24.93 29.07
C ARG B 82 -7.53 -25.91 29.00
N ALA B 83 -6.29 -25.43 28.94
CA ALA B 83 -5.15 -26.33 28.97
C ALA B 83 -5.04 -27.02 30.32
N ARG B 84 -5.46 -26.37 31.40
CA ARG B 84 -5.45 -27.02 32.70
C ARG B 84 -6.40 -28.21 32.73
N HIS B 85 -7.51 -28.12 32.01
CA HIS B 85 -8.45 -29.24 31.98
C HIS B 85 -7.89 -30.41 31.16
N VAL B 86 -7.33 -30.11 29.98
CA VAL B 86 -6.74 -31.19 29.19
C VAL B 86 -5.56 -31.79 29.93
N PHE B 87 -4.90 -31.02 30.80
CA PHE B 87 -3.89 -31.58 31.68
C PHE B 87 -4.51 -32.52 32.70
N SER B 88 -5.64 -32.12 33.29
CA SER B 88 -6.31 -32.97 34.28
C SER B 88 -6.76 -34.27 33.65
N VAL B 89 -7.36 -34.21 32.45
CA VAL B 89 -7.78 -35.42 31.78
C VAL B 89 -6.57 -36.22 31.30
N GLY B 90 -5.60 -35.53 30.70
CA GLY B 90 -4.43 -36.22 30.18
C GLY B 90 -3.62 -36.90 31.26
N LEU B 91 -3.38 -36.21 32.37
CA LEU B 91 -2.64 -36.83 33.48
C LEU B 91 -3.44 -37.98 34.08
N ASP B 92 -4.76 -37.82 34.17
CA ASP B 92 -5.61 -38.90 34.66
C ASP B 92 -5.45 -40.14 33.79
N LEU B 93 -5.29 -39.96 32.48
CA LEU B 93 -5.05 -41.06 31.56
C LEU B 93 -3.58 -41.48 31.55
N GLY B 94 -2.72 -40.79 32.30
CA GLY B 94 -1.32 -41.16 32.39
C GLY B 94 -0.45 -40.72 31.25
N LEU B 95 -0.91 -39.77 30.43
CA LEU B 95 -0.20 -39.42 29.22
C LEU B 95 1.10 -38.68 29.54
N PRO B 96 2.15 -38.90 28.75
CA PRO B 96 3.44 -38.24 29.02
C PRO B 96 3.41 -36.76 28.63
N VAL B 97 4.51 -36.08 28.98
CA VAL B 97 4.55 -34.63 28.83
C VAL B 97 4.57 -34.24 27.37
N GLY B 98 5.16 -35.08 26.50
CA GLY B 98 5.11 -34.83 25.07
C GLY B 98 3.74 -35.01 24.45
N SER B 99 2.82 -35.67 25.15
CA SER B 99 1.44 -35.72 24.70
C SER B 99 0.65 -34.50 25.15
N LEU B 100 0.92 -34.01 26.35
CA LEU B 100 0.19 -32.85 26.86
C LEU B 100 0.62 -31.56 26.20
N ALA B 101 1.85 -31.50 25.67
CA ALA B 101 2.33 -30.25 25.08
C ALA B 101 1.50 -29.82 23.88
N PRO B 102 1.28 -30.66 22.86
CA PRO B 102 0.43 -30.21 21.73
C PRO B 102 -1.03 -30.03 22.13
N LEU B 103 -1.50 -30.75 23.15
CA LEU B 103 -2.86 -30.59 23.62
C LEU B 103 -3.06 -29.21 24.24
N ALA B 104 -2.11 -28.75 25.03
CA ALA B 104 -2.19 -27.41 25.61
C ALA B 104 -2.02 -26.35 24.54
N ALA B 105 -1.11 -26.58 23.59
CA ALA B 105 -0.88 -25.61 22.52
C ALA B 105 -2.16 -25.36 21.72
N SER B 106 -3.02 -26.36 21.60
CA SER B 106 -4.27 -26.19 20.84
CA SER B 106 -4.25 -26.18 20.84
C SER B 106 -5.12 -25.07 21.43
N GLU B 107 -5.14 -24.96 22.75
CA GLU B 107 -5.94 -23.91 23.38
C GLU B 107 -5.34 -22.53 23.13
N ALA B 108 -4.02 -22.43 23.02
CA ALA B 108 -3.40 -21.17 22.63
C ALA B 108 -3.78 -20.81 21.20
N GLY B 109 -3.81 -21.80 20.30
CA GLY B 109 -4.23 -21.54 18.94
C GLY B 109 -5.67 -21.07 18.88
N GLN B 110 -6.55 -21.68 19.66
CA GLN B 110 -7.95 -21.28 19.65
C GLN B 110 -8.12 -19.85 20.17
N ASN B 111 -7.39 -19.50 21.22
CA ASN B 111 -7.38 -18.12 21.68
C ASN B 111 -6.92 -17.18 20.58
N GLY B 112 -5.93 -17.61 19.79
CA GLY B 112 -5.46 -16.79 18.69
C GLY B 112 -6.51 -16.60 17.62
N HIS B 113 -7.27 -17.65 17.30
CA HIS B 113 -8.35 -17.50 16.34
C HIS B 113 -9.43 -16.56 16.85
N ILE B 114 -9.72 -16.64 18.15
CA ILE B 114 -10.73 -15.76 18.74
C ILE B 114 -10.28 -14.31 18.65
N LEU B 115 -9.04 -14.02 19.06
CA LEU B 115 -8.55 -12.66 19.03
C LEU B 115 -8.45 -12.13 17.61
N ALA B 116 -7.99 -12.97 16.68
CA ALA B 116 -7.85 -12.53 15.29
C ALA B 116 -9.21 -12.21 14.67
N ALA B 117 -10.24 -12.97 15.03
CA ALA B 117 -11.57 -12.72 14.48
C ALA B 117 -12.07 -11.33 14.88
N MET B 118 -11.77 -10.92 16.11
CA MET B 118 -12.19 -9.59 16.57
C MET B 118 -11.48 -8.47 15.82
N LEU B 119 -10.29 -8.75 15.26
CA LEU B 119 -9.53 -7.75 14.52
C LEU B 119 -9.57 -7.98 13.02
N ALA B 120 -10.44 -8.88 12.54
CA ALA B 120 -10.47 -9.19 11.12
C ALA B 120 -10.79 -7.96 10.28
N SER B 121 -11.71 -7.11 10.77
CA SER B 121 -12.09 -5.93 10.00
C SER B 121 -10.92 -4.97 9.82
N GLU B 122 -9.86 -5.11 10.61
CA GLU B 122 -8.66 -4.31 10.45
C GLU B 122 -7.61 -4.98 9.59
N GLY B 123 -7.93 -6.13 8.99
CA GLY B 123 -6.99 -6.85 8.17
C GLY B 123 -6.11 -7.83 8.91
N VAL B 124 -6.44 -8.17 10.14
CA VAL B 124 -5.63 -9.05 10.97
C VAL B 124 -6.22 -10.45 10.90
N SER B 125 -5.35 -11.44 10.73
CA SER B 125 -5.77 -12.84 10.70
C SER B 125 -4.80 -13.68 11.53
N TYR B 126 -5.27 -14.86 11.93
CA TYR B 126 -4.42 -15.85 12.55
C TYR B 126 -3.54 -16.51 11.50
N VAL B 127 -2.27 -16.72 11.84
CA VAL B 127 -1.32 -17.37 10.95
C VAL B 127 -0.72 -18.56 11.67
N GLU B 128 -0.39 -19.59 10.90
CA GLU B 128 0.08 -20.85 11.47
C GLU B 128 1.57 -20.78 11.77
N HIS B 129 2.03 -21.74 12.58
CA HIS B 129 3.42 -21.75 13.02
C HIS B 129 4.40 -21.80 11.85
N PRO B 130 4.24 -22.69 10.85
CA PRO B 130 5.18 -22.66 9.72
C PRO B 130 5.13 -21.34 8.97
N THR B 131 3.97 -20.70 8.93
CA THR B 131 3.88 -19.36 8.34
C THR B 131 4.66 -18.34 9.16
N VAL B 132 4.51 -18.39 10.49
CA VAL B 132 5.26 -17.48 11.36
C VAL B 132 6.76 -17.73 11.21
N ALA B 133 7.16 -19.00 11.10
CA ALA B 133 8.57 -19.33 11.08
C ALA B 133 9.23 -18.96 9.76
N ASP B 134 8.50 -19.06 8.65
CA ASP B 134 9.09 -18.90 7.33
C ASP B 134 8.60 -17.69 6.56
N GLN B 135 7.40 -17.18 6.88
CA GLN B 135 6.74 -16.20 6.04
C GLN B 135 6.18 -15.02 6.84
N LEU B 136 6.79 -14.70 7.99
CA LEU B 136 6.27 -13.58 8.76
C LEU B 136 6.54 -12.26 8.05
N ALA B 137 7.65 -12.15 7.34
CA ALA B 137 8.01 -10.88 6.71
C ALA B 137 6.98 -10.48 5.66
N ILE B 138 6.57 -11.43 4.81
CA ILE B 138 5.62 -11.09 3.76
C ILE B 138 4.24 -10.79 4.34
N HIS B 139 3.85 -11.45 5.43
CA HIS B 139 2.52 -11.18 5.97
C HIS B 139 2.49 -9.86 6.71
N LEU B 140 3.59 -9.48 7.37
CA LEU B 140 3.65 -8.15 7.97
C LEU B 140 3.86 -7.06 6.93
N SER B 141 4.15 -7.42 5.67
CA SER B 141 4.10 -6.45 4.58
C SER B 141 2.70 -6.31 4.04
N ALA B 142 1.88 -7.36 4.12
CA ALA B 142 0.51 -7.31 3.64
C ALA B 142 -0.40 -6.56 4.61
N THR B 143 -0.20 -6.76 5.91
CA THR B 143 -1.07 -6.16 6.92
C THR B 143 -0.20 -5.67 8.07
N ARG B 144 -0.84 -4.94 9.00
CA ARG B 144 -0.11 -4.30 10.08
CA ARG B 144 -0.09 -4.31 10.08
C ARG B 144 0.18 -5.27 11.23
N ALA B 145 -0.63 -6.30 11.40
CA ALA B 145 -0.41 -7.25 12.49
C ALA B 145 -1.00 -8.60 12.13
N VAL B 146 -0.40 -9.65 12.67
CA VAL B 146 -0.94 -11.00 12.56
C VAL B 146 -0.95 -11.62 13.96
N VAL B 147 -1.81 -12.62 14.13
CA VAL B 147 -1.94 -13.33 15.40
C VAL B 147 -1.46 -14.75 15.18
N GLY B 148 -0.75 -15.29 16.18
CA GLY B 148 -0.31 -16.66 16.15
C GLY B 148 -0.36 -17.27 17.54
N SER B 149 -0.10 -18.58 17.59
CA SER B 149 -0.04 -19.28 18.87
C SER B 149 1.31 -19.03 19.51
N ALA B 150 1.30 -18.68 20.80
CA ALA B 150 2.55 -18.44 21.53
C ALA B 150 3.28 -19.73 21.87
N PHE B 151 2.58 -20.86 21.92
CA PHE B 151 3.24 -22.11 22.26
C PHE B 151 4.21 -22.50 21.13
N PRO B 152 5.39 -23.00 21.48
CA PRO B 152 6.31 -23.50 20.45
C PRO B 152 5.91 -24.90 20.01
N PRO B 153 6.24 -25.28 18.77
CA PRO B 153 5.86 -26.60 18.25
C PRO B 153 6.80 -27.71 18.72
N TYR B 154 6.93 -27.86 20.03
CA TYR B 154 7.82 -28.89 20.57
C TYR B 154 7.16 -30.26 20.54
N HIS B 155 5.86 -30.32 20.80
CA HIS B 155 5.02 -31.51 20.59
C HIS B 155 5.59 -32.68 21.39
N HIS B 156 5.71 -33.87 20.80
CA HIS B 156 6.25 -35.08 21.41
C HIS B 156 7.74 -34.98 21.67
N HIS B 157 8.40 -33.93 21.19
CA HIS B 157 9.79 -33.67 21.51
C HIS B 157 9.94 -32.67 22.65
N GLU B 158 8.88 -32.48 23.45
CA GLU B 158 8.99 -31.67 24.65
C GLU B 158 9.96 -32.32 25.62
N PHE B 159 10.63 -31.49 26.41
CA PHE B 159 11.63 -32.00 27.34
C PHE B 159 10.95 -32.77 28.46
N PRO B 160 11.50 -33.90 28.88
CA PRO B 160 10.95 -34.63 30.02
C PRO B 160 11.47 -34.06 31.34
N GLY B 161 10.95 -34.61 32.44
CA GLY B 161 11.32 -34.16 33.76
C GLY B 161 10.10 -33.75 34.57
N SER B 162 9.37 -32.76 34.09
CA SER B 162 8.10 -32.36 34.66
C SER B 162 6.97 -33.01 33.87
N ARG B 163 5.90 -33.39 34.58
CA ARG B 163 4.70 -33.85 33.89
C ARG B 163 3.93 -32.72 33.26
N ILE B 164 4.31 -31.47 33.52
CA ILE B 164 3.70 -30.30 32.91
C ILE B 164 4.65 -29.79 31.82
N PRO B 165 4.17 -29.59 30.59
CA PRO B 165 5.05 -29.09 29.53
C PRO B 165 5.75 -27.80 29.94
N PRO B 166 7.08 -27.77 29.90
CA PRO B 166 7.80 -26.56 30.35
C PRO B 166 7.82 -25.43 29.33
N HIS B 167 7.90 -25.76 28.03
CA HIS B 167 8.02 -24.74 26.99
C HIS B 167 6.61 -24.31 26.57
N ARG B 168 6.08 -23.30 27.26
CA ARG B 168 4.71 -22.86 27.08
C ARG B 168 4.71 -21.51 26.34
N ALA B 169 3.70 -20.68 26.62
CA ALA B 169 3.43 -19.51 25.79
C ALA B 169 4.48 -18.43 25.97
N ASP B 170 4.84 -18.12 27.22
CA ASP B 170 5.88 -17.13 27.46
C ASP B 170 7.19 -17.55 26.80
N THR B 171 7.55 -18.83 26.93
CA THR B 171 8.82 -19.31 26.40
C THR B 171 8.83 -19.26 24.88
N GLY B 172 7.77 -19.76 24.25
CA GLY B 172 7.71 -19.72 22.79
C GLY B 172 7.73 -18.31 22.25
N ALA B 173 7.03 -17.39 22.91
CA ALA B 173 7.00 -16.01 22.46
C ALA B 173 8.39 -15.39 22.54
N PHE B 174 9.14 -15.68 23.61
CA PHE B 174 10.47 -15.10 23.73
C PHE B 174 11.44 -15.73 22.75
N LEU B 175 11.34 -17.05 22.53
CA LEU B 175 12.19 -17.71 21.55
C LEU B 175 12.03 -17.07 20.18
N LEU B 176 10.79 -16.82 19.76
CA LEU B 176 10.55 -16.17 18.47
C LEU B 176 11.09 -14.75 18.48
N ALA B 177 10.75 -13.98 19.52
CA ALA B 177 11.15 -12.58 19.57
C ALA B 177 12.67 -12.44 19.52
N ASP B 178 13.40 -13.28 20.26
CA ASP B 178 14.84 -13.17 20.27
C ASP B 178 15.46 -13.73 19.00
N ALA B 179 14.88 -14.79 18.43
CA ALA B 179 15.39 -15.32 17.16
C ALA B 179 15.22 -14.28 16.05
N PHE B 180 14.07 -13.59 16.04
CA PHE B 180 13.86 -12.54 15.05
C PHE B 180 14.72 -11.31 15.32
N GLY B 181 15.27 -11.18 16.54
CA GLY B 181 15.93 -9.95 16.91
C GLY B 181 14.96 -8.79 16.98
N ALA B 182 13.73 -9.04 17.44
CA ALA B 182 12.70 -8.02 17.45
C ALA B 182 13.05 -6.89 18.41
N ALA B 183 12.34 -5.77 18.24
CA ALA B 183 12.59 -4.61 19.08
C ALA B 183 12.18 -4.84 20.52
N GLY B 184 11.32 -5.80 20.79
CA GLY B 184 10.93 -6.08 22.16
C GLY B 184 9.91 -7.19 22.22
N LEU B 185 9.72 -7.68 23.44
CA LEU B 185 8.64 -8.61 23.75
C LEU B 185 7.92 -8.08 24.98
N THR B 186 6.61 -7.91 24.87
CA THR B 186 5.78 -7.46 25.98
C THR B 186 4.79 -8.55 26.32
N ILE B 187 4.75 -8.92 27.60
CA ILE B 187 3.89 -9.99 28.10
C ILE B 187 2.70 -9.35 28.78
N VAL B 188 1.49 -9.67 28.30
CA VAL B 188 0.26 -9.06 28.77
C VAL B 188 -0.40 -10.04 29.75
N GLU B 189 -0.43 -9.66 31.01
CA GLU B 189 -0.87 -10.53 32.11
C GLU B 189 -2.19 -10.04 32.67
N ASN B 190 -2.78 -10.85 33.55
CA ASN B 190 -3.97 -10.47 34.30
C ASN B 190 -3.62 -9.90 35.68
N VAL B 191 -2.35 -9.58 35.92
CA VAL B 191 -1.89 -8.96 37.15
C VAL B 191 -0.90 -7.86 36.78
N ASP B 192 -0.55 -7.03 37.77
CA ASP B 192 0.32 -5.90 37.51
C ASP B 192 1.72 -6.34 37.08
N GLY B 193 2.13 -7.53 37.49
CA GLY B 193 3.46 -8.02 37.17
C GLY B 193 3.86 -9.18 38.05
N ILE B 194 5.12 -9.22 38.48
CA ILE B 194 5.65 -10.29 39.30
C ILE B 194 5.67 -9.85 40.75
N TYR B 195 5.10 -10.67 41.63
CA TYR B 195 5.14 -10.45 43.08
C TYR B 195 6.04 -11.49 43.74
N THR B 196 6.39 -11.25 45.00
CA THR B 196 7.19 -12.23 45.73
C THR B 196 6.40 -13.48 46.09
N ALA B 197 5.08 -13.46 45.90
CA ALA B 197 4.22 -14.62 46.09
C ALA B 197 3.03 -14.46 45.14
N ASP B 198 2.26 -15.53 45.00
CA ASP B 198 1.06 -15.48 44.18
C ASP B 198 0.08 -14.48 44.77
N PRO B 199 -0.20 -13.36 44.09
CA PRO B 199 -1.16 -12.39 44.65
C PRO B 199 -2.59 -12.88 44.69
N ASN B 200 -2.88 -14.04 44.09
CA ASN B 200 -4.21 -14.64 44.13
C ASN B 200 -4.20 -16.00 44.83
N GLY B 201 -3.11 -16.35 45.50
CA GLY B 201 -2.98 -17.63 46.16
C GLY B 201 -3.10 -17.54 47.66
N PRO B 202 -2.72 -18.63 48.35
CA PRO B 202 -2.89 -18.64 49.81
C PRO B 202 -1.99 -17.66 50.55
N ASP B 203 -0.87 -17.25 49.95
CA ASP B 203 0.05 -16.31 50.57
C ASP B 203 -0.06 -14.91 49.96
N ARG B 204 -1.26 -14.54 49.49
CA ARG B 204 -1.41 -13.25 48.85
C ARG B 204 -1.16 -12.09 49.81
N GLY B 205 -1.40 -12.31 51.11
CA GLY B 205 -1.14 -11.28 52.10
C GLY B 205 0.32 -10.95 52.28
N GLN B 206 1.21 -11.82 51.80
CA GLN B 206 2.64 -11.61 51.89
C GLN B 206 3.26 -11.20 50.56
N ALA B 207 2.47 -11.16 49.49
CA ALA B 207 3.00 -10.87 48.17
C ALA B 207 3.39 -9.40 48.07
N ARG B 208 4.61 -9.13 47.62
CA ARG B 208 5.14 -7.76 47.41
C ARG B 208 5.49 -7.60 45.94
N PHE B 209 5.10 -6.49 45.33
CA PHE B 209 5.33 -6.26 43.91
C PHE B 209 6.80 -6.02 43.63
N LEU B 210 7.28 -6.58 42.53
CA LEU B 210 8.65 -6.40 42.08
C LEU B 210 8.66 -5.55 40.82
N PRO B 211 8.96 -4.24 40.91
CA PRO B 211 8.94 -3.41 39.70
C PRO B 211 9.99 -3.82 38.67
N GLU B 212 11.14 -4.32 39.10
CA GLU B 212 12.19 -4.73 38.18
C GLU B 212 12.97 -5.89 38.80
N THR B 213 13.40 -6.80 37.94
CA THR B 213 14.17 -7.96 38.40
C THR B 213 14.97 -8.48 37.22
N SER B 214 15.88 -9.42 37.53
CA SER B 214 16.66 -10.10 36.52
C SER B 214 16.19 -11.54 36.41
N ALA B 215 16.34 -12.10 35.20
CA ALA B 215 15.96 -13.49 34.98
C ALA B 215 16.80 -14.43 35.84
N THR B 216 18.06 -14.10 36.08
CA THR B 216 18.91 -14.95 36.91
C THR B 216 18.42 -14.97 38.36
N ASP B 217 18.01 -13.80 38.87
CA ASP B 217 17.49 -13.76 40.24
C ASP B 217 16.19 -14.52 40.36
N LEU B 218 15.32 -14.42 39.35
CA LEU B 218 14.06 -15.17 39.39
C LEU B 218 14.31 -16.67 39.30
N ALA B 219 15.30 -17.08 38.50
CA ALA B 219 15.59 -18.50 38.37
C ALA B 219 16.13 -19.09 39.67
N LYS B 220 16.88 -18.29 40.45
CA LYS B 220 17.33 -18.74 41.76
C LYS B 220 16.17 -18.90 42.73
N SER B 221 15.05 -18.23 42.48
CA SER B 221 13.93 -18.22 43.41
C SER B 221 13.16 -19.53 43.35
N GLU B 222 12.50 -19.86 44.45
CA GLU B 222 11.53 -20.93 44.52
C GLU B 222 10.16 -20.33 44.76
N GLY B 223 9.13 -20.94 44.18
CA GLY B 223 7.79 -20.44 44.29
C GLY B 223 7.19 -20.11 42.95
N PRO B 224 5.90 -19.80 42.93
CA PRO B 224 5.21 -19.56 41.65
C PRO B 224 5.59 -18.21 41.05
N LEU B 225 5.42 -18.14 39.74
CA LEU B 225 5.66 -16.93 38.96
C LEU B 225 4.54 -16.80 37.94
N PRO B 226 4.28 -15.59 37.42
CA PRO B 226 3.30 -15.43 36.34
C PRO B 226 3.84 -15.76 34.96
N VAL B 227 5.12 -16.16 34.87
CA VAL B 227 5.73 -16.52 33.60
C VAL B 227 6.36 -17.90 33.75
N ASP B 228 6.51 -18.58 32.62
CA ASP B 228 7.15 -19.90 32.61
C ASP B 228 8.53 -19.82 33.23
N ARG B 229 8.90 -20.84 34.00
CA ARG B 229 10.27 -20.91 34.50
C ARG B 229 11.26 -21.12 33.35
N ALA B 230 10.84 -21.82 32.29
CA ALA B 230 11.69 -21.98 31.12
C ALA B 230 11.98 -20.66 30.42
N LEU B 231 11.10 -19.67 30.59
CA LEU B 231 11.36 -18.35 30.03
C LEU B 231 12.67 -17.78 30.58
N LEU B 232 12.88 -17.91 31.89
CA LEU B 232 14.12 -17.44 32.49
C LEU B 232 15.32 -18.19 31.93
N ASP B 233 15.15 -19.47 31.61
CA ASP B 233 16.27 -20.24 31.07
C ASP B 233 16.64 -19.77 29.67
N VAL B 234 15.65 -19.53 28.80
CA VAL B 234 15.96 -19.05 27.46
C VAL B 234 16.37 -17.59 27.48
N MET B 235 16.03 -16.84 28.53
CA MET B 235 16.54 -15.49 28.66
C MET B 235 18.04 -15.48 28.95
N ALA B 236 18.54 -16.51 29.63
CA ALA B 236 19.96 -16.58 29.93
C ALA B 236 20.80 -16.72 28.66
N THR B 237 20.24 -17.38 27.64
CA THR B 237 20.95 -17.57 26.37
C THR B 237 20.46 -16.60 25.31
N ALA B 238 19.74 -15.55 25.69
CA ALA B 238 19.22 -14.60 24.71
C ALA B 238 20.38 -13.90 23.99
N ARG B 239 20.12 -13.54 22.74
CA ARG B 239 21.11 -12.87 21.91
C ARG B 239 20.82 -11.39 21.66
N HIS B 240 19.55 -10.98 21.75
CA HIS B 240 19.17 -9.63 21.35
C HIS B 240 18.33 -8.92 22.40
N ILE B 241 17.26 -9.57 22.86
CA ILE B 241 16.32 -8.91 23.77
C ILE B 241 16.98 -8.69 25.10
N GLU B 242 17.05 -7.43 25.53
CA GLU B 242 17.68 -7.07 26.80
C GLU B 242 16.69 -7.02 27.95
N ARG B 243 15.43 -6.75 27.68
CA ARG B 243 14.43 -6.64 28.74
C ARG B 243 13.07 -7.06 28.18
N VAL B 244 12.26 -7.64 29.06
CA VAL B 244 10.88 -8.01 28.77
C VAL B 244 10.01 -7.47 29.90
N GLN B 245 8.94 -6.76 29.56
CA GLN B 245 8.06 -6.18 30.55
C GLN B 245 6.76 -6.96 30.62
N VAL B 246 6.36 -7.32 31.84
CA VAL B 246 5.06 -7.94 32.11
C VAL B 246 4.14 -6.83 32.59
N VAL B 247 3.03 -6.63 31.87
CA VAL B 247 2.10 -5.55 32.18
C VAL B 247 0.69 -6.12 32.33
N ASN B 248 -0.15 -5.34 33.01
CA ASN B 248 -1.53 -5.74 33.29
C ASN B 248 -2.41 -5.34 32.12
N GLY B 249 -2.83 -6.33 31.32
CA GLY B 249 -3.72 -6.08 30.21
C GLY B 249 -5.12 -5.71 30.59
N LEU B 250 -5.49 -5.84 31.86
CA LEU B 250 -6.80 -5.43 32.33
C LEU B 250 -6.88 -3.94 32.59
N VAL B 251 -5.75 -3.24 32.57
CA VAL B 251 -5.68 -1.79 32.74
C VAL B 251 -5.40 -1.18 31.37
N PRO B 252 -6.38 -0.54 30.73
CA PRO B 252 -6.14 -0.01 29.39
C PRO B 252 -5.04 1.05 29.38
N GLY B 253 -4.21 1.00 28.34
CA GLY B 253 -3.12 1.94 28.17
C GLY B 253 -1.77 1.42 28.58
N ARG B 254 -1.72 0.36 29.40
CA ARG B 254 -0.43 -0.13 29.87
C ARG B 254 0.34 -0.83 28.76
N LEU B 255 -0.35 -1.58 27.90
CA LEU B 255 0.31 -2.17 26.75
C LEU B 255 0.86 -1.10 25.83
N THR B 256 0.04 -0.08 25.54
CA THR B 256 0.50 1.03 24.71
C THR B 256 1.71 1.72 25.32
N ALA B 257 1.70 1.92 26.64
CA ALA B 257 2.83 2.54 27.32
C ALA B 257 4.05 1.64 27.27
N ALA B 258 3.88 0.34 27.52
CA ALA B 258 5.00 -0.59 27.53
C ALA B 258 5.67 -0.66 26.16
N LEU B 259 4.88 -0.60 25.09
CA LEU B 259 5.44 -0.63 23.75
C LEU B 259 6.25 0.63 23.44
N ARG B 260 6.04 1.71 24.20
CA ARG B 260 6.81 2.92 24.06
C ARG B 260 7.93 3.02 25.08
N GLY B 261 8.22 1.93 25.81
CA GLY B 261 9.30 1.91 26.76
C GLY B 261 8.98 2.42 28.14
N GLU B 262 7.72 2.72 28.42
CA GLU B 262 7.34 3.20 29.74
C GLU B 262 7.32 2.04 30.73
N HIS B 263 7.74 2.32 31.96
CA HIS B 263 7.77 1.32 33.03
C HIS B 263 6.43 1.33 33.74
N VAL B 264 5.56 0.41 33.36
CA VAL B 264 4.22 0.30 33.93
C VAL B 264 3.94 -1.07 34.52
N GLY B 265 4.92 -1.96 34.54
CA GLY B 265 4.76 -3.29 35.12
C GLY B 265 6.06 -3.78 35.69
N THR B 266 6.34 -5.06 35.49
CA THR B 266 7.58 -5.66 35.96
C THR B 266 8.54 -5.82 34.79
N LEU B 267 9.71 -5.20 34.90
CA LEU B 267 10.78 -5.36 33.92
C LEU B 267 11.64 -6.55 34.29
N ILE B 268 11.85 -7.44 33.34
CA ILE B 268 12.70 -8.61 33.52
C ILE B 268 13.94 -8.43 32.64
N ARG B 269 15.09 -8.32 33.27
CA ARG B 269 16.34 -8.19 32.54
C ARG B 269 16.83 -9.56 32.11
N THR B 270 17.15 -9.71 30.83
CA THR B 270 17.68 -10.96 30.32
C THR B 270 19.19 -11.01 30.55
N GLY B 271 19.82 -12.06 30.04
CA GLY B 271 21.26 -12.17 30.11
C GLY B 271 22.02 -11.43 29.04
N VAL B 272 21.32 -10.67 28.19
CA VAL B 272 21.97 -10.03 27.05
C VAL B 272 22.83 -8.88 27.54
N ARG B 273 24.00 -8.73 26.91
CA ARG B 273 25.03 -7.76 27.25
C ARG B 273 24.71 -6.40 26.65
N PRO B 274 24.34 -5.39 27.46
CA PRO B 274 24.05 -4.07 26.89
C PRO B 274 25.26 -3.13 26.93
N ALA B 275 25.82 -2.83 25.77
CA ALA B 275 26.94 -1.90 25.68
C ALA B 275 26.44 -0.47 25.51
N ASN C 2 35.09 -46.85 -14.49
CA ASN C 2 36.34 -46.42 -13.89
C ASN C 2 36.37 -46.71 -12.40
N SER C 3 35.68 -45.86 -11.63
CA SER C 3 35.63 -46.02 -10.18
C SER C 3 34.63 -45.03 -9.61
N THR C 4 34.26 -45.26 -8.35
CA THR C 4 33.42 -44.29 -7.63
C THR C 4 34.24 -43.07 -7.23
N ALA C 5 35.52 -43.25 -6.88
CA ALA C 5 36.38 -42.12 -6.60
C ALA C 5 36.49 -41.19 -7.80
N GLU C 6 36.42 -41.74 -9.02
CA GLU C 6 36.36 -40.90 -10.21
C GLU C 6 35.04 -40.15 -10.29
N LEU C 7 33.92 -40.85 -10.02
CA LEU C 7 32.61 -40.22 -10.10
C LEU C 7 32.46 -39.12 -9.06
N GLU C 8 32.99 -39.34 -7.86
CA GLU C 8 32.82 -38.35 -6.79
C GLU C 8 33.65 -37.10 -7.06
N GLU C 9 34.83 -37.26 -7.63
CA GLU C 9 35.64 -36.09 -7.99
C GLU C 9 34.98 -35.29 -9.12
N LEU C 10 34.45 -35.99 -10.12
CA LEU C 10 33.74 -35.30 -11.20
C LEU C 10 32.50 -34.59 -10.66
N LEU C 11 31.78 -35.24 -9.74
CA LEU C 11 30.55 -34.65 -9.21
C LEU C 11 30.82 -33.34 -8.48
N MET C 12 32.00 -33.18 -7.89
CA MET C 12 32.30 -31.97 -7.13
C MET C 12 33.03 -30.91 -7.94
N GLN C 13 33.72 -31.29 -9.02
CA GLN C 13 34.55 -30.36 -9.77
CA GLN C 13 34.54 -30.35 -9.77
C GLN C 13 33.92 -29.92 -11.09
N ARG C 14 33.03 -30.72 -11.67
CA ARG C 14 32.51 -30.44 -13.00
C ARG C 14 31.05 -29.99 -12.94
N SER C 15 30.61 -29.38 -14.03
CA SER C 15 29.19 -29.14 -14.22
C SER C 15 28.47 -30.46 -14.45
N LEU C 16 27.20 -30.51 -14.06
CA LEU C 16 26.41 -31.70 -14.29
C LEU C 16 26.19 -31.96 -15.78
N THR C 17 26.42 -30.96 -16.62
CA THR C 17 26.35 -31.11 -18.07
C THR C 17 27.60 -31.73 -18.67
N ASP C 18 28.64 -31.93 -17.87
CA ASP C 18 29.90 -32.44 -18.41
C ASP C 18 29.73 -33.89 -18.87
N PRO C 19 30.07 -34.21 -20.12
CA PRO C 19 29.89 -35.60 -20.58
CA PRO C 19 29.89 -35.60 -20.58
C PRO C 19 30.64 -36.61 -19.73
N GLN C 20 31.79 -36.26 -19.17
CA GLN C 20 32.50 -37.23 -18.34
C GLN C 20 31.72 -37.51 -17.06
N LEU C 21 31.14 -36.46 -16.45
CA LEU C 21 30.29 -36.68 -15.28
C LEU C 21 29.09 -37.53 -15.65
N GLN C 22 28.43 -37.21 -16.78
CA GLN C 22 27.25 -37.97 -17.20
C GLN C 22 27.60 -39.43 -17.42
N ALA C 23 28.74 -39.72 -18.05
CA ALA C 23 29.12 -41.09 -18.32
C ALA C 23 29.48 -41.83 -17.03
N ALA C 24 30.12 -41.14 -16.08
CA ALA C 24 30.46 -41.78 -14.82
C ALA C 24 29.20 -42.10 -14.01
N ALA C 25 28.21 -41.21 -14.03
CA ALA C 25 26.97 -41.47 -13.32
C ALA C 25 26.19 -42.62 -13.95
N ALA C 26 26.30 -42.80 -15.27
CA ALA C 26 25.60 -43.89 -15.94
C ALA C 26 26.14 -45.26 -15.53
N ALA C 27 27.35 -45.32 -14.98
CA ALA C 27 27.93 -46.58 -14.53
C ALA C 27 27.46 -47.00 -13.14
N ALA C 28 26.61 -46.20 -12.50
CA ALA C 28 26.17 -46.50 -11.14
C ALA C 28 25.24 -47.70 -11.13
N ALA C 29 25.13 -48.32 -9.96
CA ALA C 29 24.24 -49.45 -9.78
C ALA C 29 22.79 -49.02 -10.01
N ASP C 30 21.94 -50.02 -10.26
CA ASP C 30 20.54 -49.80 -10.59
C ASP C 30 19.67 -50.51 -9.57
N PHE C 31 19.07 -49.74 -8.66
CA PHE C 31 18.19 -50.27 -7.64
C PHE C 31 16.74 -50.12 -8.07
N ARG C 32 15.97 -51.20 -7.99
CA ARG C 32 14.54 -51.19 -8.29
C ARG C 32 13.78 -51.13 -6.97
N ILE C 33 12.96 -50.09 -6.81
CA ILE C 33 12.32 -49.83 -5.53
C ILE C 33 11.19 -50.82 -5.29
N LEU C 34 10.31 -50.99 -6.28
CA LEU C 34 9.17 -51.91 -6.18
C LEU C 34 9.21 -52.87 -7.37
N PRO C 35 10.17 -53.79 -7.38
CA PRO C 35 10.35 -54.63 -8.58
C PRO C 35 9.23 -55.63 -8.82
N ASP C 36 8.47 -56.00 -7.79
CA ASP C 36 7.41 -56.99 -7.93
C ASP C 36 6.04 -56.38 -8.19
N ALA C 37 5.96 -55.06 -8.31
CA ALA C 37 4.70 -54.39 -8.52
C ALA C 37 4.45 -54.13 -10.00
N THR C 38 3.18 -53.99 -10.36
CA THR C 38 2.76 -53.64 -11.70
C THR C 38 1.93 -52.37 -11.64
N VAL C 39 2.20 -51.42 -12.53
CA VAL C 39 1.42 -50.21 -12.64
C VAL C 39 0.41 -50.39 -13.78
N ILE C 40 -0.85 -50.16 -13.49
CA ILE C 40 -1.90 -50.21 -14.50
C ILE C 40 -2.58 -48.85 -14.54
N LYS C 41 -2.94 -48.40 -15.74
CA LYS C 41 -3.75 -47.21 -15.90
C LYS C 41 -5.17 -47.64 -16.26
N ILE C 42 -6.13 -47.20 -15.45
CA ILE C 42 -7.55 -47.34 -15.79
C ILE C 42 -7.93 -46.12 -16.61
N GLY C 43 -8.44 -46.34 -17.82
CA GLY C 43 -8.67 -45.25 -18.73
C GLY C 43 -9.67 -44.25 -18.18
N GLY C 44 -9.45 -42.97 -18.50
CA GLY C 44 -10.36 -41.93 -18.12
C GLY C 44 -11.51 -41.82 -19.09
N GLN C 45 -11.26 -41.27 -20.27
CA GLN C 45 -12.27 -41.22 -21.31
C GLN C 45 -12.64 -42.62 -21.79
N SER C 46 -11.69 -43.55 -21.78
CA SER C 46 -11.92 -44.87 -22.36
C SER C 46 -12.63 -45.84 -21.42
N VAL C 47 -12.57 -45.61 -20.11
CA VAL C 47 -13.14 -46.57 -19.17
C VAL C 47 -14.02 -45.89 -18.13
N ILE C 48 -13.43 -45.03 -17.30
CA ILE C 48 -14.17 -44.50 -16.16
C ILE C 48 -15.32 -43.61 -16.62
N ASP C 49 -15.13 -42.87 -17.71
CA ASP C 49 -16.21 -42.07 -18.26
C ASP C 49 -17.36 -42.91 -18.78
N ARG C 50 -17.18 -44.23 -18.94
CA ARG C 50 -18.26 -45.10 -19.37
C ARG C 50 -19.19 -45.47 -18.21
N GLY C 51 -18.73 -45.34 -16.97
CA GLY C 51 -19.57 -45.59 -15.82
C GLY C 51 -19.61 -47.03 -15.36
N ARG C 52 -20.75 -47.44 -14.81
CA ARG C 52 -20.85 -48.72 -14.12
C ARG C 52 -20.54 -49.90 -15.03
N ALA C 53 -21.04 -49.86 -16.26
CA ALA C 53 -20.90 -51.01 -17.15
C ALA C 53 -19.44 -51.36 -17.44
N ALA C 54 -18.54 -50.38 -17.34
CA ALA C 54 -17.11 -50.62 -17.55
C ALA C 54 -16.32 -50.70 -16.25
N VAL C 55 -16.68 -49.88 -15.26
CA VAL C 55 -15.88 -49.81 -14.04
C VAL C 55 -16.16 -51.00 -13.14
N TYR C 56 -17.43 -51.36 -12.97
CA TYR C 56 -17.77 -52.44 -12.04
C TYR C 56 -17.12 -53.77 -12.42
N PRO C 57 -17.14 -54.20 -13.68
CA PRO C 57 -16.42 -55.46 -13.99
C PRO C 57 -14.92 -55.35 -13.72
N LEU C 58 -14.31 -54.21 -14.02
CA LEU C 58 -12.88 -54.06 -13.76
C LEU C 58 -12.58 -54.00 -12.27
N VAL C 59 -13.50 -53.47 -11.46
CA VAL C 59 -13.32 -53.50 -10.01
C VAL C 59 -13.25 -54.95 -9.53
N ASP C 60 -14.18 -55.79 -9.99
CA ASP C 60 -14.14 -57.20 -9.61
C ASP C 60 -12.85 -57.86 -10.06
N GLU C 61 -12.39 -57.53 -11.28
CA GLU C 61 -11.15 -58.12 -11.78
C GLU C 61 -9.95 -57.66 -10.95
N ILE C 62 -9.96 -56.41 -10.49
CA ILE C 62 -8.86 -55.90 -9.69
C ILE C 62 -8.81 -56.62 -8.34
N VAL C 63 -9.96 -56.76 -7.69
CA VAL C 63 -10.00 -57.42 -6.39
C VAL C 63 -9.52 -58.86 -6.49
N ALA C 64 -9.86 -59.54 -7.59
CA ALA C 64 -9.40 -60.91 -7.77
C ALA C 64 -7.92 -60.95 -8.14
N ALA C 65 -7.46 -59.99 -8.94
CA ALA C 65 -6.08 -60.04 -9.42
C ALA C 65 -5.09 -59.72 -8.31
N ARG C 66 -5.46 -58.86 -7.35
CA ARG C 66 -4.52 -58.48 -6.31
C ARG C 66 -4.17 -59.63 -5.38
N LYS C 67 -4.88 -60.75 -5.45
CA LYS C 67 -4.47 -61.93 -4.70
C LYS C 67 -3.13 -62.46 -5.21
N ASN C 68 -2.82 -62.22 -6.49
CA ASN C 68 -1.62 -62.75 -7.10
C ASN C 68 -0.64 -61.68 -7.58
N HIS C 69 -1.06 -60.42 -7.66
CA HIS C 69 -0.22 -59.38 -8.24
C HIS C 69 -0.32 -58.10 -7.42
N LYS C 70 0.84 -57.46 -7.23
CA LYS C 70 0.89 -56.14 -6.59
C LYS C 70 0.56 -55.07 -7.63
N LEU C 71 -0.41 -54.22 -7.31
CA LEU C 71 -0.97 -53.31 -8.29
C LEU C 71 -0.83 -51.86 -7.83
N LEU C 72 -0.32 -51.02 -8.72
CA LEU C 72 -0.39 -49.57 -8.60
C LEU C 72 -1.39 -49.09 -9.64
N ILE C 73 -2.57 -48.69 -9.20
CA ILE C 73 -3.71 -48.47 -10.08
C ILE C 73 -3.85 -46.95 -10.28
N GLY C 74 -3.44 -46.47 -11.46
CA GLY C 74 -3.55 -45.07 -11.80
C GLY C 74 -4.79 -44.79 -12.62
N THR C 75 -5.33 -43.59 -12.47
CA THR C 75 -6.57 -43.20 -13.13
C THR C 75 -6.30 -42.16 -14.22
N GLY C 76 -7.02 -42.28 -15.33
CA GLY C 76 -7.04 -41.24 -16.33
C GLY C 76 -7.95 -40.10 -15.94
N ALA C 77 -8.08 -39.13 -16.85
CA ALA C 77 -8.92 -37.97 -16.61
C ALA C 77 -10.20 -38.06 -17.44
N GLY C 78 -10.12 -37.73 -18.72
CA GLY C 78 -11.23 -37.96 -19.61
C GLY C 78 -11.97 -36.73 -20.09
N THR C 79 -13.28 -36.89 -20.32
CA THR C 79 -14.05 -35.85 -21.01
C THR C 79 -14.14 -34.56 -20.20
N ARG C 80 -14.14 -34.64 -18.87
CA ARG C 80 -14.18 -33.42 -18.08
C ARG C 80 -12.89 -32.62 -18.23
N ALA C 81 -11.75 -33.30 -18.39
CA ALA C 81 -10.51 -32.60 -18.65
C ALA C 81 -10.53 -31.94 -20.03
N ARG C 82 -11.10 -32.62 -21.02
CA ARG C 82 -11.20 -32.03 -22.35
C ARG C 82 -12.08 -30.78 -22.33
N HIS C 83 -13.13 -30.78 -21.51
CA HIS C 83 -13.93 -29.58 -21.35
C HIS C 83 -13.11 -28.47 -20.70
N LEU C 84 -12.37 -28.81 -19.64
CA LEU C 84 -11.50 -27.82 -19.00
C LEU C 84 -10.44 -27.31 -19.96
N TYR C 85 -9.83 -28.22 -20.72
CA TYR C 85 -8.83 -27.79 -21.71
C TYR C 85 -9.47 -26.87 -22.74
N SER C 86 -10.71 -27.16 -23.15
CA SER C 86 -11.38 -26.31 -24.13
C SER C 86 -11.62 -24.91 -23.58
N ILE C 87 -12.08 -24.81 -22.33
CA ILE C 87 -12.35 -23.49 -21.73
C ILE C 87 -11.05 -22.72 -21.60
N ALA C 88 -10.02 -23.35 -21.04
CA ALA C 88 -8.76 -22.65 -20.79
C ALA C 88 -8.03 -22.32 -22.09
N ALA C 89 -8.07 -23.24 -23.06
CA ALA C 89 -7.44 -22.96 -24.35
C ALA C 89 -8.09 -21.76 -25.02
N GLY C 90 -9.42 -21.70 -25.01
CA GLY C 90 -10.12 -20.57 -25.59
C GLY C 90 -9.77 -19.24 -24.97
N LEU C 91 -9.27 -19.25 -23.74
CA LEU C 91 -8.82 -18.03 -23.07
C LEU C 91 -7.34 -17.77 -23.28
N GLY C 92 -6.63 -18.65 -23.96
CA GLY C 92 -5.21 -18.47 -24.17
C GLY C 92 -4.36 -18.78 -22.95
N LEU C 93 -4.83 -19.66 -22.08
CA LEU C 93 -4.04 -20.02 -20.91
C LEU C 93 -2.96 -21.02 -21.29
N PRO C 94 -1.79 -20.94 -20.66
CA PRO C 94 -0.67 -21.79 -21.05
C PRO C 94 -0.85 -23.23 -20.62
N ALA C 95 0.01 -24.09 -21.16
CA ALA C 95 -0.06 -25.52 -20.86
C ALA C 95 0.09 -25.79 -19.36
N GLY C 96 0.89 -24.97 -18.66
CA GLY C 96 1.07 -25.19 -17.23
C GLY C 96 -0.21 -24.99 -16.44
N VAL C 97 -1.06 -24.06 -16.89
CA VAL C 97 -2.34 -23.86 -16.22
C VAL C 97 -3.30 -25.01 -16.54
N LEU C 98 -3.32 -25.44 -17.80
CA LEU C 98 -4.17 -26.57 -18.18
C LEU C 98 -3.78 -27.84 -17.42
N ALA C 99 -2.48 -28.01 -17.14
CA ALA C 99 -2.03 -29.24 -16.49
C ALA C 99 -2.69 -29.42 -15.14
N GLN C 100 -2.79 -28.36 -14.34
CA GLN C 100 -3.40 -28.47 -13.03
C GLN C 100 -4.91 -28.68 -13.12
N LEU C 101 -5.54 -28.15 -14.16
CA LEU C 101 -6.97 -28.40 -14.36
C LEU C 101 -7.23 -29.87 -14.62
N GLY C 102 -6.43 -30.49 -15.50
CA GLY C 102 -6.60 -31.90 -15.77
C GLY C 102 -6.28 -32.78 -14.59
N SER C 103 -5.36 -32.34 -13.74
CA SER C 103 -5.02 -33.10 -12.54
C SER C 103 -6.24 -33.29 -11.65
N SER C 104 -7.10 -32.27 -11.57
CA SER C 104 -8.30 -32.37 -10.75
C SER C 104 -9.23 -33.46 -11.25
N VAL C 105 -9.32 -33.63 -12.58
CA VAL C 105 -10.21 -34.64 -13.14
C VAL C 105 -9.69 -36.04 -12.82
N ALA C 106 -8.38 -36.25 -12.95
CA ALA C 106 -7.81 -37.54 -12.56
C ALA C 106 -7.97 -37.78 -11.07
N ASP C 107 -7.94 -36.71 -10.27
CA ASP C 107 -8.20 -36.83 -8.84
C ASP C 107 -9.62 -37.32 -8.58
N GLN C 108 -10.60 -36.76 -9.30
CA GLN C 108 -11.99 -37.19 -9.13
C GLN C 108 -12.14 -38.67 -9.44
N ASN C 109 -11.54 -39.13 -10.54
CA ASN C 109 -11.68 -40.52 -10.94
C ASN C 109 -11.02 -41.45 -9.92
N ALA C 110 -9.89 -41.03 -9.34
CA ALA C 110 -9.26 -41.82 -8.30
C ALA C 110 -10.15 -41.93 -7.07
N ALA C 111 -10.83 -40.83 -6.72
CA ALA C 111 -11.73 -40.85 -5.57
C ALA C 111 -12.91 -41.79 -5.82
N MET C 112 -13.48 -41.76 -7.03
CA MET C 112 -14.62 -42.62 -7.32
C MET C 112 -14.20 -44.08 -7.36
N LEU C 113 -13.09 -44.40 -8.02
CA LEU C 113 -12.61 -45.77 -8.06
C LEU C 113 -12.20 -46.25 -6.68
N GLY C 114 -11.61 -45.36 -5.87
CA GLY C 114 -11.15 -45.78 -4.55
C GLY C 114 -12.31 -46.10 -3.62
N GLN C 115 -13.41 -45.36 -3.72
CA GLN C 115 -14.55 -45.63 -2.86
C GLN C 115 -15.19 -46.98 -3.20
N LEU C 116 -15.10 -47.42 -4.46
CA LEU C 116 -15.59 -48.74 -4.82
C LEU C 116 -14.68 -49.84 -4.30
N LEU C 117 -13.41 -49.54 -4.06
CA LEU C 117 -12.45 -50.51 -3.56
C LEU C 117 -12.18 -50.38 -2.07
N ALA C 118 -12.82 -49.45 -1.39
CA ALA C 118 -12.50 -49.18 0.02
C ALA C 118 -12.82 -50.37 0.90
N LYS C 119 -13.96 -51.03 0.66
CA LYS C 119 -14.33 -52.17 1.49
C LYS C 119 -13.47 -53.39 1.23
N HIS C 120 -12.65 -53.38 0.17
CA HIS C 120 -11.66 -54.42 -0.06
C HIS C 120 -10.29 -54.05 0.50
N GLY C 121 -10.18 -52.90 1.17
CA GLY C 121 -8.94 -52.50 1.80
C GLY C 121 -7.98 -51.74 0.92
N ILE C 122 -8.33 -51.49 -0.34
CA ILE C 122 -7.45 -50.82 -1.29
C ILE C 122 -7.64 -49.31 -1.12
N PRO C 123 -6.60 -48.56 -0.76
CA PRO C 123 -6.80 -47.12 -0.50
C PRO C 123 -6.43 -46.23 -1.67
N VAL C 124 -6.89 -44.99 -1.62
CA VAL C 124 -6.39 -43.93 -2.49
C VAL C 124 -5.22 -43.28 -1.79
N VAL C 125 -4.11 -43.11 -2.49
CA VAL C 125 -2.84 -42.75 -1.89
C VAL C 125 -2.36 -41.44 -2.49
N GLY C 126 -1.80 -40.59 -1.64
CA GLY C 126 -0.96 -39.48 -2.08
C GLY C 126 0.48 -39.94 -2.11
N GLY C 127 0.67 -41.22 -2.47
CA GLY C 127 1.98 -41.84 -2.45
C GLY C 127 2.14 -42.97 -3.45
N ALA C 128 1.44 -44.09 -3.22
CA ALA C 128 1.48 -45.27 -4.08
C ALA C 128 2.86 -45.93 -4.06
N GLY C 129 3.73 -45.54 -4.98
CA GLY C 129 5.13 -45.91 -4.86
C GLY C 129 5.66 -45.34 -3.56
N LEU C 130 6.31 -46.18 -2.76
CA LEU C 130 6.76 -45.91 -1.39
C LEU C 130 5.61 -46.01 -0.37
N SER C 131 4.35 -46.06 -0.81
CA SER C 131 3.25 -46.47 0.06
C SER C 131 3.43 -47.96 0.33
N ALA C 132 4.42 -48.27 1.17
CA ALA C 132 4.94 -49.62 1.27
C ALA C 132 4.01 -50.56 2.03
N VAL C 133 3.27 -50.05 3.01
CA VAL C 133 2.44 -50.93 3.84
C VAL C 133 1.33 -51.59 3.02
N PRO C 134 0.47 -50.87 2.31
CA PRO C 134 -0.64 -51.54 1.62
C PRO C 134 -0.18 -52.53 0.57
N LEU C 135 0.85 -52.20 -0.20
CA LEU C 135 1.40 -53.16 -1.15
C LEU C 135 1.98 -54.36 -0.44
N SER C 136 2.65 -54.12 0.70
CA SER C 136 3.26 -55.22 1.45
C SER C 136 2.24 -56.27 1.86
N LEU C 137 1.00 -55.86 2.13
CA LEU C 137 0.03 -56.76 2.76
C LEU C 137 -0.67 -57.61 1.71
N ALA C 138 -0.74 -58.92 1.95
CA ALA C 138 -1.47 -59.80 1.06
C ALA C 138 -2.96 -59.45 1.04
N GLU C 139 -3.48 -58.93 2.16
CA GLU C 139 -4.88 -58.57 2.24
C GLU C 139 -5.21 -57.32 1.41
N VAL C 140 -4.21 -56.50 1.10
CA VAL C 140 -4.43 -55.27 0.33
C VAL C 140 -3.75 -55.42 -1.03
N ASN C 141 -2.43 -55.33 -1.06
CA ASN C 141 -1.63 -55.62 -2.25
C ASN C 141 -1.90 -54.67 -3.42
N ALA C 142 -2.53 -53.52 -3.16
CA ALA C 142 -2.88 -52.61 -4.23
C ALA C 142 -3.17 -51.23 -3.66
N VAL C 143 -2.93 -50.21 -4.49
CA VAL C 143 -3.31 -48.84 -4.16
C VAL C 143 -3.85 -48.17 -5.42
N VAL C 144 -4.60 -47.10 -5.23
CA VAL C 144 -5.13 -46.28 -6.31
C VAL C 144 -4.51 -44.90 -6.22
N PHE C 145 -4.03 -44.39 -7.35
CA PHE C 145 -3.42 -43.07 -7.39
C PHE C 145 -3.92 -42.30 -8.60
N SER C 146 -3.79 -40.98 -8.54
CA SER C 146 -4.16 -40.11 -9.65
C SER C 146 -3.04 -40.11 -10.68
N GLY C 147 -3.40 -40.34 -11.94
CA GLY C 147 -2.42 -40.57 -12.98
C GLY C 147 -1.78 -39.34 -13.60
N MET C 148 -2.12 -38.15 -13.16
CA MET C 148 -1.54 -36.96 -13.77
C MET C 148 -0.17 -36.67 -13.18
N PRO C 149 0.81 -36.27 -14.01
CA PRO C 149 2.13 -35.90 -13.48
C PRO C 149 2.06 -34.64 -12.64
N PRO C 150 3.04 -34.40 -11.77
CA PRO C 150 2.96 -33.27 -10.84
C PRO C 150 3.57 -31.98 -11.38
N TYR C 151 3.75 -31.88 -12.70
CA TYR C 151 4.50 -30.75 -13.24
C TYR C 151 3.81 -29.42 -12.98
N LYS C 152 2.48 -29.40 -12.99
CA LYS C 152 1.69 -28.20 -12.68
CA LYS C 152 1.69 -28.20 -12.68
C LYS C 152 2.16 -27.09 -13.61
N LEU C 153 2.43 -25.88 -13.11
CA LEU C 153 2.83 -24.77 -13.96
C LEU C 153 4.18 -25.01 -14.63
N TRP C 154 4.97 -25.96 -14.13
CA TRP C 154 6.25 -26.29 -14.72
C TRP C 154 6.14 -27.30 -15.85
N MET C 155 4.93 -27.57 -16.33
CA MET C 155 4.75 -28.51 -17.43
C MET C 155 5.48 -28.01 -18.68
N ARG C 156 6.27 -28.88 -19.27
CA ARG C 156 6.87 -28.57 -20.57
C ARG C 156 5.78 -28.51 -21.62
N PRO C 157 5.67 -27.43 -22.38
CA PRO C 157 4.62 -27.34 -23.39
C PRO C 157 4.95 -28.17 -24.62
N ALA C 158 3.90 -28.50 -25.37
CA ALA C 158 4.09 -29.14 -26.65
C ALA C 158 4.73 -28.18 -27.64
N ALA C 159 5.26 -28.73 -28.73
CA ALA C 159 5.84 -27.88 -29.77
C ALA C 159 4.81 -26.89 -30.31
N GLU C 160 3.55 -27.31 -30.39
CA GLU C 160 2.46 -26.45 -30.86
C GLU C 160 1.25 -26.64 -29.97
N GLY C 161 0.60 -25.54 -29.62
CA GLY C 161 -0.62 -25.59 -28.86
C GLY C 161 -0.38 -25.57 -27.35
N VAL C 162 -1.47 -25.45 -26.61
CA VAL C 162 -1.42 -25.34 -25.16
C VAL C 162 -1.89 -26.61 -24.46
N ILE C 163 -2.21 -27.66 -25.19
CA ILE C 163 -2.59 -28.91 -24.52
C ILE C 163 -1.36 -29.52 -23.89
N PRO C 164 -1.39 -29.84 -22.58
CA PRO C 164 -0.22 -30.43 -21.94
C PRO C 164 0.17 -31.73 -22.62
N PRO C 165 1.43 -31.87 -23.04
CA PRO C 165 1.83 -33.09 -23.76
C PRO C 165 2.05 -34.29 -22.85
N TYR C 166 2.24 -34.08 -21.56
CA TYR C 166 2.43 -35.17 -20.59
C TYR C 166 1.20 -35.21 -19.69
N ARG C 167 0.33 -36.20 -19.93
CA ARG C 167 -0.90 -36.33 -19.14
C ARG C 167 -0.92 -37.69 -18.47
N THR C 168 -2.08 -38.33 -18.38
CA THR C 168 -2.21 -39.49 -17.50
C THR C 168 -1.49 -40.72 -18.02
N ASP C 169 -1.23 -40.82 -19.33
CA ASP C 169 -0.40 -41.91 -19.83
C ASP C 169 1.03 -41.77 -19.31
N ALA C 170 1.61 -40.58 -19.47
CA ALA C 170 2.97 -40.36 -18.99
C ALA C 170 3.05 -40.41 -17.48
N GLY C 171 2.00 -39.99 -16.78
CA GLY C 171 2.04 -39.99 -15.33
C GLY C 171 2.16 -41.40 -14.75
N CYS C 172 1.35 -42.32 -15.27
CA CYS C 172 1.42 -43.70 -14.79
C CYS C 172 2.70 -44.38 -15.25
N PHE C 173 3.13 -44.12 -16.48
CA PHE C 173 4.32 -44.78 -17.00
C PHE C 173 5.57 -44.38 -16.23
N LEU C 174 5.73 -43.08 -15.98
CA LEU C 174 6.93 -42.62 -15.27
C LEU C 174 6.97 -43.14 -13.85
N LEU C 175 5.81 -43.34 -13.21
CA LEU C 175 5.80 -43.96 -11.89
C LEU C 175 6.27 -45.41 -11.98
N ALA C 176 5.80 -46.16 -12.99
CA ALA C 176 6.29 -47.51 -13.20
C ALA C 176 7.79 -47.52 -13.44
N GLU C 177 8.28 -46.55 -14.21
CA GLU C 177 9.71 -46.50 -14.51
C GLU C 177 10.51 -46.13 -13.27
N GLN C 178 10.04 -45.15 -12.50
CA GLN C 178 10.79 -44.67 -11.34
C GLN C 178 10.98 -45.79 -10.31
N PHE C 179 9.91 -46.50 -9.99
CA PHE C 179 9.97 -47.53 -8.95
C PHE C 179 10.40 -48.88 -9.49
N GLY C 180 10.90 -48.93 -10.72
CA GLY C 180 11.45 -50.17 -11.25
C GLY C 180 10.45 -51.30 -11.31
N CYS C 181 9.18 -50.99 -11.56
CA CYS C 181 8.15 -52.01 -11.63
C CYS C 181 8.39 -52.94 -12.81
N LYS C 182 7.87 -54.16 -12.70
CA LYS C 182 8.13 -55.16 -13.72
C LYS C 182 7.21 -55.05 -14.93
N GLN C 183 6.17 -54.22 -14.86
CA GLN C 183 5.22 -54.18 -15.96
C GLN C 183 4.35 -52.94 -15.88
N MET C 184 3.97 -52.44 -17.06
CA MET C 184 3.08 -51.30 -17.21
C MET C 184 1.99 -51.69 -18.19
N ILE C 185 0.75 -51.68 -17.72
CA ILE C 185 -0.40 -52.09 -18.53
C ILE C 185 -1.35 -50.91 -18.63
N PHE C 186 -1.71 -50.55 -19.86
CA PHE C 186 -2.72 -49.53 -20.11
C PHE C 186 -4.05 -50.21 -20.39
N VAL C 187 -5.04 -49.95 -19.55
CA VAL C 187 -6.36 -50.58 -19.65
C VAL C 187 -7.30 -49.55 -20.28
N LYS C 188 -7.62 -49.74 -21.55
CA LYS C 188 -8.51 -48.82 -22.26
C LYS C 188 -9.69 -49.57 -22.86
N ASP C 189 -10.20 -49.11 -24.00
CA ASP C 189 -11.46 -49.62 -24.55
C ASP C 189 -11.31 -50.18 -25.95
N GLU C 190 -10.08 -50.46 -26.39
CA GLU C 190 -9.83 -51.12 -27.66
C GLU C 190 -8.85 -52.25 -27.44
N ASP C 191 -8.86 -53.22 -28.36
CA ASP C 191 -7.97 -54.37 -28.24
C ASP C 191 -6.51 -53.97 -28.18
N GLY C 192 -6.16 -52.81 -28.70
CA GLY C 192 -4.80 -52.32 -28.64
C GLY C 192 -4.61 -51.19 -29.64
N LEU C 193 -3.37 -51.04 -30.10
CA LEU C 193 -3.05 -50.05 -31.11
C LEU C 193 -3.50 -50.53 -32.49
N TYR C 194 -4.10 -49.62 -33.25
CA TYR C 194 -4.51 -49.86 -34.62
C TYR C 194 -3.72 -48.94 -35.55
N THR C 195 -3.82 -49.20 -36.85
CA THR C 195 -3.16 -48.32 -37.81
C THR C 195 -3.80 -46.93 -37.87
N ALA C 196 -5.03 -46.80 -37.38
CA ALA C 196 -5.70 -45.51 -37.26
C ALA C 196 -6.69 -45.60 -36.12
N ASN C 197 -7.32 -44.48 -35.81
CA ASN C 197 -8.32 -44.47 -34.74
C ASN C 197 -9.48 -45.38 -35.12
N PRO C 198 -9.68 -46.49 -34.40
CA PRO C 198 -10.72 -47.46 -34.79
C PRO C 198 -12.13 -46.93 -34.63
N LYS C 199 -12.34 -45.82 -33.94
CA LYS C 199 -13.68 -45.27 -33.80
C LYS C 199 -14.07 -44.42 -34.99
N THR C 200 -13.10 -43.77 -35.64
CA THR C 200 -13.38 -42.91 -36.79
C THR C 200 -12.91 -43.49 -38.11
N SER C 201 -12.11 -44.56 -38.10
CA SER C 201 -11.66 -45.24 -39.31
C SER C 201 -11.94 -46.72 -39.14
N LYS C 202 -12.84 -47.27 -39.96
CA LYS C 202 -13.21 -48.67 -39.86
C LYS C 202 -12.30 -49.58 -40.67
N ASP C 203 -11.43 -49.03 -41.52
CA ASP C 203 -10.41 -49.83 -42.20
C ASP C 203 -9.15 -49.98 -41.35
N ALA C 204 -9.19 -49.57 -40.09
CA ALA C 204 -8.03 -49.73 -39.21
C ALA C 204 -7.80 -51.20 -38.88
N THR C 205 -6.53 -51.58 -38.82
CA THR C 205 -6.08 -52.94 -38.58
C THR C 205 -5.40 -53.00 -37.21
N PHE C 206 -5.55 -54.14 -36.53
CA PHE C 206 -4.95 -54.30 -35.20
C PHE C 206 -3.45 -54.49 -35.32
N ILE C 207 -2.70 -53.85 -34.43
CA ILE C 207 -1.24 -53.97 -34.40
C ILE C 207 -0.84 -54.78 -33.17
N PRO C 208 -0.46 -56.05 -33.33
CA PRO C 208 -0.15 -56.86 -32.14
C PRO C 208 1.10 -56.40 -31.40
N ARG C 209 2.15 -56.02 -32.12
CA ARG C 209 3.38 -55.59 -31.47
C ARG C 209 4.14 -54.68 -32.41
N ILE C 210 4.73 -53.63 -31.85
CA ILE C 210 5.47 -52.64 -32.64
C ILE C 210 6.52 -52.00 -31.74
N SER C 211 7.61 -51.57 -32.36
CA SER C 211 8.64 -50.82 -31.66
C SER C 211 8.35 -49.32 -31.78
N VAL C 212 9.03 -48.54 -30.94
CA VAL C 212 8.87 -47.09 -31.01
C VAL C 212 9.36 -46.56 -32.34
N ASP C 213 10.48 -47.09 -32.83
CA ASP C 213 11.00 -46.65 -34.12
C ASP C 213 10.05 -47.01 -35.26
N GLU C 214 9.53 -48.24 -35.25
CA GLU C 214 8.55 -48.61 -36.27
C GLU C 214 7.28 -47.79 -36.14
N MET C 215 6.88 -47.48 -34.90
CA MET C 215 5.68 -46.68 -34.68
C MET C 215 5.86 -45.26 -35.20
N LYS C 216 7.03 -44.66 -34.94
CA LYS C 216 7.30 -43.33 -35.46
C LYS C 216 7.41 -43.34 -36.99
N ALA C 217 7.94 -44.42 -37.56
CA ALA C 217 8.08 -44.50 -39.01
C ALA C 217 6.74 -44.58 -39.71
N LYS C 218 5.69 -45.02 -39.02
CA LYS C 218 4.36 -45.09 -39.61
C LYS C 218 3.70 -43.72 -39.73
N GLY C 219 4.14 -42.75 -38.94
CA GLY C 219 3.56 -41.41 -38.98
C GLY C 219 2.08 -41.42 -38.64
N LEU C 220 1.73 -42.03 -37.52
CA LEU C 220 0.33 -42.15 -37.14
C LEU C 220 -0.27 -40.79 -36.81
N HIS C 221 -1.46 -40.55 -37.35
CA HIS C 221 -2.22 -39.33 -37.07
C HIS C 221 -2.77 -39.31 -35.65
N ASP C 222 -3.11 -40.49 -35.12
CA ASP C 222 -3.70 -40.63 -33.80
C ASP C 222 -3.11 -41.89 -33.17
N SER C 223 -3.24 -41.97 -31.84
CA SER C 223 -2.66 -43.09 -31.12
C SER C 223 -3.50 -43.37 -29.89
N ILE C 224 -3.44 -44.63 -29.43
CA ILE C 224 -4.07 -45.02 -28.17
C ILE C 224 -3.26 -44.57 -26.97
N LEU C 225 -2.03 -44.12 -27.18
CA LEU C 225 -1.19 -43.59 -26.12
C LEU C 225 -0.68 -42.21 -26.50
N GLU C 226 -0.31 -41.43 -25.49
CA GLU C 226 0.32 -40.14 -25.73
C GLU C 226 1.64 -40.34 -26.45
N PHE C 227 1.87 -39.53 -27.49
CA PHE C 227 3.08 -39.71 -28.29
C PHE C 227 4.36 -39.47 -27.50
N PRO C 228 4.46 -38.47 -26.62
CA PRO C 228 5.72 -38.29 -25.85
C PRO C 228 6.08 -39.51 -25.00
N VAL C 229 5.12 -40.36 -24.65
CA VAL C 229 5.43 -41.56 -23.87
C VAL C 229 6.37 -42.47 -24.64
N LEU C 230 6.28 -42.47 -25.98
CA LEU C 230 7.17 -43.29 -26.77
C LEU C 230 8.63 -42.88 -26.57
N ASP C 231 8.88 -41.58 -26.41
CA ASP C 231 10.24 -41.11 -26.15
C ASP C 231 10.66 -41.42 -24.72
N LEU C 232 9.75 -41.26 -23.76
CA LEU C 232 10.05 -41.67 -22.39
C LEU C 232 10.34 -43.16 -22.34
N LEU C 233 9.65 -43.95 -23.15
CA LEU C 233 9.87 -45.39 -23.18
C LEU C 233 11.28 -45.72 -23.67
N GLN C 234 11.73 -45.04 -24.73
CA GLN C 234 13.07 -45.30 -25.24
C GLN C 234 14.14 -44.82 -24.27
N SER C 235 13.82 -43.84 -23.43
CA SER C 235 14.75 -43.34 -22.43
C SER C 235 14.71 -44.13 -21.13
N ALA C 236 13.76 -45.04 -20.98
CA ALA C 236 13.53 -45.69 -19.70
C ALA C 236 14.66 -46.65 -19.35
N GLN C 237 14.88 -46.81 -18.05
CA GLN C 237 15.88 -47.73 -17.53
C GLN C 237 15.29 -49.06 -17.07
N HIS C 238 14.03 -49.06 -16.66
CA HIS C 238 13.42 -50.24 -16.05
C HIS C 238 12.24 -50.78 -16.84
N VAL C 239 11.37 -49.92 -17.35
CA VAL C 239 10.19 -50.35 -18.08
C VAL C 239 10.47 -50.09 -19.56
N ARG C 240 10.92 -51.13 -20.26
CA ARG C 240 11.33 -51.03 -21.66
C ARG C 240 10.22 -51.47 -22.62
N GLU C 241 9.03 -51.76 -22.10
CA GLU C 241 7.89 -52.09 -22.95
C GLU C 241 6.62 -51.82 -22.16
N VAL C 242 5.52 -51.64 -22.88
CA VAL C 242 4.21 -51.45 -22.28
C VAL C 242 3.21 -52.31 -23.04
N GLN C 243 2.09 -52.61 -22.39
CA GLN C 243 1.00 -53.33 -23.01
C GLN C 243 -0.29 -52.52 -22.89
N VAL C 244 -1.04 -52.47 -23.98
CA VAL C 244 -2.35 -51.82 -24.03
C VAL C 244 -3.39 -52.91 -24.26
N VAL C 245 -4.37 -53.00 -23.36
CA VAL C 245 -5.38 -54.05 -23.43
C VAL C 245 -6.76 -53.43 -23.41
N ASN C 246 -7.75 -54.22 -23.80
CA ASN C 246 -9.15 -53.83 -23.80
C ASN C 246 -9.77 -54.21 -22.46
N GLY C 247 -10.00 -53.21 -21.61
CA GLY C 247 -10.62 -53.45 -20.32
C GLY C 247 -12.09 -53.80 -20.39
N LEU C 248 -12.73 -53.60 -21.54
CA LEU C 248 -14.12 -53.96 -21.71
C LEU C 248 -14.32 -55.46 -21.93
N VAL C 249 -13.23 -56.19 -22.14
CA VAL C 249 -13.28 -57.65 -22.30
C VAL C 249 -12.82 -58.28 -20.99
N PRO C 250 -13.68 -59.01 -20.28
CA PRO C 250 -13.27 -59.58 -19.00
C PRO C 250 -12.13 -60.58 -19.16
N GLY C 251 -11.15 -60.49 -18.26
CA GLY C 251 -10.01 -61.38 -18.26
C GLY C 251 -8.78 -60.82 -18.93
N ASN C 252 -8.93 -59.78 -19.75
CA ASN C 252 -7.77 -59.22 -20.44
C ASN C 252 -6.75 -58.67 -19.45
N LEU C 253 -7.21 -57.95 -18.43
CA LEU C 253 -6.29 -57.42 -17.43
C LEU C 253 -5.63 -58.53 -16.64
N THR C 254 -6.41 -59.54 -16.23
CA THR C 254 -5.84 -60.64 -15.46
C THR C 254 -4.77 -61.38 -16.25
N ARG C 255 -5.05 -61.68 -17.53
CA ARG C 255 -4.09 -62.40 -18.34
C ARG C 255 -2.84 -61.55 -18.60
N ALA C 256 -3.03 -60.25 -18.83
CA ALA C 256 -1.88 -59.37 -19.03
C ALA C 256 -1.03 -59.30 -17.77
N LEU C 257 -1.66 -59.31 -16.60
CA LEU C 257 -0.91 -59.29 -15.35
C LEU C 257 -0.08 -60.56 -15.17
N ALA C 258 -0.56 -61.69 -15.68
CA ALA C 258 0.20 -62.93 -15.66
C ALA C 258 1.29 -62.96 -16.71
N GLY C 259 1.47 -61.89 -17.47
CA GLY C 259 2.51 -61.81 -18.47
C GLY C 259 2.08 -62.19 -19.87
N GLU C 260 0.81 -62.54 -20.08
CA GLU C 260 0.35 -62.95 -21.38
C GLU C 260 0.18 -61.74 -22.28
N HIS C 261 0.53 -61.92 -23.54
CA HIS C 261 0.37 -60.86 -24.57
C HIS C 261 -1.03 -60.98 -25.15
N VAL C 262 -1.94 -60.12 -24.69
CA VAL C 262 -3.30 -60.17 -25.16
C VAL C 262 -3.67 -58.95 -25.99
N GLY C 263 -3.03 -57.80 -25.78
CA GLY C 263 -3.31 -56.62 -26.57
C GLY C 263 -2.13 -56.23 -27.45
N THR C 264 -1.74 -54.96 -27.39
CA THR C 264 -0.62 -54.46 -28.17
C THR C 264 0.57 -54.27 -27.23
N ILE C 265 1.73 -54.80 -27.61
CA ILE C 265 2.97 -54.58 -26.89
C ILE C 265 3.79 -53.56 -27.67
N ILE C 266 4.13 -52.45 -27.03
CA ILE C 266 4.99 -51.43 -27.61
C ILE C 266 6.33 -51.50 -26.89
N THR C 267 7.39 -51.76 -27.65
CA THR C 267 8.72 -51.95 -27.11
C THR C 267 9.60 -50.75 -27.43
N ALA C 268 10.51 -50.44 -26.51
CA ALA C 268 11.46 -49.35 -26.74
C ALA C 268 12.42 -49.68 -27.86
N SER C 269 12.82 -50.95 -27.97
CA SER C 269 13.77 -51.36 -29.00
C SER C 269 13.16 -52.46 -29.88
N ASN D 5 -21.15 -49.81 -21.47
CA ASN D 5 -21.50 -49.40 -22.83
C ASN D 5 -20.84 -48.06 -23.20
N SER D 6 -21.62 -47.16 -23.80
CA SER D 6 -21.10 -45.96 -24.42
C SER D 6 -20.40 -45.07 -23.40
N ILE D 7 -19.46 -44.26 -23.92
CA ILE D 7 -18.80 -43.26 -23.09
C ILE D 7 -19.76 -42.11 -22.83
N LYS D 8 -19.75 -41.60 -21.60
CA LYS D 8 -20.56 -40.44 -21.23
C LYS D 8 -19.71 -39.18 -21.45
N HIS D 9 -20.04 -38.42 -22.49
CA HIS D 9 -19.23 -37.28 -22.91
C HIS D 9 -19.82 -35.98 -22.39
N VAL D 10 -18.93 -35.02 -22.15
CA VAL D 10 -19.31 -33.62 -21.96
C VAL D 10 -19.11 -32.92 -23.30
N ILE D 11 -20.15 -32.23 -23.78
CA ILE D 11 -20.04 -31.53 -25.05
C ILE D 11 -19.02 -30.42 -24.91
N SER D 12 -17.98 -30.47 -25.74
CA SER D 12 -16.90 -29.49 -25.71
C SER D 12 -16.20 -29.52 -27.05
N PRO D 13 -15.48 -28.45 -27.40
CA PRO D 13 -14.71 -28.46 -28.65
C PRO D 13 -13.67 -29.56 -28.71
N LEU D 14 -13.26 -30.12 -27.57
CA LEU D 14 -12.26 -31.18 -27.53
C LEU D 14 -12.86 -32.52 -27.12
N ALA D 15 -14.19 -32.64 -27.12
CA ALA D 15 -14.82 -33.87 -26.68
C ALA D 15 -14.53 -35.02 -27.63
N ARG D 16 -14.55 -36.24 -27.08
CA ARG D 16 -14.47 -37.50 -27.83
C ARG D 16 -13.07 -37.77 -28.38
N GLN D 17 -12.33 -36.73 -28.74
CA GLN D 17 -11.03 -36.97 -29.34
C GLN D 17 -9.99 -37.28 -28.27
N THR D 18 -8.89 -37.88 -28.73
CA THR D 18 -7.85 -38.37 -27.83
C THR D 18 -6.88 -37.27 -27.39
N LEU D 19 -6.86 -36.15 -28.10
CA LEU D 19 -5.94 -35.02 -27.95
C LEU D 19 -4.55 -35.34 -28.52
N GLN D 20 -4.35 -36.51 -29.13
CA GLN D 20 -3.09 -36.81 -29.78
C GLN D 20 -3.07 -36.42 -31.25
N ASP D 21 -4.24 -36.22 -31.86
CA ASP D 21 -4.32 -35.82 -33.27
C ASP D 21 -4.07 -34.32 -33.36
N ARG D 22 -2.90 -33.95 -33.89
CA ARG D 22 -2.53 -32.54 -33.99
C ARG D 22 -3.52 -31.75 -34.84
N ASP D 23 -4.13 -32.39 -35.83
CA ASP D 23 -5.05 -31.69 -36.71
C ASP D 23 -6.40 -31.44 -36.05
N LEU D 24 -6.78 -32.26 -35.08
CA LEU D 24 -8.06 -32.08 -34.41
C LEU D 24 -7.97 -31.15 -33.21
N THR D 25 -6.79 -31.01 -32.60
CA THR D 25 -6.62 -30.10 -31.48
C THR D 25 -6.23 -28.69 -31.89
N ARG D 26 -5.64 -28.54 -33.07
CA ARG D 26 -5.13 -27.23 -33.48
C ARG D 26 -6.21 -26.15 -33.53
N PRO D 27 -7.40 -26.38 -34.08
CA PRO D 27 -8.39 -25.29 -34.12
C PRO D 27 -8.82 -24.79 -32.75
N VAL D 28 -8.59 -25.55 -31.70
CA VAL D 28 -9.03 -25.19 -30.36
C VAL D 28 -7.90 -24.62 -29.52
N ALA D 29 -6.75 -25.29 -29.49
CA ALA D 29 -5.67 -24.94 -28.58
C ALA D 29 -4.39 -24.51 -29.28
N GLY D 30 -4.40 -24.38 -30.60
CA GLY D 30 -3.17 -24.13 -31.33
C GLY D 30 -2.58 -22.74 -31.14
N LYS D 31 -3.31 -21.83 -30.50
CA LYS D 31 -2.89 -20.43 -30.42
C LYS D 31 -1.71 -20.25 -29.46
N ARG D 32 -1.10 -19.08 -29.53
CA ARG D 32 -0.06 -18.69 -28.57
C ARG D 32 -0.72 -18.23 -27.28
N PRO D 33 -0.25 -18.65 -26.11
CA PRO D 33 -0.93 -18.30 -24.87
C PRO D 33 -0.70 -16.83 -24.50
N ILE D 34 -1.55 -16.35 -23.58
CA ILE D 34 -1.45 -14.99 -23.07
C ILE D 34 -0.36 -14.93 -22.02
N ARG D 35 -0.01 -13.73 -21.58
CA ARG D 35 0.94 -13.54 -20.49
C ARG D 35 0.17 -13.39 -19.18
N LEU D 36 0.55 -14.17 -18.17
CA LEU D 36 -0.13 -14.12 -16.89
C LEU D 36 0.38 -12.97 -16.03
N LEU D 37 1.69 -12.80 -15.94
CA LEU D 37 2.32 -11.74 -15.15
C LEU D 37 3.36 -11.04 -16.02
N PRO D 38 2.91 -10.18 -16.94
CA PRO D 38 3.87 -9.56 -17.86
C PRO D 38 4.86 -8.61 -17.20
N TRP D 39 4.53 -8.10 -16.01
CA TRP D 39 5.41 -7.17 -15.31
C TRP D 39 6.44 -7.87 -14.42
N LEU D 40 6.45 -9.20 -14.41
CA LEU D 40 7.32 -9.94 -13.51
C LEU D 40 8.73 -10.05 -14.06
N GLN D 41 9.71 -9.92 -13.18
CA GLN D 41 11.10 -10.21 -13.49
C GLN D 41 11.54 -11.40 -12.64
N VAL D 42 12.02 -12.45 -13.30
CA VAL D 42 12.49 -13.66 -12.62
C VAL D 42 14.00 -13.65 -12.59
N VAL D 43 14.57 -13.88 -11.42
CA VAL D 43 16.02 -13.93 -11.24
C VAL D 43 16.37 -15.27 -10.62
N LYS D 44 17.23 -16.02 -11.30
CA LYS D 44 17.69 -17.32 -10.82
C LYS D 44 19.10 -17.16 -10.25
N ILE D 45 19.26 -17.54 -8.98
CA ILE D 45 20.55 -17.46 -8.29
C ILE D 45 21.16 -18.85 -8.27
N GLY D 46 22.35 -18.99 -8.85
CA GLY D 46 22.97 -20.30 -8.94
C GLY D 46 23.32 -20.83 -7.56
N GLY D 47 23.18 -22.14 -7.40
CA GLY D 47 23.55 -22.77 -6.14
C GLY D 47 25.02 -22.60 -5.80
N ARG D 48 25.88 -22.60 -6.81
CA ARG D 48 27.31 -22.40 -6.57
C ARG D 48 27.61 -20.98 -6.12
N VAL D 49 26.76 -20.03 -6.49
CA VAL D 49 26.92 -18.67 -5.98
C VAL D 49 26.64 -18.64 -4.48
N MET D 50 25.54 -19.26 -4.07
CA MET D 50 25.25 -19.39 -2.65
C MET D 50 26.34 -20.15 -1.91
N ASP D 51 26.95 -21.15 -2.56
CA ASP D 51 27.98 -21.95 -1.93
C ASP D 51 29.19 -21.11 -1.53
N ARG D 52 29.41 -19.97 -2.17
CA ARG D 52 30.55 -19.13 -1.83
C ARG D 52 30.38 -18.44 -0.48
N GLY D 53 29.19 -18.47 0.09
CA GLY D 53 29.00 -17.94 1.42
C GLY D 53 28.88 -16.41 1.43
N ALA D 54 29.23 -15.84 2.58
CA ALA D 54 28.98 -14.42 2.81
C ALA D 54 29.68 -13.53 1.81
N ASP D 55 30.88 -13.93 1.35
CA ASP D 55 31.63 -13.09 0.42
C ASP D 55 30.84 -12.82 -0.86
N ALA D 56 29.99 -13.76 -1.26
CA ALA D 56 29.13 -13.56 -2.42
C ALA D 56 27.70 -13.19 -2.04
N ILE D 57 27.18 -13.77 -0.96
CA ILE D 57 25.78 -13.57 -0.62
C ILE D 57 25.53 -12.15 -0.11
N LEU D 58 26.42 -11.65 0.74
CA LEU D 58 26.18 -10.34 1.34
C LEU D 58 26.15 -9.23 0.30
N PRO D 59 27.09 -9.15 -0.66
CA PRO D 59 26.93 -8.15 -1.72
C PRO D 59 25.69 -8.39 -2.57
N LEU D 60 25.37 -9.65 -2.86
CA LEU D 60 24.17 -9.95 -3.64
C LEU D 60 22.91 -9.50 -2.91
N VAL D 61 22.87 -9.69 -1.59
CA VAL D 61 21.71 -9.25 -0.82
C VAL D 61 21.59 -7.74 -0.87
N GLU D 62 22.71 -7.03 -0.79
CA GLU D 62 22.67 -5.57 -0.87
C GLU D 62 22.20 -5.12 -2.25
N GLU D 63 22.63 -5.81 -3.31
CA GLU D 63 22.19 -5.47 -4.64
C GLU D 63 20.70 -5.73 -4.81
N LEU D 64 20.22 -6.86 -4.30
CA LEU D 64 18.79 -7.16 -4.38
C LEU D 64 17.98 -6.17 -3.56
N ARG D 65 18.49 -5.75 -2.40
CA ARG D 65 17.79 -4.77 -1.58
C ARG D 65 17.52 -3.49 -2.36
N LYS D 66 18.51 -3.01 -3.11
CA LYS D 66 18.32 -1.79 -3.91
C LYS D 66 17.49 -2.03 -5.15
N LEU D 67 17.28 -3.27 -5.55
CA LEU D 67 16.43 -3.58 -6.70
C LEU D 67 14.96 -3.70 -6.34
N LEU D 68 14.63 -3.87 -5.06
CA LEU D 68 13.24 -4.05 -4.68
C LEU D 68 12.33 -2.89 -5.10
N PRO D 69 12.73 -1.62 -4.97
CA PRO D 69 11.83 -0.53 -5.43
C PRO D 69 11.75 -0.41 -6.94
N GLU D 70 12.61 -1.11 -7.70
CA GLU D 70 12.66 -0.95 -9.14
C GLU D 70 11.91 -2.04 -9.90
N HIS D 71 11.87 -3.26 -9.37
CA HIS D 71 11.27 -4.38 -10.09
C HIS D 71 10.40 -5.20 -9.16
N ARG D 72 9.50 -5.98 -9.76
CA ARG D 72 8.73 -7.01 -9.06
C ARG D 72 9.43 -8.34 -9.31
N LEU D 73 10.06 -8.87 -8.28
CA LEU D 73 11.04 -9.94 -8.44
C LEU D 73 10.54 -11.26 -7.89
N LEU D 74 10.65 -12.31 -8.70
CA LEU D 74 10.57 -13.69 -8.23
C LEU D 74 11.99 -14.23 -8.26
N ILE D 75 12.59 -14.43 -7.09
CA ILE D 75 13.97 -14.88 -6.96
C ILE D 75 13.97 -16.38 -6.71
N LEU D 76 14.64 -17.14 -7.56
CA LEU D 76 14.66 -18.58 -7.49
C LEU D 76 16.10 -19.06 -7.31
N THR D 77 16.32 -19.90 -6.30
CA THR D 77 17.66 -20.36 -5.96
C THR D 77 17.92 -21.75 -6.50
N GLY D 78 19.15 -21.98 -6.96
CA GLY D 78 19.59 -23.29 -7.38
C GLY D 78 20.13 -24.10 -6.21
N ALA D 79 20.72 -25.25 -6.55
CA ALA D 79 21.08 -26.26 -5.56
C ALA D 79 22.55 -26.16 -5.13
N GLY D 80 23.48 -26.31 -6.07
CA GLY D 80 24.89 -26.21 -5.72
C GLY D 80 25.52 -27.50 -5.26
N VAL D 81 26.58 -27.38 -4.46
CA VAL D 81 27.45 -28.52 -4.21
C VAL D 81 26.76 -29.58 -3.36
N ARG D 82 25.82 -29.20 -2.49
CA ARG D 82 25.18 -30.18 -1.64
C ARG D 82 24.38 -31.19 -2.46
N ALA D 83 23.79 -30.76 -3.57
CA ALA D 83 23.10 -31.70 -4.45
C ALA D 83 24.08 -32.69 -5.08
N ARG D 84 25.34 -32.29 -5.28
CA ARG D 84 26.33 -33.21 -5.79
C ARG D 84 26.60 -34.33 -4.78
N HIS D 85 26.57 -34.00 -3.49
CA HIS D 85 26.82 -35.04 -2.48
C HIS D 85 25.64 -35.99 -2.37
N VAL D 86 24.41 -35.47 -2.40
CA VAL D 86 23.26 -36.36 -2.35
C VAL D 86 23.22 -37.20 -3.62
N PHE D 87 23.76 -36.69 -4.73
CA PHE D 87 23.95 -37.52 -5.91
C PHE D 87 24.99 -38.61 -5.65
N SER D 88 26.10 -38.24 -4.99
CA SER D 88 27.15 -39.21 -4.70
CA SER D 88 27.15 -39.21 -4.70
C SER D 88 26.61 -40.36 -3.85
N VAL D 89 25.88 -40.03 -2.78
CA VAL D 89 25.32 -41.07 -1.92
C VAL D 89 24.20 -41.80 -2.64
N GLY D 90 23.30 -41.07 -3.29
CA GLY D 90 22.18 -41.70 -3.95
C GLY D 90 22.59 -42.65 -5.06
N LEU D 91 23.54 -42.23 -5.90
CA LEU D 91 24.02 -43.11 -6.96
C LEU D 91 24.78 -44.30 -6.37
N ASP D 92 25.52 -44.09 -5.28
CA ASP D 92 26.18 -45.20 -4.61
C ASP D 92 25.15 -46.22 -4.12
N LEU D 93 23.99 -45.75 -3.68
CA LEU D 93 22.90 -46.63 -3.28
C LEU D 93 22.09 -47.15 -4.47
N GLY D 94 22.41 -46.70 -5.68
CA GLY D 94 21.71 -47.17 -6.87
C GLY D 94 20.37 -46.54 -7.13
N LEU D 95 20.08 -45.40 -6.50
CA LEU D 95 18.74 -44.83 -6.58
C LEU D 95 18.48 -44.27 -7.99
N PRO D 96 17.25 -44.38 -8.48
CA PRO D 96 16.96 -43.90 -9.84
C PRO D 96 16.88 -42.38 -9.89
N VAL D 97 16.76 -41.88 -11.11
CA VAL D 97 16.83 -40.44 -11.33
C VAL D 97 15.63 -39.74 -10.72
N GLY D 98 14.47 -40.39 -10.69
CA GLY D 98 13.31 -39.82 -10.03
C GLY D 98 13.43 -39.77 -8.53
N SER D 99 14.38 -40.51 -7.95
CA SER D 99 14.68 -40.38 -6.54
C SER D 99 15.65 -39.22 -6.29
N LEU D 100 16.62 -39.06 -7.18
CA LEU D 100 17.61 -38.00 -6.99
C LEU D 100 17.03 -36.62 -7.24
N ALA D 101 15.98 -36.51 -8.04
CA ALA D 101 15.44 -35.20 -8.37
C ALA D 101 14.90 -34.45 -7.15
N PRO D 102 13.99 -35.01 -6.35
CA PRO D 102 13.54 -34.26 -5.16
C PRO D 102 14.64 -34.07 -4.13
N LEU D 103 15.61 -34.99 -4.06
CA LEU D 103 16.70 -34.83 -3.11
C LEU D 103 17.55 -33.62 -3.46
N ALA D 104 17.84 -33.43 -4.75
CA ALA D 104 18.59 -32.26 -5.17
C ALA D 104 17.76 -30.99 -5.02
N ALA D 105 16.45 -31.08 -5.26
CA ALA D 105 15.59 -29.91 -5.14
C ALA D 105 15.59 -29.37 -3.72
N SER D 106 15.72 -30.25 -2.72
CA SER D 106 15.71 -29.79 -1.33
C SER D 106 16.85 -28.82 -1.06
N GLU D 107 18.02 -29.04 -1.67
CA GLU D 107 19.13 -28.13 -1.47
C GLU D 107 18.85 -26.77 -2.10
N ALA D 108 18.11 -26.74 -3.21
CA ALA D 108 17.69 -25.47 -3.79
C ALA D 108 16.74 -24.73 -2.86
N GLY D 109 15.80 -25.46 -2.26
CA GLY D 109 14.91 -24.85 -1.29
C GLY D 109 15.64 -24.30 -0.08
N GLN D 110 16.63 -25.04 0.42
CA GLN D 110 17.39 -24.57 1.58
C GLN D 110 18.16 -23.31 1.24
N ASN D 111 18.75 -23.24 0.04
CA ASN D 111 19.38 -22.01 -0.40
C ASN D 111 18.38 -20.87 -0.44
N GLY D 112 17.13 -21.16 -0.81
CA GLY D 112 16.11 -20.12 -0.84
C GLY D 112 15.75 -19.62 0.54
N HIS D 113 15.65 -20.53 1.52
CA HIS D 113 15.38 -20.10 2.89
C HIS D 113 16.51 -19.23 3.41
N ILE D 114 17.75 -19.57 3.06
CA ILE D 114 18.90 -18.78 3.50
C ILE D 114 18.83 -17.38 2.92
N LEU D 115 18.63 -17.27 1.60
CA LEU D 115 18.59 -15.98 0.95
C LEU D 115 17.40 -15.16 1.44
N ALA D 116 16.25 -15.80 1.63
CA ALA D 116 15.07 -15.07 2.10
C ALA D 116 15.29 -14.51 3.50
N ALA D 117 15.94 -15.27 4.38
CA ALA D 117 16.18 -14.80 5.74
C ALA D 117 17.02 -13.53 5.73
N MET D 118 17.97 -13.43 4.80
CA MET D 118 18.79 -12.22 4.71
C MET D 118 17.98 -11.01 4.25
N LEU D 119 16.86 -11.23 3.57
CA LEU D 119 16.03 -10.14 3.08
C LEU D 119 14.72 -10.01 3.84
N ALA D 120 14.59 -10.69 4.99
CA ALA D 120 13.33 -10.67 5.73
C ALA D 120 12.98 -9.26 6.20
N SER D 121 13.99 -8.49 6.62
CA SER D 121 13.75 -7.14 7.12
C SER D 121 13.18 -6.23 6.03
N GLU D 122 13.31 -6.63 4.77
CA GLU D 122 12.71 -5.90 3.66
C GLU D 122 11.33 -6.43 3.29
N GLY D 123 10.81 -7.39 4.03
CA GLY D 123 9.51 -7.97 3.72
C GLY D 123 9.54 -9.15 2.78
N VAL D 124 10.71 -9.73 2.54
CA VAL D 124 10.86 -10.86 1.62
C VAL D 124 10.85 -12.16 2.41
N SER D 125 10.08 -13.13 1.92
CA SER D 125 10.05 -14.45 2.52
C SER D 125 10.11 -15.52 1.44
N TYR D 126 10.50 -16.72 1.85
CA TYR D 126 10.47 -17.88 0.97
C TYR D 126 9.03 -18.37 0.82
N VAL D 127 8.63 -18.70 -0.40
CA VAL D 127 7.31 -19.24 -0.70
C VAL D 127 7.47 -20.61 -1.34
N GLU D 128 6.52 -21.50 -1.08
CA GLU D 128 6.59 -22.87 -1.56
C GLU D 128 6.04 -22.96 -2.98
N HIS D 129 6.33 -24.09 -3.61
CA HIS D 129 5.96 -24.28 -5.02
C HIS D 129 4.47 -24.12 -5.28
N PRO D 130 3.57 -24.76 -4.52
CA PRO D 130 2.14 -24.53 -4.77
C PRO D 130 1.74 -23.07 -4.63
N THR D 131 2.42 -22.35 -3.74
CA THR D 131 2.18 -20.92 -3.60
C THR D 131 2.65 -20.17 -4.85
N VAL D 132 3.83 -20.53 -5.37
CA VAL D 132 4.32 -19.89 -6.58
C VAL D 132 3.42 -20.20 -7.76
N ALA D 133 2.92 -21.44 -7.83
CA ALA D 133 2.16 -21.86 -9.00
C ALA D 133 0.79 -21.20 -9.07
N ASP D 134 0.15 -21.02 -7.91
CA ASP D 134 -1.23 -20.56 -7.87
C ASP D 134 -1.45 -19.21 -7.21
N GLN D 135 -0.49 -18.71 -6.43
CA GLN D 135 -0.74 -17.48 -5.69
C GLN D 135 0.43 -16.52 -5.72
N LEU D 136 1.20 -16.52 -6.80
CA LEU D 136 2.30 -15.57 -6.90
C LEU D 136 1.77 -14.14 -7.01
N ALA D 137 0.63 -13.94 -7.67
CA ALA D 137 0.12 -12.59 -7.90
C ALA D 137 -0.23 -11.90 -6.59
N ILE D 138 -0.88 -12.61 -5.67
CA ILE D 138 -1.27 -11.98 -4.40
C ILE D 138 -0.03 -11.77 -3.53
N HIS D 139 0.94 -12.67 -3.56
CA HIS D 139 2.19 -12.52 -2.78
C HIS D 139 3.00 -11.32 -3.28
N LEU D 140 3.08 -11.12 -4.60
CA LEU D 140 3.79 -9.97 -5.13
C LEU D 140 3.00 -8.67 -5.02
N SER D 141 1.72 -8.75 -4.66
CA SER D 141 1.00 -7.55 -4.26
C SER D 141 1.23 -7.23 -2.79
N ALA D 142 1.57 -8.24 -1.99
CA ALA D 142 1.83 -8.04 -0.57
C ALA D 142 3.22 -7.47 -0.33
N THR D 143 4.20 -7.92 -1.11
CA THR D 143 5.59 -7.50 -0.93
C THR D 143 6.24 -7.34 -2.29
N ARG D 144 7.44 -6.77 -2.28
CA ARG D 144 8.12 -6.44 -3.54
CA ARG D 144 8.12 -6.44 -3.54
C ARG D 144 8.80 -7.65 -4.17
N ALA D 145 9.21 -8.63 -3.36
CA ALA D 145 9.85 -9.81 -3.91
C ALA D 145 9.62 -11.00 -3.00
N VAL D 146 9.64 -12.20 -3.60
CA VAL D 146 9.59 -13.45 -2.87
C VAL D 146 10.68 -14.37 -3.40
N VAL D 147 11.07 -15.34 -2.59
CA VAL D 147 12.08 -16.31 -2.94
C VAL D 147 11.43 -17.68 -3.03
N GLY D 148 11.85 -18.47 -4.02
CA GLY D 148 11.40 -19.85 -4.13
C GLY D 148 12.50 -20.74 -4.65
N SER D 149 12.22 -22.04 -4.64
CA SER D 149 13.16 -23.00 -5.22
C SER D 149 13.06 -22.96 -6.74
N ALA D 150 14.22 -22.90 -7.41
CA ALA D 150 14.25 -22.91 -8.86
C ALA D 150 13.97 -24.29 -9.44
N PHE D 151 14.15 -25.35 -8.67
CA PHE D 151 13.90 -26.69 -9.17
C PHE D 151 12.41 -26.89 -9.41
N PRO D 152 12.02 -27.56 -10.49
CA PRO D 152 10.61 -27.87 -10.71
C PRO D 152 10.20 -29.08 -9.90
N PRO D 153 8.92 -29.19 -9.55
CA PRO D 153 8.46 -30.35 -8.75
C PRO D 153 8.20 -31.58 -9.62
N TYR D 154 9.23 -32.01 -10.35
CA TYR D 154 9.09 -33.19 -11.19
C TYR D 154 9.14 -34.48 -10.36
N HIS D 155 9.96 -34.49 -9.33
CA HIS D 155 9.97 -35.55 -8.30
C HIS D 155 10.20 -36.90 -8.98
N HIS D 156 9.44 -37.93 -8.58
CA HIS D 156 9.54 -39.27 -9.14
C HIS D 156 9.09 -39.35 -10.58
N HIS D 157 8.50 -38.27 -11.11
CA HIS D 157 8.13 -38.19 -12.51
C HIS D 157 9.20 -37.50 -13.35
N GLU D 158 10.42 -37.39 -12.84
CA GLU D 158 11.53 -36.89 -13.63
C GLU D 158 11.78 -37.81 -14.83
N PHE D 159 12.23 -37.21 -15.93
CA PHE D 159 12.44 -37.97 -17.15
C PHE D 159 13.61 -38.93 -16.97
N PRO D 160 13.50 -40.16 -17.48
CA PRO D 160 14.63 -41.09 -17.42
C PRO D 160 15.60 -40.85 -18.56
N GLY D 161 16.70 -41.59 -18.55
CA GLY D 161 17.72 -41.47 -19.58
C GLY D 161 19.09 -41.24 -18.97
N SER D 162 19.25 -40.12 -18.29
CA SER D 162 20.45 -39.82 -17.51
C SER D 162 20.21 -40.17 -16.05
N ARG D 163 21.28 -40.61 -15.37
CA ARG D 163 21.19 -40.82 -13.94
C ARG D 163 21.19 -39.51 -13.16
N ILE D 164 21.47 -38.41 -13.81
CA ILE D 164 21.44 -37.08 -13.21
C ILE D 164 20.12 -36.41 -13.61
N PRO D 165 19.33 -35.90 -12.67
CA PRO D 165 18.06 -35.24 -13.03
C PRO D 165 18.29 -34.12 -14.04
N PRO D 166 17.59 -34.16 -15.19
CA PRO D 166 17.81 -33.13 -16.22
C PRO D 166 17.13 -31.80 -15.94
N HIS D 167 15.94 -31.82 -15.33
CA HIS D 167 15.16 -30.61 -15.12
C HIS D 167 15.57 -29.99 -13.78
N ARG D 168 16.61 -29.16 -13.81
CA ARG D 168 17.20 -28.61 -12.62
C ARG D 168 16.81 -27.14 -12.47
N ALA D 169 17.69 -26.34 -11.88
CA ALA D 169 17.31 -24.99 -11.44
C ALA D 169 17.12 -24.05 -12.62
N ASP D 170 18.05 -24.07 -13.59
CA ASP D 170 17.89 -23.22 -14.77
C ASP D 170 16.60 -23.56 -15.50
N THR D 171 16.32 -24.85 -15.67
CA THR D 171 15.16 -25.27 -16.46
C THR D 171 13.87 -24.91 -15.75
N GLY D 172 13.78 -25.19 -14.45
CA GLY D 172 12.59 -24.85 -13.70
C GLY D 172 12.33 -23.35 -13.69
N ALA D 173 13.39 -22.56 -13.54
CA ALA D 173 13.23 -21.12 -13.53
C ALA D 173 12.69 -20.61 -14.86
N PHE D 174 13.20 -21.16 -15.97
CA PHE D 174 12.73 -20.71 -17.27
C PHE D 174 11.30 -21.18 -17.55
N LEU D 175 10.98 -22.42 -17.18
CA LEU D 175 9.62 -22.89 -17.36
C LEU D 175 8.63 -21.98 -16.66
N LEU D 176 8.95 -21.56 -15.44
CA LEU D 176 8.09 -20.64 -14.71
C LEU D 176 8.03 -19.28 -15.40
N ALA D 177 9.19 -18.70 -15.71
CA ALA D 177 9.22 -17.38 -16.31
C ALA D 177 8.44 -17.35 -17.62
N ASP D 178 8.59 -18.39 -18.45
CA ASP D 178 7.90 -18.40 -19.74
C ASP D 178 6.41 -18.68 -19.57
N ALA D 179 6.05 -19.55 -18.62
CA ALA D 179 4.64 -19.81 -18.38
C ALA D 179 3.93 -18.56 -17.89
N PHE D 180 4.60 -17.78 -17.03
CA PHE D 180 4.03 -16.53 -16.56
C PHE D 180 4.03 -15.45 -17.63
N GLY D 181 4.78 -15.64 -18.72
CA GLY D 181 4.99 -14.56 -19.67
C GLY D 181 5.73 -13.41 -19.06
N ALA D 182 6.73 -13.69 -18.24
CA ALA D 182 7.43 -12.66 -17.49
C ALA D 182 8.23 -11.76 -18.42
N ALA D 183 8.56 -10.57 -17.91
CA ALA D 183 9.35 -9.62 -18.67
C ALA D 183 10.74 -10.14 -19.00
N GLY D 184 11.25 -11.06 -18.21
CA GLY D 184 12.55 -11.64 -18.50
C GLY D 184 12.96 -12.64 -17.43
N LEU D 185 14.03 -13.36 -17.73
CA LEU D 185 14.68 -14.24 -16.78
C LEU D 185 16.17 -13.97 -16.84
N THR D 186 16.78 -13.71 -15.68
CA THR D 186 18.20 -13.46 -15.59
C THR D 186 18.83 -14.55 -14.74
N ILE D 187 19.87 -15.19 -15.26
CA ILE D 187 20.55 -16.29 -14.58
C ILE D 187 21.84 -15.72 -13.97
N VAL D 188 21.97 -15.85 -12.66
CA VAL D 188 23.08 -15.28 -11.91
C VAL D 188 24.06 -16.40 -11.63
N GLU D 189 25.21 -16.36 -12.29
CA GLU D 189 26.20 -17.42 -12.27
C GLU D 189 27.44 -17.00 -11.48
N ASN D 190 28.32 -17.96 -11.25
CA ASN D 190 29.62 -17.68 -10.65
C ASN D 190 30.73 -17.49 -11.68
N VAL D 191 30.36 -17.31 -12.95
CA VAL D 191 31.28 -17.00 -14.02
C VAL D 191 30.68 -15.88 -14.86
N ASP D 192 31.52 -15.28 -15.72
CA ASP D 192 31.09 -14.14 -16.51
C ASP D 192 30.00 -14.50 -17.50
N GLY D 193 29.91 -15.77 -17.90
CA GLY D 193 28.91 -16.19 -18.87
C GLY D 193 29.24 -17.57 -19.38
N ILE D 194 28.90 -17.81 -20.64
CA ILE D 194 29.16 -19.07 -21.31
C ILE D 194 30.47 -18.96 -22.09
N TYR D 195 31.36 -19.90 -21.89
CA TYR D 195 32.62 -20.00 -22.63
C TYR D 195 32.57 -21.18 -23.59
N THR D 196 33.54 -21.24 -24.50
CA THR D 196 33.63 -22.39 -25.39
C THR D 196 34.13 -23.64 -24.67
N ALA D 197 34.60 -23.51 -23.44
CA ALA D 197 34.99 -24.64 -22.60
C ALA D 197 34.87 -24.19 -21.16
N ASP D 198 34.98 -25.15 -20.25
CA ASP D 198 34.89 -24.85 -18.82
C ASP D 198 36.04 -23.91 -18.44
N PRO D 199 35.75 -22.66 -18.02
CA PRO D 199 36.83 -21.75 -17.63
C PRO D 199 37.51 -22.13 -16.33
N ASN D 200 37.00 -23.13 -15.62
CA ASN D 200 37.65 -23.65 -14.42
C ASN D 200 38.04 -25.11 -14.58
N GLY D 201 37.96 -25.66 -15.78
CA GLY D 201 38.20 -27.06 -16.00
C GLY D 201 39.54 -27.35 -16.63
N PRO D 202 39.74 -28.58 -17.10
CA PRO D 202 41.06 -28.98 -17.62
C PRO D 202 41.44 -28.28 -18.92
N ASP D 203 40.47 -27.72 -19.67
CA ASP D 203 40.75 -27.01 -20.90
C ASP D 203 40.48 -25.52 -20.77
N ARG D 204 40.72 -24.96 -19.59
CA ARG D 204 40.40 -23.54 -19.37
C ARG D 204 41.21 -22.65 -20.29
N GLY D 205 42.45 -23.01 -20.54
CA GLY D 205 43.28 -22.18 -21.41
C GLY D 205 42.69 -22.00 -22.80
N GLN D 206 41.80 -22.89 -23.19
CA GLN D 206 41.16 -22.75 -24.52
C GLN D 206 39.76 -22.09 -24.40
N ALA D 207 39.26 -21.77 -23.20
CA ALA D 207 37.92 -21.23 -23.04
C ALA D 207 37.87 -19.78 -23.52
N ARG D 208 37.04 -19.55 -24.52
CA ARG D 208 36.82 -18.19 -25.08
C ARG D 208 35.42 -17.73 -24.68
N PHE D 209 35.29 -16.51 -24.19
CA PHE D 209 34.00 -16.01 -23.74
C PHE D 209 33.07 -15.80 -24.92
N LEU D 210 31.79 -16.15 -24.71
CA LEU D 210 30.76 -15.97 -25.74
C LEU D 210 29.80 -14.88 -25.30
N PRO D 211 29.90 -13.66 -25.85
CA PRO D 211 28.97 -12.61 -25.44
C PRO D 211 27.53 -12.88 -25.85
N GLU D 212 27.35 -13.66 -26.91
CA GLU D 212 25.98 -13.93 -27.38
C GLU D 212 25.94 -15.31 -28.04
N THR D 213 24.81 -15.95 -27.92
CA THR D 213 24.64 -17.25 -28.53
C THR D 213 23.14 -17.56 -28.60
N SER D 214 22.81 -18.58 -29.37
CA SER D 214 21.44 -19.06 -29.49
C SER D 214 21.32 -20.42 -28.80
N ALA D 215 20.11 -20.71 -28.30
CA ALA D 215 19.88 -21.99 -27.64
C ALA D 215 20.09 -23.15 -28.60
N THR D 216 19.71 -22.98 -29.87
CA THR D 216 19.88 -24.06 -30.85
C THR D 216 21.36 -24.35 -31.08
N ASP D 217 22.20 -23.32 -31.13
CA ASP D 217 23.63 -23.53 -31.31
C ASP D 217 24.24 -24.21 -30.09
N LEU D 218 23.82 -23.80 -28.90
CA LEU D 218 24.34 -24.41 -27.67
C LEU D 218 23.92 -25.87 -27.57
N ALA D 219 22.67 -26.18 -27.93
CA ALA D 219 22.20 -27.55 -27.88
C ALA D 219 22.95 -28.46 -28.85
N LYS D 220 23.56 -27.89 -29.89
CA LYS D 220 24.32 -28.69 -30.84
C LYS D 220 25.71 -29.04 -30.31
N SER D 221 26.27 -28.19 -29.45
CA SER D 221 27.60 -28.45 -28.90
C SER D 221 27.55 -29.64 -27.95
N GLU D 222 28.74 -30.16 -27.63
CA GLU D 222 28.87 -31.35 -26.80
C GLU D 222 29.52 -31.10 -25.45
N GLY D 223 30.31 -30.04 -25.31
CA GLY D 223 31.03 -29.80 -24.08
C GLY D 223 30.11 -29.36 -22.96
N PRO D 224 30.70 -29.10 -21.79
CA PRO D 224 29.91 -28.65 -20.64
C PRO D 224 29.45 -27.22 -20.81
N LEU D 225 28.41 -26.87 -20.06
CA LEU D 225 27.82 -25.54 -20.07
C LEU D 225 27.54 -25.13 -18.64
N PRO D 226 27.43 -23.83 -18.36
CA PRO D 226 27.01 -23.38 -17.03
C PRO D 226 25.51 -23.44 -16.82
N VAL D 227 24.74 -23.89 -17.81
CA VAL D 227 23.29 -23.99 -17.70
C VAL D 227 22.86 -25.41 -18.07
N ASP D 228 21.70 -25.80 -17.56
CA ASP D 228 21.15 -27.11 -17.88
C ASP D 228 21.01 -27.28 -19.39
N ARG D 229 21.32 -28.48 -19.88
CA ARG D 229 21.06 -28.77 -21.28
C ARG D 229 19.56 -28.82 -21.56
N ALA D 230 18.76 -29.22 -20.56
CA ALA D 230 17.31 -29.18 -20.72
C ALA D 230 16.78 -27.74 -20.84
N LEU D 231 17.51 -26.76 -20.31
CA LEU D 231 17.11 -25.38 -20.49
C LEU D 231 17.04 -25.03 -21.98
N LEU D 232 18.02 -25.47 -22.75
CA LEU D 232 18.00 -25.21 -24.19
C LEU D 232 16.83 -25.91 -24.86
N ASP D 233 16.40 -27.06 -24.33
CA ASP D 233 15.28 -27.79 -24.92
C ASP D 233 13.96 -27.05 -24.69
N VAL D 234 13.73 -26.54 -23.48
CA VAL D 234 12.50 -25.81 -23.22
C VAL D 234 12.55 -24.41 -23.82
N MET D 235 13.74 -23.89 -24.12
CA MET D 235 13.82 -22.65 -24.87
C MET D 235 13.31 -22.82 -26.30
N ALA D 236 13.45 -24.02 -26.86
CA ALA D 236 12.99 -24.25 -28.22
C ALA D 236 11.47 -24.19 -28.32
N THR D 237 10.76 -24.55 -27.25
CA THR D 237 9.30 -24.49 -27.22
C THR D 237 8.79 -23.28 -26.45
N ALA D 238 9.66 -22.33 -26.13
CA ALA D 238 9.24 -21.16 -25.37
C ALA D 238 8.20 -20.36 -26.14
N ARG D 239 7.34 -19.66 -25.39
CA ARG D 239 6.26 -18.90 -25.99
C ARG D 239 6.43 -17.39 -25.85
N HIS D 240 7.19 -16.92 -24.86
CA HIS D 240 7.27 -15.49 -24.60
C HIS D 240 8.71 -14.99 -24.48
N ILE D 241 9.51 -15.65 -23.65
CA ILE D 241 10.85 -15.16 -23.36
C ILE D 241 11.72 -15.28 -24.59
N GLU D 242 12.21 -14.14 -25.08
CA GLU D 242 13.05 -14.13 -26.27
C GLU D 242 14.53 -14.26 -25.96
N ARG D 243 14.97 -13.85 -24.78
CA ARG D 243 16.38 -13.89 -24.43
C ARG D 243 16.54 -14.07 -22.93
N VAL D 244 17.61 -14.77 -22.55
CA VAL D 244 17.99 -14.97 -21.16
C VAL D 244 19.47 -14.63 -21.05
N GLN D 245 19.82 -13.77 -20.10
CA GLN D 245 21.21 -13.38 -19.90
C GLN D 245 21.78 -14.09 -18.70
N VAL D 246 22.97 -14.68 -18.87
CA VAL D 246 23.74 -15.27 -17.79
C VAL D 246 24.80 -14.24 -17.39
N VAL D 247 24.79 -13.82 -16.12
CA VAL D 247 25.70 -12.80 -15.64
C VAL D 247 26.41 -13.30 -14.38
N ASN D 248 27.54 -12.70 -14.08
CA ASN D 248 28.36 -13.09 -12.93
C ASN D 248 27.84 -12.37 -11.69
N GLY D 249 27.25 -13.12 -10.78
CA GLY D 249 26.76 -12.55 -9.53
C GLY D 249 27.85 -12.19 -8.54
N LEU D 250 29.09 -12.61 -8.78
CA LEU D 250 30.19 -12.21 -7.92
C LEU D 250 30.70 -10.81 -8.22
N VAL D 251 30.28 -10.23 -9.34
CA VAL D 251 30.69 -8.88 -9.73
C VAL D 251 29.55 -7.92 -9.39
N PRO D 252 29.77 -6.92 -8.53
CA PRO D 252 28.67 -6.04 -8.13
C PRO D 252 28.15 -5.23 -9.30
N GLY D 253 26.83 -5.20 -9.46
CA GLY D 253 26.18 -4.36 -10.43
C GLY D 253 25.73 -5.07 -11.70
N ARG D 254 26.21 -6.28 -11.96
CA ARG D 254 25.86 -6.94 -13.21
C ARG D 254 24.40 -7.40 -13.21
N LEU D 255 23.91 -7.88 -12.07
CA LEU D 255 22.49 -8.24 -11.99
C LEU D 255 21.61 -7.01 -12.20
N THR D 256 21.97 -5.89 -11.59
CA THR D 256 21.22 -4.65 -11.78
C THR D 256 21.22 -4.24 -13.25
N ALA D 257 22.39 -4.33 -13.91
CA ALA D 257 22.47 -3.96 -15.32
C ALA D 257 21.67 -4.92 -16.20
N ALA D 258 21.72 -6.21 -15.89
CA ALA D 258 21.01 -7.19 -16.71
C ALA D 258 19.50 -6.98 -16.62
N LEU D 259 18.99 -6.63 -15.44
CA LEU D 259 17.56 -6.40 -15.29
C LEU D 259 17.08 -5.19 -16.07
N ARG D 260 17.99 -4.29 -16.46
CA ARG D 260 17.66 -3.16 -17.30
C ARG D 260 17.97 -3.42 -18.77
N GLY D 261 18.29 -4.67 -19.13
CA GLY D 261 18.56 -5.02 -20.51
C GLY D 261 19.96 -4.71 -20.99
N GLU D 262 20.87 -4.32 -20.09
CA GLU D 262 22.23 -4.00 -20.49
C GLU D 262 23.04 -5.28 -20.61
N HIS D 263 23.91 -5.32 -21.61
CA HIS D 263 24.66 -6.53 -21.97
C HIS D 263 25.94 -6.57 -21.15
N VAL D 264 25.94 -7.41 -20.11
CA VAL D 264 27.08 -7.56 -19.22
C VAL D 264 27.51 -9.00 -19.06
N GLY D 265 26.82 -9.95 -19.67
CA GLY D 265 27.20 -11.35 -19.62
C GLY D 265 26.98 -12.04 -20.94
N THR D 266 26.46 -13.26 -20.91
CA THR D 266 26.15 -14.01 -22.12
C THR D 266 24.64 -13.97 -22.36
N LEU D 267 24.24 -13.47 -23.53
CA LEU D 267 22.84 -13.45 -23.92
C LEU D 267 22.52 -14.74 -24.68
N ILE D 268 21.44 -15.40 -24.29
CA ILE D 268 21.00 -16.63 -24.92
C ILE D 268 19.67 -16.34 -25.59
N ARG D 269 19.65 -16.40 -26.93
CA ARG D 269 18.42 -16.24 -27.68
C ARG D 269 17.64 -17.55 -27.68
N THR D 270 16.36 -17.48 -27.34
CA THR D 270 15.57 -18.68 -27.13
C THR D 270 14.97 -19.25 -28.41
N GLY D 271 14.81 -18.43 -29.44
CA GLY D 271 14.11 -18.82 -30.64
C GLY D 271 12.74 -18.21 -30.79
N VAL D 272 12.17 -17.68 -29.69
CA VAL D 272 10.95 -16.90 -29.80
C VAL D 272 11.25 -15.66 -30.63
N ARG D 273 10.53 -15.53 -31.72
CA ARG D 273 10.78 -14.38 -32.62
C ARG D 273 9.95 -13.18 -32.18
N PRO D 274 10.44 -11.92 -32.25
CA PRO D 274 9.68 -10.77 -31.80
C PRO D 274 8.53 -10.47 -32.76
N ALA D 275 7.61 -9.62 -32.35
CA ALA D 275 6.47 -9.20 -33.15
C ALA D 275 6.92 -8.29 -34.28
N ALA E 1 -34.85 -51.03 -12.75
CA ALA E 1 -34.32 -49.65 -12.82
C ALA E 1 -33.57 -49.44 -14.14
N ASN E 2 -34.13 -48.58 -14.99
CA ASN E 2 -33.63 -48.24 -16.34
C ASN E 2 -33.61 -46.73 -16.50
N SER E 3 -33.60 -46.26 -17.75
CA SER E 3 -33.59 -44.84 -18.17
C SER E 3 -32.48 -43.96 -17.57
N THR E 4 -31.24 -44.43 -17.55
CA THR E 4 -30.21 -43.45 -17.24
C THR E 4 -30.05 -42.44 -18.36
N ALA E 5 -30.55 -42.75 -19.56
CA ALA E 5 -30.51 -41.80 -20.66
C ALA E 5 -31.37 -40.58 -20.35
N GLU E 6 -32.51 -40.79 -19.67
CA GLU E 6 -33.31 -39.66 -19.21
C GLU E 6 -32.57 -38.87 -18.15
N LEU E 7 -31.93 -39.57 -17.21
CA LEU E 7 -31.19 -38.88 -16.14
C LEU E 7 -30.06 -38.05 -16.72
N GLU E 8 -29.28 -38.62 -17.64
CA GLU E 8 -28.16 -37.89 -18.22
C GLU E 8 -28.65 -36.73 -19.10
N GLU E 9 -29.81 -36.87 -19.74
CA GLU E 9 -30.37 -35.74 -20.47
C GLU E 9 -30.82 -34.67 -19.47
N LEU E 10 -31.51 -35.10 -18.40
CA LEU E 10 -31.93 -34.17 -17.36
C LEU E 10 -30.74 -33.45 -16.73
N LEU E 11 -29.66 -34.17 -16.48
CA LEU E 11 -28.51 -33.60 -15.79
C LEU E 11 -27.84 -32.51 -16.62
N MET E 12 -27.97 -32.59 -17.95
CA MET E 12 -27.34 -31.60 -18.81
C MET E 12 -28.28 -30.46 -19.19
N GLN E 13 -29.58 -30.71 -19.25
CA GLN E 13 -30.52 -29.72 -19.77
C GLN E 13 -31.28 -28.96 -18.70
N ARG E 14 -31.29 -29.43 -17.47
CA ARG E 14 -32.11 -28.83 -16.42
C ARG E 14 -31.23 -28.35 -15.28
N SER E 15 -31.78 -27.43 -14.49
CA SER E 15 -31.16 -27.04 -13.23
C SER E 15 -31.27 -28.20 -12.24
N LEU E 16 -30.29 -28.29 -11.34
CA LEU E 16 -30.31 -29.35 -10.33
C LEU E 16 -31.50 -29.23 -9.40
N THR E 17 -32.19 -28.09 -9.40
CA THR E 17 -33.40 -27.91 -8.60
C THR E 17 -34.64 -28.44 -9.30
N ASP E 18 -34.53 -28.89 -10.54
CA ASP E 18 -35.71 -29.36 -11.28
C ASP E 18 -36.26 -30.63 -10.63
N PRO E 19 -37.55 -30.67 -10.29
CA PRO E 19 -38.10 -31.88 -9.66
CA PRO E 19 -38.10 -31.88 -9.66
C PRO E 19 -37.94 -33.13 -10.51
N GLN E 20 -37.97 -33.00 -11.84
CA GLN E 20 -37.81 -34.16 -12.70
C GLN E 20 -36.38 -34.70 -12.63
N LEU E 21 -35.39 -33.81 -12.50
CA LEU E 21 -34.02 -34.24 -12.31
C LEU E 21 -33.84 -34.92 -10.96
N GLN E 22 -34.45 -34.36 -9.91
CA GLN E 22 -34.30 -34.92 -8.57
C GLN E 22 -34.87 -36.32 -8.50
N ALA E 23 -36.04 -36.54 -9.11
CA ALA E 23 -36.65 -37.87 -9.09
C ALA E 23 -35.84 -38.86 -9.90
N ALA E 24 -35.26 -38.42 -11.02
CA ALA E 24 -34.42 -39.31 -11.82
C ALA E 24 -33.16 -39.72 -11.06
N ALA E 25 -32.57 -38.79 -10.32
CA ALA E 25 -31.39 -39.12 -9.52
C ALA E 25 -31.75 -40.02 -8.34
N ALA E 26 -32.98 -39.88 -7.81
CA ALA E 26 -33.39 -40.71 -6.69
C ALA E 26 -33.52 -42.18 -7.07
N ALA E 27 -33.67 -42.49 -8.35
CA ALA E 27 -33.79 -43.87 -8.82
C ALA E 27 -32.43 -44.52 -9.07
N ALA E 28 -31.33 -43.82 -8.82
CA ALA E 28 -30.01 -44.38 -9.05
C ALA E 28 -29.69 -45.48 -8.03
N ALA E 29 -28.76 -46.35 -8.40
CA ALA E 29 -28.32 -47.43 -7.53
C ALA E 29 -27.75 -46.85 -6.23
N ASP E 30 -27.72 -47.70 -5.20
CA ASP E 30 -27.28 -47.31 -3.86
C ASP E 30 -26.10 -48.19 -3.44
N PHE E 31 -24.90 -47.62 -3.46
CA PHE E 31 -23.69 -48.33 -3.11
C PHE E 31 -23.28 -47.99 -1.68
N ARG E 32 -23.08 -49.02 -0.85
CA ARG E 32 -22.59 -48.85 0.50
C ARG E 32 -21.07 -48.99 0.49
N ILE E 33 -20.37 -47.95 0.95
CA ILE E 33 -18.90 -47.95 0.86
C ILE E 33 -18.31 -48.89 1.91
N LEU E 34 -18.77 -48.80 3.15
CA LEU E 34 -18.30 -49.65 4.24
C LEU E 34 -19.48 -50.30 4.92
N PRO E 35 -20.11 -51.28 4.27
CA PRO E 35 -21.35 -51.85 4.83
C PRO E 35 -21.13 -52.67 6.10
N ASP E 36 -19.94 -53.26 6.28
CA ASP E 36 -19.66 -54.07 7.45
C ASP E 36 -19.13 -53.26 8.62
N ALA E 37 -19.02 -51.95 8.48
CA ALA E 37 -18.45 -51.11 9.51
C ALA E 37 -19.54 -50.54 10.42
N THR E 38 -19.13 -50.16 11.63
CA THR E 38 -20.01 -49.56 12.61
C THR E 38 -19.37 -48.29 13.14
N VAL E 39 -20.11 -47.18 13.11
CA VAL E 39 -19.63 -45.93 13.67
C VAL E 39 -20.14 -45.81 15.10
N ILE E 40 -19.23 -45.55 16.03
CA ILE E 40 -19.58 -45.29 17.42
C ILE E 40 -19.03 -43.91 17.79
N LYS E 41 -19.78 -43.18 18.60
CA LYS E 41 -19.30 -41.93 19.17
C LYS E 41 -18.96 -42.17 20.64
N ILE E 42 -17.73 -41.87 21.02
CA ILE E 42 -17.34 -41.86 22.42
C ILE E 42 -17.63 -40.46 22.96
N GLY E 43 -18.48 -40.39 23.97
CA GLY E 43 -18.92 -39.11 24.50
C GLY E 43 -17.81 -38.17 24.88
N GLY E 44 -17.99 -36.89 24.58
CA GLY E 44 -17.05 -35.88 25.00
C GLY E 44 -17.27 -35.45 26.43
N GLN E 45 -18.32 -34.67 26.66
CA GLN E 45 -18.67 -34.28 28.02
C GLN E 45 -19.12 -35.48 28.84
N SER E 46 -19.73 -36.47 28.21
CA SER E 46 -20.32 -37.58 28.95
C SER E 46 -19.34 -38.69 29.26
N VAL E 47 -18.24 -38.81 28.51
CA VAL E 47 -17.34 -39.93 28.72
C VAL E 47 -15.89 -39.48 28.86
N ILE E 48 -15.33 -38.88 27.81
CA ILE E 48 -13.90 -38.58 27.81
C ILE E 48 -13.57 -37.57 28.90
N ASP E 49 -14.46 -36.61 29.13
CA ASP E 49 -14.24 -35.62 30.18
C ASP E 49 -14.25 -36.24 31.58
N ARG E 50 -14.68 -37.49 31.72
CA ARG E 50 -14.61 -38.18 33.00
C ARG E 50 -13.23 -38.74 33.30
N GLY E 51 -12.36 -38.82 32.30
CA GLY E 51 -11.01 -39.29 32.54
C GLY E 51 -10.90 -40.80 32.59
N ARG E 52 -9.94 -41.27 33.40
CA ARG E 52 -9.54 -42.67 33.38
C ARG E 52 -10.69 -43.60 33.76
N ALA E 53 -11.51 -43.21 34.73
CA ALA E 53 -12.54 -44.11 35.25
C ALA E 53 -13.50 -44.56 34.16
N ALA E 54 -13.74 -43.72 33.15
CA ALA E 54 -14.64 -44.05 32.07
C ALA E 54 -13.92 -44.47 30.79
N VAL E 55 -12.76 -43.88 30.51
CA VAL E 55 -12.09 -44.13 29.23
C VAL E 55 -11.38 -45.47 29.23
N TYR E 56 -10.66 -45.80 30.31
CA TYR E 56 -9.89 -47.03 30.33
C TYR E 56 -10.76 -48.28 30.20
N PRO E 57 -11.91 -48.40 30.88
CA PRO E 57 -12.76 -49.58 30.61
C PRO E 57 -13.26 -49.63 29.18
N LEU E 58 -13.58 -48.49 28.58
CA LEU E 58 -14.06 -48.49 27.20
C LEU E 58 -12.94 -48.81 26.23
N VAL E 59 -11.70 -48.39 26.54
CA VAL E 59 -10.56 -48.78 25.71
C VAL E 59 -10.43 -50.30 25.68
N ASP E 60 -10.54 -50.93 26.85
CA ASP E 60 -10.48 -52.39 26.91
C ASP E 60 -11.62 -53.02 26.11
N GLU E 61 -12.82 -52.44 26.22
CA GLU E 61 -13.95 -52.99 25.49
C GLU E 61 -13.78 -52.83 23.98
N ILE E 62 -13.19 -51.71 23.56
CA ILE E 62 -12.97 -51.48 22.14
C ILE E 62 -11.96 -52.47 21.58
N VAL E 63 -10.86 -52.66 22.30
CA VAL E 63 -9.83 -53.58 21.85
C VAL E 63 -10.38 -55.00 21.75
N ALA E 64 -11.28 -55.36 22.67
CA ALA E 64 -11.93 -56.67 22.57
C ALA E 64 -13.00 -56.68 21.49
N ALA E 65 -13.74 -55.57 21.31
CA ALA E 65 -14.83 -55.61 20.34
C ALA E 65 -14.30 -55.68 18.92
N ARG E 66 -13.13 -55.10 18.63
CA ARG E 66 -12.64 -55.03 17.26
C ARG E 66 -12.25 -56.40 16.70
N LYS E 67 -12.11 -57.43 17.54
CA LYS E 67 -11.88 -58.77 17.03
C LYS E 67 -13.10 -59.33 16.31
N ASN E 68 -14.27 -58.72 16.51
CA ASN E 68 -15.50 -59.17 15.88
C ASN E 68 -16.22 -58.08 15.11
N HIS E 69 -15.88 -56.81 15.30
CA HIS E 69 -16.61 -55.72 14.67
C HIS E 69 -15.64 -54.68 14.11
N LYS E 70 -15.92 -54.21 12.90
CA LYS E 70 -15.18 -53.11 12.31
C LYS E 70 -15.73 -51.79 12.85
N LEU E 71 -14.86 -50.98 13.43
CA LEU E 71 -15.26 -49.81 14.19
C LEU E 71 -14.69 -48.54 13.58
N LEU E 72 -15.53 -47.51 13.48
CA LEU E 72 -15.07 -46.13 13.27
C LEU E 72 -15.44 -45.37 14.53
N ILE E 73 -14.44 -44.97 15.31
CA ILE E 73 -14.61 -44.48 16.66
C ILE E 73 -14.46 -42.95 16.62
N GLY E 74 -15.59 -42.25 16.74
CA GLY E 74 -15.60 -40.80 16.76
C GLY E 74 -15.61 -40.26 18.17
N THR E 75 -14.98 -39.10 18.35
CA THR E 75 -14.86 -38.48 19.66
C THR E 75 -15.73 -37.25 19.74
N GLY E 76 -16.36 -37.05 20.90
CA GLY E 76 -17.03 -35.81 21.20
C GLY E 76 -16.03 -34.74 21.59
N ALA E 77 -16.56 -33.56 21.92
CA ALA E 77 -15.73 -32.44 22.32
C ALA E 77 -15.81 -32.27 23.83
N GLY E 78 -16.88 -31.65 24.32
CA GLY E 78 -17.14 -31.63 25.75
C GLY E 78 -16.97 -30.28 26.43
N THR E 79 -16.50 -30.31 27.67
CA THR E 79 -16.52 -29.12 28.51
C THR E 79 -15.58 -28.04 28.00
N ARG E 80 -14.46 -28.41 27.39
CA ARG E 80 -13.56 -27.40 26.84
C ARG E 80 -14.21 -26.66 25.67
N ALA E 81 -15.07 -27.34 24.91
CA ALA E 81 -15.79 -26.66 23.84
C ALA E 81 -16.84 -25.71 24.42
N ARG E 82 -17.47 -26.10 25.53
CA ARG E 82 -18.43 -25.21 26.17
C ARG E 82 -17.76 -23.94 26.67
N HIS E 83 -16.52 -24.06 27.16
CA HIS E 83 -15.77 -22.87 27.55
C HIS E 83 -15.48 -22.00 26.33
N LEU E 84 -15.01 -22.63 25.25
CA LEU E 84 -14.74 -21.88 24.02
C LEU E 84 -16.00 -21.23 23.48
N TYR E 85 -17.11 -21.97 23.46
CA TYR E 85 -18.37 -21.40 22.98
C TYR E 85 -18.79 -20.21 23.86
N SER E 86 -18.58 -20.31 25.17
CA SER E 86 -18.95 -19.22 26.07
C SER E 86 -18.13 -17.98 25.79
N ILE E 87 -16.82 -18.13 25.61
CA ILE E 87 -15.96 -16.98 25.32
C ILE E 87 -16.38 -16.35 23.99
N ALA E 88 -16.56 -17.18 22.96
CA ALA E 88 -16.87 -16.65 21.64
C ALA E 88 -18.27 -16.06 21.59
N ALA E 89 -19.24 -16.69 22.27
CA ALA E 89 -20.59 -16.15 22.29
C ALA E 89 -20.63 -14.81 22.99
N GLY E 90 -19.87 -14.66 24.08
CA GLY E 90 -19.82 -13.38 24.77
C GLY E 90 -19.29 -12.27 23.89
N LEU E 91 -18.47 -12.61 22.90
CA LEU E 91 -17.94 -11.64 21.95
C LEU E 91 -18.85 -11.46 20.74
N GLY E 92 -19.93 -12.24 20.64
CA GLY E 92 -20.80 -12.16 19.49
C GLY E 92 -20.22 -12.78 18.23
N LEU E 93 -19.37 -13.78 18.37
CA LEU E 93 -18.82 -14.43 17.18
C LEU E 93 -19.85 -15.38 16.58
N PRO E 94 -19.89 -15.51 15.26
CA PRO E 94 -20.92 -16.31 14.60
C PRO E 94 -20.66 -17.80 14.75
N ALA E 95 -21.70 -18.58 14.43
CA ALA E 95 -21.62 -20.03 14.59
C ALA E 95 -20.48 -20.64 13.79
N GLY E 96 -20.15 -20.05 12.64
CA GLY E 96 -19.06 -20.58 11.84
C GLY E 96 -17.72 -20.49 12.52
N VAL E 97 -17.54 -19.45 13.35
CA VAL E 97 -16.30 -19.32 14.10
C VAL E 97 -16.29 -20.29 15.28
N LEU E 98 -17.41 -20.40 15.99
CA LEU E 98 -17.49 -21.35 17.10
C LEU E 98 -17.27 -22.77 16.62
N ALA E 99 -17.72 -23.09 15.40
CA ALA E 99 -17.59 -24.46 14.90
C ALA E 99 -16.13 -24.89 14.83
N GLN E 100 -15.25 -24.00 14.36
CA GLN E 100 -13.84 -24.35 14.29
C GLN E 100 -13.23 -24.48 15.68
N LEU E 101 -13.69 -23.66 16.64
CA LEU E 101 -13.20 -23.80 18.00
C LEU E 101 -13.57 -25.16 18.58
N GLY E 102 -14.81 -25.62 18.33
CA GLY E 102 -15.23 -26.91 18.82
C GLY E 102 -14.48 -28.07 18.18
N SER E 103 -14.06 -27.90 16.94
CA SER E 103 -13.32 -28.97 16.26
CA SER E 103 -13.32 -28.97 16.26
C SER E 103 -12.00 -29.25 16.96
N SER E 104 -11.35 -28.21 17.49
CA SER E 104 -10.07 -28.40 18.17
C SER E 104 -10.22 -29.29 19.39
N VAL E 105 -11.34 -29.14 20.12
CA VAL E 105 -11.54 -29.94 21.33
C VAL E 105 -11.76 -31.40 20.96
N ALA E 106 -12.58 -31.67 19.94
CA ALA E 106 -12.76 -33.04 19.48
C ALA E 106 -11.46 -33.62 18.94
N ASP E 107 -10.60 -32.77 18.35
CA ASP E 107 -9.29 -33.22 17.93
C ASP E 107 -8.44 -33.65 19.12
N GLN E 108 -8.45 -32.85 20.19
CA GLN E 108 -7.71 -33.21 21.40
C GLN E 108 -8.15 -34.57 21.92
N ASN E 109 -9.46 -34.79 22.02
CA ASN E 109 -9.97 -36.05 22.54
C ASN E 109 -9.61 -37.22 21.62
N ALA E 110 -9.64 -36.99 20.31
CA ALA E 110 -9.21 -38.04 19.38
C ALA E 110 -7.75 -38.38 19.59
N ALA E 111 -6.91 -37.36 19.82
CA ALA E 111 -5.48 -37.62 20.05
C ALA E 111 -5.26 -38.39 21.35
N MET E 112 -5.98 -38.03 22.41
CA MET E 112 -5.80 -38.71 23.68
C MET E 112 -6.27 -40.16 23.61
N LEU E 113 -7.45 -40.39 23.04
CA LEU E 113 -7.94 -41.76 22.88
C LEU E 113 -7.03 -42.55 21.96
N GLY E 114 -6.54 -41.92 20.90
CA GLY E 114 -5.69 -42.62 19.94
C GLY E 114 -4.38 -43.10 20.55
N GLN E 115 -3.81 -42.31 21.46
CA GLN E 115 -2.55 -42.71 22.09
C GLN E 115 -2.73 -43.90 23.00
N LEU E 116 -3.90 -44.04 23.62
CA LEU E 116 -4.18 -45.22 24.44
C LEU E 116 -4.38 -46.46 23.60
N LEU E 117 -4.70 -46.29 22.31
CA LEU E 117 -4.95 -47.42 21.41
C LEU E 117 -3.81 -47.67 20.43
N ALA E 118 -2.76 -46.84 20.45
CA ALA E 118 -1.70 -46.97 19.46
C ALA E 118 -1.01 -48.32 19.54
N LYS E 119 -0.75 -48.80 20.76
CA LYS E 119 -0.07 -50.09 20.92
C LYS E 119 -0.93 -51.25 20.45
N HIS E 120 -2.22 -51.04 20.20
CA HIS E 120 -3.10 -52.06 19.64
C HIS E 120 -3.27 -51.91 18.14
N GLY E 121 -2.55 -50.97 17.52
CA GLY E 121 -2.57 -50.80 16.08
C GLY E 121 -3.63 -49.87 15.55
N ILE E 122 -4.48 -49.32 16.41
CA ILE E 122 -5.59 -48.49 15.97
C ILE E 122 -5.08 -47.06 15.81
N PRO E 123 -5.17 -46.47 14.62
CA PRO E 123 -4.62 -45.11 14.42
C PRO E 123 -5.66 -44.03 14.54
N VAL E 124 -5.20 -42.79 14.70
CA VAL E 124 -6.06 -41.62 14.52
C VAL E 124 -5.97 -41.19 13.06
N VAL E 125 -7.12 -40.98 12.44
CA VAL E 125 -7.19 -40.67 11.02
C VAL E 125 -7.94 -39.37 10.80
N GLY E 126 -7.58 -38.71 9.73
CA GLY E 126 -8.30 -37.62 9.12
C GLY E 126 -8.13 -37.82 7.62
N GLY E 127 -8.95 -38.68 7.04
CA GLY E 127 -8.78 -39.11 5.66
C GLY E 127 -10.04 -39.18 4.83
N ALA E 128 -9.90 -38.70 3.59
CA ALA E 128 -10.99 -38.41 2.68
C ALA E 128 -11.58 -39.67 2.07
N GLY E 129 -12.81 -39.64 1.67
CA GLY E 129 -13.55 -40.75 1.13
C GLY E 129 -13.33 -42.11 1.78
N LEU E 130 -12.39 -42.24 2.77
CA LEU E 130 -11.44 -43.33 2.79
C LEU E 130 -10.50 -43.34 4.04
N SER E 131 -10.23 -44.61 4.42
CA SER E 131 -9.30 -45.16 5.40
C SER E 131 -9.33 -46.71 5.45
N ALA E 132 -8.95 -47.31 4.30
CA ALA E 132 -9.31 -48.71 3.96
C ALA E 132 -8.36 -49.73 4.61
N VAL E 133 -7.06 -49.42 4.68
CA VAL E 133 -6.09 -50.42 5.11
C VAL E 133 -6.35 -50.88 6.54
N PRO E 134 -6.54 -50.02 7.52
CA PRO E 134 -6.71 -50.52 8.90
C PRO E 134 -8.04 -51.21 9.14
N LEU E 135 -9.14 -50.65 8.64
CA LEU E 135 -10.41 -51.35 8.73
C LEU E 135 -10.37 -52.67 7.99
N SER E 136 -9.45 -52.80 7.01
CA SER E 136 -9.32 -54.06 6.28
C SER E 136 -8.62 -55.13 7.10
N LEU E 137 -7.74 -54.74 8.02
CA LEU E 137 -6.89 -55.69 8.73
C LEU E 137 -7.57 -56.17 10.01
N ALA E 138 -7.65 -57.49 10.18
CA ALA E 138 -8.14 -58.05 11.44
C ALA E 138 -7.23 -57.66 12.59
N GLU E 139 -5.95 -57.41 12.31
CA GLU E 139 -5.03 -56.93 13.35
C GLU E 139 -5.46 -55.56 13.87
N VAL E 140 -6.17 -54.78 13.06
CA VAL E 140 -6.55 -53.43 13.42
C VAL E 140 -8.07 -53.34 13.53
N ASN E 141 -8.75 -53.29 12.38
CA ASN E 141 -10.21 -53.34 12.31
C ASN E 141 -10.89 -52.15 12.98
N ALA E 142 -10.16 -51.05 13.19
CA ALA E 142 -10.73 -49.90 13.86
C ALA E 142 -9.88 -48.67 13.59
N VAL E 143 -10.53 -47.51 13.60
CA VAL E 143 -9.85 -46.22 13.49
C VAL E 143 -10.53 -45.24 14.43
N VAL E 144 -9.76 -44.23 14.85
CA VAL E 144 -10.27 -43.15 15.68
C VAL E 144 -10.30 -41.88 14.84
N PHE E 145 -11.40 -41.14 14.92
CA PHE E 145 -11.54 -39.89 14.17
C PHE E 145 -12.19 -38.85 15.06
N SER E 146 -11.99 -37.58 14.72
CA SER E 146 -12.59 -36.49 15.46
C SER E 146 -14.00 -36.24 14.93
N GLY E 147 -14.97 -36.16 15.84
CA GLY E 147 -16.37 -36.18 15.52
C GLY E 147 -16.98 -34.89 15.03
N MET E 148 -16.22 -33.80 14.97
CA MET E 148 -16.81 -32.52 14.51
C MET E 148 -16.99 -32.54 13.01
N PRO E 149 -18.08 -32.00 12.47
CA PRO E 149 -18.24 -31.87 11.01
C PRO E 149 -17.27 -30.85 10.45
N PRO E 150 -16.99 -30.89 9.14
CA PRO E 150 -15.97 -30.01 8.57
C PRO E 150 -16.48 -28.66 8.11
N TYR E 151 -17.67 -28.28 8.56
CA TYR E 151 -18.35 -27.12 7.97
C TYR E 151 -17.57 -25.83 8.20
N LYS E 152 -16.95 -25.69 9.38
CA LYS E 152 -16.11 -24.53 9.70
C LYS E 152 -16.95 -23.27 9.51
N LEU E 153 -16.44 -22.24 8.83
CA LEU E 153 -17.18 -20.99 8.68
C LEU E 153 -18.45 -21.16 7.85
N TRP E 154 -18.57 -22.26 7.11
CA TRP E 154 -19.78 -22.56 6.34
C TRP E 154 -20.82 -23.29 7.18
N MET E 155 -20.65 -23.35 8.49
CA MET E 155 -21.63 -23.98 9.35
C MET E 155 -22.97 -23.28 9.22
N ARG E 156 -24.02 -24.05 8.97
CA ARG E 156 -25.37 -23.50 9.00
C ARG E 156 -25.70 -23.10 10.43
N PRO E 157 -26.13 -21.86 10.69
CA PRO E 157 -26.47 -21.47 12.05
C PRO E 157 -27.79 -22.07 12.49
N ALA E 158 -27.98 -22.11 13.80
CA ALA E 158 -29.27 -22.49 14.36
C ALA E 158 -30.28 -21.37 14.11
N ALA E 159 -31.56 -21.70 14.30
CA ALA E 159 -32.61 -20.70 14.14
C ALA E 159 -32.40 -19.53 15.10
N GLU E 160 -31.81 -19.80 16.27
CA GLU E 160 -31.55 -18.77 17.26
C GLU E 160 -30.20 -19.03 17.90
N GLY E 161 -29.42 -17.96 18.06
CA GLY E 161 -28.16 -18.05 18.78
C GLY E 161 -26.99 -18.45 17.90
N VAL E 162 -25.81 -18.42 18.49
CA VAL E 162 -24.56 -18.65 17.78
C VAL E 162 -23.96 -20.01 18.07
N ILE E 163 -24.62 -20.85 18.86
CA ILE E 163 -24.10 -22.20 19.08
C ILE E 163 -24.24 -23.00 17.79
N PRO E 164 -23.17 -23.65 17.31
CA PRO E 164 -23.30 -24.48 16.10
C PRO E 164 -24.31 -25.60 16.30
N PRO E 165 -25.32 -25.71 15.44
CA PRO E 165 -26.34 -26.76 15.64
C PRO E 165 -25.88 -28.14 15.22
N TYR E 166 -24.84 -28.24 14.40
CA TYR E 166 -24.30 -29.53 13.94
C TYR E 166 -22.93 -29.71 14.60
N ARG E 167 -22.87 -30.57 15.62
CA ARG E 167 -21.63 -30.81 16.32
C ARG E 167 -21.27 -32.29 16.28
N THR E 168 -20.72 -32.84 17.36
CA THR E 168 -20.11 -34.16 17.25
C THR E 168 -21.14 -35.29 17.10
N ASP E 169 -22.39 -35.07 17.51
CA ASP E 169 -23.42 -36.07 17.20
C ASP E 169 -23.64 -36.16 15.71
N ALA E 170 -23.81 -35.01 15.05
CA ALA E 170 -24.08 -34.99 13.62
C ALA E 170 -22.87 -35.43 12.82
N GLY E 171 -21.66 -35.04 13.26
CA GLY E 171 -20.47 -35.45 12.55
C GLY E 171 -20.28 -36.96 12.54
N CYS E 172 -20.60 -37.60 13.66
CA CYS E 172 -20.47 -39.06 13.73
C CYS E 172 -21.59 -39.74 12.95
N PHE E 173 -22.81 -39.23 13.03
CA PHE E 173 -23.92 -39.86 12.33
C PHE E 173 -23.77 -39.74 10.83
N LEU E 174 -23.43 -38.54 10.34
CA LEU E 174 -23.29 -38.35 8.90
C LEU E 174 -22.17 -39.22 8.34
N LEU E 175 -21.17 -39.55 9.16
CA LEU E 175 -20.14 -40.47 8.72
C LEU E 175 -20.72 -41.86 8.49
N ALA E 176 -21.53 -42.34 9.44
CA ALA E 176 -22.16 -43.64 9.28
C ALA E 176 -23.08 -43.65 8.07
N GLU E 177 -23.79 -42.54 7.83
CA GLU E 177 -24.72 -42.48 6.72
C GLU E 177 -23.98 -42.46 5.38
N GLN E 178 -22.92 -41.67 5.27
CA GLN E 178 -22.22 -41.53 4.00
C GLN E 178 -21.63 -42.86 3.55
N PHE E 179 -20.96 -43.55 4.47
CA PHE E 179 -20.25 -44.80 4.18
C PHE E 179 -21.14 -46.03 4.26
N GLY E 180 -22.45 -45.84 4.39
CA GLY E 180 -23.36 -46.97 4.40
C GLY E 180 -23.10 -47.96 5.52
N CYS E 181 -22.70 -47.46 6.68
CA CYS E 181 -22.42 -48.35 7.81
C CYS E 181 -23.69 -49.05 8.26
N LYS E 182 -23.51 -50.18 8.95
CA LYS E 182 -24.64 -51.01 9.32
C LYS E 182 -25.32 -50.55 10.61
N GLN E 183 -24.65 -49.75 11.42
CA GLN E 183 -25.30 -49.20 12.61
C GLN E 183 -24.50 -48.01 13.14
N MET E 184 -25.18 -47.20 13.95
CA MET E 184 -24.58 -46.02 14.58
C MET E 184 -24.94 -46.07 16.05
N ILE E 185 -23.92 -46.12 16.90
CA ILE E 185 -24.10 -46.24 18.34
C ILE E 185 -23.49 -45.02 19.02
N PHE E 186 -24.27 -44.37 19.89
CA PHE E 186 -23.80 -43.25 20.69
C PHE E 186 -23.48 -43.77 22.09
N VAL E 187 -22.23 -43.64 22.51
CA VAL E 187 -21.77 -44.12 23.80
C VAL E 187 -21.66 -42.92 24.72
N LYS E 188 -22.60 -42.78 25.64
CA LYS E 188 -22.61 -41.66 26.58
C LYS E 188 -22.65 -42.17 28.02
N ASP E 189 -23.27 -41.40 28.92
CA ASP E 189 -23.21 -41.68 30.35
C ASP E 189 -24.59 -41.90 30.96
N GLU E 190 -25.61 -42.14 30.15
CA GLU E 190 -26.95 -42.46 30.64
C GLU E 190 -27.46 -43.68 29.91
N ASP E 191 -28.43 -44.36 30.53
CA ASP E 191 -28.99 -45.57 29.94
C ASP E 191 -29.62 -45.30 28.57
N GLY E 192 -30.02 -44.07 28.29
CA GLY E 192 -30.60 -43.73 27.01
C GLY E 192 -31.34 -42.41 27.10
N LEU E 193 -32.33 -42.26 26.23
CA LEU E 193 -33.15 -41.05 26.22
C LEU E 193 -34.16 -41.09 27.35
N TYR E 194 -34.34 -39.95 28.01
CA TYR E 194 -35.36 -39.76 29.04
C TYR E 194 -36.33 -38.67 28.60
N THR E 195 -37.40 -38.48 29.36
CA THR E 195 -38.32 -37.39 29.07
C THR E 195 -37.75 -36.02 29.43
N ALA E 196 -36.66 -35.99 30.19
CA ALA E 196 -35.99 -34.75 30.54
C ALA E 196 -34.55 -35.10 30.88
N ASN E 197 -33.74 -34.07 31.11
CA ASN E 197 -32.36 -34.27 31.52
C ASN E 197 -32.33 -35.05 32.82
N PRO E 198 -31.84 -36.30 32.82
CA PRO E 198 -31.90 -37.10 34.05
C PRO E 198 -31.00 -36.60 35.16
N LYS E 199 -30.00 -35.77 34.85
CA LYS E 199 -29.14 -35.22 35.88
C LYS E 199 -29.80 -34.08 36.64
N THR E 200 -30.73 -33.37 36.00
CA THR E 200 -31.40 -32.24 36.64
C THR E 200 -32.88 -32.47 36.89
N SER E 201 -33.43 -33.61 36.47
CA SER E 201 -34.84 -33.92 36.66
C SER E 201 -34.97 -35.25 37.38
N LYS E 202 -35.36 -35.18 38.66
CA LYS E 202 -35.52 -36.37 39.49
C LYS E 202 -36.54 -37.32 38.91
N ASP E 203 -37.51 -36.79 38.17
CA ASP E 203 -38.70 -37.52 37.77
C ASP E 203 -38.63 -38.03 36.33
N ALA E 204 -37.53 -37.80 35.63
CA ALA E 204 -37.44 -38.18 34.22
C ALA E 204 -37.63 -39.68 34.06
N THR E 205 -38.43 -40.05 33.06
CA THR E 205 -38.75 -41.45 32.80
C THR E 205 -37.99 -41.93 31.58
N PHE E 206 -37.55 -43.19 31.62
CA PHE E 206 -36.73 -43.75 30.56
C PHE E 206 -37.58 -44.06 29.33
N ILE E 207 -36.97 -43.88 28.16
CA ILE E 207 -37.62 -44.15 26.88
C ILE E 207 -36.75 -45.14 26.12
N PRO E 208 -37.15 -46.42 26.06
CA PRO E 208 -36.30 -47.43 25.42
C PRO E 208 -36.38 -47.43 23.90
N ARG E 209 -37.50 -46.97 23.34
CA ARG E 209 -37.69 -46.96 21.90
C ARG E 209 -38.65 -45.85 21.53
N ILE E 210 -38.32 -45.10 20.49
CA ILE E 210 -39.15 -43.97 20.06
C ILE E 210 -38.81 -43.64 18.62
N SER E 211 -39.79 -43.16 17.89
CA SER E 211 -39.61 -42.68 16.53
C SER E 211 -39.26 -41.19 16.56
N VAL E 212 -38.72 -40.71 15.44
CA VAL E 212 -38.39 -39.28 15.34
C VAL E 212 -39.66 -38.44 15.44
N ASP E 213 -40.73 -38.87 14.76
CA ASP E 213 -41.99 -38.14 14.83
C ASP E 213 -42.55 -38.14 16.25
N GLU E 214 -42.52 -39.31 16.91
CA GLU E 214 -42.96 -39.37 18.30
C GLU E 214 -42.08 -38.53 19.21
N MET E 215 -40.77 -38.50 18.92
CA MET E 215 -39.85 -37.72 19.74
C MET E 215 -40.10 -36.23 19.59
N LYS E 216 -40.32 -35.78 18.34
CA LYS E 216 -40.61 -34.37 18.12
C LYS E 216 -41.91 -33.96 18.79
N ALA E 217 -42.90 -34.85 18.78
CA ALA E 217 -44.20 -34.54 19.36
C ALA E 217 -44.13 -34.38 20.88
N LYS E 218 -43.12 -34.95 21.53
CA LYS E 218 -43.02 -34.83 22.98
C LYS E 218 -42.62 -33.43 23.41
N GLY E 219 -42.02 -32.64 22.53
CA GLY E 219 -41.60 -31.30 22.87
C GLY E 219 -40.57 -31.28 23.98
N LEU E 220 -39.53 -32.08 23.83
CA LEU E 220 -38.49 -32.16 24.86
C LEU E 220 -37.75 -30.83 24.97
N HIS E 221 -37.47 -30.44 26.20
CA HIS E 221 -36.65 -29.26 26.45
C HIS E 221 -35.15 -29.56 26.35
N ASP E 222 -34.78 -30.83 26.49
CA ASP E 222 -33.38 -31.26 26.46
C ASP E 222 -33.34 -32.70 25.98
N SER E 223 -32.22 -33.08 25.37
CA SER E 223 -32.11 -34.42 24.81
C SER E 223 -30.67 -34.90 24.90
N ILE E 224 -30.50 -36.23 24.83
CA ILE E 224 -29.18 -36.84 24.83
C ILE E 224 -28.51 -36.77 23.46
N LEU E 225 -29.25 -36.36 22.43
CA LEU E 225 -28.73 -36.21 21.08
C LEU E 225 -29.03 -34.81 20.59
N GLU E 226 -28.19 -34.31 19.68
CA GLU E 226 -28.48 -33.05 19.02
C GLU E 226 -29.79 -33.16 18.24
N PHE E 227 -30.66 -32.17 18.39
CA PHE E 227 -31.96 -32.24 17.75
C PHE E 227 -31.90 -32.29 16.23
N PRO E 228 -31.02 -31.54 15.55
CA PRO E 228 -30.97 -31.67 14.08
C PRO E 228 -30.63 -33.06 13.58
N VAL E 229 -30.00 -33.91 14.40
CA VAL E 229 -29.69 -35.26 13.95
C VAL E 229 -30.97 -36.04 13.70
N LEU E 230 -32.05 -35.71 14.42
CA LEU E 230 -33.32 -36.38 14.17
C LEU E 230 -33.81 -36.14 12.75
N ASP E 231 -33.55 -34.94 12.21
CA ASP E 231 -33.94 -34.65 10.84
C ASP E 231 -32.99 -35.29 9.84
N LEU E 232 -31.69 -35.31 10.14
CA LEU E 232 -30.75 -36.04 9.30
C LEU E 232 -31.09 -37.52 9.28
N LEU E 233 -31.56 -38.05 10.41
CA LEU E 233 -31.93 -39.46 10.49
C LEU E 233 -33.13 -39.77 9.60
N GLN E 234 -34.11 -38.87 9.56
CA GLN E 234 -35.29 -39.10 8.73
C GLN E 234 -34.96 -38.99 7.24
N SER E 235 -33.95 -38.20 6.89
CA SER E 235 -33.52 -38.07 5.51
CA SER E 235 -33.53 -38.08 5.50
C SER E 235 -32.47 -39.08 5.11
N ALA E 236 -31.98 -39.88 6.06
CA ALA E 236 -30.89 -40.81 5.80
C ALA E 236 -31.31 -41.91 4.84
N GLN E 237 -30.34 -42.38 4.05
CA GLN E 237 -30.55 -43.45 3.09
C GLN E 237 -30.09 -44.81 3.61
N HIS E 238 -29.10 -44.83 4.50
CA HIS E 238 -28.50 -46.08 4.95
C HIS E 238 -28.69 -46.34 6.43
N VAL E 239 -28.52 -45.33 7.28
CA VAL E 239 -28.65 -45.49 8.72
C VAL E 239 -30.02 -44.94 9.11
N ARG E 240 -31.00 -45.84 9.22
CA ARG E 240 -32.38 -45.47 9.51
C ARG E 240 -32.70 -45.53 10.99
N GLU E 241 -31.74 -45.85 11.84
CA GLU E 241 -31.96 -45.86 13.28
C GLU E 241 -30.62 -45.70 13.98
N VAL E 242 -30.68 -45.21 15.22
CA VAL E 242 -29.50 -45.08 16.06
C VAL E 242 -29.82 -45.66 17.43
N GLN E 243 -28.76 -46.02 18.17
CA GLN E 243 -28.91 -46.48 19.54
C GLN E 243 -27.99 -45.67 20.43
N VAL E 244 -28.50 -45.23 21.58
CA VAL E 244 -27.73 -44.51 22.58
C VAL E 244 -27.60 -45.43 23.79
N VAL E 245 -26.35 -45.70 24.19
CA VAL E 245 -26.07 -46.66 25.26
C VAL E 245 -25.23 -46.00 26.33
N ASN E 246 -25.30 -46.57 27.54
CA ASN E 246 -24.52 -46.09 28.67
C ASN E 246 -23.15 -46.77 28.64
N GLY E 247 -22.12 -45.99 28.32
CA GLY E 247 -20.76 -46.51 28.30
C GLY E 247 -20.17 -46.74 29.67
N LEU E 248 -20.81 -46.23 30.73
CA LEU E 248 -20.33 -46.47 32.09
C LEU E 248 -20.69 -47.86 32.60
N VAL E 249 -21.51 -48.60 31.87
CA VAL E 249 -21.86 -49.97 32.24
C VAL E 249 -21.04 -50.91 31.37
N PRO E 250 -20.13 -51.71 31.94
CA PRO E 250 -19.31 -52.60 31.11
C PRO E 250 -20.17 -53.59 30.34
N GLY E 251 -19.82 -53.77 29.07
CA GLY E 251 -20.53 -54.68 28.20
C GLY E 251 -21.63 -54.06 27.37
N ASN E 252 -22.08 -52.85 27.73
CA ASN E 252 -23.16 -52.22 26.98
C ASN E 252 -22.75 -51.98 25.53
N LEU E 253 -21.52 -51.49 25.31
CA LEU E 253 -21.06 -51.27 23.95
C LEU E 253 -20.94 -52.59 23.19
N THR E 254 -20.36 -53.61 23.83
CA THR E 254 -20.21 -54.90 23.16
C THR E 254 -21.57 -55.48 22.79
N ARG E 255 -22.53 -55.43 23.72
CA ARG E 255 -23.86 -55.97 23.42
C ARG E 255 -24.54 -55.17 22.31
N ALA E 256 -24.39 -53.85 22.33
CA ALA E 256 -24.97 -53.04 21.26
C ALA E 256 -24.35 -53.37 19.92
N LEU E 257 -23.03 -53.58 19.89
CA LEU E 257 -22.36 -53.97 18.64
C LEU E 257 -22.88 -55.30 18.13
N ALA E 258 -23.26 -56.21 19.04
CA ALA E 258 -23.83 -57.50 18.65
C ALA E 258 -25.28 -57.38 18.22
N GLY E 259 -25.88 -56.19 18.29
CA GLY E 259 -27.24 -55.98 17.86
C GLY E 259 -28.27 -55.99 18.97
N GLU E 260 -27.85 -56.08 20.24
CA GLU E 260 -28.79 -56.12 21.34
C GLU E 260 -29.38 -54.74 21.60
N HIS E 261 -30.62 -54.72 22.07
CA HIS E 261 -31.28 -53.50 22.50
C HIS E 261 -30.92 -53.28 23.96
N VAL E 262 -29.90 -52.45 24.19
CA VAL E 262 -29.41 -52.19 25.54
C VAL E 262 -29.81 -50.82 26.05
N GLY E 263 -29.91 -49.81 25.19
CA GLY E 263 -30.29 -48.48 25.61
C GLY E 263 -31.56 -48.00 24.93
N THR E 264 -31.47 -46.86 24.26
CA THR E 264 -32.59 -46.26 23.55
C THR E 264 -32.36 -46.37 22.05
N ILE E 265 -33.33 -46.92 21.34
CA ILE E 265 -33.28 -47.00 19.88
C ILE E 265 -34.20 -45.92 19.32
N ILE E 266 -33.64 -45.00 18.56
CA ILE E 266 -34.39 -43.94 17.89
C ILE E 266 -34.47 -44.29 16.41
N THR E 267 -35.68 -44.46 15.90
CA THR E 267 -35.90 -44.85 14.52
C THR E 267 -36.38 -43.68 13.70
N ALA E 268 -35.99 -43.65 12.43
CA ALA E 268 -36.43 -42.60 11.53
C ALA E 268 -37.93 -42.69 11.26
N SER E 269 -38.46 -43.91 11.18
CA SER E 269 -39.89 -44.10 10.93
C SER E 269 -40.52 -44.96 12.02
N THR F 4 -16.04 -41.03 42.13
CA THR F 4 -14.72 -40.94 41.51
C THR F 4 -14.82 -41.18 40.00
N ASN F 5 -16.04 -41.11 39.48
CA ASN F 5 -16.28 -41.18 38.04
C ASN F 5 -16.96 -39.92 37.51
N SER F 6 -16.97 -38.85 38.31
CA SER F 6 -17.65 -37.62 37.92
C SER F 6 -16.99 -36.98 36.70
N ILE F 7 -17.79 -36.21 35.97
CA ILE F 7 -17.28 -35.41 34.87
C ILE F 7 -16.35 -34.35 35.40
N LYS F 8 -15.22 -34.15 34.72
CA LYS F 8 -14.31 -33.06 35.03
C LYS F 8 -14.70 -31.87 34.17
N HIS F 9 -15.34 -30.88 34.79
CA HIS F 9 -15.82 -29.69 34.08
C HIS F 9 -14.81 -28.56 34.18
N VAL F 10 -14.84 -27.68 33.18
CA VAL F 10 -14.23 -26.36 33.26
C VAL F 10 -15.34 -25.37 33.56
N ILE F 11 -15.11 -24.49 34.54
CA ILE F 11 -16.13 -23.51 34.90
C ILE F 11 -16.33 -22.56 33.74
N SER F 12 -17.57 -22.43 33.28
CA SER F 12 -17.92 -21.57 32.16
C SER F 12 -19.42 -21.34 32.19
N PRO F 13 -19.90 -20.27 31.54
CA PRO F 13 -21.36 -20.05 31.52
C PRO F 13 -22.15 -21.17 30.87
N LEU F 14 -21.51 -22.02 30.06
CA LEU F 14 -22.18 -23.14 29.41
C LEU F 14 -21.78 -24.49 30.00
N ALA F 15 -21.02 -24.50 31.09
CA ALA F 15 -20.56 -25.74 31.69
C ALA F 15 -21.73 -26.62 32.10
N ARG F 16 -21.52 -27.94 31.97
CA ARG F 16 -22.47 -28.98 32.34
C ARG F 16 -23.65 -29.06 31.39
N GLN F 17 -23.85 -28.04 30.56
CA GLN F 17 -24.99 -28.04 29.66
C GLN F 17 -24.74 -28.95 28.47
N THR F 18 -25.82 -29.55 27.96
CA THR F 18 -25.75 -30.31 26.73
C THR F 18 -25.75 -29.42 25.49
N LEU F 19 -26.17 -28.16 25.64
CA LEU F 19 -26.42 -27.21 24.56
C LEU F 19 -27.67 -27.55 23.76
N GLN F 20 -28.41 -28.58 24.17
CA GLN F 20 -29.69 -28.91 23.56
C GLN F 20 -30.86 -28.17 24.18
N ASP F 21 -30.67 -27.58 25.37
CA ASP F 21 -31.73 -26.84 26.05
C ASP F 21 -31.64 -25.38 25.61
N ARG F 22 -32.53 -24.99 24.69
CA ARG F 22 -32.45 -23.64 24.12
C ARG F 22 -32.74 -22.57 25.17
N ASP F 23 -33.48 -22.90 26.23
CA ASP F 23 -33.70 -21.92 27.28
C ASP F 23 -32.45 -21.70 28.11
N LEU F 24 -31.62 -22.73 28.27
CA LEU F 24 -30.41 -22.60 29.07
C LEU F 24 -29.26 -21.97 28.29
N THR F 25 -29.24 -22.14 26.97
CA THR F 25 -28.16 -21.55 26.17
C THR F 25 -28.45 -20.11 25.78
N ARG F 26 -29.72 -19.70 25.77
CA ARG F 26 -30.06 -18.37 25.27
C ARG F 26 -29.39 -17.24 26.04
N PRO F 27 -29.33 -17.24 27.37
CA PRO F 27 -28.68 -16.10 28.06
C PRO F 27 -27.23 -15.90 27.67
N VAL F 28 -26.55 -16.92 27.17
CA VAL F 28 -25.15 -16.82 26.82
C VAL F 28 -24.96 -16.60 25.32
N ALA F 29 -25.73 -17.29 24.49
CA ALA F 29 -25.47 -17.33 23.06
C ALA F 29 -26.61 -16.87 22.18
N GLY F 30 -27.73 -16.45 22.76
CA GLY F 30 -28.91 -16.12 21.97
C GLY F 30 -28.84 -14.80 21.21
N LYS F 31 -27.66 -14.21 21.12
CA LYS F 31 -27.49 -12.89 20.54
C LYS F 31 -27.20 -12.98 19.04
N ARG F 32 -27.51 -11.89 18.34
CA ARG F 32 -27.12 -11.77 16.95
C ARG F 32 -25.61 -11.55 16.87
N PRO F 33 -24.90 -12.25 15.98
CA PRO F 33 -23.44 -12.11 15.94
C PRO F 33 -23.01 -10.76 15.37
N ILE F 34 -21.75 -10.42 15.63
CA ILE F 34 -21.13 -9.23 15.08
C ILE F 34 -20.77 -9.51 13.62
N ARG F 35 -20.43 -8.46 12.88
CA ARG F 35 -19.94 -8.60 11.52
C ARG F 35 -18.41 -8.69 11.55
N LEU F 36 -17.86 -9.69 10.87
CA LEU F 36 -16.41 -9.87 10.85
C LEU F 36 -15.75 -8.96 9.83
N LEU F 37 -16.31 -8.93 8.61
CA LEU F 37 -15.78 -8.12 7.51
C LEU F 37 -16.93 -7.30 6.92
N PRO F 38 -17.34 -6.23 7.61
CA PRO F 38 -18.51 -5.48 7.13
C PRO F 38 -18.29 -4.78 5.80
N TRP F 39 -17.03 -4.54 5.41
CA TRP F 39 -16.72 -3.86 4.17
C TRP F 39 -16.58 -4.81 2.99
N LEU F 40 -16.80 -6.10 3.18
CA LEU F 40 -16.58 -7.08 2.13
C LEU F 40 -17.78 -7.15 1.20
N GLN F 41 -17.50 -7.32 -0.09
CA GLN F 41 -18.51 -7.62 -1.10
C GLN F 41 -18.20 -8.98 -1.70
N VAL F 42 -19.19 -9.88 -1.68
CA VAL F 42 -19.04 -11.23 -2.19
C VAL F 42 -19.78 -11.33 -3.52
N VAL F 43 -19.11 -11.87 -4.54
CA VAL F 43 -19.68 -12.06 -5.86
C VAL F 43 -19.56 -13.53 -6.21
N LYS F 44 -20.68 -14.17 -6.51
CA LYS F 44 -20.72 -15.56 -6.90
C LYS F 44 -20.91 -15.64 -8.42
N ILE F 45 -19.94 -16.25 -9.09
CA ILE F 45 -19.98 -16.42 -10.54
C ILE F 45 -20.51 -17.82 -10.84
N GLY F 46 -21.58 -17.89 -11.62
CA GLY F 46 -22.19 -19.17 -11.93
C GLY F 46 -21.26 -20.03 -12.77
N GLY F 47 -21.25 -21.33 -12.48
CA GLY F 47 -20.47 -22.25 -13.27
C GLY F 47 -20.90 -22.30 -14.72
N ARG F 48 -22.21 -22.16 -14.97
CA ARG F 48 -22.70 -22.16 -16.34
C ARG F 48 -22.27 -20.91 -17.08
N VAL F 49 -22.00 -19.82 -16.36
CA VAL F 49 -21.41 -18.64 -16.99
C VAL F 49 -19.99 -18.94 -17.43
N MET F 50 -19.20 -19.58 -16.56
CA MET F 50 -17.85 -19.97 -16.94
C MET F 50 -17.86 -20.99 -18.07
N ASP F 51 -18.88 -21.84 -18.14
CA ASP F 51 -18.96 -22.85 -19.19
C ASP F 51 -19.04 -22.24 -20.58
N ARG F 52 -19.49 -20.98 -20.69
CA ARG F 52 -19.61 -20.34 -22.00
C ARG F 52 -18.28 -19.92 -22.59
N GLY F 53 -17.19 -20.00 -21.83
CA GLY F 53 -15.87 -19.75 -22.38
C GLY F 53 -15.56 -18.28 -22.50
N ALA F 54 -14.59 -17.99 -23.37
CA ALA F 54 -14.06 -16.63 -23.48
C ALA F 54 -15.12 -15.63 -23.87
N ASP F 55 -16.13 -16.04 -24.64
CA ASP F 55 -17.17 -15.10 -25.05
C ASP F 55 -17.88 -14.48 -23.85
N ALA F 56 -17.99 -15.22 -22.76
CA ALA F 56 -18.57 -14.70 -21.52
C ALA F 56 -17.53 -14.30 -20.49
N ILE F 57 -16.41 -15.02 -20.42
CA ILE F 57 -15.41 -14.77 -19.38
C ILE F 57 -14.66 -13.47 -19.64
N LEU F 58 -14.27 -13.23 -20.90
CA LEU F 58 -13.48 -12.04 -21.19
C LEU F 58 -14.20 -10.76 -20.86
N PRO F 59 -15.47 -10.56 -21.24
CA PRO F 59 -16.16 -9.32 -20.80
C PRO F 59 -16.31 -9.23 -19.30
N LEU F 60 -16.56 -10.35 -18.62
CA LEU F 60 -16.68 -10.33 -17.18
C LEU F 60 -15.35 -10.00 -16.51
N VAL F 61 -14.25 -10.49 -17.08
CA VAL F 61 -12.93 -10.17 -16.53
C VAL F 61 -12.66 -8.68 -16.63
N GLU F 62 -13.06 -8.06 -17.75
CA GLU F 62 -12.87 -6.62 -17.90
C GLU F 62 -13.75 -5.86 -16.91
N GLU F 63 -14.98 -6.32 -16.68
CA GLU F 63 -15.83 -5.67 -15.70
C GLU F 63 -15.26 -5.82 -14.29
N LEU F 64 -14.81 -7.03 -13.94
CA LEU F 64 -14.19 -7.24 -12.64
C LEU F 64 -12.93 -6.40 -12.49
N ARG F 65 -12.14 -6.28 -13.56
CA ARG F 65 -10.93 -5.47 -13.50
C ARG F 65 -11.26 -4.03 -13.11
N LYS F 66 -12.33 -3.47 -13.68
CA LYS F 66 -12.71 -2.10 -13.37
C LYS F 66 -13.34 -1.99 -11.98
N LEU F 67 -13.80 -3.10 -11.40
CA LEU F 67 -14.39 -3.08 -10.08
C LEU F 67 -13.37 -3.20 -8.96
N LEU F 68 -12.15 -3.62 -9.27
CA LEU F 68 -11.14 -3.81 -8.23
C LEU F 68 -10.86 -2.55 -7.43
N PRO F 69 -10.70 -1.37 -8.03
CA PRO F 69 -10.47 -0.17 -7.22
C PRO F 69 -11.71 0.32 -6.49
N GLU F 70 -12.88 -0.26 -6.74
CA GLU F 70 -14.12 0.21 -6.14
C GLU F 70 -14.57 -0.61 -4.94
N HIS F 71 -14.31 -1.92 -4.93
CA HIS F 71 -14.79 -2.79 -3.88
C HIS F 71 -13.70 -3.73 -3.40
N ARG F 72 -13.88 -4.23 -2.17
CA ARG F 72 -13.08 -5.33 -1.64
C ARG F 72 -13.82 -6.62 -1.94
N LEU F 73 -13.35 -7.38 -2.91
CA LEU F 73 -14.13 -8.44 -3.53
C LEU F 73 -13.63 -9.83 -3.13
N LEU F 74 -14.55 -10.66 -2.68
CA LEU F 74 -14.35 -12.11 -2.60
C LEU F 74 -15.18 -12.72 -3.73
N ILE F 75 -14.50 -13.24 -4.75
CA ILE F 75 -15.16 -13.79 -5.92
C ILE F 75 -15.18 -15.30 -5.79
N LEU F 76 -16.37 -15.89 -5.84
CA LEU F 76 -16.56 -17.32 -5.67
C LEU F 76 -17.19 -17.90 -6.92
N THR F 77 -16.62 -19.00 -7.42
CA THR F 77 -17.06 -19.59 -8.68
C THR F 77 -17.88 -20.85 -8.43
N GLY F 78 -18.92 -21.03 -9.23
CA GLY F 78 -19.72 -22.24 -9.21
C GLY F 78 -19.10 -23.34 -10.07
N ALA F 79 -19.85 -24.44 -10.19
CA ALA F 79 -19.34 -25.65 -10.81
C ALA F 79 -19.65 -25.73 -12.31
N GLY F 80 -20.93 -25.75 -12.65
CA GLY F 80 -21.31 -25.80 -14.05
C GLY F 80 -21.50 -27.22 -14.56
N VAL F 81 -21.36 -27.36 -15.88
CA VAL F 81 -21.77 -28.58 -16.56
C VAL F 81 -20.87 -29.75 -16.19
N ARG F 82 -19.61 -29.50 -15.84
CA ARG F 82 -18.71 -30.60 -15.52
C ARG F 82 -19.16 -31.34 -14.27
N ALA F 83 -19.74 -30.65 -13.30
CA ALA F 83 -20.28 -31.32 -12.13
C ALA F 83 -21.47 -32.20 -12.48
N ARG F 84 -22.23 -31.83 -13.53
CA ARG F 84 -23.31 -32.69 -13.98
C ARG F 84 -22.78 -34.01 -14.51
N HIS F 85 -21.61 -33.99 -15.15
CA HIS F 85 -21.05 -35.24 -15.67
C HIS F 85 -20.54 -36.14 -14.55
N VAL F 86 -19.84 -35.57 -13.57
CA VAL F 86 -19.38 -36.37 -12.45
C VAL F 86 -20.57 -36.89 -11.66
N PHE F 87 -21.69 -36.16 -11.68
CA PHE F 87 -22.92 -36.70 -11.12
C PHE F 87 -23.42 -37.89 -11.93
N SER F 88 -23.39 -37.77 -13.27
CA SER F 88 -23.85 -38.86 -14.12
CA SER F 88 -23.86 -38.86 -14.12
C SER F 88 -23.01 -40.11 -13.93
N VAL F 89 -21.69 -39.94 -13.80
CA VAL F 89 -20.81 -41.09 -13.60
C VAL F 89 -20.96 -41.60 -12.17
N GLY F 90 -20.94 -40.70 -11.19
CA GLY F 90 -21.04 -41.11 -9.80
C GLY F 90 -22.36 -41.78 -9.48
N LEU F 91 -23.47 -41.22 -9.97
CA LEU F 91 -24.76 -41.85 -9.75
C LEU F 91 -24.85 -43.19 -10.48
N ASP F 92 -24.22 -43.31 -11.65
CA ASP F 92 -24.17 -44.61 -12.32
C ASP F 92 -23.44 -45.63 -11.48
N LEU F 93 -22.38 -45.20 -10.78
CA LEU F 93 -21.65 -46.06 -9.87
C LEU F 93 -22.34 -46.23 -8.52
N GLY F 94 -23.48 -45.57 -8.32
CA GLY F 94 -24.24 -45.72 -7.09
C GLY F 94 -23.70 -44.96 -5.90
N LEU F 95 -22.81 -44.00 -6.12
CA LEU F 95 -22.13 -43.35 -5.01
C LEU F 95 -23.08 -42.45 -4.24
N PRO F 96 -22.93 -42.35 -2.92
CA PRO F 96 -23.84 -41.54 -2.11
C PRO F 96 -23.62 -40.05 -2.32
N VAL F 97 -24.50 -39.26 -1.69
CA VAL F 97 -24.49 -37.81 -1.90
C VAL F 97 -23.25 -37.17 -1.29
N GLY F 98 -22.76 -37.70 -0.18
CA GLY F 98 -21.51 -37.23 0.39
C GLY F 98 -20.28 -37.56 -0.43
N SER F 99 -20.40 -38.48 -1.39
CA SER F 99 -19.33 -38.74 -2.33
C SER F 99 -19.38 -37.75 -3.49
N LEU F 100 -20.58 -37.38 -3.93
CA LEU F 100 -20.72 -36.49 -5.06
C LEU F 100 -20.46 -35.03 -4.71
N ALA F 101 -20.60 -34.66 -3.43
CA ALA F 101 -20.40 -33.26 -3.05
C ALA F 101 -18.98 -32.79 -3.31
N PRO F 102 -17.93 -33.46 -2.82
CA PRO F 102 -16.56 -32.98 -3.13
C PRO F 102 -16.20 -33.11 -4.59
N LEU F 103 -16.76 -34.09 -5.31
CA LEU F 103 -16.48 -34.22 -6.73
C LEU F 103 -17.01 -33.02 -7.51
N ALA F 104 -18.23 -32.57 -7.18
CA ALA F 104 -18.76 -31.38 -7.83
C ALA F 104 -18.01 -30.13 -7.39
N ALA F 105 -17.64 -30.05 -6.11
CA ALA F 105 -16.88 -28.90 -5.64
C ALA F 105 -15.58 -28.71 -6.41
N SER F 106 -14.96 -29.81 -6.83
CA SER F 106 -13.70 -29.72 -7.57
C SER F 106 -13.86 -28.88 -8.84
N GLU F 107 -14.99 -29.04 -9.53
CA GLU F 107 -15.23 -28.26 -10.73
C GLU F 107 -15.40 -26.77 -10.43
N ALA F 108 -15.99 -26.44 -9.27
CA ALA F 108 -16.05 -25.05 -8.86
C ALA F 108 -14.66 -24.49 -8.58
N GLY F 109 -13.80 -25.31 -7.95
CA GLY F 109 -12.44 -24.86 -7.72
C GLY F 109 -11.66 -24.66 -9.01
N GLN F 110 -11.87 -25.52 -10.00
CA GLN F 110 -11.18 -25.37 -11.28
C GLN F 110 -11.64 -24.11 -11.98
N ASN F 111 -12.94 -23.81 -11.93
CA ASN F 111 -13.43 -22.55 -12.47
C ASN F 111 -12.78 -21.37 -11.76
N GLY F 112 -12.50 -21.50 -10.46
CA GLY F 112 -11.87 -20.42 -9.74
C GLY F 112 -10.43 -20.20 -10.17
N HIS F 113 -9.70 -21.28 -10.43
CA HIS F 113 -8.34 -21.15 -10.93
C HIS F 113 -8.33 -20.50 -12.31
N ILE F 114 -9.30 -20.85 -13.15
CA ILE F 114 -9.38 -20.27 -14.49
C ILE F 114 -9.62 -18.77 -14.39
N LEU F 115 -10.60 -18.37 -13.59
CA LEU F 115 -10.93 -16.94 -13.47
C LEU F 115 -9.78 -16.17 -12.83
N ALA F 116 -9.14 -16.76 -11.81
CA ALA F 116 -8.06 -16.06 -11.13
C ALA F 116 -6.85 -15.88 -12.05
N ALA F 117 -6.59 -16.87 -12.91
CA ALA F 117 -5.47 -16.75 -13.84
C ALA F 117 -5.67 -15.56 -14.77
N MET F 118 -6.91 -15.31 -15.21
CA MET F 118 -7.19 -14.19 -16.08
C MET F 118 -7.00 -12.85 -15.38
N LEU F 119 -7.03 -12.82 -14.05
CA LEU F 119 -6.86 -11.60 -13.28
C LEU F 119 -5.54 -11.56 -12.53
N ALA F 120 -4.62 -12.49 -12.82
CA ALA F 120 -3.36 -12.54 -12.10
C ALA F 120 -2.56 -11.26 -12.28
N SER F 121 -2.59 -10.68 -13.49
CA SER F 121 -1.85 -9.45 -13.74
C SER F 121 -2.35 -8.30 -12.88
N GLU F 122 -3.55 -8.43 -12.31
CA GLU F 122 -4.09 -7.43 -11.40
C GLU F 122 -3.80 -7.75 -9.94
N GLY F 123 -3.02 -8.79 -9.67
CA GLY F 123 -2.71 -9.19 -8.32
C GLY F 123 -3.72 -10.13 -7.69
N VAL F 124 -4.59 -10.75 -8.50
CA VAL F 124 -5.65 -11.61 -8.00
C VAL F 124 -5.19 -13.06 -8.10
N SER F 125 -5.41 -13.83 -7.05
CA SER F 125 -5.06 -15.24 -7.02
C SER F 125 -6.20 -16.04 -6.42
N TYR F 126 -6.24 -17.31 -6.79
CA TYR F 126 -7.16 -18.26 -6.15
C TYR F 126 -6.66 -18.58 -4.75
N VAL F 127 -7.56 -18.57 -3.79
CA VAL F 127 -7.22 -18.91 -2.41
C VAL F 127 -8.10 -20.08 -1.96
N GLU F 128 -7.56 -20.88 -1.06
CA GLU F 128 -8.20 -22.13 -0.67
C GLU F 128 -9.13 -21.92 0.50
N HIS F 129 -10.03 -22.89 0.69
CA HIS F 129 -11.06 -22.78 1.72
C HIS F 129 -10.49 -22.54 3.11
N PRO F 130 -9.48 -23.27 3.58
CA PRO F 130 -8.91 -22.92 4.90
C PRO F 130 -8.36 -21.52 4.94
N THR F 131 -7.78 -21.05 3.83
CA THR F 131 -7.31 -19.66 3.75
C THR F 131 -8.47 -18.69 3.81
N VAL F 132 -9.56 -18.99 3.09
CA VAL F 132 -10.74 -18.12 3.13
C VAL F 132 -11.34 -18.11 4.52
N ALA F 133 -11.38 -19.27 5.18
CA ALA F 133 -12.05 -19.38 6.47
C ALA F 133 -11.29 -18.63 7.56
N ASP F 134 -9.96 -18.62 7.52
CA ASP F 134 -9.17 -18.08 8.60
C ASP F 134 -8.31 -16.87 8.25
N GLN F 135 -7.99 -16.66 6.98
CA GLN F 135 -7.03 -15.63 6.61
C GLN F 135 -7.52 -14.75 5.46
N LEU F 136 -8.84 -14.58 5.32
CA LEU F 136 -9.33 -13.71 4.27
C LEU F 136 -8.95 -12.26 4.51
N ALA F 137 -8.92 -11.83 5.78
CA ALA F 137 -8.65 -10.43 6.09
C ALA F 137 -7.25 -10.01 5.65
N ILE F 138 -6.25 -10.85 5.91
CA ILE F 138 -4.90 -10.49 5.52
C ILE F 138 -4.73 -10.54 4.01
N HIS F 139 -5.43 -11.46 3.34
CA HIS F 139 -5.29 -11.57 1.89
C HIS F 139 -5.96 -10.40 1.18
N LEU F 140 -7.09 -9.91 1.70
CA LEU F 140 -7.73 -8.72 1.15
C LEU F 140 -7.02 -7.44 1.58
N SER F 141 -6.07 -7.52 2.51
CA SER F 141 -5.18 -6.40 2.77
C SER F 141 -4.00 -6.38 1.81
N ALA F 142 -3.61 -7.55 1.31
CA ALA F 142 -2.51 -7.62 0.35
C ALA F 142 -2.95 -7.23 -1.04
N THR F 143 -4.15 -7.63 -1.45
CA THR F 143 -4.65 -7.38 -2.79
C THR F 143 -6.11 -6.96 -2.73
N ARG F 144 -6.63 -6.48 -3.84
CA ARG F 144 -7.99 -5.94 -3.87
CA ARG F 144 -7.99 -5.94 -3.87
C ARG F 144 -9.04 -7.03 -3.94
N ALA F 145 -8.72 -8.18 -4.53
CA ALA F 145 -9.70 -9.26 -4.63
C ALA F 145 -9.00 -10.59 -4.67
N VAL F 146 -9.73 -11.63 -4.23
CA VAL F 146 -9.27 -13.00 -4.30
C VAL F 146 -10.42 -13.86 -4.82
N VAL F 147 -10.05 -15.01 -5.37
CA VAL F 147 -11.02 -15.95 -5.93
C VAL F 147 -10.97 -17.23 -5.12
N GLY F 148 -12.15 -17.81 -4.87
CA GLY F 148 -12.26 -19.07 -4.18
C GLY F 148 -13.40 -19.89 -4.75
N SER F 149 -13.51 -21.13 -4.26
CA SER F 149 -14.61 -21.99 -4.66
C SER F 149 -15.86 -21.62 -3.87
N ALA F 150 -16.98 -21.48 -4.57
CA ALA F 150 -18.25 -21.17 -3.90
C ALA F 150 -18.82 -22.36 -3.14
N PHE F 151 -18.43 -23.58 -3.50
CA PHE F 151 -18.93 -24.75 -2.82
C PHE F 151 -18.42 -24.78 -1.38
N PRO F 152 -19.24 -25.18 -0.42
CA PRO F 152 -18.78 -25.31 0.96
C PRO F 152 -18.10 -26.65 1.18
N PRO F 153 -17.16 -26.72 2.13
CA PRO F 153 -16.44 -27.99 2.37
C PRO F 153 -17.25 -28.97 3.22
N TYR F 154 -18.42 -29.36 2.70
CA TYR F 154 -19.27 -30.30 3.43
C TYR F 154 -18.82 -31.74 3.22
N HIS F 155 -18.37 -32.06 2.01
CA HIS F 155 -17.70 -33.33 1.69
C HIS F 155 -18.62 -34.49 2.05
N HIS F 156 -18.10 -35.54 2.70
CA HIS F 156 -18.87 -36.70 3.07
C HIS F 156 -19.85 -36.41 4.20
N HIS F 157 -19.80 -35.21 4.78
CA HIS F 157 -20.79 -34.78 5.75
C HIS F 157 -21.92 -33.98 5.11
N GLU F 158 -22.10 -34.10 3.79
CA GLU F 158 -23.24 -33.49 3.12
C GLU F 158 -24.53 -34.12 3.63
N PHE F 159 -25.58 -33.31 3.68
CA PHE F 159 -26.85 -33.77 4.21
C PHE F 159 -27.46 -34.82 3.29
N PRO F 160 -28.04 -35.90 3.82
CA PRO F 160 -28.73 -36.88 2.99
C PRO F 160 -30.13 -36.41 2.63
N GLY F 161 -30.82 -37.23 1.85
CA GLY F 161 -32.17 -36.93 1.43
C GLY F 161 -32.31 -36.91 -0.07
N SER F 162 -31.56 -36.02 -0.73
CA SER F 162 -31.46 -35.99 -2.17
C SER F 162 -30.17 -36.68 -2.60
N ARG F 163 -30.22 -37.33 -3.76
CA ARG F 163 -29.01 -37.90 -4.34
C ARG F 163 -28.12 -36.82 -4.97
N ILE F 164 -28.61 -35.60 -5.07
CA ILE F 164 -27.83 -34.47 -5.57
C ILE F 164 -27.40 -33.62 -4.36
N PRO F 165 -26.12 -33.29 -4.24
CA PRO F 165 -25.68 -32.47 -3.09
C PRO F 165 -26.47 -31.18 -3.01
N PRO F 166 -27.12 -30.92 -1.86
CA PRO F 166 -27.93 -29.70 -1.74
C PRO F 166 -27.14 -28.42 -1.53
N HIS F 167 -26.05 -28.50 -0.76
CA HIS F 167 -25.26 -27.31 -0.42
C HIS F 167 -24.24 -27.06 -1.52
N ARG F 168 -24.65 -26.32 -2.54
CA ARG F 168 -23.84 -26.10 -3.73
C ARG F 168 -23.27 -24.68 -3.70
N ALA F 169 -23.10 -24.08 -4.88
CA ALA F 169 -22.31 -22.85 -4.99
C ALA F 169 -23.06 -21.65 -4.42
N ASP F 170 -24.34 -21.50 -4.77
CA ASP F 170 -25.12 -20.41 -4.20
C ASP F 170 -25.16 -20.49 -2.68
N THR F 171 -25.38 -21.69 -2.15
CA THR F 171 -25.53 -21.86 -0.70
C THR F 171 -24.21 -21.59 0.02
N GLY F 172 -23.11 -22.15 -0.50
CA GLY F 172 -21.82 -21.90 0.13
C GLY F 172 -21.43 -20.44 0.10
N ALA F 173 -21.72 -19.75 -1.00
CA ALA F 173 -21.39 -18.34 -1.10
C ALA F 173 -22.18 -17.51 -0.10
N PHE F 174 -23.46 -17.84 0.08
CA PHE F 174 -24.27 -17.09 1.03
C PHE F 174 -23.86 -17.38 2.47
N LEU F 175 -23.57 -18.65 2.78
CA LEU F 175 -23.10 -18.99 4.11
C LEU F 175 -21.85 -18.19 4.46
N LEU F 176 -20.90 -18.09 3.52
CA LEU F 176 -19.69 -17.32 3.76
C LEU F 176 -20.00 -15.84 3.91
N ALA F 177 -20.78 -15.29 2.98
CA ALA F 177 -21.06 -13.86 3.00
C ALA F 177 -21.79 -13.45 4.27
N ASP F 178 -22.74 -14.28 4.72
CA ASP F 178 -23.50 -13.94 5.91
C ASP F 178 -22.69 -14.15 7.18
N ALA F 179 -21.86 -15.20 7.21
CA ALA F 179 -21.00 -15.42 8.38
C ALA F 179 -20.02 -14.27 8.54
N PHE F 180 -19.48 -13.76 7.43
CA PHE F 180 -18.59 -12.61 7.48
C PHE F 180 -19.33 -11.31 7.81
N GLY F 181 -20.65 -11.29 7.67
CA GLY F 181 -21.37 -10.04 7.79
C GLY F 181 -21.06 -9.10 6.65
N ALA F 182 -20.85 -9.62 5.45
CA ALA F 182 -20.44 -8.83 4.31
C ALA F 182 -21.53 -7.83 3.93
N ALA F 183 -21.11 -6.79 3.20
CA ALA F 183 -22.04 -5.76 2.76
C ALA F 183 -23.08 -6.30 1.77
N GLY F 184 -22.78 -7.40 1.09
CA GLY F 184 -23.77 -7.98 0.20
C GLY F 184 -23.21 -9.20 -0.48
N LEU F 185 -24.12 -9.95 -1.11
CA LEU F 185 -23.78 -11.06 -1.99
C LEU F 185 -24.53 -10.86 -3.29
N THR F 186 -23.81 -10.90 -4.41
CA THR F 186 -24.40 -10.78 -5.73
C THR F 186 -24.16 -12.07 -6.49
N ILE F 187 -25.22 -12.62 -7.07
CA ILE F 187 -25.17 -13.88 -7.79
C ILE F 187 -25.20 -13.57 -9.28
N VAL F 188 -24.17 -14.01 -10.00
CA VAL F 188 -23.98 -13.69 -11.41
C VAL F 188 -24.43 -14.90 -12.22
N GLU F 189 -25.55 -14.76 -12.92
CA GLU F 189 -26.22 -15.85 -13.63
C GLU F 189 -26.10 -15.66 -15.13
N ASN F 190 -26.50 -16.70 -15.87
CA ASN F 190 -26.58 -16.63 -17.32
C ASN F 190 -27.98 -16.24 -17.81
N VAL F 191 -28.86 -15.83 -16.89
CA VAL F 191 -30.18 -15.32 -17.23
C VAL F 191 -30.43 -14.05 -16.42
N ASP F 192 -31.50 -13.35 -16.78
CA ASP F 192 -31.78 -12.07 -16.14
C ASP F 192 -32.11 -12.20 -14.66
N GLY F 193 -32.58 -13.37 -14.22
CA GLY F 193 -32.95 -13.56 -12.83
C GLY F 193 -33.82 -14.78 -12.68
N ILE F 194 -34.76 -14.70 -11.73
CA ILE F 194 -35.68 -15.80 -11.44
C ILE F 194 -36.96 -15.55 -12.21
N TYR F 195 -37.43 -16.57 -12.92
CA TYR F 195 -38.71 -16.56 -13.62
C TYR F 195 -39.69 -17.50 -12.92
N THR F 196 -40.96 -17.40 -13.30
CA THR F 196 -41.96 -18.34 -12.78
C THR F 196 -41.78 -19.75 -13.34
N ALA F 197 -40.99 -19.90 -14.40
CA ALA F 197 -40.65 -21.21 -14.94
C ALA F 197 -39.28 -21.09 -15.59
N ASP F 198 -38.71 -22.23 -15.96
CA ASP F 198 -37.41 -22.25 -16.63
C ASP F 198 -37.50 -21.51 -17.95
N PRO F 199 -36.82 -20.38 -18.11
CA PRO F 199 -36.88 -19.64 -19.38
C PRO F 199 -36.17 -20.36 -20.53
N ASN F 200 -35.46 -21.44 -20.25
CA ASN F 200 -34.82 -22.25 -21.28
C ASN F 200 -35.41 -23.65 -21.35
N GLY F 201 -36.48 -23.91 -20.60
CA GLY F 201 -37.09 -25.22 -20.55
C GLY F 201 -38.31 -25.35 -21.43
N PRO F 202 -39.05 -26.45 -21.26
CA PRO F 202 -40.21 -26.68 -22.15
C PRO F 202 -41.31 -25.65 -21.98
N ASP F 203 -41.52 -25.14 -20.77
CA ASP F 203 -42.56 -24.16 -20.49
C ASP F 203 -42.02 -22.74 -20.49
N ARG F 204 -41.03 -22.46 -21.35
CA ARG F 204 -40.43 -21.13 -21.42
C ARG F 204 -41.43 -20.08 -21.87
N GLY F 205 -42.42 -20.47 -22.67
CA GLY F 205 -43.45 -19.53 -23.10
C GLY F 205 -44.31 -19.02 -21.98
N GLN F 206 -44.33 -19.73 -20.85
CA GLN F 206 -45.09 -19.31 -19.68
C GLN F 206 -44.21 -18.67 -18.61
N ALA F 207 -42.90 -18.62 -18.81
CA ALA F 207 -41.99 -18.07 -17.82
C ALA F 207 -42.14 -16.56 -17.73
N ARG F 208 -42.49 -16.06 -16.55
CA ARG F 208 -42.64 -14.64 -16.29
C ARG F 208 -41.56 -14.19 -15.33
N PHE F 209 -40.92 -13.07 -15.65
CA PHE F 209 -39.81 -12.59 -14.84
C PHE F 209 -40.28 -12.08 -13.49
N LEU F 210 -39.48 -12.33 -12.46
CA LEU F 210 -39.79 -11.88 -11.10
C LEU F 210 -38.77 -10.83 -10.68
N PRO F 211 -39.12 -9.54 -10.71
CA PRO F 211 -38.14 -8.51 -10.30
C PRO F 211 -37.77 -8.59 -8.83
N GLU F 212 -38.70 -8.97 -7.97
CA GLU F 212 -38.43 -9.08 -6.54
C GLU F 212 -39.22 -10.25 -5.97
N THR F 213 -38.62 -10.92 -4.98
CA THR F 213 -39.27 -12.05 -4.33
C THR F 213 -38.67 -12.26 -2.95
N SER F 214 -39.39 -13.02 -2.13
CA SER F 214 -38.99 -13.45 -0.81
C SER F 214 -38.36 -14.83 -0.91
N ALA F 215 -37.43 -15.14 0.01
CA ALA F 215 -36.93 -16.50 0.08
C ALA F 215 -38.01 -17.44 0.57
N THR F 216 -38.89 -16.96 1.45
CA THR F 216 -39.95 -17.80 1.98
C THR F 216 -40.96 -18.16 0.90
N ASP F 217 -41.31 -17.20 0.03
CA ASP F 217 -42.24 -17.50 -1.06
C ASP F 217 -41.59 -18.41 -2.10
N LEU F 218 -40.29 -18.26 -2.33
CA LEU F 218 -39.60 -19.16 -3.25
C LEU F 218 -39.52 -20.58 -2.67
N ALA F 219 -39.31 -20.69 -1.35
CA ALA F 219 -39.21 -22.01 -0.73
C ALA F 219 -40.54 -22.75 -0.80
N LYS F 220 -41.65 -22.02 -0.64
CA LYS F 220 -42.97 -22.63 -0.78
C LYS F 220 -43.24 -23.07 -2.21
N SER F 221 -42.53 -22.51 -3.18
CA SER F 221 -42.76 -22.85 -4.58
C SER F 221 -42.18 -24.23 -4.90
N GLU F 222 -42.79 -24.89 -5.88
CA GLU F 222 -42.28 -26.11 -6.47
C GLU F 222 -41.89 -25.83 -7.91
N GLY F 223 -40.86 -26.54 -8.38
CA GLY F 223 -40.35 -26.32 -9.72
C GLY F 223 -38.93 -25.81 -9.69
N PRO F 224 -38.32 -25.68 -10.87
CA PRO F 224 -36.90 -25.33 -10.93
C PRO F 224 -36.65 -23.86 -10.64
N LEU F 225 -35.44 -23.57 -10.19
CA LEU F 225 -34.97 -22.23 -9.87
C LEU F 225 -33.54 -22.11 -10.37
N PRO F 226 -33.06 -20.89 -10.62
CA PRO F 226 -31.65 -20.70 -10.97
C PRO F 226 -30.70 -20.69 -9.78
N VAL F 227 -31.22 -20.87 -8.57
CA VAL F 227 -30.42 -20.90 -7.35
C VAL F 227 -30.76 -22.17 -6.58
N ASP F 228 -29.82 -22.60 -5.75
CA ASP F 228 -30.06 -23.76 -4.89
C ASP F 228 -31.29 -23.54 -4.03
N ARG F 229 -32.07 -24.61 -3.84
CA ARG F 229 -33.17 -24.53 -2.88
C ARG F 229 -32.64 -24.43 -1.46
N ALA F 230 -31.44 -24.99 -1.20
CA ALA F 230 -30.82 -24.83 0.11
C ALA F 230 -30.44 -23.38 0.38
N LEU F 231 -30.24 -22.58 -0.67
CA LEU F 231 -29.98 -21.16 -0.47
C LEU F 231 -31.15 -20.49 0.23
N LEU F 232 -32.38 -20.85 -0.16
CA LEU F 232 -33.55 -20.29 0.50
C LEU F 232 -33.63 -20.72 1.96
N ASP F 233 -33.16 -21.93 2.26
CA ASP F 233 -33.22 -22.42 3.64
C ASP F 233 -32.21 -21.68 4.53
N VAL F 234 -31.01 -21.43 4.02
CA VAL F 234 -30.03 -20.69 4.81
C VAL F 234 -30.35 -19.20 4.83
N MET F 235 -31.12 -18.70 3.87
CA MET F 235 -31.56 -17.31 3.94
C MET F 235 -32.54 -17.10 5.09
N ALA F 236 -33.31 -18.13 5.44
CA ALA F 236 -34.25 -18.01 6.55
C ALA F 236 -33.52 -17.83 7.88
N THR F 237 -32.36 -18.44 8.03
CA THR F 237 -31.56 -18.30 9.23
C THR F 237 -30.46 -17.25 9.10
N ALA F 238 -30.50 -16.44 8.05
CA ALA F 238 -29.48 -15.42 7.86
C ALA F 238 -29.48 -14.43 9.02
N ARG F 239 -28.29 -13.90 9.32
CA ARG F 239 -28.12 -12.97 10.42
C ARG F 239 -27.85 -11.55 10.00
N HIS F 240 -27.34 -11.32 8.79
CA HIS F 240 -26.91 -9.99 8.39
C HIS F 240 -27.45 -9.58 7.03
N ILE F 241 -27.24 -10.41 6.01
CA ILE F 241 -27.59 -10.04 4.65
C ILE F 241 -29.11 -10.04 4.49
N GLU F 242 -29.66 -8.91 4.07
CA GLU F 242 -31.10 -8.76 3.95
C GLU F 242 -31.61 -9.05 2.55
N ARG F 243 -30.77 -8.91 1.52
CA ARG F 243 -31.19 -9.17 0.15
C ARG F 243 -30.00 -9.65 -0.66
N VAL F 244 -30.30 -10.51 -1.63
CA VAL F 244 -29.32 -11.02 -2.58
C VAL F 244 -29.91 -10.85 -3.97
N GLN F 245 -29.16 -10.23 -4.86
CA GLN F 245 -29.63 -9.98 -6.22
C GLN F 245 -29.00 -10.97 -7.19
N VAL F 246 -29.82 -11.55 -8.05
CA VAL F 246 -29.37 -12.41 -9.13
C VAL F 246 -29.40 -11.58 -10.41
N VAL F 247 -28.25 -11.43 -11.05
CA VAL F 247 -28.12 -10.59 -12.24
C VAL F 247 -27.52 -11.40 -13.37
N ASN F 248 -27.73 -10.90 -14.59
CA ASN F 248 -27.24 -11.56 -15.81
C ASN F 248 -25.80 -11.11 -16.06
N GLY F 249 -24.85 -12.02 -15.86
CA GLY F 249 -23.46 -11.73 -16.12
C GLY F 249 -23.11 -11.65 -17.59
N LEU F 250 -24.00 -12.08 -18.49
CA LEU F 250 -23.77 -11.96 -19.92
C LEU F 250 -24.09 -10.57 -20.45
N VAL F 251 -24.61 -9.68 -19.61
CA VAL F 251 -24.90 -8.31 -19.98
C VAL F 251 -23.90 -7.43 -19.23
N PRO F 252 -22.92 -6.83 -19.91
CA PRO F 252 -21.92 -6.02 -19.20
C PRO F 252 -22.55 -4.84 -18.50
N GLY F 253 -22.10 -4.59 -17.28
CA GLY F 253 -22.57 -3.48 -16.48
C GLY F 253 -23.55 -3.85 -15.39
N ARG F 254 -24.19 -5.01 -15.48
CA ARG F 254 -25.19 -5.38 -14.50
C ARG F 254 -24.55 -5.77 -13.16
N LEU F 255 -23.43 -6.46 -13.19
CA LEU F 255 -22.70 -6.75 -11.96
C LEU F 255 -22.25 -5.46 -11.29
N THR F 256 -21.72 -4.52 -12.08
CA THR F 256 -21.31 -3.23 -11.53
C THR F 256 -22.50 -2.51 -10.91
N ALA F 257 -23.65 -2.54 -11.58
CA ALA F 257 -24.84 -1.89 -11.05
C ALA F 257 -25.34 -2.56 -9.78
N ALA F 258 -25.35 -3.89 -9.77
CA ALA F 258 -25.86 -4.61 -8.60
C ALA F 258 -24.99 -4.37 -7.37
N LEU F 259 -23.67 -4.24 -7.57
CA LEU F 259 -22.78 -3.95 -6.45
C LEU F 259 -23.03 -2.56 -5.87
N ARG F 260 -23.63 -1.67 -6.64
CA ARG F 260 -24.00 -0.34 -6.16
C ARG F 260 -25.44 -0.29 -5.68
N GLY F 261 -26.10 -1.43 -5.52
CA GLY F 261 -27.46 -1.47 -5.04
C GLY F 261 -28.53 -1.18 -6.07
N GLU F 262 -28.17 -1.06 -7.33
CA GLU F 262 -29.15 -0.77 -8.38
C GLU F 262 -29.89 -2.04 -8.77
N HIS F 263 -31.19 -1.90 -8.99
CA HIS F 263 -32.06 -3.05 -9.27
C HIS F 263 -31.97 -3.34 -10.76
N VAL F 264 -31.21 -4.38 -11.12
CA VAL F 264 -31.02 -4.73 -12.53
C VAL F 264 -31.28 -6.23 -12.73
N GLY F 265 -31.79 -6.89 -11.71
CA GLY F 265 -32.08 -8.31 -11.78
C GLY F 265 -33.20 -8.69 -10.85
N THR F 266 -33.09 -9.86 -10.24
CA THR F 266 -34.09 -10.35 -9.28
C THR F 266 -33.54 -10.18 -7.87
N LEU F 267 -34.28 -9.45 -7.04
CA LEU F 267 -33.93 -9.28 -5.63
C LEU F 267 -34.60 -10.34 -4.80
N ILE F 268 -33.82 -11.06 -4.01
CA ILE F 268 -34.33 -12.09 -3.10
C ILE F 268 -34.20 -11.57 -1.69
N ARG F 269 -35.34 -11.39 -1.01
CA ARG F 269 -35.34 -10.94 0.37
C ARG F 269 -35.11 -12.13 1.30
N THR F 270 -34.13 -12.01 2.18
CA THR F 270 -33.81 -13.07 3.13
C THR F 270 -34.73 -12.95 4.34
N GLY F 271 -34.46 -13.76 5.37
CA GLY F 271 -35.22 -13.69 6.60
C GLY F 271 -34.84 -12.55 7.51
N VAL F 272 -33.78 -11.82 7.18
CA VAL F 272 -33.34 -10.70 8.02
C VAL F 272 -34.32 -9.54 7.80
N ARG F 273 -35.08 -9.22 8.84
CA ARG F 273 -36.03 -8.12 8.75
C ARG F 273 -35.28 -6.80 8.89
N PRO F 274 -35.36 -5.89 7.91
CA PRO F 274 -34.69 -4.59 8.05
C PRO F 274 -35.39 -3.72 9.07
N ALA F 275 -34.62 -2.84 9.70
CA ALA F 275 -35.15 -1.94 10.71
C ALA F 275 -36.05 -0.88 10.06
N ASN G 2 12.17 39.42 -44.78
CA ASN G 2 11.62 38.44 -45.70
C ASN G 2 10.12 38.26 -45.56
N SER G 3 9.75 37.17 -44.88
CA SER G 3 8.41 36.62 -44.95
C SER G 3 8.02 36.07 -43.58
N THR G 4 6.89 36.57 -43.06
CA THR G 4 6.18 35.91 -41.98
C THR G 4 5.40 34.70 -42.46
N ALA G 5 5.00 34.70 -43.73
CA ALA G 5 4.38 33.54 -44.33
C ALA G 5 5.37 32.38 -44.39
N GLU G 6 6.61 32.66 -44.77
CA GLU G 6 7.64 31.63 -44.72
C GLU G 6 7.89 31.18 -43.28
N LEU G 7 7.95 32.13 -42.35
CA LEU G 7 8.18 31.77 -40.95
C LEU G 7 7.04 30.91 -40.42
N GLU G 8 5.80 31.30 -40.67
CA GLU G 8 4.66 30.57 -40.13
C GLU G 8 4.51 29.20 -40.75
N GLU G 9 4.89 29.03 -42.02
CA GLU G 9 4.84 27.70 -42.63
C GLU G 9 5.99 26.83 -42.13
N LEU G 10 7.17 27.42 -41.94
CA LEU G 10 8.28 26.66 -41.37
C LEU G 10 7.99 26.24 -39.94
N LEU G 11 7.30 27.11 -39.18
CA LEU G 11 7.00 26.79 -37.79
C LEU G 11 6.07 25.60 -37.66
N MET G 12 5.23 25.36 -38.67
CA MET G 12 4.28 24.25 -38.61
C MET G 12 4.80 22.99 -39.27
N GLN G 13 5.70 23.12 -40.25
CA GLN G 13 6.08 21.98 -41.08
C GLN G 13 7.49 21.48 -40.81
N ARG G 14 8.24 22.12 -39.91
CA ARG G 14 9.61 21.72 -39.64
C ARG G 14 9.79 21.50 -38.14
N SER G 15 10.89 20.84 -37.80
CA SER G 15 11.33 20.79 -36.41
C SER G 15 11.92 22.13 -36.01
N LEU G 16 11.85 22.44 -34.72
CA LEU G 16 12.42 23.69 -34.24
C LEU G 16 13.94 23.71 -34.37
N THR G 17 14.56 22.54 -34.57
CA THR G 17 16.00 22.47 -34.79
C THR G 17 16.39 22.73 -36.24
N ASP G 18 15.42 22.88 -37.14
CA ASP G 18 15.72 23.09 -38.54
C ASP G 18 16.44 24.42 -38.73
N PRO G 19 17.61 24.45 -39.37
CA PRO G 19 18.30 25.73 -39.55
C PRO G 19 17.50 26.74 -40.35
N GLN G 20 16.67 26.30 -41.30
CA GLN G 20 15.86 27.26 -42.03
C GLN G 20 14.80 27.89 -41.12
N LEU G 21 14.25 27.10 -40.20
CA LEU G 21 13.32 27.67 -39.21
C LEU G 21 14.04 28.66 -38.30
N GLN G 22 15.24 28.29 -37.82
CA GLN G 22 15.98 29.17 -36.92
C GLN G 22 16.32 30.50 -37.59
N ALA G 23 16.72 30.47 -38.85
CA ALA G 23 17.08 31.68 -39.55
C ALA G 23 15.84 32.55 -39.79
N ALA G 24 14.70 31.93 -40.06
CA ALA G 24 13.46 32.69 -40.24
C ALA G 24 13.03 33.36 -38.94
N ALA G 25 13.16 32.66 -37.82
CA ALA G 25 12.82 33.26 -36.53
C ALA G 25 13.78 34.39 -36.17
N ALA G 26 15.04 34.29 -36.59
CA ALA G 26 16.03 35.32 -36.26
C ALA G 26 15.71 36.65 -36.93
N ALA G 27 14.94 36.63 -38.01
CA ALA G 27 14.59 37.86 -38.72
C ALA G 27 13.35 38.53 -38.12
N ALA G 28 12.82 38.02 -37.03
CA ALA G 28 11.64 38.62 -36.41
C ALA G 28 11.99 39.94 -35.74
N ALA G 29 10.98 40.78 -35.55
CA ALA G 29 11.17 42.06 -34.89
C ALA G 29 11.66 41.85 -33.46
N ASP G 30 12.30 42.88 -32.92
CA ASP G 30 12.91 42.84 -31.59
C ASP G 30 12.22 43.87 -30.72
N PHE G 31 11.41 43.40 -29.79
CA PHE G 31 10.68 44.27 -28.86
C PHE G 31 11.38 44.28 -27.50
N ARG G 32 11.66 45.47 -27.00
CA ARG G 32 12.27 45.64 -25.68
C ARG G 32 11.17 45.95 -24.68
N ILE G 33 11.03 45.09 -23.66
CA ILE G 33 9.93 45.21 -22.71
C ILE G 33 10.16 46.38 -21.77
N LEU G 34 11.37 46.49 -21.22
CA LEU G 34 11.73 47.57 -20.29
C LEU G 34 12.98 48.27 -20.81
N PRO G 35 12.86 49.02 -21.90
CA PRO G 35 14.05 49.62 -22.51
C PRO G 35 14.70 50.72 -21.69
N ASP G 36 13.94 51.39 -20.82
CA ASP G 36 14.46 52.48 -20.02
C ASP G 36 14.95 52.04 -18.66
N ALA G 37 14.91 50.74 -18.37
CA ALA G 37 15.28 50.23 -17.05
C ALA G 37 16.74 49.79 -17.05
N THR G 38 17.32 49.78 -15.84
CA THR G 38 18.68 49.32 -15.62
C THR G 38 18.66 48.23 -14.55
N VAL G 39 19.30 47.10 -14.83
CA VAL G 39 19.44 46.03 -13.86
C VAL G 39 20.79 46.17 -13.18
N ILE G 40 20.80 46.15 -11.85
CA ILE G 40 22.02 46.18 -11.07
C ILE G 40 22.00 45.00 -10.11
N LYS G 41 23.16 44.42 -9.87
CA LYS G 41 23.33 43.36 -8.87
C LYS G 41 24.08 43.95 -7.68
N ILE G 42 23.47 43.86 -6.50
CA ILE G 42 24.15 44.18 -5.26
C ILE G 42 24.87 42.92 -4.79
N GLY G 43 26.19 42.99 -4.67
CA GLY G 43 27.00 41.84 -4.37
C GLY G 43 26.56 41.08 -3.14
N GLY G 44 26.64 39.76 -3.19
CA GLY G 44 26.32 38.94 -2.04
C GLY G 44 27.49 38.83 -1.10
N GLN G 45 28.49 38.01 -1.46
CA GLN G 45 29.69 37.91 -0.65
C GLN G 45 30.48 39.21 -0.65
N SER G 46 30.39 39.98 -1.74
CA SER G 46 31.21 41.18 -1.89
C SER G 46 30.60 42.41 -1.24
N VAL G 47 29.29 42.44 -1.02
CA VAL G 47 28.65 43.64 -0.51
C VAL G 47 27.75 43.34 0.68
N ILE G 48 26.68 42.58 0.45
CA ILE G 48 25.68 42.40 1.49
C ILE G 48 26.27 41.65 2.69
N ASP G 49 27.18 40.71 2.44
CA ASP G 49 27.82 40.00 3.53
C ASP G 49 28.72 40.91 4.37
N ARG G 50 29.03 42.11 3.89
CA ARG G 50 29.80 43.05 4.69
C ARG G 50 28.94 43.78 5.72
N GLY G 51 27.62 43.77 5.56
CA GLY G 51 26.74 44.36 6.55
C GLY G 51 26.50 45.84 6.39
N ARG G 52 26.35 46.53 7.52
CA ARG G 52 25.88 47.92 7.51
C ARG G 52 26.89 48.83 6.82
N ALA G 53 28.19 48.60 7.03
CA ALA G 53 29.19 49.51 6.50
C ALA G 53 29.14 49.61 4.99
N ALA G 54 28.71 48.55 4.30
CA ALA G 54 28.63 48.54 2.86
C ALA G 54 27.22 48.71 2.32
N VAL G 55 26.21 48.18 3.02
CA VAL G 55 24.85 48.20 2.51
C VAL G 55 24.22 49.58 2.71
N TYR G 56 24.41 50.18 3.88
CA TYR G 56 23.75 51.44 4.17
C TYR G 56 24.14 52.56 3.21
N PRO G 57 25.43 52.75 2.86
CA PRO G 57 25.74 53.79 1.87
C PRO G 57 25.13 53.51 0.51
N LEU G 58 25.07 52.23 0.10
CA LEU G 58 24.48 51.91 -1.19
C LEU G 58 22.97 52.06 -1.18
N VAL G 59 22.34 51.88 -0.01
CA VAL G 59 20.91 52.15 0.10
C VAL G 59 20.62 53.62 -0.16
N ASP G 60 21.44 54.52 0.42
CA ASP G 60 21.27 55.94 0.18
C ASP G 60 21.50 56.28 -1.29
N GLU G 61 22.47 55.64 -1.92
CA GLU G 61 22.73 55.90 -3.33
C GLU G 61 21.58 55.43 -4.20
N ILE G 62 20.96 54.31 -3.85
CA ILE G 62 19.84 53.80 -4.64
C ILE G 62 18.63 54.71 -4.51
N VAL G 63 18.32 55.16 -3.28
CA VAL G 63 17.17 56.03 -3.08
C VAL G 63 17.35 57.34 -3.83
N ALA G 64 18.58 57.85 -3.89
CA ALA G 64 18.83 59.08 -4.62
C ALA G 64 18.85 58.84 -6.12
N ALA G 65 19.38 57.70 -6.57
CA ALA G 65 19.53 57.45 -8.00
C ALA G 65 18.20 57.11 -8.67
N ARG G 66 17.26 56.50 -7.93
CA ARG G 66 15.97 56.14 -8.53
C ARG G 66 15.19 57.38 -8.95
N LYS G 67 15.58 58.57 -8.51
CA LYS G 67 14.95 59.80 -8.98
C LYS G 67 15.16 59.99 -10.47
N ASN G 68 16.25 59.43 -11.01
CA ASN G 68 16.62 59.61 -12.40
C ASN G 68 16.71 58.31 -13.19
N HIS G 69 16.71 57.16 -12.53
CA HIS G 69 16.95 55.89 -13.21
C HIS G 69 15.98 54.84 -12.71
N LYS G 70 15.33 54.14 -13.64
CA LYS G 70 14.52 52.98 -13.30
C LYS G 70 15.44 51.80 -13.03
N LEU G 71 15.30 51.20 -11.84
CA LEU G 71 16.25 50.22 -11.35
C LEU G 71 15.56 48.90 -11.04
N LEU G 72 16.16 47.81 -11.51
CA LEU G 72 15.81 46.46 -11.08
C LEU G 72 17.02 45.94 -10.29
N ILE G 73 16.85 45.79 -8.98
CA ILE G 73 17.96 45.58 -8.07
C ILE G 73 17.96 44.11 -7.66
N GLY G 74 18.95 43.36 -8.14
CA GLY G 74 19.10 41.96 -7.82
C GLY G 74 20.15 41.76 -6.73
N THR G 75 19.96 40.71 -5.94
CA THR G 75 20.83 40.43 -4.81
C THR G 75 21.67 39.18 -5.07
N GLY G 76 22.92 39.19 -4.63
CA GLY G 76 23.74 38.01 -4.62
C GLY G 76 23.39 37.11 -3.45
N ALA G 77 24.11 36.00 -3.34
CA ALA G 77 23.91 35.05 -2.25
C ALA G 77 24.98 35.25 -1.18
N GLY G 78 26.16 34.67 -1.38
CA GLY G 78 27.31 34.97 -0.57
C GLY G 78 27.79 33.77 0.24
N THR G 79 28.30 34.06 1.44
CA THR G 79 29.01 33.06 2.22
C THR G 79 28.08 31.98 2.77
N ARG G 80 26.80 32.31 3.00
CA ARG G 80 25.87 31.29 3.46
C ARG G 80 25.58 30.27 2.37
N ALA G 81 25.61 30.69 1.10
CA ALA G 81 25.45 29.74 0.01
C ALA G 81 26.68 28.85 -0.12
N ARG G 82 27.87 29.42 0.11
CA ARG G 82 29.08 28.61 0.05
C ARG G 82 29.09 27.55 1.14
N HIS G 83 28.54 27.87 2.31
CA HIS G 83 28.41 26.86 3.36
C HIS G 83 27.42 25.78 2.96
N LEU G 84 26.28 26.19 2.37
CA LEU G 84 25.32 25.21 1.87
C LEU G 84 25.92 24.37 0.76
N TYR G 85 26.64 25.00 -0.17
CA TYR G 85 27.29 24.25 -1.24
C TYR G 85 28.31 23.27 -0.67
N SER G 86 29.01 23.67 0.39
CA SER G 86 30.01 22.79 1.00
C SER G 86 29.35 21.57 1.63
N ILE G 87 28.28 21.77 2.39
CA ILE G 87 27.62 20.64 3.02
C ILE G 87 27.03 19.71 1.96
N ALA G 88 26.37 20.29 0.94
CA ALA G 88 25.74 19.47 -0.08
C ALA G 88 26.78 18.75 -0.95
N ALA G 89 27.87 19.43 -1.30
CA ALA G 89 28.90 18.79 -2.11
C ALA G 89 29.56 17.64 -1.36
N GLY G 90 29.75 17.81 -0.05
CA GLY G 90 30.31 16.73 0.75
C GLY G 90 29.43 15.51 0.80
N LEU G 91 28.13 15.66 0.57
CA LEU G 91 27.21 14.54 0.48
C LEU G 91 27.04 14.02 -0.93
N GLY G 92 27.67 14.67 -1.92
CA GLY G 92 27.52 14.25 -3.30
C GLY G 92 26.20 14.65 -3.93
N LEU G 93 25.62 15.76 -3.51
CA LEU G 93 24.35 16.17 -4.10
C LEU G 93 24.61 16.88 -5.44
N PRO G 94 23.73 16.69 -6.42
CA PRO G 94 23.98 17.26 -7.75
C PRO G 94 23.76 18.77 -7.77
N ALA G 95 24.19 19.38 -8.88
CA ALA G 95 24.11 20.82 -9.01
C ALA G 95 22.67 21.32 -8.91
N GLY G 96 21.71 20.52 -9.36
CA GLY G 96 20.32 20.94 -9.28
C GLY G 96 19.84 21.12 -7.86
N VAL G 97 20.33 20.30 -6.93
CA VAL G 97 19.97 20.45 -5.53
C VAL G 97 20.65 21.67 -4.93
N LEU G 98 21.95 21.85 -5.23
CA LEU G 98 22.66 23.02 -4.72
C LEU G 98 22.03 24.32 -5.23
N ALA G 99 21.46 24.31 -6.44
CA ALA G 99 20.91 25.54 -7.01
C ALA G 99 19.78 26.10 -6.16
N GLN G 100 18.88 25.23 -5.67
CA GLN G 100 17.79 25.71 -4.85
C GLN G 100 18.27 26.12 -3.46
N LEU G 101 19.34 25.50 -2.96
CA LEU G 101 19.91 25.91 -1.69
C LEU G 101 20.45 27.33 -1.78
N GLY G 102 21.17 27.65 -2.87
CA GLY G 102 21.69 28.99 -3.04
C GLY G 102 20.62 30.03 -3.26
N SER G 103 19.47 29.62 -3.84
CA SER G 103 18.39 30.57 -4.07
CA SER G 103 18.40 30.58 -4.07
C SER G 103 17.86 31.12 -2.76
N SER G 104 17.76 30.27 -1.73
CA SER G 104 17.26 30.73 -0.43
C SER G 104 18.15 31.83 0.13
N VAL G 105 19.47 31.72 -0.06
CA VAL G 105 20.38 32.72 0.46
C VAL G 105 20.16 34.06 -0.24
N ALA G 106 20.01 34.04 -1.57
CA ALA G 106 19.70 35.27 -2.28
C ALA G 106 18.32 35.81 -1.89
N ASP G 107 17.38 34.91 -1.59
CA ASP G 107 16.09 35.34 -1.07
C ASP G 107 16.24 36.10 0.24
N GLN G 108 17.10 35.60 1.13
CA GLN G 108 17.34 36.28 2.40
C GLN G 108 17.89 37.69 2.18
N ASN G 109 18.87 37.80 1.30
CA ASN G 109 19.49 39.11 1.05
C ASN G 109 18.49 40.08 0.43
N ALA G 110 17.61 39.57 -0.43
CA ALA G 110 16.58 40.43 -1.02
C ALA G 110 15.62 40.91 0.05
N ALA G 111 15.27 40.05 1.00
CA ALA G 111 14.37 40.46 2.07
C ALA G 111 15.02 41.51 2.97
N MET G 112 16.29 41.33 3.30
CA MET G 112 16.97 42.30 4.16
C MET G 112 17.13 43.65 3.45
N LEU G 113 17.52 43.63 2.17
CA LEU G 113 17.65 44.88 1.43
C LEU G 113 16.29 45.53 1.21
N GLY G 114 15.25 44.73 0.99
CA GLY G 114 13.93 45.30 0.77
C GLY G 114 13.35 45.97 2.00
N GLN G 115 13.64 45.43 3.19
CA GLN G 115 13.14 46.04 4.41
C GLN G 115 13.78 47.39 4.67
N LEU G 116 15.04 47.57 4.24
CA LEU G 116 15.68 48.88 4.36
C LEU G 116 15.14 49.88 3.35
N LEU G 117 14.53 49.40 2.25
CA LEU G 117 13.99 50.28 1.22
C LEU G 117 12.47 50.36 1.26
N ALA G 118 11.82 49.71 2.21
CA ALA G 118 10.36 49.67 2.21
C ALA G 118 9.77 51.05 2.47
N LYS G 119 10.37 51.82 3.36
CA LYS G 119 9.84 53.15 3.67
C LYS G 119 10.02 54.13 2.51
N HIS G 120 10.74 53.74 1.45
CA HIS G 120 10.88 54.55 0.26
C HIS G 120 9.98 54.09 -0.88
N GLY G 121 9.18 53.05 -0.66
CA GLY G 121 8.29 52.54 -1.68
C GLY G 121 8.88 51.48 -2.57
N ILE G 122 10.15 51.13 -2.40
CA ILE G 122 10.82 50.15 -3.24
C ILE G 122 10.45 48.75 -2.75
N PRO G 123 9.83 47.92 -3.60
CA PRO G 123 9.35 46.62 -3.13
C PRO G 123 10.28 45.46 -3.49
N VAL G 124 10.18 44.37 -2.73
CA VAL G 124 10.73 43.09 -3.13
C VAL G 124 9.69 42.39 -3.99
N VAL G 125 10.04 42.09 -5.24
CA VAL G 125 9.14 41.44 -6.17
C VAL G 125 9.56 39.99 -6.34
N GLY G 126 8.58 39.10 -6.46
CA GLY G 126 8.87 37.68 -6.56
C GLY G 126 7.65 36.83 -6.85
N GLY G 127 7.74 36.03 -7.90
CA GLY G 127 6.63 35.20 -8.29
C GLY G 127 6.06 35.85 -9.53
N ALA G 128 6.36 35.32 -10.70
CA ALA G 128 5.79 35.70 -12.01
C ALA G 128 6.43 36.99 -12.45
N GLY G 129 7.08 37.67 -11.51
CA GLY G 129 7.70 38.99 -11.66
C GLY G 129 6.77 40.15 -12.03
N LEU G 130 5.61 40.36 -11.41
CA LEU G 130 4.81 41.56 -11.82
C LEU G 130 5.33 42.83 -11.09
N SER G 131 6.15 43.62 -11.80
CA SER G 131 6.79 44.90 -11.40
C SER G 131 6.47 46.05 -12.37
N ALA G 132 5.47 45.97 -13.24
CA ALA G 132 5.17 47.09 -14.16
C ALA G 132 4.72 48.34 -13.41
N VAL G 133 3.81 48.24 -12.43
CA VAL G 133 3.34 49.40 -11.68
C VAL G 133 4.54 50.07 -11.02
N PRO G 134 5.25 49.44 -10.08
CA PRO G 134 6.22 50.20 -9.28
C PRO G 134 7.34 50.81 -10.10
N LEU G 135 7.76 50.17 -11.18
CA LEU G 135 8.77 50.75 -12.04
C LEU G 135 8.26 52.00 -12.74
N SER G 136 6.97 52.03 -13.08
CA SER G 136 6.42 53.18 -13.81
CA SER G 136 6.42 53.17 -13.80
C SER G 136 6.30 54.40 -12.91
N LEU G 137 5.99 54.20 -11.63
CA LEU G 137 5.85 55.34 -10.74
C LEU G 137 7.19 56.05 -10.57
N ALA G 138 7.17 57.38 -10.65
CA ALA G 138 8.34 58.17 -10.31
C ALA G 138 8.62 58.16 -8.82
N GLU G 139 7.59 57.94 -8.00
CA GLU G 139 7.75 57.85 -6.55
C GLU G 139 8.38 56.55 -6.10
N VAL G 140 8.47 55.55 -6.98
CA VAL G 140 9.10 54.27 -6.66
C VAL G 140 10.27 54.03 -7.61
N ASN G 141 9.96 53.73 -8.87
CA ASN G 141 10.92 53.62 -9.96
C ASN G 141 12.01 52.57 -9.69
N ALA G 142 11.77 51.64 -8.78
CA ALA G 142 12.76 50.62 -8.48
C ALA G 142 12.07 49.45 -7.80
N VAL G 143 12.63 48.25 -8.01
CA VAL G 143 12.21 47.04 -7.32
C VAL G 143 13.45 46.25 -6.92
N VAL G 144 13.27 45.35 -5.96
CA VAL G 144 14.31 44.45 -5.49
C VAL G 144 13.88 43.03 -5.81
N PHE G 145 14.82 42.23 -6.31
CA PHE G 145 14.52 40.84 -6.64
C PHE G 145 15.71 39.96 -6.27
N SER G 146 15.43 38.68 -6.09
CA SER G 146 16.47 37.70 -5.79
C SER G 146 17.17 37.29 -7.08
N GLY G 147 18.50 37.37 -7.08
CA GLY G 147 19.29 37.22 -8.27
C GLY G 147 19.56 35.82 -8.75
N MET G 148 19.09 34.80 -8.04
CA MET G 148 19.35 33.41 -8.48
C MET G 148 18.41 33.03 -9.62
N PRO G 149 18.89 32.37 -10.69
CA PRO G 149 18.00 31.91 -11.76
C PRO G 149 17.03 30.86 -11.28
N PRO G 150 15.95 30.60 -12.03
CA PRO G 150 14.90 29.68 -11.56
C PRO G 150 15.13 28.23 -11.91
N TYR G 151 16.36 27.86 -12.29
CA TYR G 151 16.58 26.56 -12.90
C TYR G 151 16.28 25.42 -11.93
N LYS G 152 16.62 25.60 -10.66
CA LYS G 152 16.26 24.64 -9.60
C LYS G 152 16.91 23.30 -9.96
N LEU G 153 16.18 22.17 -9.91
CA LEU G 153 16.74 20.88 -10.26
C LEU G 153 17.11 20.78 -11.74
N TRP G 154 16.53 21.63 -12.58
CA TRP G 154 16.86 21.66 -14.00
C TRP G 154 18.12 22.46 -14.29
N MET G 155 18.91 22.78 -13.28
CA MET G 155 20.14 23.54 -13.48
C MET G 155 21.10 22.77 -14.36
N ARG G 156 21.62 23.44 -15.39
CA ARG G 156 22.70 22.87 -16.17
C ARG G 156 23.92 22.64 -15.28
N PRO G 157 24.48 21.44 -15.22
CA PRO G 157 25.71 21.25 -14.45
C PRO G 157 26.93 21.76 -15.20
N ALA G 158 27.96 22.10 -14.42
CA ALA G 158 29.24 22.41 -15.03
C ALA G 158 29.88 21.15 -15.57
N ALA G 159 30.89 21.32 -16.44
CA ALA G 159 31.61 20.17 -16.96
C ALA G 159 32.28 19.39 -15.84
N GLU G 160 32.67 20.07 -14.76
CA GLU G 160 33.33 19.44 -13.62
C GLU G 160 32.70 19.94 -12.34
N GLY G 161 32.41 19.02 -11.43
CA GLY G 161 31.93 19.36 -10.10
C GLY G 161 30.44 19.62 -10.05
N VAL G 162 29.95 19.82 -8.83
CA VAL G 162 28.53 19.98 -8.57
C VAL G 162 28.17 21.43 -8.25
N ILE G 163 29.12 22.35 -8.35
CA ILE G 163 28.79 23.76 -8.11
C ILE G 163 27.92 24.27 -9.26
N PRO G 164 26.76 24.85 -8.99
CA PRO G 164 25.93 25.41 -10.07
C PRO G 164 26.69 26.49 -10.84
N PRO G 165 26.84 26.33 -12.15
CA PRO G 165 27.60 27.32 -12.92
C PRO G 165 26.83 28.59 -13.22
N TYR G 166 25.52 28.59 -13.10
CA TYR G 166 24.68 29.78 -13.31
C TYR G 166 24.12 30.20 -11.98
N ARG G 167 24.67 31.28 -11.41
CA ARG G 167 24.21 31.77 -10.11
C ARG G 167 23.79 33.23 -10.24
N THR G 168 24.04 34.03 -9.21
CA THR G 168 23.42 35.35 -9.13
C THR G 168 23.94 36.32 -10.18
N ASP G 169 25.15 36.10 -10.72
CA ASP G 169 25.58 36.92 -11.85
C ASP G 169 24.73 36.64 -13.08
N ALA G 170 24.50 35.36 -13.38
CA ALA G 170 23.73 35.00 -14.56
C ALA G 170 22.25 35.35 -14.38
N GLY G 171 21.73 35.21 -13.16
CA GLY G 171 20.33 35.50 -12.91
C GLY G 171 19.99 36.96 -13.14
N CYS G 172 20.87 37.86 -12.72
CA CYS G 172 20.61 39.28 -12.93
C CYS G 172 20.83 39.67 -14.38
N PHE G 173 21.87 39.13 -15.01
CA PHE G 173 22.16 39.50 -16.40
C PHE G 173 21.06 39.03 -17.34
N LEU G 174 20.61 37.78 -17.20
CA LEU G 174 19.57 37.27 -18.07
C LEU G 174 18.27 38.04 -17.91
N LEU G 175 18.02 38.57 -16.70
CA LEU G 175 16.86 39.44 -16.51
C LEU G 175 17.01 40.73 -17.29
N ALA G 176 18.22 41.31 -17.30
CA ALA G 176 18.47 42.50 -18.10
C ALA G 176 18.32 42.20 -19.59
N GLU G 177 18.76 41.01 -20.01
CA GLU G 177 18.69 40.65 -21.43
C GLU G 177 17.25 40.40 -21.87
N GLN G 178 16.45 39.73 -21.03
CA GLN G 178 15.10 39.38 -21.43
C GLN G 178 14.24 40.63 -21.58
N PHE G 179 14.33 41.56 -20.64
CA PHE G 179 13.50 42.75 -20.61
C PHE G 179 14.04 43.88 -21.48
N GLY G 180 15.08 43.62 -22.26
CA GLY G 180 15.63 44.65 -23.12
C GLY G 180 16.12 45.87 -22.38
N CYS G 181 16.66 45.69 -21.18
CA CYS G 181 17.13 46.82 -20.39
C CYS G 181 18.31 47.50 -21.08
N LYS G 182 18.53 48.76 -20.71
CA LYS G 182 19.57 49.56 -21.34
C LYS G 182 20.94 49.36 -20.70
N GLN G 183 21.01 48.77 -19.52
CA GLN G 183 22.30 48.59 -18.89
C GLN G 183 22.26 47.46 -17.87
N MET G 184 23.45 46.91 -17.61
CA MET G 184 23.65 45.88 -16.60
C MET G 184 24.91 46.24 -15.82
N ILE G 185 24.76 46.52 -14.53
CA ILE G 185 25.86 46.96 -13.69
C ILE G 185 26.00 45.99 -12.53
N PHE G 186 27.21 45.45 -12.34
CA PHE G 186 27.53 44.58 -11.23
C PHE G 186 28.22 45.41 -10.15
N VAL G 187 27.60 45.51 -8.98
CA VAL G 187 28.09 46.33 -7.88
C VAL G 187 28.75 45.37 -6.88
N LYS G 188 30.08 45.35 -6.85
CA LYS G 188 30.82 44.48 -5.96
C LYS G 188 31.80 45.28 -5.10
N ASP G 189 32.94 44.69 -4.74
CA ASP G 189 33.84 45.28 -3.77
C ASP G 189 35.25 45.50 -4.32
N GLU G 190 35.42 45.48 -5.64
CA GLU G 190 36.70 45.79 -6.26
C GLU G 190 36.48 46.79 -7.38
N ASP G 191 37.56 47.49 -7.73
CA ASP G 191 37.47 48.50 -8.79
C ASP G 191 36.98 47.91 -10.10
N GLY G 192 37.17 46.63 -10.33
CA GLY G 192 36.72 45.98 -11.54
C GLY G 192 37.46 44.66 -11.73
N LEU G 193 37.63 44.29 -12.99
CA LEU G 193 38.34 43.07 -13.34
C LEU G 193 39.84 43.29 -13.23
N TYR G 194 40.53 42.30 -12.68
CA TYR G 194 41.98 42.30 -12.58
C TYR G 194 42.54 41.08 -13.30
N THR G 195 43.85 41.03 -13.45
CA THR G 195 44.49 39.87 -14.05
C THR G 195 44.42 38.63 -13.16
N ALA G 196 44.05 38.80 -11.89
CA ALA G 196 43.86 37.70 -10.95
C ALA G 196 43.06 38.23 -9.79
N ASN G 197 42.73 37.34 -8.85
CA ASN G 197 42.03 37.74 -7.64
C ASN G 197 42.88 38.75 -6.87
N PRO G 198 42.44 40.01 -6.78
CA PRO G 198 43.26 41.00 -6.07
C PRO G 198 43.41 40.74 -4.59
N LYS G 199 42.53 39.93 -4.00
CA LYS G 199 42.64 39.61 -2.58
C LYS G 199 43.72 38.56 -2.28
N THR G 200 44.09 37.75 -3.27
CA THR G 200 45.08 36.71 -3.08
C THR G 200 46.36 36.93 -3.89
N SER G 201 46.29 37.66 -5.00
CA SER G 201 47.47 38.04 -5.76
C SER G 201 47.58 39.57 -5.68
N LYS G 202 48.57 40.06 -4.93
CA LYS G 202 48.70 41.51 -4.78
C LYS G 202 49.47 42.14 -5.94
N ASP G 203 50.02 41.33 -6.85
CA ASP G 203 50.56 41.83 -8.12
C ASP G 203 49.49 41.93 -9.19
N ALA G 204 48.22 41.79 -8.84
CA ALA G 204 47.14 41.87 -9.81
C ALA G 204 47.03 43.30 -10.36
N THR G 205 46.84 43.40 -11.67
CA THR G 205 46.75 44.68 -12.35
C THR G 205 45.34 44.88 -12.88
N PHE G 206 44.86 46.13 -12.79
CA PHE G 206 43.48 46.45 -13.13
C PHE G 206 43.26 46.43 -14.64
N ILE G 207 42.09 45.96 -15.04
CA ILE G 207 41.70 45.90 -16.44
C ILE G 207 40.46 46.76 -16.62
N PRO G 208 40.61 47.95 -17.23
CA PRO G 208 39.47 48.86 -17.32
C PRO G 208 38.47 48.53 -18.42
N ARG G 209 38.92 47.87 -19.48
CA ARG G 209 38.06 47.56 -20.61
C ARG G 209 38.59 46.33 -21.33
N ILE G 210 37.69 45.42 -21.67
CA ILE G 210 38.06 44.16 -22.30
C ILE G 210 36.83 43.57 -22.97
N SER G 211 37.06 42.80 -24.02
CA SER G 211 36.01 42.03 -24.67
C SER G 211 36.00 40.60 -24.13
N VAL G 212 34.93 39.87 -24.44
CA VAL G 212 34.84 38.48 -24.00
C VAL G 212 35.90 37.64 -24.70
N ASP G 213 36.16 37.93 -25.98
CA ASP G 213 37.18 37.17 -26.71
C ASP G 213 38.56 37.39 -26.09
N GLU G 214 38.90 38.64 -25.78
CA GLU G 214 40.18 38.91 -25.13
C GLU G 214 40.21 38.36 -23.71
N MET G 215 39.06 38.32 -23.03
CA MET G 215 39.01 37.80 -21.67
C MET G 215 39.27 36.30 -21.65
N LYS G 216 38.72 35.57 -22.63
CA LYS G 216 38.97 34.13 -22.70
C LYS G 216 40.42 33.84 -23.06
N ALA G 217 41.02 34.68 -23.93
CA ALA G 217 42.37 34.41 -24.40
C ALA G 217 43.39 34.49 -23.27
N LYS G 218 43.16 35.35 -22.27
CA LYS G 218 44.10 35.48 -21.17
C LYS G 218 44.07 34.28 -20.24
N GLY G 219 42.99 33.50 -20.26
CA GLY G 219 42.91 32.29 -19.46
C GLY G 219 43.03 32.53 -17.98
N LEU G 220 42.06 33.25 -17.41
CA LEU G 220 42.15 33.67 -16.03
C LEU G 220 41.89 32.51 -15.08
N HIS G 221 42.70 32.44 -14.02
CA HIS G 221 42.38 31.58 -12.87
C HIS G 221 40.94 31.81 -12.42
N ASP G 222 40.60 33.08 -12.21
CA ASP G 222 39.50 33.51 -11.37
C ASP G 222 39.04 34.86 -11.90
N SER G 223 37.76 35.16 -11.72
CA SER G 223 37.20 36.39 -12.27
C SER G 223 36.17 36.96 -11.31
N ILE G 224 35.90 38.26 -11.47
CA ILE G 224 34.89 38.95 -10.67
C ILE G 224 33.48 38.60 -11.13
N LEU G 225 33.33 37.89 -12.24
CA LEU G 225 32.04 37.45 -12.74
C LEU G 225 32.08 35.97 -13.05
N GLU G 226 30.92 35.33 -13.00
CA GLU G 226 30.81 33.94 -13.41
C GLU G 226 31.21 33.80 -14.88
N PHE G 227 32.04 32.79 -15.17
CA PHE G 227 32.55 32.63 -16.53
C PHE G 227 31.46 32.36 -17.54
N PRO G 228 30.44 31.53 -17.27
CA PRO G 228 29.39 31.33 -18.30
C PRO G 228 28.65 32.59 -18.68
N VAL G 229 28.67 33.64 -17.84
CA VAL G 229 28.00 34.87 -18.20
C VAL G 229 28.66 35.51 -19.41
N LEU G 230 29.96 35.29 -19.59
CA LEU G 230 30.62 35.83 -20.78
C LEU G 230 30.04 35.21 -22.04
N ASP G 231 29.66 33.92 -21.99
CA ASP G 231 29.02 33.31 -23.15
C ASP G 231 27.59 33.77 -23.33
N LEU G 232 26.86 33.98 -22.23
CA LEU G 232 25.54 34.58 -22.33
C LEU G 232 25.63 36.01 -22.87
N LEU G 233 26.71 36.71 -22.56
CA LEU G 233 26.88 38.08 -23.04
C LEU G 233 27.08 38.11 -24.56
N GLN G 234 27.85 37.15 -25.09
CA GLN G 234 28.10 37.13 -26.53
C GLN G 234 26.85 36.69 -27.30
N SER G 235 25.98 35.91 -26.67
CA SER G 235 24.73 35.49 -27.28
C SER G 235 23.59 36.49 -27.09
N ALA G 236 23.79 37.52 -26.29
CA ALA G 236 22.71 38.40 -25.91
C ALA G 236 22.22 39.23 -27.10
N GLN G 237 20.93 39.53 -27.08
CA GLN G 237 20.29 40.33 -28.12
C GLN G 237 20.19 41.80 -27.75
N HIS G 238 20.12 42.13 -26.47
CA HIS G 238 19.87 43.48 -26.02
C HIS G 238 21.02 44.05 -25.19
N VAL G 239 21.49 43.31 -24.19
CA VAL G 239 22.57 43.78 -23.31
C VAL G 239 23.88 43.23 -23.88
N ARG G 240 24.56 44.06 -24.67
CA ARG G 240 25.79 43.66 -25.34
C ARG G 240 27.05 44.04 -24.57
N GLU G 241 26.89 44.54 -23.34
CA GLU G 241 28.04 44.87 -22.51
C GLU G 241 27.57 45.00 -21.06
N VAL G 242 28.50 44.79 -20.14
CA VAL G 242 28.24 44.94 -18.71
C VAL G 242 29.35 45.79 -18.10
N GLN G 243 29.03 46.37 -16.94
CA GLN G 243 30.00 47.16 -16.18
C GLN G 243 30.07 46.63 -14.76
N VAL G 244 31.29 46.48 -14.25
CA VAL G 244 31.53 46.06 -12.87
C VAL G 244 32.18 47.23 -12.15
N VAL G 245 31.56 47.68 -11.06
CA VAL G 245 32.05 48.82 -10.31
C VAL G 245 32.23 48.44 -8.85
N ASN G 246 33.00 49.27 -8.14
CA ASN G 246 33.26 49.08 -6.72
C ASN G 246 32.18 49.80 -5.93
N GLY G 247 31.27 49.03 -5.32
CA GLY G 247 30.21 49.61 -4.52
C GLY G 247 30.67 50.18 -3.20
N LEU G 248 31.89 49.89 -2.77
CA LEU G 248 32.42 50.44 -1.53
C LEU G 248 32.88 51.89 -1.68
N VAL G 249 33.01 52.38 -2.90
CA VAL G 249 33.41 53.76 -3.17
C VAL G 249 32.14 54.57 -3.44
N PRO G 250 31.81 55.56 -2.61
CA PRO G 250 30.57 56.31 -2.82
C PRO G 250 30.58 57.04 -4.16
N GLY G 251 29.47 56.92 -4.88
CA GLY G 251 29.30 57.58 -6.16
C GLY G 251 29.54 56.70 -7.38
N ASN G 252 30.21 55.56 -7.22
CA ASN G 252 30.53 54.75 -8.38
C ASN G 252 29.27 54.21 -9.04
N LEU G 253 28.27 53.82 -8.24
CA LEU G 253 27.03 53.31 -8.81
C LEU G 253 26.29 54.41 -9.56
N THR G 254 26.15 55.59 -8.95
CA THR G 254 25.42 56.67 -9.58
C THR G 254 26.12 57.13 -10.86
N ARG G 255 27.45 57.18 -10.85
CA ARG G 255 28.18 57.56 -12.05
C ARG G 255 27.99 56.53 -13.15
N ALA G 256 28.03 55.24 -12.82
CA ALA G 256 27.79 54.20 -13.81
C ALA G 256 26.37 54.28 -14.36
N LEU G 257 25.41 54.66 -13.50
CA LEU G 257 24.03 54.82 -13.95
C LEU G 257 23.90 55.93 -14.98
N ALA G 258 24.73 56.96 -14.88
CA ALA G 258 24.74 58.06 -15.84
C ALA G 258 25.51 57.73 -17.11
N GLY G 259 26.01 56.51 -17.23
CA GLY G 259 26.77 56.11 -18.40
C GLY G 259 28.27 56.34 -18.30
N GLU G 260 28.77 56.74 -17.14
CA GLU G 260 30.19 57.01 -16.98
C GLU G 260 30.96 55.72 -16.81
N HIS G 261 32.09 55.61 -17.51
CA HIS G 261 32.99 54.46 -17.38
C HIS G 261 33.84 54.67 -16.14
N VAL G 262 33.47 54.00 -15.05
CA VAL G 262 34.16 54.16 -13.77
C VAL G 262 34.75 52.86 -13.25
N GLY G 263 34.44 51.73 -13.87
CA GLY G 263 35.02 50.46 -13.46
C GLY G 263 35.56 49.67 -14.64
N THR G 264 35.20 48.40 -14.73
CA THR G 264 35.59 47.56 -15.85
C THR G 264 34.39 47.39 -16.77
N ILE G 265 34.57 47.64 -18.06
CA ILE G 265 33.52 47.39 -19.05
C ILE G 265 33.90 46.15 -19.85
N ILE G 266 33.03 45.14 -19.79
CA ILE G 266 33.20 43.91 -20.55
C ILE G 266 32.20 43.93 -21.68
N THR G 267 32.69 43.94 -22.92
CA THR G 267 31.87 44.00 -24.11
C THR G 267 31.77 42.62 -24.75
N ALA G 268 30.63 42.36 -25.37
CA ALA G 268 30.44 41.09 -26.06
C ALA G 268 31.31 40.97 -27.30
N SER G 269 31.59 42.09 -27.96
CA SER G 269 32.42 42.09 -29.16
C SER G 269 33.63 43.00 -28.98
N THR H 4 35.66 49.69 9.89
CA THR H 4 35.37 48.28 9.67
C THR H 4 34.38 48.09 8.52
N ASN H 5 34.84 47.29 7.53
CA ASN H 5 34.09 47.00 6.32
C ASN H 5 34.35 45.58 5.83
N SER H 6 34.85 44.71 6.71
CA SER H 6 35.29 43.40 6.25
C SER H 6 34.09 42.52 5.96
N ILE H 7 34.29 41.58 5.04
CA ILE H 7 33.24 40.61 4.75
C ILE H 7 33.05 39.68 5.94
N LYS H 8 31.81 39.46 6.34
CA LYS H 8 31.47 38.54 7.42
C LYS H 8 31.29 37.16 6.82
N HIS H 9 32.27 36.28 7.04
CA HIS H 9 32.30 34.97 6.43
C HIS H 9 31.75 33.92 7.39
N VAL H 10 31.19 32.86 6.81
CA VAL H 10 30.91 31.62 7.52
C VAL H 10 32.02 30.63 7.17
N ILE H 11 32.68 30.09 8.19
CA ILE H 11 33.79 29.17 7.94
C ILE H 11 33.24 27.91 7.27
N SER H 12 33.74 27.63 6.07
CA SER H 12 33.32 26.48 5.28
C SER H 12 34.45 26.13 4.33
N PRO H 13 34.46 24.90 3.79
CA PRO H 13 35.50 24.56 2.80
C PRO H 13 35.47 25.44 1.55
N LEU H 14 34.37 26.14 1.29
CA LEU H 14 34.26 27.01 0.13
C LEU H 14 34.18 28.48 0.51
N ALA H 15 34.55 28.82 1.73
CA ALA H 15 34.45 30.20 2.20
C ALA H 15 35.44 31.10 1.46
N ARG H 16 35.07 32.38 1.38
CA ARG H 16 35.91 33.45 0.86
C ARG H 16 36.16 33.37 -0.64
N GLN H 17 36.15 32.17 -1.22
CA GLN H 17 36.47 32.06 -2.63
C GLN H 17 35.23 32.37 -3.48
N THR H 18 35.49 32.68 -4.74
CA THR H 18 34.46 33.14 -5.67
C THR H 18 33.69 32.00 -6.31
N LEU H 19 34.18 30.77 -6.18
CA LEU H 19 33.65 29.58 -6.84
C LEU H 19 33.94 29.56 -8.34
N GLN H 20 34.69 30.54 -8.86
CA GLN H 20 35.07 30.53 -10.26
C GLN H 20 36.44 29.87 -10.49
N ASP H 21 37.29 29.80 -9.46
CA ASP H 21 38.58 29.15 -9.58
C ASP H 21 38.37 27.64 -9.51
N ARG H 22 38.50 26.96 -10.65
CA ARG H 22 38.24 25.53 -10.70
C ARG H 22 39.24 24.75 -9.85
N ASP H 23 40.45 25.28 -9.68
CA ASP H 23 41.44 24.60 -8.85
C ASP H 23 41.10 24.72 -7.36
N LEU H 24 40.34 25.74 -6.96
CA LEU H 24 39.97 25.91 -5.57
C LEU H 24 38.69 25.19 -5.20
N THR H 25 37.79 24.98 -6.17
CA THR H 25 36.53 24.29 -5.90
C THR H 25 36.62 22.78 -6.06
N ARG H 26 37.60 22.28 -6.80
CA ARG H 26 37.65 20.86 -7.09
C ARG H 26 37.85 19.99 -5.85
N PRO H 27 38.72 20.33 -4.90
CA PRO H 27 38.87 19.47 -3.71
C PRO H 27 37.60 19.33 -2.89
N VAL H 28 36.62 20.20 -3.08
CA VAL H 28 35.40 20.18 -2.29
C VAL H 28 34.24 19.57 -3.08
N ALA H 29 34.04 20.00 -4.31
CA ALA H 29 32.84 19.64 -5.07
C ALA H 29 33.14 18.91 -6.38
N GLY H 30 34.38 18.54 -6.63
CA GLY H 30 34.77 17.98 -7.91
C GLY H 30 34.39 16.54 -8.17
N LYS H 31 33.66 15.90 -7.26
CA LYS H 31 33.34 14.48 -7.42
C LYS H 31 32.00 14.30 -8.14
N ARG H 32 31.75 13.06 -8.56
CA ARG H 32 30.50 12.71 -9.22
C ARG H 32 29.38 12.62 -8.20
N PRO H 33 28.21 13.21 -8.47
CA PRO H 33 27.14 13.20 -7.47
C PRO H 33 26.51 11.82 -7.32
N ILE H 34 25.74 11.67 -6.24
CA ILE H 34 25.02 10.44 -5.96
C ILE H 34 23.75 10.40 -6.80
N ARG H 35 23.07 9.25 -6.82
CA ARG H 35 21.78 9.11 -7.47
C ARG H 35 20.68 9.32 -6.45
N LEU H 36 19.78 10.25 -6.72
CA LEU H 36 18.70 10.54 -5.78
C LEU H 36 17.59 9.50 -5.86
N LEU H 37 17.18 9.13 -7.07
CA LEU H 37 16.11 8.15 -7.29
C LEU H 37 16.61 7.14 -8.32
N PRO H 38 17.46 6.20 -7.90
CA PRO H 38 18.05 5.25 -8.88
C PRO H 38 17.04 4.32 -9.52
N TRP H 39 15.90 4.09 -8.88
CA TRP H 39 14.89 3.18 -9.39
C TRP H 39 13.89 3.86 -10.32
N LEU H 40 14.07 5.14 -10.60
CA LEU H 40 13.11 5.89 -11.40
C LEU H 40 13.33 5.66 -12.89
N GLN H 41 12.23 5.55 -13.63
CA GLN H 41 12.25 5.53 -15.09
C GLN H 41 11.50 6.76 -15.58
N VAL H 42 12.16 7.58 -16.39
CA VAL H 42 11.56 8.80 -16.93
C VAL H 42 11.18 8.55 -18.38
N VAL H 43 9.95 8.90 -18.74
CA VAL H 43 9.43 8.73 -20.10
C VAL H 43 8.95 10.08 -20.58
N LYS H 44 9.49 10.53 -21.71
CA LYS H 44 9.10 11.79 -22.31
C LYS H 44 8.20 11.52 -23.51
N ILE H 45 7.00 12.09 -23.47
CA ILE H 45 6.02 11.93 -24.54
C ILE H 45 6.07 13.19 -25.40
N GLY H 46 6.32 13.01 -26.70
CA GLY H 46 6.43 14.16 -27.58
C GLY H 46 5.10 14.87 -27.73
N GLY H 47 5.18 16.21 -27.81
CA GLY H 47 3.98 17.00 -28.03
C GLY H 47 3.29 16.67 -29.34
N ARG H 48 4.07 16.37 -30.38
CA ARG H 48 3.49 16.01 -31.66
C ARG H 48 2.81 14.65 -31.62
N VAL H 49 3.16 13.80 -30.65
CA VAL H 49 2.43 12.55 -30.46
C VAL H 49 1.06 12.84 -29.88
N MET H 50 1.00 13.71 -28.86
CA MET H 50 -0.29 14.11 -28.30
C MET H 50 -1.14 14.84 -29.33
N ASP H 51 -0.51 15.57 -30.25
CA ASP H 51 -1.25 16.32 -31.25
C ASP H 51 -2.08 15.42 -32.17
N ARG H 52 -1.71 14.14 -32.28
CA ARG H 52 -2.44 13.23 -33.14
C ARG H 52 -3.78 12.80 -32.56
N GLY H 53 -4.05 13.14 -31.31
CA GLY H 53 -5.36 12.87 -30.74
C GLY H 53 -5.55 11.44 -30.30
N ALA H 54 -6.83 11.05 -30.21
CA ALA H 54 -7.19 9.76 -29.65
C ALA H 54 -6.57 8.59 -30.43
N ASP H 55 -6.36 8.76 -31.73
CA ASP H 55 -5.79 7.67 -32.52
C ASP H 55 -4.41 7.26 -32.01
N ALA H 56 -3.66 8.21 -31.46
CA ALA H 56 -2.34 7.93 -30.91
C ALA H 56 -2.34 7.86 -29.39
N ILE H 57 -3.21 8.62 -28.72
CA ILE H 57 -3.19 8.68 -27.27
C ILE H 57 -3.81 7.43 -26.66
N LEU H 58 -4.91 6.95 -27.23
CA LEU H 58 -5.58 5.78 -26.65
C LEU H 58 -4.67 4.56 -26.63
N PRO H 59 -3.96 4.21 -27.70
CA PRO H 59 -3.01 3.08 -27.59
C PRO H 59 -1.89 3.35 -26.62
N LEU H 60 -1.39 4.59 -26.58
CA LEU H 60 -0.32 4.92 -25.64
C LEU H 60 -0.80 4.79 -24.20
N VAL H 61 -2.04 5.23 -23.92
CA VAL H 61 -2.57 5.13 -22.57
C VAL H 61 -2.70 3.67 -22.16
N GLU H 62 -3.14 2.81 -23.10
CA GLU H 62 -3.25 1.40 -22.78
C GLU H 62 -1.88 0.78 -22.51
N GLU H 63 -0.86 1.18 -23.27
CA GLU H 63 0.48 0.66 -23.03
C GLU H 63 1.02 1.19 -21.70
N LEU H 64 0.81 2.47 -21.41
CA LEU H 64 1.25 3.02 -20.13
C LEU H 64 0.52 2.33 -18.98
N ARG H 65 -0.77 2.04 -19.15
CA ARG H 65 -1.52 1.36 -18.09
C ARG H 65 -0.88 0.03 -17.73
N LYS H 66 -0.48 -0.75 -18.73
CA LYS H 66 0.15 -2.04 -18.47
C LYS H 66 1.56 -1.90 -17.92
N LEU H 67 2.18 -0.73 -18.08
CA LEU H 67 3.53 -0.52 -17.56
C LEU H 67 3.52 -0.08 -16.11
N LEU H 68 2.38 0.39 -15.60
CA LEU H 68 2.34 0.88 -14.23
C LEU H 68 2.78 -0.15 -13.20
N PRO H 69 2.38 -1.42 -13.27
CA PRO H 69 2.88 -2.39 -12.28
C PRO H 69 4.31 -2.82 -12.51
N GLU H 70 4.94 -2.40 -13.60
CA GLU H 70 6.30 -2.83 -13.92
C GLU H 70 7.36 -1.81 -13.56
N HIS H 71 7.07 -0.52 -13.64
CA HIS H 71 8.07 0.50 -13.42
C HIS H 71 7.51 1.61 -12.53
N ARG H 72 8.43 2.39 -11.95
CA ARG H 72 8.10 3.64 -11.27
C ARG H 72 8.36 4.76 -12.28
N LEU H 73 7.29 5.34 -12.79
CA LEU H 73 7.35 6.18 -13.98
C LEU H 73 7.16 7.65 -13.65
N LEU H 74 8.05 8.48 -14.16
CA LEU H 74 7.84 9.92 -14.25
C LEU H 74 7.58 10.23 -15.72
N ILE H 75 6.33 10.57 -16.05
CA ILE H 75 5.90 10.78 -17.42
C ILE H 75 5.88 12.28 -17.68
N LEU H 76 6.65 12.72 -18.68
CA LEU H 76 6.79 14.13 -19.00
C LEU H 76 6.34 14.38 -20.43
N THR H 77 5.48 15.37 -20.63
CA THR H 77 4.88 15.63 -21.93
C THR H 77 5.51 16.85 -22.58
N GLY H 78 5.65 16.79 -23.91
CA GLY H 78 6.14 17.90 -24.69
C GLY H 78 5.04 18.86 -25.09
N ALA H 79 5.41 19.83 -25.92
CA ALA H 79 4.52 20.94 -26.26
C ALA H 79 3.70 20.67 -27.52
N GLY H 80 4.36 20.48 -28.66
CA GLY H 80 3.66 20.18 -29.89
C GLY H 80 3.33 21.43 -30.70
N VAL H 81 2.32 21.27 -31.56
CA VAL H 81 2.04 22.28 -32.58
C VAL H 81 1.52 23.58 -31.97
N ARG H 82 0.86 23.52 -30.82
CA ARG H 82 0.33 24.74 -30.23
C ARG H 82 1.45 25.69 -29.82
N ALA H 83 2.59 25.16 -29.40
CA ALA H 83 3.75 26.01 -29.11
C ALA H 83 4.24 26.71 -30.36
N ARG H 84 4.13 26.06 -31.52
CA ARG H 84 4.52 26.69 -32.77
C ARG H 84 3.63 27.89 -33.08
N HIS H 85 2.35 27.84 -32.69
CA HIS H 85 1.47 28.97 -32.93
C HIS H 85 1.78 30.13 -31.98
N VAL H 86 2.02 29.83 -30.70
CA VAL H 86 2.37 30.90 -29.77
C VAL H 86 3.72 31.49 -30.15
N PHE H 87 4.58 30.70 -30.79
CA PHE H 87 5.79 31.27 -31.38
C PHE H 87 5.46 32.19 -32.54
N SER H 88 4.51 31.79 -33.40
CA SER H 88 4.15 32.61 -34.54
CA SER H 88 4.15 32.61 -34.54
C SER H 88 3.59 33.95 -34.09
N VAL H 89 2.69 33.94 -33.11
CA VAL H 89 2.13 35.19 -32.61
C VAL H 89 3.17 35.96 -31.81
N GLY H 90 3.92 35.27 -30.96
CA GLY H 90 4.91 35.95 -30.13
C GLY H 90 6.01 36.60 -30.96
N LEU H 91 6.53 35.88 -31.95
CA LEU H 91 7.57 36.45 -32.80
C LEU H 91 7.01 37.60 -33.64
N ASP H 92 5.76 37.47 -34.10
CA ASP H 92 5.15 38.57 -34.82
C ASP H 92 5.06 39.82 -33.95
N LEU H 93 4.81 39.65 -32.66
CA LEU H 93 4.80 40.75 -31.71
C LEU H 93 6.21 41.15 -31.28
N GLY H 94 7.24 40.43 -31.73
CA GLY H 94 8.61 40.80 -31.43
C GLY H 94 9.10 40.38 -30.06
N LEU H 95 8.41 39.44 -29.41
CA LEU H 95 8.75 39.11 -28.03
C LEU H 95 10.06 38.34 -27.97
N PRO H 96 10.88 38.56 -26.94
CA PRO H 96 12.18 37.87 -26.86
C PRO H 96 12.05 36.40 -26.51
N VAL H 97 13.19 35.70 -26.47
CA VAL H 97 13.16 34.25 -26.26
C VAL H 97 12.72 33.91 -24.84
N GLY H 98 13.04 34.76 -23.87
CA GLY H 98 12.60 34.53 -22.50
C GLY H 98 11.12 34.70 -22.28
N SER H 99 10.41 35.32 -23.22
CA SER H 99 8.96 35.40 -23.16
C SER H 99 8.31 34.20 -23.84
N LEU H 100 8.90 33.71 -24.93
CA LEU H 100 8.34 32.57 -25.64
C LEU H 100 8.52 31.28 -24.86
N ALA H 101 9.52 31.20 -24.00
CA ALA H 101 9.79 29.95 -23.29
C ALA H 101 8.64 29.56 -22.37
N PRO H 102 8.13 30.41 -21.48
CA PRO H 102 6.99 29.99 -20.65
C PRO H 102 5.72 29.79 -21.46
N LEU H 103 5.55 30.50 -22.57
CA LEU H 103 4.36 30.33 -23.39
C LEU H 103 4.34 28.96 -24.04
N ALA H 104 5.48 28.51 -24.56
CA ALA H 104 5.55 27.16 -25.13
C ALA H 104 5.41 26.10 -24.05
N ALA H 105 5.98 26.36 -22.86
CA ALA H 105 5.91 25.40 -21.78
C ALA H 105 4.46 25.17 -21.34
N SER H 106 3.60 26.18 -21.47
CA SER H 106 2.20 26.03 -21.10
CA SER H 106 2.20 26.03 -21.10
C SER H 106 1.55 24.90 -21.90
N GLU H 107 1.88 24.79 -23.18
CA GLU H 107 1.29 23.74 -24.01
C GLU H 107 1.79 22.36 -23.58
N ALA H 108 3.02 22.28 -23.09
CA ALA H 108 3.50 21.02 -22.53
C ALA H 108 2.73 20.65 -21.26
N GLY H 109 2.42 21.65 -20.43
CA GLY H 109 1.62 21.39 -19.26
C GLY H 109 0.22 20.93 -19.60
N GLN H 110 -0.39 21.53 -20.63
CA GLN H 110 -1.73 21.14 -21.03
C GLN H 110 -1.76 19.72 -21.56
N ASN H 111 -0.75 19.33 -22.36
CA ASN H 111 -0.64 17.94 -22.78
C ASN H 111 -0.53 17.02 -21.58
N GLY H 112 0.18 17.46 -20.54
CA GLY H 112 0.29 16.65 -19.34
C GLY H 112 -1.03 16.46 -18.63
N HIS H 113 -1.83 17.53 -18.54
CA HIS H 113 -3.15 17.41 -17.92
C HIS H 113 -4.05 16.48 -18.74
N ILE H 114 -3.92 16.53 -20.06
CA ILE H 114 -4.72 15.65 -20.92
C ILE H 114 -4.34 14.19 -20.68
N LEU H 115 -3.05 13.89 -20.73
CA LEU H 115 -2.60 12.51 -20.55
C LEU H 115 -2.92 12.01 -19.15
N ALA H 116 -2.76 12.87 -18.14
CA ALA H 116 -3.02 12.44 -16.77
C ALA H 116 -4.50 12.14 -16.56
N ALA H 117 -5.39 12.90 -17.22
CA ALA H 117 -6.81 12.64 -17.07
C ALA H 117 -7.18 11.26 -17.59
N MET H 118 -6.53 10.83 -18.68
CA MET H 118 -6.81 9.51 -19.23
C MET H 118 -6.36 8.39 -18.30
N LEU H 119 -5.39 8.67 -17.42
CA LEU H 119 -4.88 7.67 -16.49
C LEU H 119 -5.35 7.92 -15.06
N ALA H 120 -6.29 8.85 -14.87
CA ALA H 120 -6.73 9.18 -13.52
C ALA H 120 -7.32 7.97 -12.81
N SER H 121 -8.06 7.12 -13.53
CA SER H 121 -8.67 5.95 -12.91
C SER H 121 -7.63 4.98 -12.38
N GLU H 122 -6.38 5.08 -12.84
CA GLU H 122 -5.29 4.25 -12.34
C GLU H 122 -4.53 4.93 -11.20
N GLY H 123 -4.98 6.10 -10.75
CA GLY H 123 -4.31 6.82 -9.69
C GLY H 123 -3.25 7.79 -10.15
N VAL H 124 -3.20 8.12 -11.44
CA VAL H 124 -2.18 8.99 -11.99
C VAL H 124 -2.73 10.40 -12.06
N SER H 125 -1.93 11.36 -11.63
CA SER H 125 -2.31 12.77 -11.66
C SER H 125 -1.16 13.59 -12.22
N TYR H 126 -1.49 14.76 -12.76
CA TYR H 126 -0.50 15.75 -13.14
C TYR H 126 0.05 16.42 -11.88
N VAL H 127 1.37 16.58 -11.81
CA VAL H 127 2.02 17.28 -10.70
C VAL H 127 2.85 18.42 -11.28
N GLU H 128 2.95 19.51 -10.53
CA GLU H 128 3.63 20.72 -10.97
C GLU H 128 5.13 20.65 -10.70
N HIS H 129 5.86 21.54 -11.38
CA HIS H 129 7.31 21.54 -11.33
C HIS H 129 7.89 21.64 -9.92
N PRO H 130 7.42 22.53 -9.04
CA PRO H 130 7.94 22.52 -7.66
C PRO H 130 7.68 21.19 -6.97
N THR H 131 6.54 20.55 -7.28
CA THR H 131 6.27 19.22 -6.73
C THR H 131 7.23 18.19 -7.29
N VAL H 132 7.52 18.26 -8.60
CA VAL H 132 8.50 17.34 -9.18
C VAL H 132 9.88 17.60 -8.61
N ALA H 133 10.22 18.87 -8.38
CA ALA H 133 11.57 19.21 -7.96
C ALA H 133 11.85 18.81 -6.51
N ASP H 134 10.85 18.89 -5.64
CA ASP H 134 11.06 18.69 -4.22
C ASP H 134 10.33 17.50 -3.63
N GLN H 135 9.27 17.00 -4.26
CA GLN H 135 8.42 15.99 -3.63
C GLN H 135 8.09 14.84 -4.57
N LEU H 136 8.96 14.53 -5.53
CA LEU H 136 8.67 13.41 -6.41
C LEU H 136 8.68 12.09 -5.65
N ALA H 137 9.54 11.96 -4.63
CA ALA H 137 9.68 10.68 -3.95
C ALA H 137 8.40 10.29 -3.21
N ILE H 138 7.79 11.24 -2.50
CA ILE H 138 6.57 10.92 -1.77
C ILE H 138 5.43 10.66 -2.74
N HIS H 139 5.40 11.33 -3.90
CA HIS H 139 4.30 11.10 -4.83
C HIS H 139 4.43 9.76 -5.53
N LEU H 140 5.66 9.32 -5.84
CA LEU H 140 5.85 7.99 -6.40
C LEU H 140 5.74 6.88 -5.35
N SER H 141 5.67 7.23 -4.07
CA SER H 141 5.28 6.28 -3.04
C SER H 141 3.78 6.20 -2.89
N ALA H 142 3.07 7.27 -3.23
CA ALA H 142 1.61 7.27 -3.16
C ALA H 142 0.98 6.54 -4.34
N THR H 143 1.55 6.70 -5.53
CA THR H 143 1.00 6.12 -6.74
C THR H 143 2.14 5.62 -7.62
N ARG H 144 1.79 4.86 -8.65
CA ARG H 144 2.80 4.20 -9.47
CA ARG H 144 2.80 4.20 -9.47
C ARG H 144 3.42 5.16 -10.49
N ALA H 145 2.70 6.20 -10.90
CA ALA H 145 3.24 7.12 -11.88
C ALA H 145 2.62 8.49 -11.70
N VAL H 146 3.38 9.52 -12.09
CA VAL H 146 2.90 10.90 -12.11
C VAL H 146 3.25 11.50 -13.46
N VAL H 147 2.48 12.51 -13.87
CA VAL H 147 2.69 13.21 -15.13
C VAL H 147 3.11 14.64 -14.83
N GLY H 148 4.10 15.13 -15.57
CA GLY H 148 4.54 16.50 -15.44
C GLY H 148 4.90 17.09 -16.78
N SER H 149 5.14 18.40 -16.78
CA SER H 149 5.58 19.08 -17.98
C SER H 149 7.08 18.84 -18.18
N ALA H 150 7.45 18.45 -19.40
CA ALA H 150 8.85 18.18 -19.71
C ALA H 150 9.66 19.45 -19.87
N PHE H 151 9.03 20.59 -20.10
CA PHE H 151 9.76 21.84 -20.24
C PHE H 151 10.38 22.23 -18.90
N PRO H 152 11.61 22.75 -18.90
CA PRO H 152 12.21 23.24 -17.66
C PRO H 152 11.71 24.64 -17.33
N PRO H 153 11.64 25.00 -16.05
CA PRO H 153 11.18 26.34 -15.67
C PRO H 153 12.26 27.41 -15.84
N TYR H 154 12.74 27.55 -17.07
CA TYR H 154 13.77 28.55 -17.35
C TYR H 154 13.16 29.95 -17.46
N HIS H 155 11.97 30.05 -18.06
CA HIS H 155 11.12 31.25 -18.07
C HIS H 155 11.91 32.41 -18.69
N HIS H 156 11.88 33.60 -18.09
CA HIS H 156 12.56 34.77 -18.65
C HIS H 156 14.08 34.66 -18.54
N HIS H 157 14.58 33.67 -17.81
CA HIS H 157 16.01 33.40 -17.75
C HIS H 157 16.45 32.38 -18.80
N GLU H 158 15.66 32.19 -19.85
CA GLU H 158 16.08 31.34 -20.96
C GLU H 158 17.30 31.95 -21.63
N PHE H 159 18.15 31.07 -22.17
CA PHE H 159 19.40 31.53 -22.78
C PHE H 159 19.10 32.30 -24.06
N PRO H 160 19.76 33.43 -24.29
CA PRO H 160 19.60 34.16 -25.54
C PRO H 160 20.45 33.57 -26.65
N GLY H 161 20.29 34.11 -27.85
CA GLY H 161 21.02 33.63 -29.02
C GLY H 161 20.08 33.23 -30.13
N SER H 162 19.22 32.26 -29.86
CA SER H 162 18.16 31.87 -30.78
C SER H 162 16.87 32.54 -30.35
N ARG H 163 16.05 32.92 -31.34
CA ARG H 163 14.72 33.43 -31.04
C ARG H 163 13.75 32.32 -30.64
N ILE H 164 14.16 31.07 -30.80
CA ILE H 164 13.38 29.91 -30.36
C ILE H 164 13.97 29.41 -29.04
N PRO H 165 13.16 29.18 -28.01
CA PRO H 165 13.70 28.68 -26.73
C PRO H 165 14.48 27.40 -26.95
N PRO H 166 15.75 27.36 -26.51
CA PRO H 166 16.55 26.14 -26.70
C PRO H 166 16.22 25.02 -25.73
N HIS H 167 15.97 25.35 -24.47
CA HIS H 167 15.75 24.34 -23.43
C HIS H 167 14.27 23.95 -23.44
N ARG H 168 13.95 22.94 -24.24
CA ARG H 168 12.57 22.52 -24.46
C ARG H 168 12.31 21.20 -23.74
N ALA H 169 11.44 20.37 -24.31
CA ALA H 169 10.91 19.21 -23.58
C ALA H 169 11.97 18.12 -23.44
N ASP H 170 12.68 17.80 -24.52
CA ASP H 170 13.72 16.78 -24.44
C ASP H 170 14.81 17.20 -23.45
N THR H 171 15.22 18.46 -23.49
CA THR H 171 16.28 18.94 -22.62
C THR H 171 15.83 18.91 -21.16
N GLY H 172 14.64 19.42 -20.87
CA GLY H 172 14.15 19.41 -19.51
C GLY H 172 14.00 18.01 -18.96
N ALA H 173 13.50 17.08 -19.79
CA ALA H 173 13.32 15.70 -19.34
C ALA H 173 14.66 15.07 -19.00
N PHE H 174 15.69 15.33 -19.80
CA PHE H 174 16.99 14.75 -19.52
C PHE H 174 17.65 15.41 -18.31
N LEU H 175 17.51 16.73 -18.18
CA LEU H 175 18.06 17.40 -17.01
C LEU H 175 17.49 16.81 -15.73
N LEU H 176 16.18 16.57 -15.69
CA LEU H 176 15.56 15.95 -14.53
C LEU H 176 16.05 14.51 -14.35
N ALA H 177 16.03 13.72 -15.42
CA ALA H 177 16.39 12.31 -15.30
C ALA H 177 17.82 12.14 -14.84
N ASP H 178 18.74 12.96 -15.36
CA ASP H 178 20.14 12.83 -14.98
C ASP H 178 20.39 13.39 -13.59
N ALA H 179 19.71 14.48 -13.23
CA ALA H 179 19.85 15.02 -11.87
C ALA H 179 19.35 14.01 -10.84
N PHE H 180 18.26 13.31 -11.15
CA PHE H 180 17.75 12.29 -10.25
C PHE H 180 18.63 11.05 -10.22
N GLY H 181 19.50 10.88 -11.20
CA GLY H 181 20.21 9.63 -11.36
C GLY H 181 19.29 8.48 -11.72
N ALA H 182 18.24 8.77 -12.50
CA ALA H 182 17.24 7.75 -12.84
C ALA H 182 17.87 6.64 -13.66
N ALA H 183 17.18 5.49 -13.67
CA ALA H 183 17.67 4.33 -14.40
C ALA H 183 17.69 4.56 -15.91
N GLY H 184 16.90 5.48 -16.42
CA GLY H 184 16.92 5.76 -17.84
C GLY H 184 15.92 6.83 -18.21
N LEU H 185 16.09 7.34 -19.43
CA LEU H 185 15.15 8.26 -20.04
C LEU H 185 14.81 7.73 -21.43
N THR H 186 13.52 7.57 -21.70
CA THR H 186 13.05 7.11 -23.00
C THR H 186 12.22 8.21 -23.63
N ILE H 187 12.57 8.58 -24.87
CA ILE H 187 11.89 9.66 -25.59
C ILE H 187 10.94 9.00 -26.59
N VAL H 188 9.67 9.34 -26.48
CA VAL H 188 8.62 8.74 -27.28
C VAL H 188 8.26 9.72 -28.39
N GLU H 189 8.55 9.34 -29.63
CA GLU H 189 8.45 10.21 -30.80
C GLU H 189 7.36 9.73 -31.74
N ASN H 190 7.06 10.55 -32.74
CA ASN H 190 6.15 10.17 -33.81
C ASN H 190 6.86 9.59 -35.02
N VAL H 191 8.15 9.28 -34.88
CA VAL H 191 8.95 8.62 -35.92
C VAL H 191 9.77 7.52 -35.25
N ASP H 192 10.40 6.69 -36.09
CA ASP H 192 11.15 5.55 -35.57
C ASP H 192 12.35 5.98 -34.74
N GLY H 193 12.89 7.16 -35.01
CA GLY H 193 14.06 7.63 -34.30
C GLY H 193 14.74 8.77 -35.02
N ILE H 194 16.07 8.81 -34.98
CA ILE H 194 16.83 9.86 -35.65
C ILE H 194 17.20 9.39 -37.05
N TYR H 195 16.97 10.25 -38.04
CA TYR H 195 17.34 9.99 -39.43
C TYR H 195 18.44 10.96 -39.87
N THR H 196 19.05 10.66 -41.01
CA THR H 196 20.04 11.56 -41.58
C THR H 196 19.43 12.86 -42.10
N ALA H 197 18.12 12.90 -42.25
CA ALA H 197 17.40 14.11 -42.64
C ALA H 197 15.97 13.98 -42.13
N ASP H 198 15.22 15.06 -42.22
CA ASP H 198 13.82 15.05 -41.78
C ASP H 198 13.02 14.08 -42.63
N PRO H 199 12.53 12.97 -42.05
CA PRO H 199 11.75 12.02 -42.84
C PRO H 199 10.38 12.53 -43.25
N ASN H 200 9.97 13.70 -42.75
CA ASN H 200 8.73 14.34 -43.18
C ASN H 200 8.97 15.70 -43.81
N GLY H 201 10.23 16.04 -44.12
CA GLY H 201 10.56 17.34 -44.64
C GLY H 201 10.77 17.34 -46.15
N PRO H 202 11.33 18.43 -46.67
CA PRO H 202 11.51 18.53 -48.13
C PRO H 202 12.51 17.53 -48.68
N ASP H 203 13.48 17.10 -47.87
CA ASP H 203 14.48 16.12 -48.30
C ASP H 203 14.21 14.75 -47.67
N ARG H 204 12.94 14.41 -47.49
CA ARG H 204 12.59 13.13 -46.86
C ARG H 204 13.05 11.94 -47.67
N GLY H 205 13.23 12.09 -48.99
CA GLY H 205 13.73 11.01 -49.80
C GLY H 205 15.18 10.65 -49.51
N GLN H 206 15.92 11.55 -48.87
CA GLN H 206 17.31 11.31 -48.53
C GLN H 206 17.47 10.74 -47.12
N ALA H 207 16.41 10.72 -46.31
CA ALA H 207 16.54 10.36 -44.91
C ALA H 207 16.78 8.86 -44.76
N ARG H 208 17.77 8.52 -43.96
CA ARG H 208 18.10 7.12 -43.64
C ARG H 208 18.11 6.95 -42.12
N PHE H 209 17.61 5.83 -41.62
CA PHE H 209 17.49 5.61 -40.18
C PHE H 209 18.86 5.38 -39.55
N LEU H 210 19.08 6.01 -38.40
CA LEU H 210 20.30 5.85 -37.62
C LEU H 210 19.98 5.05 -36.37
N PRO H 211 20.29 3.75 -36.33
CA PRO H 211 19.94 2.96 -35.14
C PRO H 211 20.75 3.35 -33.91
N GLU H 212 21.95 3.87 -34.08
CA GLU H 212 22.83 4.18 -32.96
C GLU H 212 23.62 5.43 -33.27
N THR H 213 23.59 6.38 -32.34
CA THR H 213 24.31 7.64 -32.51
C THR H 213 24.98 8.02 -31.19
N SER H 214 25.85 9.02 -31.27
CA SER H 214 26.46 9.62 -30.09
C SER H 214 26.10 11.11 -30.06
N ALA H 215 25.92 11.64 -28.86
CA ALA H 215 25.55 13.05 -28.72
C ALA H 215 26.63 13.97 -29.28
N THR H 216 27.90 13.55 -29.19
CA THR H 216 28.98 14.39 -29.70
C THR H 216 28.92 14.48 -31.22
N ASP H 217 28.64 13.37 -31.89
CA ASP H 217 28.57 13.40 -33.35
C ASP H 217 27.32 14.14 -33.83
N LEU H 218 26.21 13.98 -33.11
CA LEU H 218 25.00 14.71 -33.47
C LEU H 218 25.18 16.20 -33.26
N ALA H 219 25.91 16.62 -32.23
CA ALA H 219 26.08 18.04 -32.00
C ALA H 219 26.90 18.72 -33.10
N LYS H 220 27.87 18.00 -33.67
CA LYS H 220 28.69 18.55 -34.76
C LYS H 220 27.94 18.53 -36.09
N SER H 221 26.87 17.74 -36.17
CA SER H 221 25.95 17.72 -37.28
C SER H 221 25.32 19.09 -37.51
N GLU H 222 24.91 19.33 -38.77
CA GLU H 222 24.03 20.46 -39.07
C GLU H 222 22.77 19.92 -39.74
N GLY H 223 21.65 20.57 -39.46
CA GLY H 223 20.37 20.11 -39.97
C GLY H 223 19.44 19.71 -38.85
N PRO H 224 18.20 19.37 -39.21
CA PRO H 224 17.18 19.13 -38.17
C PRO H 224 17.35 17.77 -37.51
N LEU H 225 16.85 17.68 -36.29
CA LEU H 225 16.83 16.47 -35.48
C LEU H 225 15.47 16.35 -34.83
N PRO H 226 15.07 15.15 -34.42
CA PRO H 226 13.81 15.00 -33.66
C PRO H 226 13.93 15.39 -32.19
N VAL H 227 15.11 15.78 -31.74
CA VAL H 227 15.34 16.16 -30.36
C VAL H 227 16.00 17.54 -30.34
N ASP H 228 15.86 18.22 -29.20
CA ASP H 228 16.50 19.53 -29.04
C ASP H 228 18.00 19.41 -29.22
N ARG H 229 18.61 20.43 -29.82
CA ARG H 229 20.06 20.47 -29.89
C ARG H 229 20.68 20.74 -28.52
N ALA H 230 19.94 21.43 -27.64
CA ALA H 230 20.40 21.59 -26.26
C ALA H 230 20.44 20.27 -25.52
N LEU H 231 19.65 19.29 -25.94
CA LEU H 231 19.72 17.96 -25.32
C LEU H 231 21.11 17.36 -25.49
N LEU H 232 21.72 17.53 -26.67
CA LEU H 232 23.06 17.02 -26.89
C LEU H 232 24.08 17.74 -26.04
N ASP H 233 23.86 19.03 -25.76
CA ASP H 233 24.78 19.78 -24.93
C ASP H 233 24.74 19.31 -23.49
N VAL H 234 23.54 19.11 -22.93
CA VAL H 234 23.44 18.64 -21.56
C VAL H 234 23.81 17.16 -21.46
N MET H 235 23.77 16.42 -22.58
CA MET H 235 24.25 15.04 -22.55
C MET H 235 25.76 14.98 -22.39
N ALA H 236 26.48 16.00 -22.88
CA ALA H 236 27.93 16.01 -22.77
C ALA H 236 28.38 16.16 -21.32
N THR H 237 27.61 16.87 -20.50
CA THR H 237 27.92 17.07 -19.10
C THR H 237 27.14 16.13 -18.18
N ALA H 238 26.46 15.13 -18.75
CA ALA H 238 25.66 14.22 -17.94
C ALA H 238 26.53 13.47 -16.95
N ARG H 239 25.91 13.08 -15.84
CA ARG H 239 26.62 12.42 -14.75
C ARG H 239 26.25 10.96 -14.57
N HIS H 240 25.06 10.55 -14.98
CA HIS H 240 24.59 9.20 -14.69
C HIS H 240 24.09 8.46 -15.92
N ILE H 241 23.20 9.08 -16.69
CA ILE H 241 22.54 8.40 -17.79
C ILE H 241 23.53 8.27 -18.95
N GLU H 242 23.80 7.03 -19.35
CA GLU H 242 24.77 6.77 -20.41
C GLU H 242 24.14 6.71 -21.80
N ARG H 243 22.85 6.44 -21.88
CA ARG H 243 22.18 6.34 -23.18
C ARG H 243 20.72 6.71 -23.03
N VAL H 244 20.18 7.32 -24.09
CA VAL H 244 18.77 7.67 -24.19
C VAL H 244 18.28 7.13 -25.52
N GLN H 245 17.14 6.44 -25.51
CA GLN H 245 16.59 5.86 -26.72
C GLN H 245 15.36 6.65 -27.17
N VAL H 246 15.31 6.95 -28.46
CA VAL H 246 14.16 7.58 -29.08
C VAL H 246 13.38 6.51 -29.82
N VAL H 247 12.12 6.30 -29.43
CA VAL H 247 11.32 5.22 -29.98
C VAL H 247 10.01 5.79 -30.52
N ASN H 248 9.39 5.05 -31.43
CA ASN H 248 8.15 5.45 -32.06
C ASN H 248 6.97 5.05 -31.18
N GLY H 249 6.31 6.04 -30.59
CA GLY H 249 5.13 5.80 -29.78
C GLY H 249 3.90 5.42 -30.57
N LEU H 250 3.93 5.58 -31.89
CA LEU H 250 2.83 5.15 -32.74
C LEU H 250 2.85 3.65 -33.02
N VAL H 251 3.90 2.95 -32.61
CA VAL H 251 4.01 1.51 -32.75
C VAL H 251 3.83 0.90 -31.35
N PRO H 252 2.70 0.29 -31.05
CA PRO H 252 2.49 -0.27 -29.70
C PRO H 252 3.54 -1.32 -29.37
N GLY H 253 4.08 -1.24 -28.16
CA GLY H 253 5.05 -2.18 -27.67
C GLY H 253 6.47 -1.66 -27.66
N ARG H 254 6.77 -0.59 -28.40
CA ARG H 254 8.15 -0.10 -28.46
C ARG H 254 8.56 0.60 -27.19
N LEU H 255 7.64 1.35 -26.57
CA LEU H 255 7.95 1.95 -25.28
C LEU H 255 8.20 0.88 -24.23
N THR H 256 7.36 -0.15 -24.20
CA THR H 256 7.55 -1.24 -23.25
C THR H 256 8.90 -1.92 -23.48
N ALA H 257 9.26 -2.16 -24.74
CA ALA H 257 10.54 -2.81 -25.04
C ALA H 257 11.71 -1.93 -24.65
N ALA H 258 11.62 -0.62 -24.95
CA ALA H 258 12.73 0.28 -24.65
C ALA H 258 12.97 0.38 -23.15
N LEU H 259 11.90 0.37 -22.36
CA LEU H 259 12.06 0.43 -20.91
C LEU H 259 12.77 -0.81 -20.36
N ARG H 260 12.74 -1.91 -21.09
CA ARG H 260 13.49 -3.11 -20.72
C ARG H 260 14.85 -3.18 -21.39
N GLY H 261 15.31 -2.08 -21.99
CA GLY H 261 16.62 -2.03 -22.60
C GLY H 261 16.71 -2.60 -24.00
N GLU H 262 15.58 -2.95 -24.61
CA GLU H 262 15.59 -3.54 -25.95
C GLU H 262 15.73 -2.45 -26.99
N HIS H 263 16.55 -2.72 -28.01
CA HIS H 263 16.89 -1.73 -29.03
C HIS H 263 15.80 -1.75 -30.11
N VAL H 264 14.86 -0.81 -30.00
CA VAL H 264 13.76 -0.70 -30.95
C VAL H 264 13.68 0.68 -31.59
N GLY H 265 14.64 1.56 -31.31
CA GLY H 265 14.68 2.88 -31.92
C GLY H 265 16.10 3.35 -32.09
N THR H 266 16.32 4.65 -31.89
CA THR H 266 17.64 5.24 -32.02
C THR H 266 18.25 5.39 -30.63
N LEU H 267 19.41 4.80 -30.42
CA LEU H 267 20.16 4.96 -29.19
C LEU H 267 21.09 6.17 -29.31
N ILE H 268 21.09 7.02 -28.29
CA ILE H 268 21.95 8.19 -28.24
C ILE H 268 22.90 8.01 -27.07
N ARG H 269 24.19 7.82 -27.37
CA ARG H 269 25.18 7.69 -26.31
C ARG H 269 25.56 9.07 -25.80
N THR H 270 25.45 9.25 -24.48
CA THR H 270 25.76 10.52 -23.86
C THR H 270 27.26 10.62 -23.57
N GLY H 271 27.66 11.74 -22.97
CA GLY H 271 29.04 11.91 -22.58
C GLY H 271 29.46 11.09 -21.38
N VAL H 272 28.52 10.38 -20.75
CA VAL H 272 28.86 9.57 -19.60
C VAL H 272 29.54 8.29 -20.08
N ARG H 273 30.79 8.11 -19.66
CA ARG H 273 31.46 6.80 -19.65
C ARG H 273 32.11 6.75 -18.28
N PRO H 274 31.53 6.01 -17.32
CA PRO H 274 31.88 6.25 -15.90
C PRO H 274 33.36 6.17 -15.58
N ALA H 275 34.16 5.54 -16.43
CA ALA H 275 35.60 5.48 -16.22
C ALA H 275 36.20 6.88 -16.12
N SER I 3 31.10 45.94 21.12
CA SER I 3 31.76 45.63 19.85
C SER I 3 30.89 44.69 19.03
N THR I 4 31.05 44.76 17.70
CA THR I 4 30.41 43.76 16.84
C THR I 4 31.27 42.51 16.73
N ALA I 5 32.59 42.65 16.91
CA ALA I 5 33.48 41.49 16.84
C ALA I 5 33.16 40.50 17.94
N GLU I 6 32.87 40.98 19.15
CA GLU I 6 32.49 40.08 20.23
C GLU I 6 31.08 39.53 20.02
N LEU I 7 30.18 40.32 19.44
CA LEU I 7 28.85 39.82 19.11
C LEU I 7 28.93 38.72 18.06
N GLU I 8 29.72 38.95 17.00
CA GLU I 8 29.88 37.93 15.97
C GLU I 8 30.60 36.70 16.51
N GLU I 9 31.56 36.91 17.42
CA GLU I 9 32.25 35.77 18.03
C GLU I 9 31.29 34.96 18.89
N LEU I 10 30.50 35.63 19.74
CA LEU I 10 29.53 34.91 20.55
C LEU I 10 28.47 34.23 19.68
N LEU I 11 28.10 34.85 18.56
CA LEU I 11 27.09 34.27 17.69
C LEU I 11 27.57 32.95 17.08
N MET I 12 28.88 32.77 16.92
CA MET I 12 29.41 31.57 16.29
C MET I 12 29.84 30.50 17.30
N GLN I 13 30.19 30.89 18.52
CA GLN I 13 30.73 29.95 19.50
CA GLN I 13 30.72 29.93 19.49
C GLN I 13 29.76 29.60 20.62
N ARG I 14 28.68 30.36 20.79
CA ARG I 14 27.76 30.14 21.89
C ARG I 14 26.39 29.70 21.40
N SER I 15 25.66 29.04 22.29
CA SER I 15 24.24 28.80 22.07
C SER I 15 23.50 30.13 22.05
N LEU I 16 22.39 30.18 21.34
CA LEU I 16 21.57 31.39 21.31
C LEU I 16 20.93 31.66 22.68
N THR I 17 20.93 30.68 23.57
CA THR I 17 20.42 30.86 24.92
C THR I 17 21.45 31.46 25.86
N ASP I 18 22.68 31.65 25.41
CA ASP I 18 23.74 32.15 26.28
C ASP I 18 23.45 33.58 26.69
N PRO I 19 23.45 33.90 27.98
CA PRO I 19 23.21 35.29 28.39
CA PRO I 19 23.21 35.29 28.39
C PRO I 19 24.21 36.27 27.81
N GLN I 20 25.46 35.82 27.59
CA GLN I 20 26.45 36.69 26.97
C GLN I 20 26.03 37.07 25.55
N LEU I 21 25.48 36.10 24.80
CA LEU I 21 25.03 36.38 23.44
C LEU I 21 23.81 37.27 23.43
N GLN I 22 22.85 37.01 24.32
CA GLN I 22 21.62 37.78 24.34
C GLN I 22 21.88 39.25 24.66
N ALA I 23 22.83 39.51 25.56
CA ALA I 23 23.15 40.90 25.91
C ALA I 23 23.88 41.61 24.77
N ALA I 24 24.74 40.89 24.05
CA ALA I 24 25.44 41.50 22.93
C ALA I 24 24.48 41.83 21.79
N ALA I 25 23.48 40.98 21.57
CA ALA I 25 22.50 41.24 20.52
C ALA I 25 21.59 42.40 20.88
N ALA I 26 21.31 42.59 22.17
CA ALA I 26 20.44 43.69 22.59
C ALA I 26 21.07 45.05 22.35
N ALA I 27 22.39 45.12 22.17
CA ALA I 27 23.08 46.38 21.90
C ALA I 27 23.11 46.73 20.42
N ALA I 28 22.52 45.89 19.56
CA ALA I 28 22.52 46.18 18.13
C ALA I 28 21.64 47.40 17.83
N ALA I 29 21.88 48.00 16.66
CA ALA I 29 21.10 49.14 16.24
C ALA I 29 19.63 48.76 16.06
N ASP I 30 18.77 49.77 16.11
CA ASP I 30 17.32 49.58 16.02
C ASP I 30 16.82 50.31 14.77
N PHE I 31 16.45 49.55 13.75
CA PHE I 31 15.94 50.10 12.50
C PHE I 31 14.43 49.96 12.46
N ARG I 32 13.74 51.05 12.16
CA ARG I 32 12.29 51.05 12.02
C ARG I 32 11.94 50.98 10.54
N ILE I 33 11.16 49.97 10.16
CA ILE I 33 10.90 49.73 8.75
C ILE I 33 9.86 50.70 8.21
N LEU I 34 8.78 50.90 8.95
CA LEU I 34 7.73 51.85 8.58
C LEU I 34 7.47 52.81 9.72
N PRO I 35 8.40 53.73 9.99
CA PRO I 35 8.23 54.63 11.14
C PRO I 35 7.12 55.64 10.97
N ASP I 36 6.72 55.97 9.74
CA ASP I 36 5.69 56.96 9.50
C ASP I 36 4.29 56.36 9.38
N ALA I 37 4.16 55.05 9.47
CA ALA I 37 2.89 54.38 9.30
C ALA I 37 2.22 54.13 10.64
N THR I 38 0.90 53.96 10.60
CA THR I 38 0.10 53.66 11.78
C THR I 38 -0.73 52.41 11.51
N VAL I 39 -0.71 51.48 12.44
CA VAL I 39 -1.54 50.28 12.37
C VAL I 39 -2.80 50.51 13.17
N ILE I 40 -3.95 50.32 12.55
CA ILE I 40 -5.24 50.39 13.21
C ILE I 40 -5.93 49.05 13.05
N LYS I 41 -6.65 48.63 14.08
CA LYS I 41 -7.50 47.45 14.01
C LYS I 41 -8.95 47.90 13.94
N ILE I 42 -9.64 47.48 12.88
CA ILE I 42 -11.09 47.65 12.79
C ILE I 42 -11.72 46.44 13.48
N GLY I 43 -12.51 46.70 14.52
CA GLY I 43 -13.03 45.62 15.33
C GLY I 43 -13.85 44.64 14.52
N GLY I 44 -13.78 43.38 14.91
CA GLY I 44 -14.58 42.34 14.28
C GLY I 44 -15.95 42.26 14.89
N GLN I 45 -16.03 41.72 16.11
CA GLN I 45 -17.31 41.66 16.80
C GLN I 45 -17.81 43.05 17.17
N SER I 46 -16.89 43.98 17.46
CA SER I 46 -17.27 45.30 17.93
C SER I 46 -17.63 46.26 16.81
N VAL I 47 -17.16 46.03 15.59
CA VAL I 47 -17.40 46.99 14.51
C VAL I 47 -17.96 46.31 13.27
N ILE I 48 -17.18 45.43 12.64
CA ILE I 48 -17.56 44.89 11.34
C ILE I 48 -18.84 44.06 11.46
N ASP I 49 -19.00 43.34 12.57
CA ASP I 49 -20.22 42.54 12.77
C ASP I 49 -21.46 43.41 12.92
N ARG I 50 -21.31 44.72 13.10
CA ARG I 50 -22.46 45.62 13.15
C ARG I 50 -22.98 45.98 11.77
N GLY I 51 -22.18 45.76 10.72
CA GLY I 51 -22.63 46.00 9.38
C GLY I 51 -22.52 47.44 8.91
N ARG I 52 -23.49 47.86 8.10
CA ARG I 52 -23.39 49.13 7.39
C ARG I 52 -23.37 50.32 8.34
N ALA I 53 -24.16 50.26 9.42
CA ALA I 53 -24.28 51.43 10.29
C ALA I 53 -22.95 51.80 10.93
N ALA I 54 -22.05 50.83 11.12
CA ALA I 54 -20.75 51.08 11.71
C ALA I 54 -19.63 51.13 10.68
N VAL I 55 -19.68 50.26 9.66
CA VAL I 55 -18.59 50.14 8.71
C VAL I 55 -18.57 51.32 7.76
N TYR I 56 -19.73 51.69 7.21
CA TYR I 56 -19.76 52.75 6.21
C TYR I 56 -19.23 54.08 6.73
N PRO I 57 -19.57 54.54 7.94
CA PRO I 57 -18.95 55.78 8.43
C PRO I 57 -17.43 55.66 8.59
N LEU I 58 -16.95 54.50 9.02
CA LEU I 58 -15.51 54.35 9.20
C LEU I 58 -14.79 54.25 7.86
N VAL I 59 -15.46 53.74 6.82
CA VAL I 59 -14.86 53.73 5.49
C VAL I 59 -14.64 55.16 5.01
N ASP I 60 -15.64 56.02 5.17
CA ASP I 60 -15.48 57.41 4.79
C ASP I 60 -14.39 58.09 5.60
N GLU I 61 -14.30 57.77 6.88
CA GLU I 61 -13.28 58.38 7.73
C GLU I 61 -11.88 57.89 7.31
N ILE I 62 -11.77 56.62 6.94
CA ILE I 62 -10.48 56.08 6.49
C ILE I 62 -10.05 56.76 5.20
N VAL I 63 -10.98 56.92 4.25
CA VAL I 63 -10.64 57.54 2.97
C VAL I 63 -10.18 58.97 3.18
N ALA I 64 -10.80 59.68 4.12
CA ALA I 64 -10.37 61.05 4.40
C ALA I 64 -9.06 61.06 5.18
N ALA I 65 -8.85 60.08 6.07
CA ALA I 65 -7.68 60.11 6.92
C ALA I 65 -6.41 59.74 6.16
N ARG I 66 -6.52 58.89 5.14
CA ARG I 66 -5.33 58.48 4.39
C ARG I 66 -4.69 59.62 3.63
N LYS I 67 -5.37 60.76 3.48
CA LYS I 67 -4.74 61.91 2.85
C LYS I 67 -3.60 62.45 3.71
N ASN I 68 -3.67 62.23 5.03
CA ASN I 68 -2.67 62.76 5.93
C ASN I 68 -1.91 61.70 6.72
N HIS I 69 -2.33 60.45 6.68
CA HIS I 69 -1.65 59.42 7.47
C HIS I 69 -1.58 58.10 6.74
N LYS I 70 -0.41 57.46 6.83
CA LYS I 70 -0.20 56.12 6.30
C LYS I 70 -0.83 55.09 7.22
N LEU I 71 -1.69 54.26 6.67
CA LEU I 71 -2.49 53.34 7.46
C LEU I 71 -2.24 51.90 7.04
N LEU I 72 -2.06 51.02 8.01
CA LEU I 72 -2.19 49.58 7.80
C LEU I 72 -3.40 49.13 8.61
N ILE I 73 -4.46 48.74 7.90
CA ILE I 73 -5.78 48.53 8.49
C ILE I 73 -5.97 47.02 8.64
N GLY I 74 -5.92 46.55 9.89
CA GLY I 74 -6.16 45.16 10.20
C GLY I 74 -7.59 44.93 10.63
N THR I 75 -8.11 43.75 10.30
CA THR I 75 -9.49 43.40 10.59
C THR I 75 -9.56 42.36 11.71
N GLY I 76 -10.54 42.53 12.59
CA GLY I 76 -10.89 41.50 13.53
C GLY I 76 -11.69 40.39 12.87
N ALA I 77 -12.07 39.40 13.68
CA ALA I 77 -12.83 38.26 13.20
C ALA I 77 -14.29 38.39 13.63
N GLY I 78 -14.58 38.09 14.89
CA GLY I 78 -15.90 38.37 15.43
C GLY I 78 -16.74 37.14 15.73
N THR I 79 -18.06 37.28 15.52
CA THR I 79 -18.99 36.27 16.00
C THR I 79 -18.88 34.97 15.21
N ARG I 80 -18.51 35.03 13.94
CA ARG I 80 -18.33 33.78 13.18
C ARG I 80 -17.15 32.98 13.71
N ALA I 81 -16.10 33.65 14.18
CA ALA I 81 -14.99 32.93 14.79
C ALA I 81 -15.42 32.29 16.11
N ARG I 82 -16.26 32.99 16.88
CA ARG I 82 -16.76 32.41 18.12
C ARG I 82 -17.62 31.18 17.86
N HIS I 83 -18.36 31.16 16.75
CA HIS I 83 -19.10 29.97 16.38
C HIS I 83 -18.15 28.84 16.02
N LEU I 84 -17.14 29.13 15.22
CA LEU I 84 -16.14 28.12 14.87
C LEU I 84 -15.42 27.62 16.11
N TYR I 85 -15.03 28.53 17.00
CA TYR I 85 -14.36 28.11 18.23
C TYR I 85 -15.27 27.21 19.06
N SER I 86 -16.57 27.49 19.09
CA SER I 86 -17.50 26.67 19.87
C SER I 86 -17.62 25.27 19.28
N ILE I 87 -17.72 25.17 17.96
CA ILE I 87 -17.83 23.85 17.33
C ILE I 87 -16.55 23.04 17.57
N ALA I 88 -15.39 23.68 17.36
CA ALA I 88 -14.13 22.96 17.48
C ALA I 88 -13.81 22.63 18.94
N ALA I 89 -14.10 23.54 19.86
CA ALA I 89 -13.85 23.28 21.27
C ALA I 89 -14.71 22.12 21.76
N GLY I 90 -15.97 22.06 21.34
CA GLY I 90 -16.83 20.96 21.70
C GLY I 90 -16.33 19.61 21.19
N LEU I 91 -15.52 19.62 20.14
CA LEU I 91 -14.91 18.41 19.63
C LEU I 91 -13.56 18.10 20.27
N GLY I 92 -13.04 18.99 21.10
CA GLY I 92 -11.75 18.78 21.71
C GLY I 92 -10.57 19.08 20.82
N LEU I 93 -10.75 19.93 19.82
CA LEU I 93 -9.63 20.29 18.94
C LEU I 93 -8.70 21.27 19.65
N PRO I 94 -7.40 21.18 19.39
CA PRO I 94 -6.44 22.03 20.09
C PRO I 94 -6.46 23.47 19.58
N ALA I 95 -5.81 24.34 20.35
CA ALA I 95 -5.78 25.76 19.99
C ALA I 95 -5.19 25.99 18.61
N GLY I 96 -4.21 25.17 18.20
CA GLY I 96 -3.62 25.35 16.89
C GLY I 96 -4.62 25.17 15.76
N VAL I 97 -5.58 24.25 15.94
CA VAL I 97 -6.60 24.05 14.92
C VAL I 97 -7.59 25.21 14.93
N LEU I 98 -7.99 25.65 16.13
CA LEU I 98 -8.90 26.78 16.23
C LEU I 98 -8.28 28.05 15.64
N ALA I 99 -6.96 28.18 15.71
CA ALA I 99 -6.30 29.37 15.18
C ALA I 99 -6.56 29.52 13.68
N GLN I 100 -6.39 28.45 12.92
CA GLN I 100 -6.62 28.53 11.48
C GLN I 100 -8.08 28.83 11.17
N LEU I 101 -9.00 28.28 11.98
CA LEU I 101 -10.42 28.56 11.77
C LEU I 101 -10.70 30.05 11.94
N GLY I 102 -10.12 30.67 12.97
CA GLY I 102 -10.35 32.09 13.19
C GLY I 102 -9.75 32.97 12.12
N SER I 103 -8.62 32.55 11.53
CA SER I 103 -7.98 33.34 10.49
CA SER I 103 -7.99 33.35 10.49
C SER I 103 -8.92 33.53 9.29
N SER I 104 -9.71 32.51 8.98
CA SER I 104 -10.62 32.61 7.85
C SER I 104 -11.66 33.71 8.06
N VAL I 105 -12.13 33.87 9.29
CA VAL I 105 -13.13 34.89 9.58
C VAL I 105 -12.53 36.29 9.42
N ALA I 106 -11.30 36.48 9.91
CA ALA I 106 -10.63 37.75 9.69
C ALA I 106 -10.34 37.98 8.22
N ASP I 107 -10.06 36.91 7.47
CA ASP I 107 -9.91 37.03 6.02
C ASP I 107 -11.21 37.51 5.37
N GLN I 108 -12.34 36.95 5.79
CA GLN I 108 -13.63 37.39 5.25
C GLN I 108 -13.84 38.87 5.47
N ASN I 109 -13.57 39.34 6.70
CA ASN I 109 -13.79 40.75 7.03
C ASN I 109 -12.85 41.65 6.23
N ALA I 110 -11.62 41.20 6.01
CA ALA I 110 -10.69 41.98 5.19
C ALA I 110 -11.17 42.09 3.75
N ALA I 111 -11.73 41.00 3.22
CA ALA I 111 -12.25 41.04 1.85
C ALA I 111 -13.45 41.98 1.74
N MET I 112 -14.32 41.98 2.74
CA MET I 112 -15.49 42.86 2.69
C MET I 112 -15.08 44.32 2.84
N LEU I 113 -14.16 44.61 3.75
CA LEU I 113 -13.69 45.98 3.90
CA LEU I 113 -13.68 45.98 3.90
C LEU I 113 -12.93 46.45 2.66
N GLY I 114 -12.15 45.55 2.05
CA GLY I 114 -11.38 45.93 0.88
C GLY I 114 -12.23 46.24 -0.33
N GLN I 115 -13.35 45.53 -0.50
CA GLN I 115 -14.23 45.80 -1.64
C GLN I 115 -14.91 47.15 -1.51
N LEU I 116 -15.17 47.60 -0.28
CA LEU I 116 -15.71 48.95 -0.09
C LEU I 116 -14.65 50.01 -0.30
N LEU I 117 -13.38 49.65 -0.19
CA LEU I 117 -12.27 50.60 -0.37
C LEU I 117 -11.60 50.47 -1.72
N ALA I 118 -12.00 49.50 -2.54
CA ALA I 118 -11.30 49.26 -3.80
C ALA I 118 -11.37 50.45 -4.73
N LYS I 119 -12.53 51.12 -4.80
CA LYS I 119 -12.69 52.27 -5.66
C LYS I 119 -11.81 53.45 -5.23
N HIS I 120 -11.27 53.42 -4.03
CA HIS I 120 -10.37 54.45 -3.54
C HIS I 120 -8.91 54.06 -3.65
N GLY I 121 -8.62 52.93 -4.30
CA GLY I 121 -7.26 52.48 -4.50
C GLY I 121 -6.66 51.69 -3.35
N ILE I 122 -7.36 51.58 -2.22
CA ILE I 122 -6.85 50.88 -1.06
C ILE I 122 -7.06 49.38 -1.26
N PRO I 123 -5.99 48.58 -1.25
CA PRO I 123 -6.15 47.15 -1.53
C PRO I 123 -6.02 46.26 -0.30
N VAL I 124 -6.42 45.00 -0.46
CA VAL I 124 -6.20 43.98 0.57
C VAL I 124 -4.88 43.29 0.25
N VAL I 125 -4.01 43.21 1.24
CA VAL I 125 -2.65 42.76 1.01
C VAL I 125 -2.37 41.50 1.83
N GLY I 126 -1.50 40.65 1.28
CA GLY I 126 -0.88 39.58 2.02
C GLY I 126 0.63 39.72 1.88
N GLY I 127 1.09 40.97 1.83
CA GLY I 127 2.46 41.30 1.50
C GLY I 127 3.50 40.59 2.32
N ALA I 128 4.15 39.59 1.72
CA ALA I 128 5.13 38.79 2.44
C ALA I 128 6.37 39.60 2.80
N GLY I 129 6.83 40.43 1.87
CA GLY I 129 7.88 41.37 2.19
C GLY I 129 7.28 42.76 2.34
N LEU I 130 6.34 42.91 3.27
CA LEU I 130 5.70 44.22 3.50
C LEU I 130 4.79 44.50 2.30
N SER I 131 4.57 45.77 1.99
CA SER I 131 3.93 46.20 0.75
C SER I 131 4.20 47.69 0.59
N ALA I 132 5.37 48.03 0.08
CA ALA I 132 5.84 49.41 0.11
C ALA I 132 5.13 50.29 -0.90
N VAL I 133 4.75 49.75 -2.06
CA VAL I 133 4.20 50.58 -3.12
C VAL I 133 2.88 51.25 -2.69
N PRO I 134 1.88 50.52 -2.20
CA PRO I 134 0.61 51.20 -1.90
C PRO I 134 0.70 52.15 -0.72
N LEU I 135 1.53 51.84 0.28
CA LEU I 135 1.75 52.78 1.36
C LEU I 135 2.49 54.02 0.89
N SER I 136 3.38 53.87 -0.10
CA SER I 136 4.22 54.98 -0.52
C SER I 136 3.45 56.04 -1.30
N LEU I 137 2.35 55.67 -1.93
CA LEU I 137 1.67 56.55 -2.87
C LEU I 137 0.61 57.39 -2.15
N ALA I 138 0.67 58.71 -2.36
CA ALA I 138 -0.32 59.61 -1.77
C ALA I 138 -1.72 59.31 -2.27
N GLU I 139 -1.84 58.73 -3.47
CA GLU I 139 -3.16 58.35 -3.98
C GLU I 139 -3.73 57.15 -3.22
N VAL I 140 -2.88 56.37 -2.55
CA VAL I 140 -3.34 55.20 -1.79
C VAL I 140 -3.07 55.42 -0.30
N ASN I 141 -1.81 55.28 0.11
CA ASN I 141 -1.37 55.56 1.47
C ASN I 141 -2.03 54.65 2.51
N ALA I 142 -2.57 53.52 2.10
CA ALA I 142 -3.25 52.63 3.04
C ALA I 142 -3.37 51.24 2.44
N VAL I 143 -3.38 50.24 3.33
CA VAL I 143 -3.61 48.85 2.95
C VAL I 143 -4.53 48.22 4.00
N VAL I 144 -5.24 47.17 3.58
CA VAL I 144 -6.08 46.37 4.45
C VAL I 144 -5.45 44.99 4.58
N PHE I 145 -5.35 44.48 5.80
CA PHE I 145 -4.79 43.16 6.04
C PHE I 145 -5.64 42.43 7.06
N SER I 146 -5.53 41.10 7.04
CA SER I 146 -6.22 40.25 8.01
C SER I 146 -5.43 40.22 9.31
N GLY I 147 -6.11 40.48 10.41
CA GLY I 147 -5.45 40.71 11.68
C GLY I 147 -5.05 39.48 12.47
N MET I 148 -5.31 38.28 11.97
CA MET I 148 -4.97 37.07 12.75
C MET I 148 -3.48 36.73 12.59
N PRO I 149 -2.76 36.40 13.66
CA PRO I 149 -1.35 36.00 13.55
C PRO I 149 -1.19 34.72 12.74
N PRO I 150 0.01 34.47 12.21
CA PRO I 150 0.20 33.32 11.31
C PRO I 150 0.55 32.02 12.02
N TYR I 151 0.35 31.97 13.34
CA TYR I 151 0.86 30.85 14.12
C TYR I 151 0.23 29.53 13.66
N LYS I 152 -1.07 29.54 13.40
CA LYS I 152 -1.77 28.37 12.86
C LYS I 152 -1.58 27.20 13.84
N LEU I 153 -1.15 26.03 13.39
CA LEU I 153 -0.99 24.89 14.28
C LEU I 153 0.14 25.09 15.29
N TRP I 154 1.02 26.05 15.05
CA TRP I 154 2.10 26.37 15.98
C TRP I 154 1.68 27.39 17.03
N MET I 155 0.38 27.65 17.16
CA MET I 155 -0.09 28.61 18.15
C MET I 155 0.23 28.13 19.55
N ARG I 156 0.83 29.01 20.35
CA ARG I 156 1.03 28.71 21.76
C ARG I 156 -0.33 28.62 22.45
N PRO I 157 -0.65 27.53 23.13
CA PRO I 157 -1.95 27.45 23.82
C PRO I 157 -1.94 28.29 25.10
N ALA I 158 -3.16 28.63 25.54
CA ALA I 158 -3.31 29.30 26.81
C ALA I 158 -3.00 28.32 27.95
N ALA I 159 -2.87 28.86 29.17
CA ALA I 159 -2.64 28.01 30.32
C ALA I 159 -3.80 27.04 30.54
N GLU I 160 -5.02 27.46 30.18
CA GLU I 160 -6.21 26.62 30.32
C GLU I 160 -7.11 26.86 29.12
N GLY I 161 -7.66 25.77 28.58
CA GLY I 161 -8.59 25.86 27.47
C GLY I 161 -7.92 25.80 26.12
N VAL I 162 -8.75 25.72 25.08
CA VAL I 162 -8.28 25.60 23.71
C VAL I 162 -8.50 26.87 22.90
N ILE I 163 -8.97 27.94 23.52
CA ILE I 163 -9.14 29.21 22.82
C ILE I 163 -7.74 29.77 22.54
N PRO I 164 -7.41 30.07 21.29
CA PRO I 164 -6.09 30.65 20.98
C PRO I 164 -5.90 31.96 21.72
N PRO I 165 -4.84 32.08 22.54
CA PRO I 165 -4.66 33.32 23.31
C PRO I 165 -4.19 34.50 22.48
N TYR I 166 -3.61 34.27 21.31
CA TYR I 166 -3.14 35.33 20.43
C TYR I 166 -4.06 35.39 19.21
N ARG I 167 -4.93 36.40 19.17
CA ARG I 167 -5.87 36.55 18.07
C ARG I 167 -5.69 37.92 17.42
N THR I 168 -6.77 38.54 16.95
CA THR I 168 -6.61 39.69 16.07
C THR I 168 -6.06 40.92 16.78
N ASP I 169 -6.19 41.01 18.11
CA ASP I 169 -5.53 42.10 18.83
C ASP I 169 -4.01 41.95 18.74
N ALA I 170 -3.51 40.74 19.01
CA ALA I 170 -2.06 40.51 18.96
C ALA I 170 -1.53 40.55 17.54
N GLY I 171 -2.32 40.08 16.57
CA GLY I 171 -1.84 40.08 15.20
C GLY I 171 -1.58 41.48 14.68
N CYS I 172 -2.47 42.42 14.96
CA CYS I 172 -2.26 43.79 14.51
C CYS I 172 -1.17 44.47 15.31
N PHE I 173 -1.12 44.24 16.62
CA PHE I 173 -0.11 44.91 17.45
C PHE I 173 1.30 44.47 17.06
N LEU I 174 1.50 43.16 16.85
CA LEU I 174 2.82 42.68 16.49
C LEU I 174 3.25 43.18 15.12
N LEU I 175 2.28 43.49 14.25
CA LEU I 175 2.61 44.12 12.98
C LEU I 175 3.16 45.52 13.19
N ALA I 176 2.50 46.30 14.06
CA ALA I 176 2.99 47.65 14.36
C ALA I 176 4.36 47.59 15.02
N GLU I 177 4.56 46.63 15.92
CA GLU I 177 5.85 46.53 16.61
C GLU I 177 6.96 46.11 15.66
N GLN I 178 6.70 45.13 14.79
CA GLN I 178 7.74 44.66 13.89
C GLN I 178 8.19 45.77 12.95
N PHE I 179 7.24 46.49 12.36
CA PHE I 179 7.52 47.53 11.39
C PHE I 179 7.92 48.85 12.02
N GLY I 180 8.04 48.90 13.34
CA GLY I 180 8.41 50.15 14.01
C GLY I 180 7.44 51.28 13.75
N CYS I 181 6.15 50.97 13.63
CA CYS I 181 5.16 52.00 13.35
C CYS I 181 5.04 52.97 14.52
N LYS I 182 4.63 54.19 14.21
CA LYS I 182 4.58 55.23 15.23
C LYS I 182 3.39 55.08 16.17
N GLN I 183 2.39 54.33 15.77
CA GLN I 183 1.19 54.22 16.60
C GLN I 183 0.42 52.92 16.35
N MET I 184 -0.33 52.48 17.35
CA MET I 184 -1.25 51.36 17.25
C MET I 184 -2.57 51.79 17.86
N ILE I 185 -3.63 51.81 17.05
CA ILE I 185 -4.94 52.28 17.49
C ILE I 185 -5.93 51.13 17.32
N PHE I 186 -6.61 50.76 18.41
CA PHE I 186 -7.67 49.76 18.36
C PHE I 186 -9.01 50.48 18.23
N VAL I 187 -9.71 50.24 17.14
CA VAL I 187 -10.97 50.91 16.84
C VAL I 187 -12.09 49.90 17.15
N LYS I 188 -12.78 50.12 18.28
CA LYS I 188 -13.86 49.23 18.68
C LYS I 188 -15.13 50.02 18.93
N ASP I 189 -15.97 49.58 19.88
CA ASP I 189 -17.32 50.13 20.02
C ASP I 189 -17.57 50.71 21.41
N GLU I 190 -16.53 50.97 22.19
CA GLU I 190 -16.67 51.61 23.48
C GLU I 190 -15.66 52.75 23.59
N ASP I 191 -15.95 53.70 24.49
CA ASP I 191 -15.08 54.86 24.65
C ASP I 191 -13.66 54.45 24.99
N GLY I 192 -13.49 53.28 25.62
CA GLY I 192 -12.16 52.81 25.96
C GLY I 192 -12.25 51.66 26.93
N LEU I 193 -11.21 51.52 27.74
CA LEU I 193 -11.21 50.51 28.80
C LEU I 193 -12.09 50.98 29.95
N TYR I 194 -12.89 50.06 30.48
CA TYR I 194 -13.71 50.30 31.66
C TYR I 194 -13.27 49.40 32.80
N THR I 195 -13.76 49.68 34.00
CA THR I 195 -13.44 48.84 35.15
C THR I 195 -14.05 47.44 35.02
N ALA I 196 -15.01 47.27 34.12
CA ALA I 196 -15.61 45.97 33.84
C ALA I 196 -16.23 46.04 32.45
N ASN I 197 -16.76 44.91 31.99
CA ASN I 197 -17.44 44.86 30.69
C ASN I 197 -18.62 45.81 30.72
N PRO I 198 -18.58 46.90 29.94
CA PRO I 198 -19.67 47.89 30.02
C PRO I 198 -20.99 47.39 29.47
N LYS I 199 -20.99 46.31 28.68
CA LYS I 199 -22.25 45.76 28.18
C LYS I 199 -22.95 44.91 29.23
N THR I 200 -22.20 44.30 30.14
CA THR I 200 -22.78 43.44 31.17
C THR I 200 -22.70 44.03 32.56
N SER I 201 -22.01 45.16 32.76
CA SER I 201 -21.99 45.82 34.06
C SER I 201 -22.30 47.31 33.86
N LYS I 202 -23.56 47.66 34.13
CA LYS I 202 -24.08 49.02 34.00
C LYS I 202 -23.24 50.04 34.75
N ASP I 203 -22.52 49.56 35.76
CA ASP I 203 -21.80 50.33 36.76
C ASP I 203 -20.35 50.62 36.38
N ALA I 204 -19.92 50.23 35.18
CA ALA I 204 -18.51 50.30 34.86
C ALA I 204 -18.09 51.76 34.70
N THR I 205 -16.83 52.03 35.01
CA THR I 205 -16.28 53.37 34.97
C THR I 205 -15.20 53.45 33.90
N PHE I 206 -15.26 54.49 33.07
CA PHE I 206 -14.29 54.68 32.00
C PHE I 206 -12.91 54.98 32.57
N ILE I 207 -11.89 54.36 31.97
CA ILE I 207 -10.51 54.51 32.38
C ILE I 207 -9.76 55.20 31.25
N PRO I 208 -9.39 56.48 31.39
CA PRO I 208 -8.76 57.18 30.26
C PRO I 208 -7.30 56.81 30.04
N ARG I 209 -6.58 56.45 31.10
CA ARG I 209 -5.16 56.14 30.99
C ARG I 209 -4.78 55.15 32.07
N ILE I 210 -4.00 54.14 31.69
CA ILE I 210 -3.56 53.10 32.62
C ILE I 210 -2.32 52.43 32.05
N SER I 211 -1.44 51.99 32.93
CA SER I 211 -0.26 51.23 32.53
C SER I 211 -0.55 49.74 32.64
N VAL I 212 0.33 48.93 32.06
CA VAL I 212 0.16 47.49 32.10
C VAL I 212 0.22 46.99 33.55
N ASP I 213 1.17 47.50 34.33
CA ASP I 213 1.29 47.08 35.72
C ASP I 213 0.05 47.45 36.52
N GLU I 214 -0.47 48.67 36.31
CA GLU I 214 -1.71 49.04 36.99
C GLU I 214 -2.89 48.23 36.49
N MET I 215 -2.91 47.90 35.22
CA MET I 215 -4.02 47.11 34.65
C MET I 215 -3.98 45.70 35.24
N LYS I 216 -2.81 45.10 35.35
CA LYS I 216 -2.73 43.76 35.94
C LYS I 216 -3.11 43.78 37.41
N ALA I 217 -2.81 44.86 38.13
CA ALA I 217 -3.09 44.93 39.56
C ALA I 217 -4.58 44.99 39.83
N LYS I 218 -5.38 45.51 38.89
CA LYS I 218 -6.82 45.59 39.10
C LYS I 218 -7.50 44.24 38.99
N GLY I 219 -6.82 43.24 38.43
CA GLY I 219 -7.39 41.91 38.30
C GLY I 219 -8.68 41.90 37.50
N LEU I 220 -8.62 42.42 36.29
CA LEU I 220 -9.81 42.50 35.45
C LEU I 220 -10.30 41.11 35.08
N HIS I 221 -11.60 40.86 35.23
CA HIS I 221 -12.17 39.62 34.73
C HIS I 221 -12.32 39.66 33.21
N ASP I 222 -12.59 40.84 32.66
CA ASP I 222 -12.77 41.01 31.22
C ASP I 222 -12.04 42.29 30.79
N SER I 223 -11.70 42.35 29.52
CA SER I 223 -10.98 43.50 29.00
C SER I 223 -11.39 43.77 27.56
N ILE I 224 -11.15 45.01 27.12
CA ILE I 224 -11.37 45.38 25.73
C ILE I 224 -10.25 44.91 24.82
N LEU I 225 -9.14 44.45 25.38
CA LEU I 225 -8.02 43.92 24.62
C LEU I 225 -7.66 42.54 25.14
N GLU I 226 -7.06 41.72 24.29
CA GLU I 226 -6.55 40.43 24.71
C GLU I 226 -5.47 40.62 25.77
N PHE I 227 -5.55 39.86 26.86
CA PHE I 227 -4.61 40.05 27.97
C PHE I 227 -3.18 39.77 27.58
N PRO I 228 -2.85 38.76 26.75
CA PRO I 228 -1.44 38.57 26.37
C PRO I 228 -0.82 39.76 25.64
N VAL I 229 -1.64 40.63 25.04
CA VAL I 229 -1.09 41.80 24.36
C VAL I 229 -0.42 42.73 25.37
N LEU I 230 -0.90 42.73 26.61
CA LEU I 230 -0.27 43.56 27.64
C LEU I 230 1.17 43.13 27.89
N ASP I 231 1.45 41.83 27.80
CA ASP I 231 2.82 41.34 27.96
C ASP I 231 3.66 41.61 26.71
N LEU I 232 3.05 41.48 25.53
CA LEU I 232 3.75 41.85 24.31
C LEU I 232 4.08 43.34 24.29
N LEU I 233 3.18 44.16 24.83
CA LEU I 233 3.44 45.60 24.90
C LEU I 233 4.63 45.91 25.79
N GLN I 234 4.75 45.22 26.92
CA GLN I 234 5.86 45.47 27.82
C GLN I 234 7.19 44.98 27.25
N SER I 235 7.17 44.01 26.35
CA SER I 235 8.37 43.51 25.70
CA SER I 235 8.38 43.53 25.70
C SER I 235 8.65 44.20 24.36
N ALA I 236 7.74 45.07 23.92
CA ALA I 236 7.89 45.70 22.61
C ALA I 236 9.06 46.68 22.60
N GLN I 237 9.71 46.77 21.44
CA GLN I 237 10.84 47.67 21.25
C GLN I 237 10.46 49.00 20.65
N HIS I 238 9.35 49.06 19.91
CA HIS I 238 8.97 50.25 19.16
C HIS I 238 7.64 50.83 19.60
N VAL I 239 6.61 50.00 19.73
CA VAL I 239 5.29 50.46 20.12
C VAL I 239 5.16 50.24 21.62
N ARG I 240 5.38 51.30 22.39
CA ARG I 240 5.37 51.23 23.86
C ARG I 240 4.03 51.64 24.45
N GLU I 241 3.04 51.94 23.63
CA GLU I 241 1.70 52.25 24.12
C GLU I 241 0.71 52.05 22.99
N VAL I 242 -0.56 51.86 23.36
CA VAL I 242 -1.65 51.72 22.42
C VAL I 242 -2.81 52.58 22.89
N GLN I 243 -3.70 52.92 21.97
CA GLN I 243 -4.93 53.62 22.31
C GLN I 243 -6.12 52.86 21.77
N VAL I 244 -7.15 52.71 22.60
CA VAL I 244 -8.41 52.10 22.21
C VAL I 244 -9.44 53.22 22.11
N VAL I 245 -10.10 53.32 20.95
CA VAL I 245 -11.03 54.41 20.70
C VAL I 245 -12.36 53.83 20.23
N ASN I 246 -13.40 54.67 20.31
CA ASN I 246 -14.75 54.28 19.93
C ASN I 246 -14.98 54.65 18.46
N GLY I 247 -15.00 53.63 17.60
CA GLY I 247 -15.22 53.86 16.18
C GLY I 247 -16.65 54.22 15.82
N LEU I 248 -17.58 54.12 16.77
CA LEU I 248 -18.96 54.52 16.53
C LEU I 248 -19.15 56.03 16.63
N VAL I 249 -18.11 56.76 16.99
CA VAL I 249 -18.15 58.22 17.09
C VAL I 249 -17.30 58.79 15.95
N PRO I 250 -17.89 59.41 14.93
CA PRO I 250 -17.07 59.94 13.84
C PRO I 250 -16.06 60.96 14.34
N GLY I 251 -14.83 60.84 13.84
CA GLY I 251 -13.75 61.72 14.20
C GLY I 251 -12.79 61.15 15.22
N ASN I 252 -13.21 60.15 15.98
CA ASN I 252 -12.31 59.57 16.99
C ASN I 252 -11.08 58.97 16.33
N LEU I 253 -11.27 58.23 15.24
CA LEU I 253 -10.12 57.65 14.54
C LEU I 253 -9.22 58.73 13.98
N THR I 254 -9.81 59.75 13.36
CA THR I 254 -9.01 60.82 12.78
C THR I 254 -8.24 61.59 13.86
N ARG I 255 -8.89 61.88 14.99
CA ARG I 255 -8.21 62.60 16.05
C ARG I 255 -7.12 61.75 16.69
N ALA I 256 -7.38 60.45 16.86
CA ALA I 256 -6.36 59.56 17.40
C ALA I 256 -5.17 59.45 16.46
N LEU I 257 -5.42 59.45 15.15
CA LEU I 257 -4.31 59.42 14.20
C LEU I 257 -3.44 60.67 14.31
N ALA I 258 -4.05 61.81 14.64
CA ALA I 258 -3.30 63.04 14.84
C ALA I 258 -2.62 63.11 16.20
N GLY I 259 -2.73 62.06 17.01
CA GLY I 259 -2.09 62.01 18.31
C GLY I 259 -2.95 62.45 19.47
N GLU I 260 -4.23 62.75 19.24
CA GLU I 260 -5.10 63.19 20.32
C GLU I 260 -5.50 62.02 21.22
N HIS I 261 -5.73 62.32 22.49
CA HIS I 261 -6.18 61.33 23.46
C HIS I 261 -7.71 61.38 23.50
N VAL I 262 -8.34 60.48 22.75
CA VAL I 262 -9.80 60.44 22.67
C VAL I 262 -10.38 59.18 23.30
N GLY I 263 -9.56 58.19 23.63
CA GLY I 263 -10.05 56.98 24.26
C GLY I 263 -9.23 56.60 25.47
N THR I 264 -8.82 55.33 25.54
CA THR I 264 -7.98 54.84 26.62
C THR I 264 -6.57 54.61 26.09
N ILE I 265 -5.58 55.18 26.76
CA ILE I 265 -4.18 54.97 26.41
C ILE I 265 -3.58 54.00 27.40
N ILE I 266 -3.14 52.84 26.91
CA ILE I 266 -2.50 51.81 27.70
C ILE I 266 -1.01 51.85 27.42
N THR I 267 -0.22 52.14 28.44
CA THR I 267 1.22 52.30 28.29
C THR I 267 1.95 51.08 28.87
N ALA I 268 3.08 50.75 28.27
CA ALA I 268 3.89 49.64 28.77
C ALA I 268 4.50 49.97 30.13
N SER I 269 4.90 51.22 30.33
CA SER I 269 5.50 51.65 31.58
C SER I 269 4.68 52.77 32.23
N THR J 4 -30.53 51.99 14.24
CA THR J 4 -30.11 50.66 14.66
C THR J 4 -28.68 50.37 14.20
N ASN J 5 -27.82 49.99 15.14
CA ASN J 5 -26.43 49.68 14.83
C ASN J 5 -25.91 48.54 15.70
N SER J 6 -26.81 47.66 16.17
CA SER J 6 -26.44 46.58 17.05
C SER J 6 -25.53 45.58 16.35
N ILE J 7 -24.82 44.79 17.15
CA ILE J 7 -23.95 43.75 16.62
C ILE J 7 -24.81 42.59 16.13
N LYS J 8 -24.51 42.12 14.92
CA LYS J 8 -25.20 40.96 14.36
C LYS J 8 -24.45 39.71 14.82
N HIS J 9 -25.09 38.93 15.69
CA HIS J 9 -24.44 37.79 16.32
C HIS J 9 -24.86 36.48 15.66
N VAL J 10 -23.98 35.49 15.75
CA VAL J 10 -24.30 34.10 15.45
C VAL J 10 -24.55 33.40 16.78
N ILE J 11 -25.69 32.71 16.88
CA ILE J 11 -26.03 32.00 18.11
C ILE J 11 -25.03 30.87 18.31
N SER J 12 -24.29 30.92 19.42
CA SER J 12 -23.30 29.91 19.76
C SER J 12 -22.98 30.03 21.24
N PRO J 13 -22.47 28.97 21.87
CA PRO J 13 -22.14 29.06 23.30
C PRO J 13 -21.05 30.07 23.63
N LEU J 14 -20.34 30.59 22.63
CA LEU J 14 -19.32 31.61 22.86
C LEU J 14 -19.71 32.97 22.28
N ALA J 15 -20.98 33.14 21.92
CA ALA J 15 -21.41 34.37 21.28
C ALA J 15 -21.39 35.55 22.24
N ARG J 16 -21.23 36.74 21.68
CA ARG J 16 -21.33 38.02 22.38
C ARG J 16 -20.18 38.29 23.35
N GLN J 17 -19.54 37.25 23.87
CA GLN J 17 -18.48 37.47 24.85
C GLN J 17 -17.15 37.75 24.16
N THR J 18 -16.21 38.30 24.93
CA THR J 18 -14.93 38.74 24.40
C THR J 18 -13.94 37.60 24.19
N LEU J 19 -14.16 36.47 24.86
CA LEU J 19 -13.20 35.38 25.02
C LEU J 19 -12.07 35.73 25.96
N GLN J 20 -12.11 36.92 26.59
CA GLN J 20 -11.11 37.30 27.58
C GLN J 20 -11.50 36.84 28.99
N ASP J 21 -12.80 36.72 29.28
CA ASP J 21 -13.28 36.26 30.57
C ASP J 21 -13.12 34.75 30.65
N ARG J 22 -12.12 34.30 31.41
CA ARG J 22 -11.84 32.87 31.53
C ARG J 22 -12.95 32.12 32.23
N ASP J 23 -13.77 32.81 33.03
CA ASP J 23 -14.91 32.16 33.67
C ASP J 23 -16.03 31.90 32.67
N LEU J 24 -16.12 32.72 31.62
CA LEU J 24 -17.15 32.56 30.61
C LEU J 24 -16.74 31.61 29.50
N THR J 25 -15.44 31.41 29.27
CA THR J 25 -14.98 30.49 28.24
C THR J 25 -14.73 29.08 28.75
N ARG J 26 -14.54 28.92 30.06
CA ARG J 26 -14.21 27.60 30.59
C ARG J 26 -15.29 26.56 30.35
N PRO J 27 -16.59 26.86 30.52
CA PRO J 27 -17.60 25.81 30.27
C PRO J 27 -17.59 25.28 28.85
N VAL J 28 -17.04 26.02 27.89
CA VAL J 28 -17.07 25.62 26.49
C VAL J 28 -15.74 25.02 26.05
N ALA J 29 -14.63 25.68 26.35
CA ALA J 29 -13.34 25.30 25.79
C ALA J 29 -12.31 24.87 26.82
N GLY J 30 -12.67 24.79 28.10
CA GLY J 30 -11.70 24.53 29.14
C GLY J 30 -11.30 23.08 29.32
N LYS J 31 -11.50 22.25 28.30
CA LYS J 31 -11.19 20.83 28.40
C LYS J 31 -9.86 20.52 27.71
N ARG J 32 -9.32 19.35 28.03
CA ARG J 32 -8.08 18.89 27.41
C ARG J 32 -8.36 18.51 25.96
N PRO J 33 -7.53 18.93 25.01
CA PRO J 33 -7.78 18.59 23.61
C PRO J 33 -7.52 17.11 23.33
N ILE J 34 -8.05 16.66 22.19
CA ILE J 34 -7.86 15.27 21.76
C ILE J 34 -6.51 15.15 21.07
N ARG J 35 -6.09 13.92 20.80
CA ARG J 35 -4.86 13.66 20.05
C ARG J 35 -5.21 13.50 18.57
N LEU J 36 -4.57 14.27 17.71
CA LEU J 36 -4.85 14.22 16.29
C LEU J 36 -4.13 13.06 15.61
N LEU J 37 -2.83 12.92 15.88
CA LEU J 37 -2.01 11.84 15.31
C LEU J 37 -1.30 11.14 16.45
N PRO J 38 -1.99 10.29 17.20
CA PRO J 38 -1.38 9.67 18.39
C PRO J 38 -0.25 8.71 18.06
N TRP J 39 -0.20 8.18 16.84
CA TRP J 39 0.82 7.21 16.45
C TRP J 39 2.06 7.87 15.87
N LEU J 40 2.12 9.19 15.84
CA LEU J 40 3.22 9.90 15.21
C LEU J 40 4.41 10.03 16.15
N GLN J 41 5.61 9.87 15.59
CA GLN J 41 6.85 10.16 16.29
C GLN J 41 7.52 11.34 15.61
N VAL J 42 7.85 12.37 16.38
CA VAL J 42 8.48 13.57 15.86
C VAL J 42 9.95 13.56 16.28
N VAL J 43 10.83 13.77 15.31
CA VAL J 43 12.27 13.77 15.54
C VAL J 43 12.81 15.12 15.07
N LYS J 44 13.45 15.85 15.98
CA LYS J 44 14.07 17.13 15.65
C LYS J 44 15.57 16.93 15.48
N ILE J 45 16.08 17.27 14.31
CA ILE J 45 17.50 17.18 14.00
C ILE J 45 18.12 18.55 14.16
N GLY J 46 19.13 18.67 15.03
CA GLY J 46 19.74 19.96 15.29
C GLY J 46 20.49 20.47 14.06
N GLY J 47 20.42 21.78 13.86
CA GLY J 47 21.13 22.38 12.74
C GLY J 47 22.64 22.22 12.85
N ARG J 48 23.17 22.29 14.07
CA ARG J 48 24.59 22.09 14.26
C ARG J 48 25.02 20.67 13.94
N VAL J 49 24.09 19.72 14.05
CA VAL J 49 24.39 18.36 13.61
C VAL J 49 24.49 18.32 12.09
N MET J 50 23.56 18.97 11.40
CA MET J 50 23.65 19.05 9.94
C MET J 50 24.89 19.83 9.50
N ASP J 51 25.33 20.80 10.30
CA ASP J 51 26.51 21.58 9.96
C ASP J 51 27.77 20.73 9.90
N ARG J 52 27.80 19.58 10.58
CA ARG J 52 28.99 18.73 10.57
C ARG J 52 29.17 18.00 9.26
N GLY J 53 28.21 18.07 8.34
CA GLY J 53 28.39 17.52 7.02
C GLY J 53 28.23 16.02 6.98
N ALA J 54 28.83 15.42 5.93
CA ALA J 54 28.62 14.01 5.65
C ALA J 54 29.06 13.12 6.81
N ASP J 55 30.09 13.53 7.56
CA ASP J 55 30.59 12.69 8.65
C ASP J 55 29.50 12.41 9.68
N ALA J 56 28.56 13.34 9.86
CA ALA J 56 27.44 13.15 10.77
C ALA J 56 26.15 12.81 10.05
N ILE J 57 25.94 13.35 8.85
CA ILE J 57 24.66 13.15 8.16
C ILE J 57 24.55 11.72 7.63
N LEU J 58 25.63 11.18 7.07
CA LEU J 58 25.55 9.84 6.48
C LEU J 58 25.21 8.78 7.52
N PRO J 59 25.84 8.72 8.69
CA PRO J 59 25.40 7.73 9.68
C PRO J 59 23.98 7.97 10.17
N LEU J 60 23.57 9.23 10.30
CA LEU J 60 22.21 9.53 10.72
C LEU J 60 21.20 9.10 9.65
N VAL J 61 21.54 9.31 8.38
CA VAL J 61 20.65 8.89 7.30
C VAL J 61 20.49 7.37 7.32
N GLU J 62 21.58 6.64 7.58
CA GLU J 62 21.49 5.19 7.66
C GLU J 62 20.62 4.75 8.84
N GLU J 63 20.75 5.42 9.98
CA GLU J 63 19.91 5.08 11.12
C GLU J 63 18.45 5.38 10.82
N LEU J 64 18.18 6.55 10.24
CA LEU J 64 16.80 6.89 9.89
C LEU J 64 16.23 5.90 8.88
N ARG J 65 17.05 5.46 7.92
CA ARG J 65 16.60 4.50 6.93
C ARG J 65 16.07 3.23 7.61
N LYS J 66 16.81 2.72 8.60
CA LYS J 66 16.39 1.52 9.30
C LYS J 66 15.25 1.78 10.27
N LEU J 67 14.92 3.03 10.56
CA LEU J 67 13.79 3.36 11.42
C LEU J 67 12.48 3.48 10.66
N LEU J 68 12.54 3.65 9.34
CA LEU J 68 11.33 3.84 8.56
C LEU J 68 10.34 2.69 8.68
N PRO J 69 10.75 1.41 8.64
CA PRO J 69 9.77 0.33 8.83
C PRO J 69 9.26 0.19 10.26
N GLU J 70 9.81 0.94 11.21
CA GLU J 70 9.42 0.81 12.61
C GLU J 70 8.48 1.90 13.10
N HIS J 71 8.62 3.13 12.60
CA HIS J 71 7.85 4.25 13.10
C HIS J 71 7.33 5.08 11.94
N ARG J 72 6.31 5.89 12.25
CA ARG J 72 5.81 6.93 11.36
C ARG J 72 6.43 8.23 11.81
N LEU J 73 7.36 8.76 11.02
CA LEU J 73 8.25 9.82 11.47
C LEU J 73 7.94 11.15 10.81
N LEU J 74 7.87 12.20 11.62
CA LEU J 74 7.94 13.58 11.14
C LEU J 74 9.30 14.11 11.56
N ILE J 75 10.19 14.30 10.59
CA ILE J 75 11.56 14.72 10.84
C ILE J 75 11.64 16.21 10.58
N LEU J 76 12.06 16.97 11.59
CA LEU J 76 12.15 18.42 11.52
C LEU J 76 13.59 18.85 11.77
N THR J 77 14.11 19.70 10.90
CA THR J 77 15.51 20.11 10.96
C THR J 77 15.65 21.51 11.55
N GLY J 78 16.73 21.71 12.31
CA GLY J 78 17.07 23.00 12.85
C GLY J 78 17.86 23.83 11.85
N ALA J 79 18.32 25.00 12.32
CA ALA J 79 18.95 25.99 11.45
C ALA J 79 20.47 25.88 11.45
N GLY J 80 21.09 26.01 12.61
CA GLY J 80 22.54 25.86 12.71
C GLY J 80 23.32 27.14 12.51
N VAL J 81 24.56 27.01 12.05
CA VAL J 81 25.49 28.15 12.05
C VAL J 81 25.07 29.21 11.05
N ARG J 82 24.41 28.81 9.95
CA ARG J 82 24.05 29.80 8.94
C ARG J 82 23.05 30.82 9.47
N ALA J 83 22.17 30.42 10.39
CA ALA J 83 21.27 31.37 11.03
C ALA J 83 22.03 32.38 11.87
N ARG J 84 23.15 31.97 12.45
CA ARG J 84 23.97 32.89 13.22
C ARG J 84 24.57 33.98 12.34
N HIS J 85 24.88 33.65 11.09
CA HIS J 85 25.43 34.65 10.18
C HIS J 85 24.36 35.65 9.74
N VAL J 86 23.18 35.16 9.39
CA VAL J 86 22.11 36.09 9.00
C VAL J 86 21.69 36.92 10.19
N PHE J 87 21.89 36.42 11.42
CA PHE J 87 21.74 37.25 12.60
C PHE J 87 22.83 38.31 12.65
N SER J 88 24.06 37.92 12.32
CA SER J 88 25.17 38.87 12.30
C SER J 88 24.91 40.00 11.31
N VAL J 89 24.48 39.64 10.10
CA VAL J 89 24.20 40.67 9.10
C VAL J 89 22.93 41.44 9.47
N GLY J 90 21.88 40.72 9.88
CA GLY J 90 20.62 41.38 10.19
C GLY J 90 20.72 42.34 11.36
N LEU J 91 21.41 41.92 12.42
CA LEU J 91 21.61 42.82 13.56
C LEU J 91 22.51 43.99 13.19
N ASP J 92 23.51 43.75 12.33
CA ASP J 92 24.34 44.85 11.85
C ASP J 92 23.51 45.88 11.09
N LEU J 93 22.55 45.41 10.29
CA LEU J 93 21.61 46.28 9.61
C LEU J 93 20.50 46.80 10.53
N GLY J 94 20.48 46.35 11.78
CA GLY J 94 19.49 46.84 12.73
C GLY J 94 18.10 46.25 12.60
N LEU J 95 17.95 45.14 11.88
CA LEU J 95 16.64 44.61 11.62
C LEU J 95 16.00 44.07 12.91
N PRO J 96 14.68 44.20 13.06
CA PRO J 96 14.03 43.75 14.30
C PRO J 96 13.91 42.23 14.39
N VAL J 97 13.39 41.74 15.52
CA VAL J 97 13.37 40.30 15.75
C VAL J 97 12.41 39.60 14.79
N GLY J 98 11.33 40.27 14.40
CA GLY J 98 10.42 39.70 13.42
C GLY J 98 10.99 39.63 12.02
N SER J 99 12.07 40.35 11.75
CA SER J 99 12.77 40.23 10.47
C SER J 99 13.75 39.05 10.49
N LEU J 100 14.41 38.82 11.63
CA LEU J 100 15.39 37.76 11.72
C LEU J 100 14.75 36.37 11.86
N ALA J 101 13.51 36.30 12.33
CA ALA J 101 12.87 35.00 12.51
C ALA J 101 12.68 34.25 11.21
N PRO J 102 12.09 34.82 10.16
CA PRO J 102 11.99 34.07 8.90
C PRO J 102 13.34 33.86 8.22
N LEU J 103 14.30 34.76 8.44
CA LEU J 103 15.62 34.58 7.86
C LEU J 103 16.32 33.36 8.44
N ALA J 104 16.23 33.17 9.77
CA ALA J 104 16.81 31.99 10.38
C ALA J 104 16.04 30.74 10.00
N ALA J 105 14.71 30.85 9.87
CA ALA J 105 13.91 29.69 9.49
C ALA J 105 14.29 29.16 8.12
N SER J 106 14.76 30.04 7.23
CA SER J 106 15.15 29.60 5.90
CA SER J 106 15.15 29.60 5.90
C SER J 106 16.28 28.58 5.96
N GLU J 107 17.23 28.77 6.87
CA GLU J 107 18.33 27.83 7.01
C GLU J 107 17.85 26.48 7.54
N ALA J 108 16.81 26.48 8.38
CA ALA J 108 16.24 25.22 8.83
C ALA J 108 15.56 24.49 7.67
N GLY J 109 14.87 25.22 6.80
CA GLY J 109 14.27 24.61 5.64
C GLY J 109 15.29 24.05 4.67
N GLN J 110 16.42 24.76 4.51
CA GLN J 110 17.47 24.27 3.63
C GLN J 110 18.09 23.00 4.19
N ASN J 111 18.28 22.93 5.51
CA ASN J 111 18.74 21.69 6.12
C ASN J 111 17.73 20.56 5.89
N GLY J 112 16.44 20.89 5.84
CA GLY J 112 15.44 19.89 5.56
C GLY J 112 15.51 19.36 4.14
N HIS J 113 15.73 20.25 3.18
CA HIS J 113 15.88 19.81 1.79
C HIS J 113 17.11 18.93 1.63
N ILE J 114 18.18 19.24 2.36
CA ILE J 114 19.40 18.44 2.28
C ILE J 114 19.14 17.04 2.83
N LEU J 115 18.53 16.96 4.02
CA LEU J 115 18.27 15.67 4.63
C LEU J 115 17.26 14.87 3.81
N ALA J 116 16.22 15.53 3.29
CA ALA J 116 15.21 14.82 2.52
C ALA J 116 15.79 14.26 1.23
N ALA J 117 16.71 15.00 0.60
CA ALA J 117 17.32 14.51 -0.63
C ALA J 117 18.09 13.21 -0.40
N MET J 118 18.75 13.10 0.75
CA MET J 118 19.48 11.88 1.07
C MET J 118 18.56 10.69 1.29
N LEU J 119 17.31 10.94 1.65
CA LEU J 119 16.33 9.89 1.89
C LEU J 119 15.32 9.76 0.76
N ALA J 120 15.55 10.43 -0.37
CA ALA J 120 14.59 10.42 -1.46
C ALA J 120 14.36 9.01 -1.98
N SER J 121 15.43 8.21 -2.09
CA SER J 121 15.28 6.86 -2.63
C SER J 121 14.39 5.99 -1.76
N GLU J 122 14.17 6.37 -0.50
CA GLU J 122 13.26 5.65 0.38
C GLU J 122 11.84 6.21 0.35
N GLY J 123 11.58 7.19 -0.51
CA GLY J 123 10.26 7.78 -0.60
C GLY J 123 10.03 8.98 0.29
N VAL J 124 11.08 9.56 0.85
CA VAL J 124 10.98 10.67 1.78
C VAL J 124 11.24 11.97 1.01
N SER J 125 10.41 12.98 1.25
CA SER J 125 10.61 14.29 0.65
C SER J 125 10.31 15.36 1.69
N TYR J 126 10.84 16.55 1.44
CA TYR J 126 10.56 17.72 2.26
C TYR J 126 9.16 18.22 1.97
N VAL J 127 8.41 18.54 3.03
CA VAL J 127 7.06 19.08 2.90
C VAL J 127 7.03 20.45 3.57
N GLU J 128 6.14 21.30 3.09
CA GLU J 128 6.09 22.69 3.54
C GLU J 128 5.18 22.83 4.76
N HIS J 129 5.32 23.97 5.44
CA HIS J 129 4.57 24.20 6.67
C HIS J 129 3.07 24.08 6.47
N PRO J 130 2.46 24.73 5.47
CA PRO J 130 1.01 24.53 5.27
C PRO J 130 0.65 23.08 5.01
N THR J 131 1.53 22.34 4.33
CA THR J 131 1.33 20.91 4.13
C THR J 131 1.42 20.17 5.45
N VAL J 132 2.38 20.53 6.30
CA VAL J 132 2.51 19.87 7.59
C VAL J 132 1.31 20.19 8.48
N ALA J 133 0.83 21.44 8.44
CA ALA J 133 -0.22 21.87 9.37
C ALA J 133 -1.58 21.30 8.99
N ASP J 134 -1.80 20.98 7.71
CA ASP J 134 -3.13 20.59 7.27
C ASP J 134 -3.19 19.24 6.56
N GLN J 135 -2.08 18.73 6.03
CA GLN J 135 -2.11 17.52 5.22
C GLN J 135 -1.05 16.51 5.64
N LEU J 136 -0.61 16.54 6.90
CA LEU J 136 0.39 15.57 7.33
C LEU J 136 -0.17 14.16 7.31
N ALA J 137 -1.46 14.00 7.63
CA ALA J 137 -2.05 12.67 7.72
C ALA J 137 -1.97 11.94 6.38
N ILE J 138 -2.36 12.61 5.30
CA ILE J 138 -2.33 11.98 3.98
C ILE J 138 -0.90 11.71 3.55
N HIS J 139 0.04 12.58 3.91
CA HIS J 139 1.42 12.39 3.47
C HIS J 139 2.08 11.22 4.21
N LEU J 140 1.77 11.04 5.49
CA LEU J 140 2.27 9.88 6.22
C LEU J 140 1.50 8.60 5.89
N SER J 141 0.41 8.71 5.14
CA SER J 141 -0.23 7.53 4.56
C SER J 141 0.42 7.16 3.24
N ALA J 142 0.98 8.13 2.54
CA ALA J 142 1.66 7.86 1.28
C ALA J 142 3.04 7.28 1.48
N THR J 143 3.78 7.78 2.46
CA THR J 143 5.16 7.36 2.70
C THR J 143 5.38 7.23 4.20
N ARG J 144 6.52 6.64 4.56
CA ARG J 144 6.80 6.33 5.96
CA ARG J 144 6.80 6.33 5.96
C ARG J 144 7.26 7.55 6.74
N ALA J 145 7.91 8.51 6.09
CA ALA J 145 8.40 9.69 6.80
C ALA J 145 8.48 10.87 5.84
N VAL J 146 8.33 12.07 6.41
CA VAL J 146 8.50 13.32 5.68
C VAL J 146 9.43 14.21 6.49
N VAL J 147 10.02 15.18 5.82
CA VAL J 147 10.93 16.13 6.43
C VAL J 147 10.31 17.52 6.32
N GLY J 148 10.46 18.32 7.38
CA GLY J 148 9.98 19.69 7.37
C GLY J 148 10.91 20.57 8.18
N SER J 149 10.64 21.87 8.13
CA SER J 149 11.39 22.83 8.92
C SER J 149 10.87 22.84 10.35
N ALA J 150 11.79 22.76 11.30
CA ALA J 150 11.40 22.77 12.71
C ALA J 150 11.01 24.16 13.19
N PHE J 151 11.42 25.21 12.49
CA PHE J 151 11.05 26.55 12.91
C PHE J 151 9.55 26.77 12.70
N PRO J 152 8.88 27.45 13.62
CA PRO J 152 7.46 27.78 13.43
C PRO J 152 7.33 28.99 12.51
N PRO J 153 6.19 29.13 11.82
CA PRO J 153 5.98 30.28 10.94
C PRO J 153 5.49 31.52 11.68
N TYR J 154 6.29 31.98 12.65
CA TYR J 154 5.92 33.16 13.42
C TYR J 154 6.22 34.44 12.63
N HIS J 155 7.36 34.46 11.93
CA HIS J 155 7.71 35.51 10.96
C HIS J 155 7.76 36.87 11.67
N HIS J 156 7.19 37.91 11.08
CA HIS J 156 7.14 39.25 11.66
C HIS J 156 6.25 39.32 12.90
N HIS J 157 5.48 38.27 13.17
CA HIS J 157 4.70 38.18 14.40
C HIS J 157 5.48 37.47 15.52
N GLU J 158 6.79 37.35 15.38
CA GLU J 158 7.62 36.83 16.46
C GLU J 158 7.52 37.76 17.67
N PHE J 159 7.64 37.17 18.85
CA PHE J 159 7.50 37.94 20.08
C PHE J 159 8.68 38.90 20.24
N PRO J 160 8.44 40.14 20.62
CA PRO J 160 9.55 41.07 20.89
C PRO J 160 10.12 40.82 22.28
N GLY J 161 11.16 41.59 22.61
CA GLY J 161 11.83 41.46 23.88
C GLY J 161 13.32 41.21 23.71
N SER J 162 13.67 40.11 23.08
CA SER J 162 15.04 39.80 22.73
C SER J 162 15.25 40.06 21.24
N ARG J 163 16.46 40.47 20.88
CA ARG J 163 16.80 40.67 19.48
C ARG J 163 17.04 39.36 18.75
N ILE J 164 17.11 38.25 19.47
CA ILE J 164 17.25 36.92 18.87
C ILE J 164 15.87 36.26 18.89
N PRO J 165 15.39 35.73 17.76
CA PRO J 165 14.07 35.08 17.74
C PRO J 165 13.97 33.98 18.79
N PRO J 166 12.98 34.06 19.68
CA PRO J 166 12.85 33.02 20.72
C PRO J 166 12.27 31.70 20.24
N HIS J 167 11.28 31.75 19.36
CA HIS J 167 10.60 30.53 18.91
C HIS J 167 11.38 29.93 17.75
N ARG J 168 12.31 29.03 18.08
CA ARG J 168 13.23 28.45 17.11
C ARG J 168 12.87 26.98 16.88
N ALA J 169 13.88 26.15 16.58
CA ALA J 169 13.62 24.81 16.07
C ALA J 169 13.06 23.90 17.17
N ASP J 170 13.69 23.91 18.35
CA ASP J 170 13.17 23.08 19.44
C ASP J 170 11.74 23.45 19.79
N THR J 171 11.45 24.76 19.86
CA THR J 171 10.12 25.22 20.25
C THR J 171 9.09 24.88 19.18
N GLY J 172 9.41 25.10 17.92
CA GLY J 172 8.47 24.80 16.86
C GLY J 172 8.18 23.32 16.76
N ALA J 173 9.21 22.48 16.94
CA ALA J 173 9.01 21.04 16.87
C ALA J 173 8.11 20.56 18.01
N PHE J 174 8.28 21.12 19.20
CA PHE J 174 7.46 20.70 20.33
C PHE J 174 6.03 21.19 20.18
N LEU J 175 5.84 22.43 19.71
CA LEU J 175 4.49 22.92 19.47
C LEU J 175 3.74 22.02 18.51
N LEU J 176 4.41 21.54 17.46
CA LEU J 176 3.78 20.62 16.52
C LEU J 176 3.49 19.28 17.18
N ALA J 177 4.48 18.72 17.86
CA ALA J 177 4.33 17.39 18.44
C ALA J 177 3.20 17.36 19.46
N ASP J 178 3.10 18.41 20.30
CA ASP J 178 2.06 18.43 21.32
C ASP J 178 0.70 18.74 20.74
N ALA J 179 0.63 19.63 19.74
CA ALA J 179 -0.64 19.91 19.10
C ALA J 179 -1.19 18.67 18.39
N PHE J 180 -0.30 17.90 17.76
CA PHE J 180 -0.70 16.66 17.13
C PHE J 180 -1.03 15.57 18.14
N GLY J 181 -0.62 15.74 19.39
CA GLY J 181 -0.73 14.68 20.37
C GLY J 181 0.14 13.49 20.03
N ALA J 182 1.32 13.75 19.47
CA ALA J 182 2.19 12.69 18.99
C ALA J 182 2.67 11.80 20.14
N ALA J 183 3.19 10.63 19.79
CA ALA J 183 3.66 9.68 20.78
C ALA J 183 4.93 10.15 21.47
N GLY J 184 5.66 11.10 20.88
CA GLY J 184 6.85 11.62 21.51
C GLY J 184 7.57 12.59 20.61
N LEU J 185 8.48 13.33 21.23
CA LEU J 185 9.40 14.21 20.52
C LEU J 185 10.81 13.89 20.99
N THR J 186 11.71 13.61 20.06
CA THR J 186 13.10 13.32 20.36
C THR J 186 13.98 14.39 19.72
N ILE J 187 14.82 15.01 20.52
CA ILE J 187 15.71 16.08 20.06
C ILE J 187 17.09 15.48 19.84
N VAL J 188 17.61 15.61 18.63
CA VAL J 188 18.89 15.01 18.24
C VAL J 188 19.93 16.12 18.26
N GLU J 189 20.87 16.01 19.19
CA GLU J 189 21.86 17.04 19.46
C GLU J 189 23.26 16.57 19.07
N ASN J 190 24.21 17.49 19.11
CA ASN J 190 25.62 17.18 18.91
C ASN J 190 26.34 16.94 20.23
N VAL J 191 25.61 16.82 21.33
CA VAL J 191 26.16 16.49 22.64
C VAL J 191 25.29 15.41 23.26
N ASP J 192 25.78 14.83 24.36
CA ASP J 192 25.07 13.72 25.00
C ASP J 192 23.75 14.16 25.61
N GLY J 193 23.59 15.43 25.93
CA GLY J 193 22.35 15.90 26.54
C GLY J 193 22.56 17.28 27.14
N ILE J 194 21.84 17.52 28.24
CA ILE J 194 21.90 18.79 28.95
C ILE J 194 22.89 18.64 30.11
N TYR J 195 23.82 19.60 30.21
CA TYR J 195 24.78 19.65 31.29
C TYR J 195 24.50 20.84 32.20
N THR J 196 25.18 20.89 33.34
CA THR J 196 25.06 22.04 34.24
C THR J 196 25.77 23.28 33.68
N ALA J 197 26.62 23.11 32.67
CA ALA J 197 27.27 24.22 31.99
C ALA J 197 27.55 23.78 30.55
N ASP J 198 28.05 24.70 29.75
CA ASP J 198 28.37 24.40 28.35
C ASP J 198 29.50 23.38 28.31
N PRO J 199 29.24 22.15 27.83
CA PRO J 199 30.32 21.16 27.73
C PRO J 199 31.34 21.47 26.65
N ASN J 200 31.13 22.53 25.87
CA ASN J 200 32.13 23.03 24.93
C ASN J 200 32.51 24.49 25.22
N GLY J 201 32.11 25.02 26.38
CA GLY J 201 32.32 26.42 26.69
C GLY J 201 33.49 26.68 27.60
N PRO J 202 33.56 27.89 28.17
CA PRO J 202 34.71 28.22 29.02
C PRO J 202 34.76 27.44 30.31
N ASP J 203 33.59 27.14 30.89
CA ASP J 203 33.53 26.40 32.18
C ASP J 203 33.21 24.92 31.96
N ARG J 204 33.78 24.29 30.95
CA ARG J 204 33.47 22.89 30.61
C ARG J 204 33.86 21.94 31.74
N GLY J 205 34.97 22.23 32.41
CA GLY J 205 35.47 21.35 33.48
C GLY J 205 34.44 21.06 34.56
N GLN J 206 33.54 22.00 34.82
CA GLN J 206 32.53 21.78 35.87
C GLN J 206 31.19 21.31 35.29
N ALA J 207 31.06 21.11 33.98
CA ALA J 207 29.78 20.69 33.44
C ALA J 207 29.47 19.26 33.87
N ARG J 208 28.37 19.08 34.58
CA ARG J 208 27.92 17.74 35.01
C ARG J 208 26.71 17.33 34.17
N PHE J 209 26.73 16.11 33.65
CA PHE J 209 25.65 15.62 32.80
C PHE J 209 24.39 15.42 33.63
N LEU J 210 23.25 15.88 33.09
CA LEU J 210 21.97 15.74 33.75
C LEU J 210 21.17 14.64 33.05
N PRO J 211 21.10 13.42 33.62
CA PRO J 211 20.33 12.36 32.95
C PRO J 211 18.84 12.65 32.92
N GLU J 212 18.31 13.35 33.91
CA GLU J 212 16.88 13.63 33.98
C GLU J 212 16.68 15.01 34.60
N THR J 213 15.68 15.72 34.12
CA THR J 213 15.38 17.05 34.61
C THR J 213 13.95 17.43 34.24
N SER J 214 13.44 18.46 34.91
CA SER J 214 12.12 19.02 34.65
C SER J 214 12.27 20.30 33.86
N ALA J 215 11.24 20.65 33.08
CA ALA J 215 11.28 21.90 32.33
C ALA J 215 11.26 23.09 33.28
N THR J 216 10.55 22.98 34.40
CA THR J 216 10.49 24.08 35.35
C THR J 216 11.86 24.35 35.96
N ASP J 217 12.56 23.30 36.37
CA ASP J 217 13.89 23.47 36.94
C ASP J 217 14.85 24.09 35.94
N LEU J 218 14.74 23.69 34.67
CA LEU J 218 15.58 24.28 33.63
C LEU J 218 15.17 25.73 33.33
N ALA J 219 13.90 26.07 33.55
CA ALA J 219 13.46 27.43 33.27
C ALA J 219 13.98 28.40 34.32
N LYS J 220 14.01 27.96 35.58
CA LYS J 220 14.64 28.67 36.68
C LYS J 220 16.16 28.72 36.58
N SER J 221 16.74 27.91 35.71
CA SER J 221 18.19 27.89 35.53
C SER J 221 18.66 29.21 34.92
N GLU J 222 19.92 29.52 35.21
CA GLU J 222 20.67 30.63 34.68
C GLU J 222 21.81 30.03 33.86
N GLY J 223 22.01 30.55 32.65
CA GLY J 223 23.06 30.04 31.81
C GLY J 223 22.61 29.35 30.55
N PRO J 224 23.55 28.94 29.70
CA PRO J 224 23.18 28.39 28.39
C PRO J 224 22.60 26.99 28.50
N LEU J 225 21.83 26.62 27.47
CA LEU J 225 21.22 25.31 27.34
C LEU J 225 21.36 24.89 25.89
N PRO J 226 21.28 23.58 25.60
CA PRO J 226 21.27 23.12 24.20
C PRO J 226 19.90 23.19 23.54
N VAL J 227 18.89 23.71 24.24
CA VAL J 227 17.54 23.83 23.72
C VAL J 227 17.06 25.26 23.97
N ASP J 228 16.05 25.66 23.19
CA ASP J 228 15.49 26.99 23.35
C ASP J 228 14.90 27.15 24.75
N ARG J 229 15.08 28.34 25.33
CA ARG J 229 14.40 28.63 26.59
C ARG J 229 12.89 28.71 26.39
N ALA J 230 12.45 29.09 25.19
CA ALA J 230 11.03 29.08 24.88
C ALA J 230 10.46 27.67 24.84
N LEU J 231 11.30 26.66 24.60
CA LEU J 231 10.84 25.28 24.67
C LEU J 231 10.32 24.95 26.07
N LEU J 232 11.04 25.38 27.10
CA LEU J 232 10.61 25.12 28.47
C LEU J 232 9.30 25.85 28.78
N ASP J 233 9.08 27.01 28.14
CA ASP J 233 7.85 27.76 28.41
C ASP J 233 6.64 27.07 27.80
N VAL J 234 6.76 26.57 26.57
CA VAL J 234 5.65 25.86 25.95
C VAL J 234 5.48 24.48 26.56
N MET J 235 6.52 23.94 27.20
CA MET J 235 6.37 22.68 27.91
C MET J 235 5.48 22.84 29.13
N ALA J 236 5.48 24.02 29.75
CA ALA J 236 4.64 24.25 30.93
C ALA J 236 3.16 24.20 30.57
N THR J 237 2.82 24.60 29.34
CA THR J 237 1.44 24.58 28.88
C THR J 237 1.14 23.38 27.99
N ALA J 238 2.02 22.37 27.99
CA ALA J 238 1.81 21.20 27.16
C ALA J 238 0.54 20.48 27.54
N ARG J 239 -0.06 19.78 26.57
CA ARG J 239 -1.29 19.06 26.78
C ARG J 239 -1.15 17.55 26.69
N HIS J 240 -0.14 17.05 25.99
CA HIS J 240 -0.03 15.62 25.76
C HIS J 240 1.37 15.09 26.07
N ILE J 241 2.41 15.69 25.50
CA ILE J 241 3.74 15.10 25.62
C ILE J 241 4.27 15.30 27.03
N GLU J 242 4.59 14.20 27.69
CA GLU J 242 5.06 14.20 29.08
C GLU J 242 6.58 14.26 29.18
N ARG J 243 7.30 13.78 28.17
CA ARG J 243 8.76 13.77 28.23
C ARG J 243 9.33 14.02 26.84
N VAL J 244 10.46 14.72 26.80
CA VAL J 244 11.24 14.92 25.59
C VAL J 244 12.68 14.56 25.91
N GLN J 245 13.26 13.66 25.14
CA GLN J 245 14.63 13.21 25.36
C GLN J 245 15.57 13.88 24.37
N VAL J 246 16.67 14.41 24.88
CA VAL J 246 17.75 14.98 24.07
C VAL J 246 18.86 13.94 24.01
N VAL J 247 19.17 13.47 22.79
CA VAL J 247 20.15 12.41 22.60
C VAL J 247 21.22 12.90 21.63
N ASN J 248 22.36 12.21 21.67
CA ASN J 248 23.50 12.56 20.84
C ASN J 248 23.38 11.85 19.49
N GLY J 249 23.11 12.63 18.44
CA GLY J 249 23.01 12.08 17.10
C GLY J 249 24.34 11.66 16.51
N LEU J 250 25.45 12.03 17.14
CA LEU J 250 26.76 11.60 16.68
C LEU J 250 27.13 10.20 17.17
N VAL J 251 26.32 9.61 18.03
CA VAL J 251 26.50 8.24 18.49
C VAL J 251 25.44 7.37 17.82
N PRO J 252 25.81 6.48 16.91
CA PRO J 252 24.79 5.67 16.22
C PRO J 252 24.03 4.79 17.21
N GLY J 253 22.72 4.74 17.02
CA GLY J 253 21.86 3.90 17.80
C GLY J 253 21.09 4.60 18.91
N ARG J 254 21.52 5.80 19.30
CA ARG J 254 20.84 6.48 20.39
C ARG J 254 19.48 7.02 19.97
N LEU J 255 19.36 7.49 18.72
CA LEU J 255 18.05 7.89 18.22
C LEU J 255 17.10 6.70 18.17
N THR J 256 17.59 5.56 17.68
CA THR J 256 16.77 4.36 17.65
C THR J 256 16.34 3.95 19.06
N ALA J 257 17.26 4.03 20.02
CA ALA J 257 16.94 3.67 21.39
C ALA J 257 15.94 4.64 22.00
N ALA J 258 16.09 5.94 21.72
CA ALA J 258 15.19 6.93 22.28
C ALA J 258 13.77 6.75 21.75
N LEU J 259 13.63 6.38 20.48
CA LEU J 259 12.31 6.18 19.90
C LEU J 259 11.60 4.96 20.49
N ARG J 260 12.34 4.06 21.12
CA ARG J 260 11.77 2.94 21.85
C ARG J 260 11.61 3.24 23.34
N GLY J 261 11.83 4.49 23.75
CA GLY J 261 11.68 4.87 25.14
C GLY J 261 12.86 4.55 26.03
N GLU J 262 14.00 4.17 25.45
CA GLU J 262 15.17 3.82 26.25
C GLU J 262 15.91 5.08 26.64
N HIS J 263 16.43 5.10 27.87
CA HIS J 263 17.08 6.28 28.43
C HIS J 263 18.54 6.30 27.99
N VAL J 264 18.85 7.11 26.98
CA VAL J 264 20.20 7.22 26.45
C VAL J 264 20.70 8.65 26.44
N GLY J 265 19.91 9.61 26.89
CA GLY J 265 20.33 11.00 26.94
C GLY J 265 19.71 11.72 28.10
N THR J 266 19.28 12.96 27.88
CA THR J 266 18.66 13.77 28.92
C THR J 266 17.15 13.76 28.72
N LEU J 267 16.43 13.29 29.73
CA LEU J 267 14.96 13.31 29.71
C LEU J 267 14.47 14.61 30.33
N ILE J 268 13.65 15.34 29.60
CA ILE J 268 13.06 16.58 30.06
C ILE J 268 11.59 16.32 30.37
N ARG J 269 11.20 16.52 31.62
CA ARG J 269 9.82 16.31 32.04
C ARG J 269 9.02 17.59 31.84
N THR J 270 7.93 17.49 31.09
CA THR J 270 7.06 18.63 30.84
C THR J 270 6.10 18.80 32.01
N GLY J 271 5.11 19.68 31.85
CA GLY J 271 4.09 19.90 32.85
C GLY J 271 2.91 18.95 32.82
N VAL J 272 2.94 17.97 31.93
CA VAL J 272 1.87 16.99 31.78
C VAL J 272 2.18 15.78 32.64
N ARG J 273 1.12 15.36 33.34
CA ARG J 273 1.10 14.20 34.27
C ARG J 273 0.17 13.14 33.67
N PRO J 274 0.33 11.84 33.95
CA PRO J 274 -0.40 10.79 33.26
C PRO J 274 -1.79 10.46 33.80
N ALA J 275 -2.53 9.69 33.00
CA ALA J 275 -3.90 9.18 33.22
C ALA J 275 -4.25 8.31 32.01
N SER K 3 -37.39 44.91 5.67
CA SER K 3 -36.66 45.16 6.91
C SER K 3 -35.33 44.40 6.88
N THR K 4 -34.37 44.84 7.71
CA THR K 4 -33.20 44.02 7.97
C THR K 4 -33.52 42.95 9.01
N ALA K 5 -34.36 43.30 9.98
CA ALA K 5 -34.79 42.32 10.98
C ALA K 5 -35.50 41.15 10.32
N GLU K 6 -36.36 41.43 9.33
CA GLU K 6 -37.01 40.34 8.60
C GLU K 6 -35.98 39.54 7.81
N LEU K 7 -35.04 40.22 7.15
CA LEU K 7 -34.04 39.53 6.36
C LEU K 7 -33.14 38.68 7.26
N GLU K 8 -32.74 39.21 8.41
CA GLU K 8 -31.84 38.47 9.30
C GLU K 8 -32.54 37.27 9.93
N GLU K 9 -33.83 37.38 10.22
CA GLU K 9 -34.56 36.23 10.75
C GLU K 9 -34.72 35.15 9.69
N LEU K 10 -35.05 35.54 8.46
CA LEU K 10 -35.18 34.56 7.39
C LEU K 10 -33.85 33.89 7.08
N LEU K 11 -32.76 34.67 7.09
CA LEU K 11 -31.45 34.13 6.75
C LEU K 11 -31.02 33.05 7.73
N MET K 12 -31.47 33.12 8.98
CA MET K 12 -31.03 32.14 9.97
C MET K 12 -32.03 31.01 10.19
N GLN K 13 -33.31 31.19 9.83
CA GLN K 13 -34.32 30.19 10.10
CA GLN K 13 -34.32 30.19 10.10
C GLN K 13 -34.82 29.45 8.87
N ARG K 14 -34.59 29.98 7.67
CA ARG K 14 -35.12 29.38 6.46
C ARG K 14 -33.98 28.83 5.59
N SER K 15 -34.37 27.96 4.66
CA SER K 15 -33.46 27.54 3.60
C SER K 15 -33.18 28.72 2.67
N LEU K 16 -31.99 28.72 2.07
CA LEU K 16 -31.67 29.76 1.11
C LEU K 16 -32.53 29.67 -0.15
N THR K 17 -33.20 28.53 -0.36
CA THR K 17 -34.12 28.38 -1.47
C THR K 17 -35.52 28.93 -1.17
N ASP K 18 -35.76 29.39 0.06
CA ASP K 18 -37.08 29.87 0.42
C ASP K 18 -37.40 31.15 -0.35
N PRO K 19 -38.55 31.23 -1.03
CA PRO K 19 -38.87 32.45 -1.78
CA PRO K 19 -38.87 32.45 -1.78
C PRO K 19 -38.92 33.70 -0.89
N GLN K 20 -39.34 33.55 0.36
CA GLN K 20 -39.36 34.70 1.26
C GLN K 20 -37.96 35.23 1.51
N LEU K 21 -37.00 34.34 1.70
CA LEU K 21 -35.61 34.76 1.88
C LEU K 21 -35.06 35.39 0.61
N GLN K 22 -35.35 34.79 -0.55
CA GLN K 22 -34.87 35.34 -1.81
C GLN K 22 -35.41 36.74 -2.03
N ALA K 23 -36.68 36.97 -1.71
CA ALA K 23 -37.28 38.29 -1.90
C ALA K 23 -36.70 39.30 -0.93
N ALA K 24 -36.42 38.88 0.31
CA ALA K 24 -35.87 39.80 1.29
C ALA K 24 -34.44 40.19 0.94
N ALA K 25 -33.66 39.24 0.41
CA ALA K 25 -32.30 39.55 0.00
C ALA K 25 -32.27 40.47 -1.21
N ALA K 26 -33.29 40.37 -2.08
CA ALA K 26 -33.34 41.23 -3.27
C ALA K 26 -33.53 42.69 -2.91
N ALA K 27 -34.07 42.99 -1.73
CA ALA K 27 -34.28 44.37 -1.31
C ALA K 27 -33.02 45.02 -0.73
N ALA K 28 -31.92 44.28 -0.64
CA ALA K 28 -30.70 44.82 -0.07
C ALA K 28 -30.13 45.93 -0.96
N ALA K 29 -29.33 46.80 -0.35
CA ALA K 29 -28.68 47.87 -1.09
C ALA K 29 -27.75 47.29 -2.15
N ASP K 30 -27.43 48.12 -3.15
CA ASP K 30 -26.62 47.72 -4.28
C ASP K 30 -25.35 48.57 -4.31
N PHE K 31 -24.22 47.94 -4.01
CA PHE K 31 -22.93 48.62 -4.01
C PHE K 31 -22.15 48.24 -5.25
N ARG K 32 -21.64 49.24 -5.96
CA ARG K 32 -20.80 49.03 -7.13
C ARG K 32 -19.34 49.19 -6.70
N ILE K 33 -18.54 48.14 -6.94
CA ILE K 33 -17.17 48.13 -6.44
C ILE K 33 -16.28 49.04 -7.27
N LEU K 34 -16.40 48.95 -8.60
CA LEU K 34 -15.61 49.78 -9.51
C LEU K 34 -16.56 50.44 -10.51
N PRO K 35 -17.35 51.42 -10.05
CA PRO K 35 -18.39 51.99 -10.93
C PRO K 35 -17.85 52.82 -12.08
N ASP K 36 -16.64 53.37 -11.96
CA ASP K 36 -16.06 54.20 -13.01
C ASP K 36 -15.20 53.41 -13.98
N ALA K 37 -15.09 52.09 -13.80
CA ALA K 37 -14.24 51.27 -14.64
C ALA K 37 -15.03 50.69 -15.81
N THR K 38 -14.30 50.34 -16.87
CA THR K 38 -14.85 49.71 -18.06
C THR K 38 -14.10 48.41 -18.32
N VAL K 39 -14.84 47.33 -18.52
CA VAL K 39 -14.25 46.04 -18.88
C VAL K 39 -14.32 45.91 -20.40
N ILE K 40 -13.18 45.59 -21.02
CA ILE K 40 -13.12 45.32 -22.44
C ILE K 40 -12.51 43.94 -22.64
N LYS K 41 -13.00 43.22 -23.64
CA LYS K 41 -12.41 41.96 -24.04
C LYS K 41 -11.66 42.18 -25.34
N ILE K 42 -10.36 41.91 -25.33
CA ILE K 42 -9.58 41.84 -26.56
C ILE K 42 -9.74 40.43 -27.13
N GLY K 43 -10.27 40.35 -28.35
CA GLY K 43 -10.63 39.05 -28.91
C GLY K 43 -9.42 38.13 -28.98
N GLY K 44 -9.67 36.84 -28.78
CA GLY K 44 -8.63 35.84 -28.90
C GLY K 44 -8.43 35.44 -30.35
N GLN K 45 -9.33 34.61 -30.86
CA GLN K 45 -9.26 34.21 -32.27
C GLN K 45 -9.49 35.41 -33.19
N SER K 46 -10.27 36.40 -32.75
CA SER K 46 -10.64 37.51 -33.61
C SER K 46 -9.60 38.62 -33.63
N VAL K 47 -8.72 38.71 -32.62
CA VAL K 47 -7.78 39.81 -32.56
C VAL K 47 -6.36 39.33 -32.28
N ILE K 48 -6.15 38.71 -31.11
CA ILE K 48 -4.79 38.39 -30.69
C ILE K 48 -4.17 37.35 -31.61
N ASP K 49 -4.98 36.40 -32.09
CA ASP K 49 -4.46 35.41 -33.04
C ASP K 49 -4.07 36.03 -34.37
N ARG K 50 -4.42 37.28 -34.63
CA ARG K 50 -4.00 37.95 -35.85
C ARG K 50 -2.58 38.51 -35.75
N GLY K 51 -2.05 38.66 -34.55
CA GLY K 51 -0.68 39.10 -34.37
C GLY K 51 -0.48 40.60 -34.36
N ARG K 52 0.65 41.03 -34.89
CA ARG K 52 1.09 42.41 -34.73
C ARG K 52 0.13 43.39 -35.41
N ALA K 53 -0.34 43.07 -36.61
CA ALA K 53 -1.14 44.02 -37.37
C ALA K 53 -2.44 44.38 -36.66
N ALA K 54 -2.92 43.54 -35.76
CA ALA K 54 -4.14 43.81 -35.00
C ALA K 54 -3.86 44.24 -33.57
N VAL K 55 -2.84 43.66 -32.94
CA VAL K 55 -2.58 43.92 -31.53
C VAL K 55 -1.88 45.26 -31.35
N TYR K 56 -0.89 45.56 -32.20
CA TYR K 56 -0.11 46.78 -31.99
C TYR K 56 -0.96 48.03 -32.10
N PRO K 57 -1.83 48.20 -33.10
CA PRO K 57 -2.69 49.40 -33.10
C PRO K 57 -3.63 49.46 -31.91
N LEU K 58 -4.13 48.33 -31.42
CA LEU K 58 -5.01 48.34 -30.27
C LEU K 58 -4.23 48.68 -28.99
N VAL K 59 -2.97 48.25 -28.91
CA VAL K 59 -2.14 48.64 -27.78
C VAL K 59 -1.96 50.15 -27.75
N ASP K 60 -1.70 50.75 -28.91
CA ASP K 60 -1.61 52.21 -28.98
C ASP K 60 -2.91 52.86 -28.56
N GLU K 61 -4.04 52.31 -28.99
CA GLU K 61 -5.34 52.87 -28.62
C GLU K 61 -5.59 52.72 -27.13
N ILE K 62 -5.18 51.60 -26.54
CA ILE K 62 -5.39 51.39 -25.12
C ILE K 62 -4.55 52.37 -24.30
N VAL K 63 -3.28 52.53 -24.66
CA VAL K 63 -2.40 53.44 -23.93
C VAL K 63 -2.94 54.86 -24.01
N ALA K 64 -3.52 55.24 -25.16
CA ALA K 64 -4.12 56.56 -25.28
C ALA K 64 -5.45 56.62 -24.51
N ALA K 65 -6.24 55.56 -24.55
CA ALA K 65 -7.56 55.59 -23.93
C ALA K 65 -7.47 55.63 -22.42
N ARG K 66 -6.45 55.01 -21.83
CA ARG K 66 -6.37 54.94 -20.38
C ARG K 66 -6.14 56.30 -19.73
N LYS K 67 -5.74 57.31 -20.49
CA LYS K 67 -5.64 58.66 -19.93
C LYS K 67 -7.00 59.22 -19.55
N ASN K 68 -8.07 58.71 -20.16
CA ASN K 68 -9.43 59.19 -19.94
C ASN K 68 -10.36 58.15 -19.34
N HIS K 69 -10.02 56.87 -19.39
CA HIS K 69 -10.93 55.81 -18.99
C HIS K 69 -10.17 54.73 -18.22
N LYS K 70 -10.78 54.27 -17.13
CA LYS K 70 -10.24 53.15 -16.38
C LYS K 70 -10.68 51.84 -17.04
N LEU K 71 -9.72 50.98 -17.33
CA LEU K 71 -9.96 49.80 -18.16
C LEU K 71 -9.52 48.53 -17.44
N LEU K 72 -10.38 47.52 -17.45
CA LEU K 72 -10.01 46.15 -17.14
C LEU K 72 -10.01 45.40 -18.46
N ILE K 73 -8.84 44.97 -18.90
CA ILE K 73 -8.63 44.44 -20.25
C ILE K 73 -8.53 42.93 -20.16
N GLY K 74 -9.58 42.24 -20.60
CA GLY K 74 -9.60 40.79 -20.60
C GLY K 74 -9.24 40.23 -21.96
N THR K 75 -8.61 39.06 -21.95
CA THR K 75 -8.12 38.43 -23.18
C THR K 75 -8.96 37.20 -23.51
N GLY K 76 -9.22 37.01 -24.80
CA GLY K 76 -9.79 35.78 -25.28
C GLY K 76 -8.74 34.68 -25.36
N ALA K 77 -9.16 33.52 -25.87
CA ALA K 77 -8.27 32.37 -25.99
C ALA K 77 -7.89 32.18 -27.45
N GLY K 78 -8.76 31.57 -28.24
CA GLY K 78 -8.55 31.51 -29.68
C GLY K 78 -8.27 30.14 -30.25
N THR K 79 -7.47 30.11 -31.32
CA THR K 79 -7.29 28.87 -32.09
C THR K 79 -6.56 27.80 -31.28
N ARG K 80 -5.65 28.20 -30.38
CA ARG K 80 -4.97 27.21 -29.57
C ARG K 80 -5.93 26.51 -28.62
N ALA K 81 -6.96 27.21 -28.15
CA ALA K 81 -7.98 26.57 -27.33
C ALA K 81 -8.83 25.63 -28.16
N ARG K 82 -9.14 26.00 -29.40
CA ARG K 82 -9.90 25.11 -30.26
C ARG K 82 -9.13 23.83 -30.55
N HIS K 83 -7.81 23.93 -30.71
CA HIS K 83 -7.01 22.73 -30.86
C HIS K 83 -7.05 21.88 -29.60
N LEU K 84 -6.92 22.51 -28.43
CA LEU K 84 -7.02 21.77 -27.17
C LEU K 84 -8.40 21.14 -27.02
N TYR K 85 -9.45 21.90 -27.32
CA TYR K 85 -10.80 21.35 -27.25
C TYR K 85 -10.95 20.17 -28.20
N SER K 86 -10.34 20.25 -29.40
CA SER K 86 -10.45 19.16 -30.36
C SER K 86 -9.79 17.90 -29.83
N ILE K 87 -8.59 18.03 -29.29
CA ILE K 87 -7.87 16.86 -28.77
C ILE K 87 -8.66 16.26 -27.60
N ALA K 88 -9.09 17.11 -26.67
CA ALA K 88 -9.78 16.61 -25.49
C ALA K 88 -11.16 16.05 -25.84
N ALA K 89 -11.87 16.69 -26.76
CA ALA K 89 -13.19 16.17 -27.15
C ALA K 89 -13.05 14.82 -27.84
N GLY K 90 -12.00 14.64 -28.64
CA GLY K 90 -11.77 13.36 -29.28
C GLY K 90 -11.52 12.23 -28.30
N LEU K 91 -11.04 12.56 -27.10
CA LEU K 91 -10.84 11.59 -26.05
C LEU K 91 -12.04 11.43 -25.14
N GLY K 92 -13.10 12.20 -25.37
CA GLY K 92 -14.27 12.14 -24.50
C GLY K 92 -14.06 12.74 -23.13
N LEU K 93 -13.19 13.74 -23.03
CA LEU K 93 -13.00 14.39 -21.74
C LEU K 93 -14.13 15.38 -21.49
N PRO K 94 -14.57 15.51 -20.24
CA PRO K 94 -15.74 16.35 -19.95
C PRO K 94 -15.42 17.83 -20.05
N ALA K 95 -16.49 18.64 -20.08
CA ALA K 95 -16.35 20.08 -20.23
C ALA K 95 -15.47 20.68 -19.14
N GLY K 96 -15.52 20.14 -17.93
CA GLY K 96 -14.71 20.67 -16.85
C GLY K 96 -13.22 20.55 -17.10
N VAL K 97 -12.81 19.48 -17.79
CA VAL K 97 -11.40 19.34 -18.15
C VAL K 97 -11.05 20.31 -19.28
N LEU K 98 -11.93 20.43 -20.26
CA LEU K 98 -11.69 21.38 -21.36
C LEU K 98 -11.60 22.81 -20.85
N ALA K 99 -12.36 23.15 -19.81
CA ALA K 99 -12.35 24.51 -19.29
C ALA K 99 -10.97 24.89 -18.78
N GLN K 100 -10.30 23.98 -18.09
CA GLN K 100 -8.96 24.26 -17.59
C GLN K 100 -7.97 24.42 -18.74
N LEU K 101 -8.12 23.62 -19.79
CA LEU K 101 -7.23 23.73 -20.94
C LEU K 101 -7.38 25.09 -21.61
N GLY K 102 -8.63 25.55 -21.80
CA GLY K 102 -8.85 26.83 -22.42
C GLY K 102 -8.31 27.99 -21.60
N SER K 103 -8.29 27.85 -20.28
CA SER K 103 -7.79 28.92 -19.42
CA SER K 103 -7.80 28.92 -19.42
C SER K 103 -6.32 29.20 -19.70
N SER K 104 -5.54 28.15 -19.97
CA SER K 104 -4.12 28.35 -20.23
C SER K 104 -3.89 29.20 -21.47
N VAL K 105 -4.74 29.03 -22.50
CA VAL K 105 -4.57 29.80 -23.73
C VAL K 105 -4.86 31.28 -23.48
N ALA K 106 -5.94 31.58 -22.76
CA ALA K 106 -6.21 32.97 -22.40
C ALA K 106 -5.11 33.52 -21.50
N ASP K 107 -4.50 32.66 -20.67
CA ASP K 107 -3.35 33.08 -19.87
C ASP K 107 -2.19 33.49 -20.76
N GLN K 108 -1.91 32.69 -21.80
CA GLN K 108 -0.84 33.04 -22.73
C GLN K 108 -1.07 34.40 -23.36
N ASN K 109 -2.30 34.65 -23.82
CA ASN K 109 -2.62 35.91 -24.49
C ASN K 109 -2.50 37.08 -23.53
N ALA K 110 -2.93 36.90 -22.28
CA ALA K 110 -2.78 37.96 -21.29
C ALA K 110 -1.31 38.26 -21.04
N ALA K 111 -0.46 37.23 -21.02
CA ALA K 111 0.97 37.44 -20.82
C ALA K 111 1.58 38.20 -21.99
N MET K 112 1.20 37.85 -23.22
CA MET K 112 1.77 38.52 -24.38
C MET K 112 1.31 39.97 -24.45
N LEU K 113 0.02 40.23 -24.22
CA LEU K 113 -0.48 41.60 -24.23
C LEU K 113 0.15 42.43 -23.12
N GLY K 114 0.30 41.84 -21.93
CA GLY K 114 0.85 42.58 -20.81
C GLY K 114 2.31 42.97 -21.00
N GLN K 115 3.07 42.12 -21.70
CA GLN K 115 4.46 42.43 -22.00
C GLN K 115 4.58 43.66 -22.90
N LEU K 116 3.64 43.84 -23.82
CA LEU K 116 3.63 45.02 -24.67
C LEU K 116 3.18 46.26 -23.92
N LEU K 117 2.53 46.10 -22.78
CA LEU K 117 2.05 47.23 -21.98
C LEU K 117 2.87 47.45 -20.72
N ALA K 118 3.87 46.60 -20.45
CA ALA K 118 4.62 46.71 -19.22
C ALA K 118 5.34 48.05 -19.10
N LYS K 119 5.96 48.51 -20.18
CA LYS K 119 6.68 49.78 -20.14
C LYS K 119 5.73 50.97 -19.98
N HIS K 120 4.43 50.77 -20.16
CA HIS K 120 3.44 51.80 -19.90
C HIS K 120 2.84 51.71 -18.51
N GLY K 121 3.31 50.76 -17.69
CA GLY K 121 2.85 50.61 -16.33
C GLY K 121 1.65 49.70 -16.15
N ILE K 122 1.07 49.19 -17.23
CA ILE K 122 -0.14 48.37 -17.15
C ILE K 122 0.27 46.95 -16.79
N PRO K 123 -0.28 46.38 -15.71
CA PRO K 123 0.14 45.04 -15.29
C PRO K 123 -0.80 43.93 -15.71
N VAL K 124 -0.33 42.69 -15.63
CA VAL K 124 -1.18 41.50 -15.78
C VAL K 124 -1.49 41.01 -14.38
N VAL K 125 -2.78 40.95 -14.04
CA VAL K 125 -3.19 40.73 -12.67
C VAL K 125 -3.95 39.41 -12.58
N GLY K 126 -3.80 38.65 -11.50
CA GLY K 126 -4.58 37.41 -11.45
C GLY K 126 -4.79 36.79 -10.07
N GLY K 127 -4.97 37.61 -9.04
CA GLY K 127 -5.20 37.07 -7.68
C GLY K 127 -6.55 37.55 -7.12
N ALA K 128 -7.00 38.64 -7.74
CA ALA K 128 -8.08 39.63 -7.60
C ALA K 128 -7.40 40.86 -7.00
N GLY K 129 -6.47 40.61 -6.08
CA GLY K 129 -5.84 41.60 -5.20
C GLY K 129 -5.03 42.67 -5.88
N LEU K 130 -4.52 42.41 -7.07
CA LEU K 130 -3.65 43.46 -7.66
C LEU K 130 -4.51 44.49 -8.40
N SER K 131 -5.84 44.37 -8.34
CA SER K 131 -6.59 45.35 -9.14
C SER K 131 -6.68 46.77 -8.53
N ALA K 132 -6.50 46.96 -7.24
CA ALA K 132 -6.97 48.24 -6.70
C ALA K 132 -5.96 49.36 -6.96
N VAL K 133 -4.68 49.10 -6.70
CA VAL K 133 -3.68 50.16 -6.86
C VAL K 133 -3.58 50.64 -8.29
N PRO K 134 -3.43 49.79 -9.31
CA PRO K 134 -3.12 50.32 -10.65
C PRO K 134 -4.31 51.01 -11.30
N LEU K 135 -5.53 50.59 -11.00
CA LEU K 135 -6.69 51.27 -11.57
C LEU K 135 -6.82 52.68 -11.00
N SER K 136 -6.50 52.88 -9.72
CA SER K 136 -6.64 54.19 -9.12
CA SER K 136 -6.64 54.19 -9.12
C SER K 136 -5.60 55.17 -9.67
N LEU K 137 -4.38 54.70 -9.91
CA LEU K 137 -3.31 55.56 -10.40
C LEU K 137 -3.63 56.02 -11.82
N ALA K 138 -3.72 57.34 -12.02
CA ALA K 138 -3.91 57.89 -13.34
C ALA K 138 -2.74 57.56 -14.27
N GLU K 139 -1.56 57.34 -13.71
CA GLU K 139 -0.41 56.93 -14.52
C GLU K 139 -0.61 55.54 -15.10
N VAL K 140 -1.42 54.70 -14.45
CA VAL K 140 -1.67 53.34 -14.92
C VAL K 140 -3.09 53.25 -15.45
N ASN K 141 -4.07 53.26 -14.56
CA ASN K 141 -5.49 53.36 -14.91
C ASN K 141 -5.98 52.15 -15.71
N ALA K 142 -5.25 51.04 -15.70
CA ALA K 142 -5.64 49.88 -16.49
C ALA K 142 -4.92 48.64 -15.97
N VAL K 143 -5.57 47.49 -16.14
CA VAL K 143 -4.98 46.20 -15.84
C VAL K 143 -5.37 45.23 -16.95
N VAL K 144 -4.54 44.21 -17.12
CA VAL K 144 -4.80 43.12 -18.06
C VAL K 144 -5.09 41.85 -17.26
N PHE K 145 -6.10 41.11 -17.67
CA PHE K 145 -6.46 39.86 -17.00
C PHE K 145 -6.86 38.83 -18.05
N SER K 146 -6.79 37.57 -17.65
CA SER K 146 -7.19 36.46 -18.51
C SER K 146 -8.70 36.26 -18.41
N GLY K 147 -9.37 36.21 -19.56
CA GLY K 147 -10.81 36.25 -19.61
C GLY K 147 -11.54 34.96 -19.33
N MET K 148 -10.85 33.87 -19.02
CA MET K 148 -11.56 32.62 -18.80
C MET K 148 -12.11 32.57 -17.37
N PRO K 149 -13.34 32.09 -17.20
CA PRO K 149 -13.91 31.96 -15.84
C PRO K 149 -13.16 30.93 -15.02
N PRO K 150 -13.27 30.98 -13.69
CA PRO K 150 -12.49 30.08 -12.83
C PRO K 150 -13.15 28.74 -12.56
N TYR K 151 -14.17 28.39 -13.33
CA TYR K 151 -15.02 27.26 -12.96
C TYR K 151 -14.23 25.95 -12.95
N LYS K 152 -13.28 25.79 -13.87
CA LYS K 152 -12.39 24.62 -13.89
C LYS K 152 -13.26 23.37 -13.99
N LEU K 153 -12.98 22.32 -13.21
CA LEU K 153 -13.76 21.08 -13.27
C LEU K 153 -15.20 21.28 -12.85
N TRP K 154 -15.51 22.39 -12.18
CA TRP K 154 -16.87 22.71 -11.77
C TRP K 154 -17.64 23.44 -12.86
N MET K 155 -17.14 23.47 -14.09
CA MET K 155 -17.83 24.13 -15.18
C MET K 155 -19.16 23.45 -15.43
N ARG K 156 -20.22 24.25 -15.53
CA ARG K 156 -21.51 23.71 -15.94
C ARG K 156 -21.44 23.29 -17.40
N PRO K 157 -21.77 22.04 -17.72
CA PRO K 157 -21.73 21.61 -19.12
C PRO K 157 -22.89 22.17 -19.92
N ALA K 158 -22.69 22.23 -21.23
CA ALA K 158 -23.76 22.61 -22.13
C ALA K 158 -24.80 21.49 -22.21
N ALA K 159 -25.95 21.82 -22.82
CA ALA K 159 -27.01 20.82 -22.95
C ALA K 159 -26.55 19.66 -23.81
N GLU K 160 -25.73 19.91 -24.83
CA GLU K 160 -25.17 18.87 -25.67
C GLU K 160 -23.71 19.17 -25.95
N GLY K 161 -22.88 18.14 -25.90
CA GLY K 161 -21.47 18.28 -26.21
C GLY K 161 -20.62 18.60 -24.99
N VAL K 162 -19.31 18.59 -25.21
CA VAL K 162 -18.33 18.81 -24.14
C VAL K 162 -17.67 20.17 -24.24
N ILE K 163 -18.05 21.01 -25.19
CA ILE K 163 -17.46 22.35 -25.25
C ILE K 163 -17.95 23.16 -24.06
N PRO K 164 -17.06 23.76 -23.27
CA PRO K 164 -17.50 24.58 -22.14
C PRO K 164 -18.36 25.74 -22.61
N PRO K 165 -19.59 25.86 -22.10
CA PRO K 165 -20.47 26.94 -22.58
C PRO K 165 -20.11 28.32 -22.06
N TYR K 166 -19.36 28.42 -20.97
CA TYR K 166 -18.94 29.70 -20.41
C TYR K 166 -17.45 29.85 -20.63
N ARG K 167 -17.06 30.69 -21.59
CA ARG K 167 -15.66 30.91 -21.91
C ARG K 167 -15.32 32.39 -21.77
N THR K 168 -14.45 32.91 -22.64
CA THR K 168 -13.87 34.22 -22.38
C THR K 168 -14.88 35.36 -22.53
N ASP K 169 -15.95 35.18 -23.29
CA ASP K 169 -17.01 36.19 -23.31
C ASP K 169 -17.68 36.28 -21.96
N ALA K 170 -18.02 35.13 -21.37
CA ALA K 170 -18.71 35.12 -20.08
C ALA K 170 -17.77 35.55 -18.95
N GLY K 171 -16.50 35.15 -19.01
CA GLY K 171 -15.56 35.53 -17.98
C GLY K 171 -15.37 37.04 -17.92
N CYS K 172 -15.31 37.69 -19.07
CA CYS K 172 -15.17 39.14 -19.10
C CYS K 172 -16.45 39.83 -18.65
N PHE K 173 -17.60 39.35 -19.11
CA PHE K 173 -18.86 40.00 -18.75
C PHE K 173 -19.16 39.88 -17.26
N LEU K 174 -18.94 38.69 -16.69
CA LEU K 174 -19.27 38.49 -15.28
C LEU K 174 -18.38 39.33 -14.38
N LEU K 175 -17.13 39.59 -14.79
CA LEU K 175 -16.29 40.49 -14.02
C LEU K 175 -16.80 41.92 -14.09
N ALA K 176 -17.30 42.33 -15.27
CA ALA K 176 -17.91 43.66 -15.37
C ALA K 176 -19.14 43.76 -14.50
N GLU K 177 -19.95 42.69 -14.46
CA GLU K 177 -21.17 42.71 -13.67
C GLU K 177 -20.85 42.69 -12.17
N GLN K 178 -19.90 41.84 -11.75
CA GLN K 178 -19.62 41.70 -10.34
C GLN K 178 -19.12 43.01 -9.74
N PHE K 179 -18.22 43.69 -10.45
CA PHE K 179 -17.62 44.92 -9.93
C PHE K 179 -18.45 46.16 -10.24
N GLY K 180 -19.65 45.99 -10.78
CA GLY K 180 -20.52 47.13 -11.05
C GLY K 180 -19.93 48.13 -12.01
N CYS K 181 -19.17 47.66 -13.00
CA CYS K 181 -18.58 48.56 -13.99
C CYS K 181 -19.67 49.18 -14.85
N LYS K 182 -19.34 50.32 -15.47
CA LYS K 182 -20.34 51.09 -16.18
C LYS K 182 -20.63 50.57 -17.58
N GLN K 183 -19.72 49.79 -18.17
CA GLN K 183 -19.98 49.26 -19.50
C GLN K 183 -19.07 48.08 -19.78
N MET K 184 -19.48 47.26 -20.73
CA MET K 184 -18.73 46.07 -21.20
C MET K 184 -18.62 46.19 -22.72
N ILE K 185 -17.41 46.19 -23.24
CA ILE K 185 -17.15 46.35 -24.66
C ILE K 185 -16.37 45.15 -25.16
N PHE K 186 -16.93 44.44 -26.14
CA PHE K 186 -16.25 43.33 -26.78
C PHE K 186 -15.54 43.83 -28.03
N VAL K 187 -14.22 43.69 -28.07
CA VAL K 187 -13.40 44.18 -29.16
C VAL K 187 -13.01 42.96 -30.01
N LYS K 188 -13.64 42.82 -31.17
CA LYS K 188 -13.39 41.69 -32.05
C LYS K 188 -13.03 42.18 -33.45
N ASP K 189 -13.41 41.41 -34.48
CA ASP K 189 -12.93 41.65 -35.83
C ASP K 189 -14.05 41.88 -36.84
N GLU K 190 -15.27 42.13 -36.38
CA GLU K 190 -16.37 42.47 -37.27
C GLU K 190 -17.06 43.72 -36.73
N ASP K 191 -17.77 44.41 -37.63
CA ASP K 191 -18.42 45.65 -37.26
C ASP K 191 -19.44 45.47 -36.14
N GLY K 192 -19.93 44.26 -35.93
CA GLY K 192 -20.87 43.99 -34.87
C GLY K 192 -21.57 42.67 -35.11
N LEU K 193 -22.76 42.55 -34.54
CA LEU K 193 -23.59 41.36 -34.76
C LEU K 193 -24.22 41.41 -36.15
N TYR K 194 -24.25 40.26 -36.80
CA TYR K 194 -24.88 40.12 -38.11
C TYR K 194 -25.99 39.07 -38.06
N THR K 195 -26.79 39.01 -39.13
CA THR K 195 -27.80 37.96 -39.24
C THR K 195 -27.19 36.57 -39.24
N ALA K 196 -25.91 36.45 -39.58
CA ALA K 196 -25.23 35.17 -39.69
C ALA K 196 -23.74 35.44 -39.63
N ASN K 197 -22.96 34.38 -39.56
CA ASN K 197 -21.51 34.51 -39.58
C ASN K 197 -21.09 35.24 -40.85
N PRO K 198 -20.56 36.47 -40.74
CA PRO K 198 -20.22 37.23 -41.96
C PRO K 198 -19.07 36.64 -42.75
N LYS K 199 -18.24 35.79 -42.14
CA LYS K 199 -17.14 35.18 -42.86
C LYS K 199 -17.60 34.05 -43.75
N THR K 200 -18.71 33.38 -43.40
CA THR K 200 -19.22 32.25 -44.17
C THR K 200 -20.56 32.54 -44.85
N SER K 201 -21.25 33.62 -44.46
CA SER K 201 -22.49 34.04 -45.11
C SER K 201 -22.26 35.41 -45.72
N LYS K 202 -22.19 35.47 -47.06
CA LYS K 202 -21.81 36.70 -47.74
C LYS K 202 -22.91 37.74 -47.72
N ASP K 203 -24.17 37.32 -47.61
CA ASP K 203 -25.30 38.23 -47.56
C ASP K 203 -25.77 38.51 -46.13
N ALA K 204 -24.92 38.30 -45.13
CA ALA K 204 -25.27 38.60 -43.76
C ALA K 204 -25.47 40.11 -43.60
N THR K 205 -26.47 40.48 -42.80
CA THR K 205 -26.85 41.87 -42.60
C THR K 205 -26.44 42.32 -41.21
N PHE K 206 -25.83 43.51 -41.13
CA PHE K 206 -25.36 44.05 -39.87
C PHE K 206 -26.54 44.50 -39.01
N ILE K 207 -26.48 44.17 -37.73
CA ILE K 207 -27.53 44.49 -36.76
C ILE K 207 -26.96 45.52 -35.80
N PRO K 208 -27.37 46.79 -35.89
CA PRO K 208 -26.78 47.81 -35.00
C PRO K 208 -27.27 47.73 -33.56
N ARG K 209 -28.48 47.20 -33.33
CA ARG K 209 -29.05 47.20 -32.00
C ARG K 209 -30.13 46.13 -31.94
N ILE K 210 -30.19 45.43 -30.80
CA ILE K 210 -31.16 44.36 -30.62
C ILE K 210 -31.21 44.03 -29.13
N SER K 211 -32.37 43.59 -28.67
CA SER K 211 -32.53 43.11 -27.30
C SER K 211 -32.24 41.61 -27.25
N VAL K 212 -31.98 41.13 -26.03
CA VAL K 212 -31.72 39.69 -25.86
C VAL K 212 -32.92 38.88 -26.31
N ASP K 213 -34.13 39.33 -25.96
CA ASP K 213 -35.33 38.58 -26.34
C ASP K 213 -35.48 38.53 -27.86
N GLU K 214 -35.28 39.66 -28.54
CA GLU K 214 -35.37 39.67 -29.99
C GLU K 214 -34.24 38.86 -30.62
N MET K 215 -33.05 38.91 -30.02
CA MET K 215 -31.92 38.17 -30.55
C MET K 215 -32.14 36.67 -30.43
N LYS K 216 -32.63 36.20 -29.28
CA LYS K 216 -32.97 34.79 -29.15
C LYS K 216 -34.15 34.43 -30.04
N ALA K 217 -35.01 35.40 -30.36
CA ALA K 217 -36.12 35.13 -31.27
C ALA K 217 -35.63 34.84 -32.68
N LYS K 218 -34.47 35.40 -33.06
CA LYS K 218 -33.96 35.21 -34.41
C LYS K 218 -33.55 33.77 -34.69
N GLY K 219 -33.22 33.00 -33.66
CA GLY K 219 -32.72 31.65 -33.85
C GLY K 219 -31.44 31.62 -34.66
N LEU K 220 -30.50 32.49 -34.30
CA LEU K 220 -29.24 32.57 -35.04
C LEU K 220 -28.49 31.25 -34.96
N HIS K 221 -27.97 30.80 -36.11
CA HIS K 221 -27.13 29.61 -36.11
C HIS K 221 -25.77 29.90 -35.49
N ASP K 222 -25.32 31.14 -35.55
CA ASP K 222 -24.01 31.54 -35.06
C ASP K 222 -24.11 32.98 -34.56
N SER K 223 -23.21 33.35 -33.66
CA SER K 223 -23.23 34.68 -33.08
C SER K 223 -21.82 35.12 -32.74
N ILE K 224 -21.63 36.44 -32.65
CA ILE K 224 -20.34 37.02 -32.28
C ILE K 224 -20.06 36.91 -30.79
N LEU K 225 -21.05 36.53 -29.99
CA LEU K 225 -20.88 36.34 -28.56
C LEU K 225 -21.41 34.97 -28.16
N GLU K 226 -20.89 34.45 -27.05
CA GLU K 226 -21.40 33.20 -26.49
C GLU K 226 -22.86 33.36 -26.13
N PHE K 227 -23.68 32.39 -26.52
CA PHE K 227 -25.12 32.49 -26.28
C PHE K 227 -25.47 32.52 -24.80
N PRO K 228 -24.84 31.75 -23.92
CA PRO K 228 -25.19 31.85 -22.49
C PRO K 228 -24.98 33.24 -21.90
N VAL K 229 -24.14 34.08 -22.51
CA VAL K 229 -23.94 35.43 -22.00
C VAL K 229 -25.23 36.24 -22.13
N LEU K 230 -26.05 35.93 -23.14
CA LEU K 230 -27.32 36.63 -23.29
C LEU K 230 -28.20 36.41 -22.06
N ASP K 231 -28.18 35.20 -21.50
CA ASP K 231 -28.97 34.93 -20.31
C ASP K 231 -28.33 35.56 -19.08
N LEU K 232 -27.00 35.55 -18.99
CA LEU K 232 -26.33 36.27 -17.92
C LEU K 232 -26.64 37.76 -17.98
N LEU K 233 -26.73 38.31 -19.19
CA LEU K 233 -27.04 39.73 -19.36
C LEU K 233 -28.43 40.07 -18.83
N GLN K 234 -29.41 39.19 -19.10
CA GLN K 234 -30.77 39.46 -18.64
C GLN K 234 -30.89 39.39 -17.13
N SER K 235 -30.05 38.58 -16.47
CA SER K 235 -30.07 38.46 -15.02
CA SER K 235 -30.08 38.47 -15.02
C SER K 235 -29.12 39.43 -14.34
N ALA K 236 -28.35 40.21 -15.11
CA ALA K 236 -27.35 41.10 -14.53
C ALA K 236 -28.01 42.25 -13.77
N GLN K 237 -27.34 42.67 -12.69
CA GLN K 237 -27.79 43.77 -11.86
C GLN K 237 -27.20 45.11 -12.25
N HIS K 238 -26.01 45.11 -12.86
CA HIS K 238 -25.28 46.34 -13.11
C HIS K 238 -25.04 46.60 -14.58
N VAL K 239 -24.61 45.59 -15.34
CA VAL K 239 -24.33 45.74 -16.76
C VAL K 239 -25.57 45.22 -17.51
N ARG K 240 -26.42 46.14 -17.95
CA ARG K 240 -27.68 45.80 -18.59
C ARG K 240 -27.61 45.88 -20.12
N GLU K 241 -26.42 46.07 -20.66
CA GLU K 241 -26.22 46.06 -22.11
C GLU K 241 -24.74 45.82 -22.37
N VAL K 242 -24.44 45.28 -23.54
CA VAL K 242 -23.07 45.05 -23.96
C VAL K 242 -22.88 45.66 -25.35
N GLN K 243 -21.64 46.02 -25.65
CA GLN K 243 -21.27 46.60 -26.93
C GLN K 243 -20.22 45.73 -27.60
N VAL K 244 -20.39 45.52 -28.91
CA VAL K 244 -19.44 44.77 -29.73
C VAL K 244 -18.94 45.69 -30.82
N VAL K 245 -17.63 45.85 -30.91
CA VAL K 245 -17.01 46.76 -31.87
C VAL K 245 -15.91 46.06 -32.64
N ASN K 246 -15.56 46.64 -33.78
CA ASN K 246 -14.50 46.11 -34.64
C ASN K 246 -13.19 46.75 -34.23
N GLY K 247 -12.32 45.97 -33.58
CA GLY K 247 -11.02 46.45 -33.18
C GLY K 247 -10.03 46.64 -34.32
N LEU K 248 -10.34 46.11 -35.49
CA LEU K 248 -9.48 46.29 -36.66
C LEU K 248 -9.64 47.66 -37.30
N VAL K 249 -10.65 48.42 -36.90
CA VAL K 249 -10.87 49.77 -37.39
C VAL K 249 -10.34 50.75 -36.35
N PRO K 250 -9.31 51.54 -36.65
CA PRO K 250 -8.75 52.44 -35.62
C PRO K 250 -9.79 53.45 -35.15
N GLY K 251 -9.78 53.69 -33.84
CA GLY K 251 -10.68 54.63 -33.23
C GLY K 251 -11.99 54.04 -32.75
N ASN K 252 -12.32 52.81 -33.14
CA ASN K 252 -13.60 52.22 -32.74
C ASN K 252 -13.67 52.04 -31.24
N LEU K 253 -12.60 51.55 -30.61
CA LEU K 253 -12.60 51.36 -29.17
C LEU K 253 -12.66 52.70 -28.46
N THR K 254 -11.90 53.70 -28.94
CA THR K 254 -11.91 55.01 -28.31
C THR K 254 -13.30 55.64 -28.38
N ARG K 255 -13.95 55.55 -29.54
CA ARG K 255 -15.29 56.12 -29.70
C ARG K 255 -16.29 55.41 -28.81
N ALA K 256 -16.16 54.09 -28.65
CA ALA K 256 -17.05 53.35 -27.77
C ALA K 256 -16.88 53.82 -26.33
N LEU K 257 -15.64 54.03 -25.90
CA LEU K 257 -15.39 54.52 -24.54
C LEU K 257 -15.93 55.93 -24.35
N ALA K 258 -15.94 56.74 -25.41
CA ALA K 258 -16.48 58.09 -25.33
C ALA K 258 -18.01 58.11 -25.27
N GLY K 259 -18.65 56.95 -25.46
CA GLY K 259 -20.09 56.85 -25.40
C GLY K 259 -20.78 56.67 -26.73
N GLU K 260 -20.04 56.72 -27.84
CA GLU K 260 -20.64 56.52 -29.15
C GLU K 260 -21.12 55.08 -29.30
N HIS K 261 -22.25 54.91 -29.97
CA HIS K 261 -22.81 53.58 -30.20
C HIS K 261 -22.22 52.92 -31.44
N VAL K 262 -20.89 52.92 -31.49
CA VAL K 262 -20.18 52.20 -32.54
C VAL K 262 -20.53 50.72 -32.45
N GLY K 263 -20.67 50.07 -33.61
CA GLY K 263 -20.89 48.64 -33.62
C GLY K 263 -22.31 48.29 -33.19
N THR K 264 -22.42 47.20 -32.45
CA THR K 264 -23.71 46.66 -32.03
C THR K 264 -23.90 46.83 -30.54
N ILE K 265 -25.09 47.26 -30.14
CA ILE K 265 -25.50 47.31 -28.75
C ILE K 265 -26.56 46.23 -28.54
N ILE K 266 -26.30 45.34 -27.58
CA ILE K 266 -27.25 44.30 -27.20
C ILE K 266 -27.77 44.62 -25.81
N THR K 267 -29.07 44.88 -25.71
CA THR K 267 -29.68 45.30 -24.46
C THR K 267 -30.39 44.13 -23.78
N ALA K 268 -30.30 44.09 -22.45
CA ALA K 268 -30.97 43.02 -21.70
C ALA K 268 -32.49 43.15 -21.81
N SER K 269 -33.00 44.37 -21.78
CA SER K 269 -34.44 44.61 -21.86
C SER K 269 -34.80 45.32 -23.16
N THR L 4 -7.26 43.65 -40.32
CA THR L 4 -5.92 44.21 -40.55
C THR L 4 -5.10 43.20 -41.32
N ASN L 5 -4.82 42.05 -40.71
CA ASN L 5 -4.31 40.92 -41.48
C ASN L 5 -4.75 39.62 -40.84
N SER L 6 -4.66 38.57 -41.65
CA SER L 6 -5.42 37.36 -41.46
C SER L 6 -5.13 36.71 -40.11
N ILE L 7 -6.13 35.98 -39.62
CA ILE L 7 -5.98 35.22 -38.39
C ILE L 7 -4.99 34.09 -38.62
N LYS L 8 -4.10 33.88 -37.64
CA LYS L 8 -3.17 32.76 -37.67
C LYS L 8 -3.83 31.59 -36.98
N HIS L 9 -4.23 30.58 -37.75
CA HIS L 9 -4.98 29.45 -37.24
C HIS L 9 -4.05 28.27 -36.98
N VAL L 10 -4.42 27.45 -36.00
CA VAL L 10 -3.87 26.10 -35.85
C VAL L 10 -4.87 25.14 -36.46
N ILE L 11 -4.39 24.27 -37.36
CA ILE L 11 -5.27 23.32 -38.01
C ILE L 11 -5.83 22.37 -36.97
N SER L 12 -7.15 22.33 -36.86
CA SER L 12 -7.82 21.47 -35.90
C SER L 12 -9.25 21.26 -36.38
N PRO L 13 -9.91 20.19 -35.93
CA PRO L 13 -11.33 20.00 -36.30
C PRO L 13 -12.23 21.15 -35.87
N LEU L 14 -11.82 21.95 -34.90
CA LEU L 14 -12.61 23.10 -34.46
C LEU L 14 -12.01 24.44 -34.89
N ALA L 15 -11.03 24.41 -35.79
CA ALA L 15 -10.38 25.64 -36.20
C ALA L 15 -11.35 26.57 -36.92
N ARG L 16 -11.11 27.88 -36.78
CA ARG L 16 -11.88 28.93 -37.43
C ARG L 16 -13.29 29.06 -36.88
N GLN L 17 -13.77 28.03 -36.19
CA GLN L 17 -15.11 28.05 -35.63
C GLN L 17 -15.21 29.03 -34.47
N THR L 18 -16.41 29.58 -34.29
CA THR L 18 -16.71 30.35 -33.09
C THR L 18 -17.05 29.47 -31.91
N LEU L 19 -17.41 28.21 -32.16
CA LEU L 19 -17.90 27.24 -31.18
C LEU L 19 -19.31 27.55 -30.71
N GLN L 20 -19.98 28.54 -31.30
CA GLN L 20 -21.37 28.80 -30.98
C GLN L 20 -22.33 28.08 -31.91
N ASP L 21 -21.87 27.62 -33.08
CA ASP L 21 -22.73 26.91 -34.02
C ASP L 21 -22.80 25.45 -33.62
N ARG L 22 -23.95 25.01 -33.11
CA ARG L 22 -24.07 23.64 -32.62
C ARG L 22 -23.92 22.62 -33.76
N ASP L 23 -24.30 23.00 -34.98
CA ASP L 23 -24.17 22.09 -36.12
C ASP L 23 -22.71 21.89 -36.51
N LEU L 24 -21.86 22.88 -36.27
CA LEU L 24 -20.45 22.78 -36.60
C LEU L 24 -19.62 22.16 -35.49
N THR L 25 -20.08 22.22 -34.24
CA THR L 25 -19.34 21.64 -33.12
C THR L 25 -19.77 20.21 -32.83
N ARG L 26 -20.98 19.81 -33.21
CA ARG L 26 -21.47 18.49 -32.84
C ARG L 26 -20.60 17.35 -33.38
N PRO L 27 -20.14 17.36 -34.64
CA PRO L 27 -19.33 16.24 -35.11
C PRO L 27 -18.05 16.02 -34.32
N VAL L 28 -17.57 17.05 -33.62
CA VAL L 28 -16.30 16.97 -32.90
C VAL L 28 -16.52 16.67 -31.42
N ALA L 29 -17.48 17.33 -30.79
CA ALA L 29 -17.60 17.30 -29.33
C ALA L 29 -18.94 16.81 -28.84
N GLY L 30 -19.83 16.34 -29.71
CA GLY L 30 -21.18 16.01 -29.32
C GLY L 30 -21.37 14.72 -28.57
N LYS L 31 -20.31 14.01 -28.21
CA LYS L 31 -20.47 12.69 -27.61
C LYS L 31 -20.45 12.76 -26.08
N ARG L 32 -20.96 11.70 -25.47
CA ARG L 32 -20.96 11.59 -24.01
C ARG L 32 -19.53 11.47 -23.51
N PRO L 33 -19.15 12.22 -22.47
CA PRO L 33 -17.78 12.12 -21.96
C PRO L 33 -17.54 10.82 -21.22
N ILE L 34 -16.26 10.47 -21.11
CA ILE L 34 -15.79 9.30 -20.39
C ILE L 34 -15.93 9.56 -18.89
N ARG L 35 -15.75 8.53 -18.07
CA ARG L 35 -15.71 8.67 -16.62
C ARG L 35 -14.25 8.74 -16.18
N LEU L 36 -13.90 9.81 -15.46
CA LEU L 36 -12.53 9.99 -15.02
C LEU L 36 -12.20 9.07 -13.84
N LEU L 37 -13.06 9.06 -12.83
CA LEU L 37 -12.86 8.27 -11.62
C LEU L 37 -14.14 7.47 -11.36
N PRO L 38 -14.35 6.37 -12.11
CA PRO L 38 -15.61 5.63 -11.97
C PRO L 38 -15.78 4.96 -10.63
N TRP L 39 -14.69 4.68 -9.91
CA TRP L 39 -14.76 4.01 -8.62
C TRP L 39 -14.96 4.98 -7.45
N LEU L 40 -15.12 6.27 -7.74
CA LEU L 40 -15.20 7.28 -6.69
C LEU L 40 -16.62 7.39 -6.16
N GLN L 41 -16.73 7.53 -4.84
CA GLN L 41 -17.98 7.86 -4.17
C GLN L 41 -17.84 9.24 -3.54
N VAL L 42 -18.77 10.13 -3.83
CA VAL L 42 -18.76 11.50 -3.32
C VAL L 42 -19.84 11.61 -2.25
N VAL L 43 -19.47 12.15 -1.10
CA VAL L 43 -20.38 12.34 0.02
C VAL L 43 -20.36 13.82 0.39
N LYS L 44 -21.52 14.46 0.38
CA LYS L 44 -21.67 15.86 0.74
C LYS L 44 -22.29 15.95 2.13
N ILE L 45 -21.57 16.57 3.06
CA ILE L 45 -22.03 16.76 4.43
C ILE L 45 -22.58 18.17 4.55
N GLY L 46 -23.83 18.28 5.00
CA GLY L 46 -24.46 19.59 5.09
C GLY L 46 -23.81 20.46 6.15
N GLY L 47 -23.72 21.76 5.86
CA GLY L 47 -23.18 22.69 6.83
C GLY L 47 -24.00 22.74 8.11
N ARG L 48 -25.32 22.61 7.99
CA ARG L 48 -26.19 22.60 9.17
C ARG L 48 -26.00 21.34 10.01
N VAL L 49 -25.52 20.26 9.40
CA VAL L 49 -25.17 19.08 10.19
C VAL L 49 -23.92 19.35 11.02
N MET L 50 -22.91 19.98 10.41
CA MET L 50 -21.72 20.36 11.16
C MET L 50 -22.06 21.38 12.25
N ASP L 51 -23.03 22.25 11.99
CA ASP L 51 -23.40 23.27 12.97
C ASP L 51 -23.90 22.66 14.28
N ARG L 52 -24.40 21.43 14.25
CA ARG L 52 -24.91 20.81 15.46
C ARG L 52 -23.81 20.35 16.41
N GLY L 53 -22.54 20.48 16.00
CA GLY L 53 -21.44 20.22 16.91
C GLY L 53 -21.19 18.74 17.12
N ALA L 54 -20.53 18.45 18.24
CA ALA L 54 -20.05 17.09 18.51
C ALA L 54 -21.20 16.09 18.56
N ASP L 55 -22.40 16.52 18.98
CA ASP L 55 -23.52 15.59 19.08
C ASP L 55 -23.83 14.94 17.74
N ALA L 56 -23.61 15.65 16.64
CA ALA L 56 -23.81 15.09 15.31
C ALA L 56 -22.52 14.70 14.63
N ILE L 57 -21.42 15.43 14.88
CA ILE L 57 -20.17 15.16 14.17
C ILE L 57 -19.54 13.85 14.66
N LEU L 58 -19.54 13.62 15.97
CA LEU L 58 -18.87 12.44 16.50
C LEU L 58 -19.51 11.15 15.98
N PRO L 59 -20.84 10.99 15.96
CA PRO L 59 -21.39 9.76 15.36
C PRO L 59 -21.10 9.67 13.87
N LEU L 60 -21.10 10.79 13.14
CA LEU L 60 -20.80 10.74 11.72
C LEU L 60 -19.34 10.39 11.50
N VAL L 61 -18.43 10.90 12.34
CA VAL L 61 -17.02 10.54 12.20
C VAL L 61 -16.84 9.04 12.39
N GLU L 62 -17.54 8.44 13.36
CA GLU L 62 -17.42 7.00 13.58
C GLU L 62 -17.98 6.22 12.39
N GLU L 63 -19.09 6.68 11.82
CA GLU L 63 -19.63 6.02 10.64
C GLU L 63 -18.68 6.15 9.46
N LEU L 64 -18.11 7.34 9.26
CA LEU L 64 -17.14 7.53 8.18
C LEU L 64 -15.91 6.67 8.40
N ARG L 65 -15.47 6.53 9.65
CA ARG L 65 -14.30 5.69 9.95
C ARG L 65 -14.54 4.25 9.48
N LYS L 66 -15.73 3.72 9.72
CA LYS L 66 -16.05 2.35 9.31
C LYS L 66 -16.26 2.23 7.81
N LEU L 67 -16.47 3.35 7.12
CA LEU L 67 -16.67 3.33 5.67
C LEU L 67 -15.36 3.40 4.90
N LEU L 68 -14.27 3.83 5.53
CA LEU L 68 -13.00 3.99 4.83
C LEU L 68 -12.53 2.71 4.15
N PRO L 69 -12.58 1.53 4.80
CA PRO L 69 -12.13 0.31 4.10
C PRO L 69 -13.11 -0.17 3.04
N GLU L 70 -14.30 0.43 2.92
CA GLU L 70 -15.31 -0.03 1.98
C GLU L 70 -15.37 0.80 0.71
N HIS L 71 -15.07 2.09 0.78
CA HIS L 71 -15.24 2.97 -0.36
C HIS L 71 -14.03 3.88 -0.50
N ARG L 72 -13.90 4.46 -1.70
CA ARG L 72 -12.93 5.51 -1.99
C ARG L 72 -13.72 6.82 -1.95
N LEU L 73 -13.55 7.59 -0.88
CA LEU L 73 -14.48 8.66 -0.55
C LEU L 73 -13.86 10.03 -0.79
N LEU L 74 -14.58 10.87 -1.52
CA LEU L 74 -14.36 12.31 -1.53
C LEU L 74 -15.47 12.93 -0.69
N ILE L 75 -15.10 13.48 0.46
CA ILE L 75 -16.06 14.04 1.41
C ILE L 75 -16.03 15.55 1.26
N LEU L 76 -17.18 16.14 0.94
CA LEU L 76 -17.30 17.58 0.70
C LEU L 76 -18.27 18.17 1.71
N THR L 77 -17.86 19.24 2.37
CA THR L 77 -18.64 19.85 3.44
C THR L 77 -19.33 21.12 2.94
N GLY L 78 -20.55 21.34 3.43
CA GLY L 78 -21.27 22.57 3.18
C GLY L 78 -20.91 23.66 4.15
N ALA L 79 -21.66 24.76 4.07
CA ALA L 79 -21.32 25.99 4.79
C ALA L 79 -22.05 26.12 6.12
N GLY L 80 -23.38 26.18 6.08
CA GLY L 80 -24.15 26.25 7.31
C GLY L 80 -24.50 27.66 7.76
N VAL L 81 -24.71 27.83 9.07
CA VAL L 81 -25.27 29.07 9.58
C VAL L 81 -24.27 30.23 9.47
N ARG L 82 -22.96 29.93 9.52
CA ARG L 82 -21.99 31.00 9.45
C ARG L 82 -22.04 31.73 8.11
N ALA L 83 -22.37 31.02 7.03
CA ALA L 83 -22.54 31.68 5.74
C ALA L 83 -23.77 32.58 5.75
N ARG L 84 -24.77 32.26 6.57
CA ARG L 84 -25.94 33.13 6.69
C ARG L 84 -25.57 34.45 7.33
N HIS L 85 -24.64 34.43 8.29
CA HIS L 85 -24.22 35.66 8.94
C HIS L 85 -23.40 36.52 8.00
N VAL L 86 -22.47 35.91 7.26
CA VAL L 86 -21.69 36.69 6.31
C VAL L 86 -22.59 37.22 5.20
N PHE L 87 -23.68 36.52 4.90
CA PHE L 87 -24.69 37.09 4.01
C PHE L 87 -25.37 38.29 4.66
N SER L 88 -25.72 38.18 5.94
CA SER L 88 -26.39 39.28 6.63
CA SER L 88 -26.39 39.28 6.63
C SER L 88 -25.51 40.53 6.66
N VAL L 89 -24.22 40.36 6.93
CA VAL L 89 -23.31 41.50 6.94
C VAL L 89 -23.03 41.97 5.52
N GLY L 90 -22.77 41.03 4.61
CA GLY L 90 -22.44 41.41 3.24
C GLY L 90 -23.59 42.10 2.54
N LEU L 91 -24.81 41.60 2.71
CA LEU L 91 -25.97 42.25 2.11
C LEU L 91 -26.24 43.60 2.75
N ASP L 92 -26.00 43.72 4.06
CA ASP L 92 -26.14 45.02 4.72
C ASP L 92 -25.15 46.02 4.13
N LEU L 93 -23.94 45.57 3.80
CA LEU L 93 -22.97 46.41 3.13
C LEU L 93 -23.25 46.60 1.64
N GLY L 94 -24.26 45.91 1.11
CA GLY L 94 -24.63 46.05 -0.28
C GLY L 94 -23.78 45.28 -1.25
N LEU L 95 -23.03 44.28 -0.78
CA LEU L 95 -22.07 43.60 -1.64
C LEU L 95 -22.79 42.72 -2.64
N PRO L 96 -22.27 42.61 -3.87
CA PRO L 96 -22.95 41.81 -4.91
C PRO L 96 -22.80 40.32 -4.66
N VAL L 97 -23.49 39.53 -5.50
CA VAL L 97 -23.55 38.09 -5.28
C VAL L 97 -22.20 37.45 -5.48
N GLY L 98 -21.40 37.96 -6.43
CA GLY L 98 -20.06 37.45 -6.62
C GLY L 98 -19.12 37.74 -5.47
N SER L 99 -19.47 38.70 -4.62
CA SER L 99 -18.69 38.92 -3.40
C SER L 99 -19.10 37.94 -2.30
N LEU L 100 -20.39 37.64 -2.20
CA LEU L 100 -20.87 36.75 -1.15
C LEU L 100 -20.51 35.30 -1.41
N ALA L 101 -20.28 34.92 -2.67
CA ALA L 101 -20.01 33.52 -2.98
C ALA L 101 -18.72 33.02 -2.35
N PRO L 102 -17.57 33.69 -2.51
CA PRO L 102 -16.36 33.19 -1.83
C PRO L 102 -16.41 33.33 -0.32
N LEU L 103 -17.15 34.31 0.20
CA LEU L 103 -17.29 34.45 1.64
C LEU L 103 -18.05 33.27 2.24
N ALA L 104 -19.12 32.82 1.58
CA ALA L 104 -19.83 31.64 2.04
C ALA L 104 -19.01 30.38 1.86
N ALA L 105 -18.28 30.29 0.75
CA ALA L 105 -17.42 29.13 0.52
C ALA L 105 -16.40 28.96 1.64
N SER L 106 -15.94 30.06 2.22
CA SER L 106 -14.96 29.98 3.30
CA SER L 106 -14.96 29.98 3.30
C SER L 106 -15.48 29.14 4.46
N GLU L 107 -16.78 29.29 4.77
CA GLU L 107 -17.35 28.52 5.88
C GLU L 107 -17.44 27.04 5.54
N ALA L 108 -17.69 26.71 4.27
CA ALA L 108 -17.65 25.32 3.84
C ALA L 108 -16.24 24.75 3.98
N GLY L 109 -15.22 25.56 3.67
CA GLY L 109 -13.86 25.11 3.85
C GLY L 109 -13.50 24.90 5.31
N GLN L 110 -13.97 25.78 6.19
CA GLN L 110 -13.67 25.63 7.61
C GLN L 110 -14.33 24.37 8.15
N ASN L 111 -15.56 24.08 7.74
CA ASN L 111 -16.21 22.83 8.12
C ASN L 111 -15.39 21.63 7.62
N GLY L 112 -14.77 21.76 6.46
CA GLY L 112 -13.94 20.67 5.95
C GLY L 112 -12.69 20.45 6.79
N HIS L 113 -12.05 21.55 7.21
CA HIS L 113 -10.88 21.41 8.08
C HIS L 113 -11.26 20.78 9.41
N ILE L 114 -12.43 21.12 9.93
CA ILE L 114 -12.90 20.54 11.19
C ILE L 114 -13.12 19.05 11.03
N LEU L 115 -13.86 18.66 9.99
CA LEU L 115 -14.15 17.24 9.79
C LEU L 115 -12.89 16.44 9.52
N ALA L 116 -11.97 16.99 8.72
CA ALA L 116 -10.75 16.27 8.40
C ALA L 116 -9.88 16.08 9.64
N ALA L 117 -9.85 17.07 10.53
CA ALA L 117 -9.05 16.94 11.74
C ALA L 117 -9.52 15.76 12.60
N MET L 118 -10.82 15.52 12.61
CA MET L 118 -11.40 14.42 13.41
C MET L 118 -11.00 13.07 12.80
N LEU L 119 -10.65 13.05 11.51
CA LEU L 119 -10.28 11.82 10.83
C LEU L 119 -8.79 11.76 10.50
N ALA L 120 -7.99 12.67 11.05
CA ALA L 120 -6.57 12.73 10.72
C ALA L 120 -5.86 11.45 11.12
N SER L 121 -6.23 10.86 12.27
CA SER L 121 -5.56 9.64 12.72
C SER L 121 -5.81 8.47 11.77
N GLU L 122 -6.82 8.57 10.91
CA GLU L 122 -7.08 7.55 9.90
C GLU L 122 -6.40 7.86 8.57
N GLY L 123 -5.59 8.91 8.52
CA GLY L 123 -4.91 9.29 7.29
C GLY L 123 -5.68 10.26 6.41
N VAL L 124 -6.76 10.85 6.91
CA VAL L 124 -7.61 11.74 6.13
C VAL L 124 -7.18 13.17 6.38
N SER L 125 -7.09 13.95 5.30
CA SER L 125 -6.72 15.35 5.40
C SER L 125 -7.63 16.18 4.49
N TYR L 126 -7.71 17.47 4.78
CA TYR L 126 -8.39 18.41 3.90
C TYR L 126 -7.50 18.73 2.70
N VAL L 127 -8.11 18.74 1.52
CA VAL L 127 -7.40 19.03 0.29
C VAL L 127 -8.07 20.23 -0.39
N GLU L 128 -7.27 21.01 -1.11
CA GLU L 128 -7.73 22.25 -1.68
C GLU L 128 -8.37 22.02 -3.05
N HIS L 129 -9.13 23.02 -3.50
CA HIS L 129 -9.84 22.91 -4.78
C HIS L 129 -8.92 22.61 -5.95
N PRO L 130 -7.79 23.30 -6.13
CA PRO L 130 -6.88 22.92 -7.23
C PRO L 130 -6.37 21.51 -7.08
N THR L 131 -6.16 21.05 -5.85
CA THR L 131 -5.76 19.67 -5.60
C THR L 131 -6.89 18.70 -5.98
N VAL L 132 -8.13 19.06 -5.64
CA VAL L 132 -9.25 18.21 -6.00
C VAL L 132 -9.41 18.14 -7.51
N ALA L 133 -9.24 19.28 -8.20
CA ALA L 133 -9.53 19.32 -9.63
C ALA L 133 -8.48 18.59 -10.45
N ASP L 134 -7.22 18.59 -10.00
CA ASP L 134 -6.13 18.05 -10.80
C ASP L 134 -5.38 16.89 -10.19
N GLN L 135 -5.46 16.68 -8.87
CA GLN L 135 -4.64 15.67 -8.20
CA GLN L 135 -4.64 15.67 -8.21
C GLN L 135 -5.46 14.78 -7.28
N LEU L 136 -6.76 14.63 -7.54
CA LEU L 136 -7.56 13.77 -6.68
C LEU L 136 -7.15 12.30 -6.80
N ALA L 137 -6.74 11.88 -8.01
CA ALA L 137 -6.40 10.48 -8.22
C ALA L 137 -5.23 10.04 -7.36
N ILE L 138 -4.16 10.86 -7.33
CA ILE L 138 -2.99 10.49 -6.54
C ILE L 138 -3.29 10.56 -5.05
N HIS L 139 -4.14 11.50 -4.64
CA HIS L 139 -4.44 11.62 -3.21
C HIS L 139 -5.31 10.47 -2.73
N LEU L 140 -6.25 9.99 -3.55
CA LEU L 140 -7.02 8.81 -3.19
C LEU L 140 -6.22 7.52 -3.35
N SER L 141 -5.04 7.58 -3.96
CA SER L 141 -4.14 6.43 -3.97
CA SER L 141 -4.15 6.42 -3.96
C SER L 141 -3.29 6.40 -2.70
N ALA L 142 -3.03 7.56 -2.10
CA ALA L 142 -2.23 7.64 -0.89
C ALA L 142 -3.05 7.30 0.35
N THR L 143 -4.32 7.69 0.37
CA THR L 143 -5.18 7.48 1.51
C THR L 143 -6.58 7.10 1.04
N ARG L 144 -7.41 6.64 1.97
CA ARG L 144 -8.72 6.11 1.61
CA ARG L 144 -8.72 6.12 1.62
C ARG L 144 -9.75 7.22 1.38
N ALA L 145 -9.56 8.38 1.99
CA ALA L 145 -10.52 9.46 1.82
C ALA L 145 -9.85 10.81 2.03
N VAL L 146 -10.39 11.82 1.36
CA VAL L 146 -9.96 13.20 1.55
C VAL L 146 -11.22 14.05 1.74
N VAL L 147 -11.03 15.20 2.37
CA VAL L 147 -12.12 16.14 2.63
C VAL L 147 -11.83 17.42 1.84
N GLY L 148 -12.90 17.98 1.26
CA GLY L 148 -12.77 19.24 0.54
C GLY L 148 -14.02 20.09 0.77
N SER L 149 -13.95 21.31 0.26
CA SER L 149 -15.10 22.21 0.31
C SER L 149 -16.07 21.86 -0.80
N ALA L 150 -17.36 21.75 -0.46
CA ALA L 150 -18.37 21.42 -1.46
C ALA L 150 -18.69 22.60 -2.36
N PHE L 151 -18.39 23.82 -1.93
CA PHE L 151 -18.69 24.98 -2.76
C PHE L 151 -17.78 24.98 -3.99
N PRO L 152 -18.30 25.38 -5.15
CA PRO L 152 -17.45 25.49 -6.35
C PRO L 152 -16.71 26.82 -6.34
N PRO L 153 -15.55 26.88 -7.01
CA PRO L 153 -14.77 28.13 -7.05
C PRO L 153 -15.29 29.11 -8.09
N TYR L 154 -16.56 29.50 -7.96
CA TYR L 154 -17.15 30.45 -8.89
C TYR L 154 -16.75 31.88 -8.55
N HIS L 155 -16.69 32.21 -7.25
CA HIS L 155 -16.15 33.48 -6.80
C HIS L 155 -16.88 34.66 -7.43
N HIS L 156 -16.11 35.65 -7.88
CA HIS L 156 -16.70 36.85 -8.49
C HIS L 156 -17.30 36.57 -9.87
N HIS L 157 -17.13 35.37 -10.39
CA HIS L 157 -17.82 34.94 -11.60
C HIS L 157 -19.09 34.16 -11.29
N GLU L 158 -19.64 34.33 -10.09
CA GLU L 158 -20.93 33.75 -9.76
C GLU L 158 -22.02 34.39 -10.63
N PHE L 159 -23.05 33.60 -10.93
CA PHE L 159 -24.11 34.08 -11.80
C PHE L 159 -24.93 35.16 -11.09
N PRO L 160 -25.30 36.22 -11.79
CA PRO L 160 -26.16 37.25 -11.20
C PRO L 160 -27.63 36.83 -11.27
N GLY L 161 -28.49 37.66 -10.68
CA GLY L 161 -29.90 37.38 -10.64
C GLY L 161 -30.42 37.39 -9.21
N SER L 162 -30.02 36.40 -8.44
CA SER L 162 -30.30 36.36 -7.02
C SER L 162 -29.19 37.08 -6.26
N ARG L 163 -29.57 37.74 -5.16
CA ARG L 163 -28.57 38.28 -4.25
C ARG L 163 -27.91 37.20 -3.41
N ILE L 164 -28.45 35.99 -3.42
CA ILE L 164 -27.86 34.85 -2.71
C ILE L 164 -27.12 34.00 -3.74
N PRO L 165 -25.87 33.62 -3.48
CA PRO L 165 -25.13 32.78 -4.44
C PRO L 165 -25.89 31.51 -4.75
N PRO L 166 -26.14 31.22 -6.04
CA PRO L 166 -26.90 30.01 -6.38
C PRO L 166 -26.09 28.72 -6.41
N HIS L 167 -24.82 28.80 -6.81
CA HIS L 167 -23.98 27.61 -6.94
C HIS L 167 -23.31 27.34 -5.59
N ARG L 168 -24.01 26.59 -4.73
CA ARG L 168 -23.57 26.38 -3.36
C ARG L 168 -23.04 24.94 -3.20
N ALA L 169 -23.22 24.37 -2.00
CA ALA L 169 -22.53 23.12 -1.66
C ALA L 169 -23.12 21.93 -2.40
N ASP L 170 -24.46 21.82 -2.44
CA ASP L 170 -25.07 20.73 -3.18
C ASP L 170 -24.68 20.79 -4.65
N THR L 171 -24.72 21.99 -5.24
CA THR L 171 -24.44 22.14 -6.66
C THR L 171 -22.98 21.82 -6.96
N GLY L 172 -22.05 22.37 -6.17
CA GLY L 172 -20.64 22.10 -6.41
C GLY L 172 -20.30 20.64 -6.27
N ALA L 173 -20.86 19.97 -5.27
CA ALA L 173 -20.59 18.55 -5.07
C ALA L 173 -21.08 17.72 -6.24
N PHE L 174 -22.25 18.07 -6.80
CA PHE L 174 -22.77 17.31 -7.93
C PHE L 174 -21.98 17.60 -9.20
N LEU L 175 -21.61 18.87 -9.41
CA LEU L 175 -20.76 19.19 -10.56
C LEU L 175 -19.48 18.37 -10.53
N LEU L 176 -18.87 18.23 -9.36
CA LEU L 176 -17.66 17.43 -9.23
C LEU L 176 -17.94 15.96 -9.47
N ALA L 177 -18.96 15.42 -8.80
CA ALA L 177 -19.25 13.99 -8.91
C ALA L 177 -19.58 13.60 -10.36
N ASP L 178 -20.35 14.44 -11.05
CA ASP L 178 -20.72 14.11 -12.42
C ASP L 178 -19.56 14.33 -13.40
N ALA L 179 -18.73 15.34 -13.14
CA ALA L 179 -17.56 15.55 -14.01
C ALA L 179 -16.59 14.39 -13.88
N PHE L 180 -16.40 13.88 -12.68
CA PHE L 180 -15.54 12.72 -12.47
C PHE L 180 -16.16 11.44 -13.00
N GLY L 181 -17.46 11.43 -13.26
CA GLY L 181 -18.15 10.19 -13.55
C GLY L 181 -18.22 9.26 -12.36
N ALA L 182 -18.29 9.81 -11.16
CA ALA L 182 -18.23 9.02 -9.94
C ALA L 182 -19.40 8.04 -9.86
N ALA L 183 -19.22 7.02 -9.03
CA ALA L 183 -20.26 6.01 -8.87
C ALA L 183 -21.52 6.56 -8.22
N GLY L 184 -21.43 7.69 -7.53
CA GLY L 184 -22.62 8.28 -6.96
C GLY L 184 -22.29 9.51 -6.13
N LEU L 185 -23.34 10.23 -5.78
CA LEU L 185 -23.27 11.35 -4.85
C LEU L 185 -24.36 11.16 -3.81
N THR L 186 -23.98 11.22 -2.54
CA THR L 186 -24.92 11.12 -1.43
C THR L 186 -24.88 12.42 -0.64
N ILE L 187 -26.05 13.01 -0.41
CA ILE L 187 -26.16 14.27 0.31
C ILE L 187 -26.65 13.97 1.71
N VAL L 188 -25.87 14.39 2.70
CA VAL L 188 -26.14 14.11 4.11
C VAL L 188 -26.80 15.34 4.72
N GLU L 189 -28.04 15.19 5.14
CA GLU L 189 -28.87 16.30 5.59
C GLU L 189 -29.23 16.14 7.06
N ASN L 190 -29.80 17.20 7.65
CA ASN L 190 -30.31 17.15 9.01
C ASN L 190 -31.80 16.79 9.06
N VAL L 191 -32.37 16.37 7.93
CA VAL L 191 -33.75 15.90 7.85
C VAL L 191 -33.76 14.60 7.06
N ASP L 192 -34.91 13.90 7.12
CA ASP L 192 -35.03 12.60 6.47
C ASP L 192 -34.92 12.68 4.96
N GLY L 193 -35.21 13.83 4.37
CA GLY L 193 -35.15 13.96 2.93
C GLY L 193 -35.88 15.20 2.48
N ILE L 194 -36.50 15.11 1.30
CA ILE L 194 -37.25 16.21 0.71
C ILE L 194 -38.73 16.01 1.02
N TYR L 195 -39.37 17.05 1.52
CA TYR L 195 -40.79 17.06 1.80
C TYR L 195 -41.52 18.00 0.84
N THR L 196 -42.85 17.95 0.86
CA THR L 196 -43.64 18.89 0.08
C THR L 196 -43.62 20.31 0.65
N ALA L 197 -43.16 20.46 1.89
CA ALA L 197 -42.98 21.76 2.51
C ALA L 197 -41.86 21.65 3.53
N ASP L 198 -41.43 22.79 4.07
CA ASP L 198 -40.39 22.80 5.08
C ASP L 198 -40.87 22.05 6.33
N PRO L 199 -40.28 20.90 6.65
CA PRO L 199 -40.71 20.17 7.86
C PRO L 199 -40.36 20.87 9.16
N ASN L 200 -39.60 21.97 9.10
CA ASN L 200 -39.31 22.79 10.27
C ASN L 200 -39.89 24.20 10.15
N GLY L 201 -40.64 24.48 9.08
CA GLY L 201 -41.18 25.80 8.85
C GLY L 201 -42.61 25.94 9.31
N PRO L 202 -43.24 27.07 8.95
CA PRO L 202 -44.61 27.32 9.44
C PRO L 202 -45.65 26.35 8.90
N ASP L 203 -45.40 25.72 7.76
CA ASP L 203 -46.33 24.77 7.16
C ASP L 203 -45.86 23.33 7.30
N ARG L 204 -45.20 23.01 8.41
CA ARG L 204 -44.71 21.66 8.61
C ARG L 204 -45.84 20.65 8.83
N GLY L 205 -47.03 21.11 9.22
CA GLY L 205 -48.15 20.21 9.35
C GLY L 205 -48.59 19.64 8.02
N GLN L 206 -48.33 20.38 6.94
CA GLN L 206 -48.60 19.99 5.56
C GLN L 206 -47.46 19.24 4.91
N ALA L 207 -46.34 19.10 5.60
CA ALA L 207 -45.14 18.54 4.98
C ALA L 207 -45.29 17.03 4.84
N ARG L 208 -45.24 16.55 3.61
CA ARG L 208 -45.35 15.13 3.30
C ARG L 208 -44.03 14.65 2.73
N PHE L 209 -43.51 13.55 3.27
CA PHE L 209 -42.22 13.04 2.87
C PHE L 209 -42.29 12.48 1.45
N LEU L 210 -41.26 12.80 0.65
CA LEU L 210 -41.16 12.31 -0.72
C LEU L 210 -40.05 11.26 -0.79
N PRO L 211 -40.39 9.96 -0.82
CA PRO L 211 -39.33 8.94 -0.91
C PRO L 211 -38.57 8.98 -2.22
N GLU L 212 -39.21 9.40 -3.31
CA GLU L 212 -38.56 9.47 -4.60
C GLU L 212 -39.13 10.65 -5.37
N THR L 213 -38.27 11.32 -6.14
CA THR L 213 -38.69 12.46 -6.94
C THR L 213 -37.75 12.59 -8.12
N SER L 214 -38.11 13.48 -9.04
CA SER L 214 -37.29 13.82 -10.21
C SER L 214 -36.84 15.26 -10.09
N ALA L 215 -35.65 15.54 -10.63
CA ALA L 215 -35.13 16.91 -10.58
C ALA L 215 -36.02 17.87 -11.35
N THR L 216 -36.62 17.42 -12.44
CA THR L 216 -37.48 18.30 -13.22
C THR L 216 -38.78 18.62 -12.49
N ASP L 217 -39.32 17.64 -11.76
CA ASP L 217 -40.52 17.90 -10.96
C ASP L 217 -40.21 18.85 -9.82
N LEU L 218 -39.03 18.71 -9.21
CA LEU L 218 -38.64 19.63 -8.14
C LEU L 218 -38.36 21.03 -8.68
N ALA L 219 -37.83 21.13 -9.90
CA ALA L 219 -37.51 22.43 -10.47
C ALA L 219 -38.77 23.22 -10.81
N LYS L 220 -39.87 22.53 -11.09
CA LYS L 220 -41.14 23.20 -11.31
C LYS L 220 -41.83 23.60 -10.02
N SER L 221 -41.36 23.10 -8.88
CA SER L 221 -41.90 23.52 -7.59
C SER L 221 -41.61 25.00 -7.35
N GLU L 222 -42.20 25.53 -6.28
CA GLU L 222 -41.90 26.90 -5.88
C GLU L 222 -41.48 27.00 -4.41
N GLY L 223 -41.93 26.07 -3.58
CA GLY L 223 -41.61 26.12 -2.17
C GLY L 223 -40.13 25.86 -1.91
N PRO L 224 -39.73 25.98 -0.64
CA PRO L 224 -38.33 25.74 -0.29
C PRO L 224 -37.96 24.27 -0.42
N LEU L 225 -36.66 24.02 -0.51
CA LEU L 225 -36.11 22.68 -0.64
C LEU L 225 -34.89 22.58 0.26
N PRO L 226 -34.50 21.36 0.65
CA PRO L 226 -33.25 21.17 1.40
C PRO L 226 -32.01 21.14 0.53
N VAL L 227 -32.14 21.30 -0.78
CA VAL L 227 -31.03 21.30 -1.71
C VAL L 227 -31.10 22.56 -2.56
N ASP L 228 -29.94 22.94 -3.11
CA ASP L 228 -29.90 24.10 -4.00
C ASP L 228 -30.82 23.89 -5.19
N ARG L 229 -31.54 24.95 -5.57
CA ARG L 229 -32.32 24.87 -6.80
C ARG L 229 -31.43 24.79 -8.03
N ALA L 230 -30.20 25.31 -7.94
CA ALA L 230 -29.25 25.14 -9.03
C ALA L 230 -28.83 23.69 -9.19
N LEU L 231 -28.90 22.91 -8.12
CA LEU L 231 -28.60 21.48 -8.24
C LEU L 231 -29.54 20.80 -9.24
N LEU L 232 -30.82 21.15 -9.20
CA LEU L 232 -31.76 20.60 -10.15
C LEU L 232 -31.44 21.02 -11.57
N ASP L 233 -30.90 22.23 -11.74
CA ASP L 233 -30.53 22.70 -13.08
C ASP L 233 -29.36 21.90 -13.63
N VAL L 234 -28.30 21.73 -12.84
CA VAL L 234 -27.15 20.97 -13.30
C VAL L 234 -27.47 19.48 -13.41
N MET L 235 -28.51 19.02 -12.70
CA MET L 235 -28.94 17.64 -12.86
C MET L 235 -29.57 17.40 -14.22
N ALA L 236 -30.20 18.43 -14.80
CA ALA L 236 -30.81 18.28 -16.12
C ALA L 236 -29.77 18.07 -17.20
N THR L 237 -28.58 18.64 -17.03
CA THR L 237 -27.50 18.48 -17.99
C THR L 237 -26.44 17.48 -17.54
N ALA L 238 -26.73 16.71 -16.50
CA ALA L 238 -25.76 15.73 -16.01
C ALA L 238 -25.45 14.71 -17.11
N ARG L 239 -24.28 14.08 -16.98
CA ARG L 239 -23.81 13.12 -17.96
C ARG L 239 -23.69 11.71 -17.43
N HIS L 240 -23.52 11.52 -16.13
CA HIS L 240 -23.24 10.20 -15.60
C HIS L 240 -24.16 9.83 -14.44
N ILE L 241 -24.25 10.69 -13.42
CA ILE L 241 -24.97 10.29 -12.22
C ILE L 241 -26.46 10.31 -12.48
N GLU L 242 -27.10 9.15 -12.36
CA GLU L 242 -28.51 8.98 -12.65
C GLU L 242 -29.40 9.30 -11.46
N ARG L 243 -28.89 9.17 -10.24
CA ARG L 243 -29.68 9.44 -9.05
C ARG L 243 -28.78 9.95 -7.93
N VAL L 244 -29.36 10.78 -7.07
CA VAL L 244 -28.69 11.30 -5.89
C VAL L 244 -29.66 11.14 -4.72
N GLN L 245 -29.19 10.56 -3.62
CA GLN L 245 -30.04 10.33 -2.47
C GLN L 245 -29.71 11.32 -1.36
N VAL L 246 -30.75 11.92 -0.79
CA VAL L 246 -30.62 12.79 0.38
C VAL L 246 -31.04 11.97 1.59
N VAL L 247 -30.13 11.82 2.55
CA VAL L 247 -30.37 10.97 3.72
C VAL L 247 -30.10 11.80 4.98
N ASN L 248 -30.66 11.32 6.09
CA ASN L 248 -30.53 12.00 7.38
C ASN L 248 -29.24 11.54 8.04
N GLY L 249 -28.27 12.45 8.12
CA GLY L 249 -27.01 12.15 8.79
C GLY L 249 -27.10 12.10 10.30
N LEU L 250 -28.24 12.52 10.87
CA LEU L 250 -28.46 12.40 12.30
C LEU L 250 -28.90 11.01 12.71
N VAL L 251 -29.19 10.13 11.76
CA VAL L 251 -29.57 8.75 12.02
C VAL L 251 -28.40 7.85 11.65
N PRO L 252 -27.70 7.26 12.62
CA PRO L 252 -26.55 6.42 12.26
C PRO L 252 -26.95 5.25 11.38
N GLY L 253 -26.12 5.00 10.36
CA GLY L 253 -26.34 3.91 9.44
C GLY L 253 -26.93 4.31 8.11
N ARG L 254 -27.56 5.49 8.02
CA ARG L 254 -28.22 5.87 6.78
C ARG L 254 -27.22 6.22 5.69
N LEU L 255 -26.12 6.89 6.06
CA LEU L 255 -25.07 7.14 5.08
C LEU L 255 -24.47 5.83 4.57
N THR L 256 -24.19 4.91 5.47
CA THR L 256 -23.66 3.60 5.07
C THR L 256 -24.62 2.89 4.13
N ALA L 257 -25.92 2.95 4.43
CA ALA L 257 -26.91 2.28 3.60
C ALA L 257 -27.01 2.94 2.23
N ALA L 258 -26.97 4.28 2.18
CA ALA L 258 -27.12 4.98 0.91
C ALA L 258 -25.95 4.69 -0.02
N LEU L 259 -24.74 4.60 0.52
CA LEU L 259 -23.58 4.29 -0.31
C LEU L 259 -23.66 2.91 -0.93
N ARG L 260 -24.47 2.01 -0.35
CA ARG L 260 -24.70 0.70 -0.93
C ARG L 260 -25.98 0.66 -1.78
N GLY L 261 -26.52 1.82 -2.13
CA GLY L 261 -27.70 1.89 -2.96
C GLY L 261 -29.01 1.58 -2.26
N GLU L 262 -29.00 1.48 -0.93
CA GLU L 262 -30.21 1.19 -0.19
C GLU L 262 -31.03 2.46 0.00
N HIS L 263 -32.35 2.32 -0.15
CA HIS L 263 -33.26 3.47 -0.14
C HIS L 263 -33.64 3.79 1.30
N VAL L 264 -32.98 4.80 1.87
CA VAL L 264 -33.25 5.24 3.24
C VAL L 264 -33.60 6.72 3.31
N GLY L 265 -33.70 7.41 2.18
CA GLY L 265 -34.04 8.82 2.15
C GLY L 265 -34.81 9.17 0.91
N THR L 266 -34.55 10.34 0.35
CA THR L 266 -35.21 10.80 -0.86
C THR L 266 -34.29 10.58 -2.04
N LEU L 267 -34.76 9.84 -3.04
CA LEU L 267 -34.02 9.59 -4.26
C LEU L 267 -34.42 10.64 -5.31
N ILE L 268 -33.44 11.38 -5.80
CA ILE L 268 -33.66 12.40 -6.83
C ILE L 268 -33.17 11.84 -8.15
N ARG L 269 -34.09 11.69 -9.10
CA ARG L 269 -33.72 11.24 -10.43
C ARG L 269 -33.21 12.41 -11.26
N THR L 270 -32.01 12.26 -11.83
CA THR L 270 -31.46 13.27 -12.71
C THR L 270 -31.98 13.04 -14.13
N GLY L 271 -31.44 13.79 -15.09
CA GLY L 271 -31.81 13.62 -16.49
C GLY L 271 -30.97 12.62 -17.26
N VAL L 272 -30.05 11.92 -16.61
CA VAL L 272 -29.19 10.95 -17.27
C VAL L 272 -30.00 9.69 -17.52
N ARG L 273 -29.61 8.92 -18.56
CA ARG L 273 -30.47 7.81 -18.95
C ARG L 273 -29.82 6.43 -18.98
N PRO L 274 -29.62 5.84 -20.15
CA PRO L 274 -30.09 4.46 -20.36
C PRO L 274 -29.14 3.38 -19.88
N ALA L 275 -29.71 2.18 -19.79
CA ALA L 275 -28.94 0.94 -19.80
C ALA L 275 -28.51 0.72 -21.25
PB ADP M . 26.02 -38.70 13.43
O1B ADP M . 25.69 -40.16 13.26
O2B ADP M . 25.81 -37.88 12.18
O3B ADP M . 25.50 -38.07 14.69
PA ADP M . 28.54 -37.57 14.21
O1A ADP M . 29.74 -37.43 13.30
O2A ADP M . 27.72 -36.36 14.59
O3A ADP M . 27.62 -38.75 13.63
O5' ADP M . 29.04 -38.26 15.58
C5' ADP M . 29.68 -39.53 15.57
C4' ADP M . 31.18 -39.29 15.48
O4' ADP M . 31.69 -38.56 16.62
C3' ADP M . 32.05 -40.54 15.36
O3' ADP M . 32.35 -40.78 14.00
C2' ADP M . 33.32 -40.20 16.15
O2' ADP M . 34.42 -40.09 15.25
C1' ADP M . 33.10 -38.84 16.79
N9 ADP M . 33.48 -38.64 18.20
C8 ADP M . 33.81 -37.44 18.69
N7 ADP M . 34.14 -37.54 20.01
C5 ADP M . 34.01 -38.83 20.36
C6 ADP M . 34.20 -39.62 21.58
N6 ADP M . 34.60 -39.02 22.73
N1 ADP M . 33.97 -40.95 21.52
C2 ADP M . 33.58 -41.56 20.39
N3 ADP M . 33.39 -40.90 19.24
C4 ADP M . 33.59 -39.56 19.16
MG MG N . 25.87 -36.06 15.32
O1 8M0 O . 5.70 -29.80 14.25
MO1 8M0 O . 5.51 -31.65 14.17
O2 8M0 O . 3.72 -31.95 14.42
MO2 8M0 O . 6.21 -33.83 16.58
O3 8M0 O . 5.63 -32.01 12.28
MO3 8M0 O . 7.42 -31.59 11.43
O4 8M0 O . 7.68 -31.92 13.48
MO4 8M0 O . 8.40 -33.62 13.87
O5 8M0 O . 6.09 -33.66 14.31
MO5 8M0 O . 6.75 -37.77 16.37
O6 8M0 O . 4.55 -33.99 17.04
MO6 8M0 O . 7.78 -35.47 11.25
O7 8M0 O . 8.22 -33.69 15.77
MO7 8M0 O . 8.55 -37.62 13.63
O8 8M0 O . 7.06 -33.91 18.09
MO8 8M0 O . 5.65 -35.69 13.93
O9 8M0 O . 6.91 -32.06 9.66
O10 8M0 O . 6.47 -30.03 11.06
O11 8M0 O . 8.01 -35.55 13.50
O12 8M0 O . 10.16 -33.47 13.42
O13 8M0 O . 7.05 -37.35 18.05
O14 8M0 O . 8.39 -37.22 15.57
O15 8M0 O . 4.79 -37.81 16.37
O16 8M0 O . 6.42 -37.44 14.20
O17 8M0 O . 7.91 -37.41 11.73
O18 8M0 O . 6.95 -35.40 9.64
O19 8M0 O . 9.59 -35.34 10.85
O20 8M0 O . 5.71 -35.50 12.04
O21 8M0 O . 10.23 -36.97 13.55
O22 8M0 O . 3.98 -35.91 14.42
O23 8M0 O . 8.49 -39.48 13.49
O24 8M0 O . 6.18 -31.98 15.97
O25 8M0 O . 6.62 -35.67 15.84
O26 8M0 O . 7.39 -33.67 11.92
O27 8M0 O . 8.24 -30.04 11.45
O28 8M0 O . 6.80 -39.57 16.23
MO MOO P . 23.49 -33.17 12.62
O1 MOO P . 22.66 -34.42 13.41
O2 MOO P . 24.23 -33.75 11.19
O3 MOO P . 22.49 -31.89 12.11
O4 MOO P . 24.70 -32.60 13.69
P PO4 Q . 23.91 -35.02 12.68
O1 PO4 Q . 23.49 -36.34 12.06
O2 PO4 Q . 24.09 -33.99 11.58
O3 PO4 Q . 22.85 -34.56 13.65
O4 PO4 Q . 25.22 -35.21 13.41
O11 LJB R . -2.79 -44.58 1.84
O12 LJB R . -2.04 -47.19 1.78
O13 LJB R . -2.67 -44.63 4.56
O14 LJB R . -0.74 -46.95 4.48
O21 LJB R . -5.60 -47.28 4.74
O22 LJB R . -4.98 -45.04 3.62
O23 LJB R . -5.01 -44.54 6.42
O24 LJB R . -3.45 -46.63 6.75
O25 LJB R . -3.22 -47.17 4.02
O31 LJB R . -5.32 -45.60 9.12
O32 LJB R . -3.90 -43.99 9.75
O33 LJB R . -2.83 -46.53 9.32
O34 LJB R . -2.04 -44.21 8.04
O41 LJB R . -1.39 -42.09 5.81
O51 LJB R . -1.24 -44.14 10.83
O52 LJB R . 0.61 -45.63 10.48
O53 LJB R . -0.31 -45.78 7.67
O61 LJB R . 2.56 -43.68 7.23
O62 LJB R . 2.98 -45.59 8.51
O63 LJB R . 0.59 -44.25 8.79
O64 LJB R . 2.71 -45.77 5.84
O71 LJB R . 2.30 -44.64 3.78
O72 LJB R . 2.07 -46.90 2.97
O73 LJB R . -0.03 -45.15 2.97
O74 LJB R . 0.52 -44.59 5.70
O81 LJB R . -0.83 -49.07 7.03
MO1 LJB R . -2.04 -45.82 3.09
MO2 LJB R . -4.38 -45.94 5.07
MO3 LJB R . -3.85 -45.06 8.31
MO4 LJB R . -1.44 -43.88 6.05
MO5 LJB R . -0.91 -45.37 9.56
MO6 LJB R . 1.64 -45.23 7.37
MO7 LJB R . 1.26 -46.02 4.32
MO8 LJB R . -1.37 -47.40 6.56
PG ATP S . -0.67 -18.73 29.58
O1G ATP S . -1.37 -20.00 29.18
O2G ATP S . -0.65 -17.65 28.53
O3G ATP S . 0.66 -18.97 30.25
PB ATP S . -1.36 -16.76 31.54
O1B ATP S . 0.08 -16.36 31.48
O2B ATP S . -2.44 -15.78 31.11
O3B ATP S . -1.63 -18.14 30.74
PA ATP S . -0.71 -17.68 34.15
O1A ATP S . -0.77 -19.19 34.20
O2A ATP S . 0.62 -17.00 33.98
O3A ATP S . -1.76 -17.23 33.02
O5' ATP S . -1.42 -17.12 35.47
C5' ATP S . -1.28 -15.76 35.88
C4' ATP S . -1.53 -15.83 37.37
O4' ATP S . -0.40 -16.46 38.03
C3' ATP S . -1.78 -14.52 38.13
O3' ATP S . -3.16 -14.19 38.12
C2' ATP S . -1.29 -14.87 39.53
O2' ATP S . -2.43 -15.18 40.34
C1' ATP S . -0.41 -16.12 39.43
N9 ATP S . 0.93 -15.96 40.02
C8 ATP S . 1.58 -16.98 40.61
N7 ATP S . 2.77 -16.57 41.10
C5 ATP S . 2.88 -15.26 40.85
C6 ATP S . 3.89 -14.22 41.12
N6 ATP S . 5.05 -14.53 41.75
N1 ATP S . 3.63 -12.97 40.68
C2 ATP S . 2.49 -12.66 40.04
N3 ATP S . 1.54 -13.56 39.77
C4 ATP S . 1.67 -14.85 40.15
MG MG T . 1.55 -15.91 32.70
O1 8M0 U . -5.11 -23.17 16.29
MO1 8M0 U . -3.90 -24.58 16.26
O2 8M0 U . -4.68 -25.88 17.28
MO2 8M0 U . -1.16 -24.99 17.94
O3 8M0 U . -4.16 -25.48 14.58
MO3 8M0 U . -3.73 -24.21 13.09
O4 8M0 U . -2.59 -23.52 14.70
MO4 8M0 U . -0.79 -24.15 14.68
O5 8M0 U . -2.08 -25.58 15.98
MO5 8M0 U . 1.80 -27.33 17.54
O6 8M0 U . -1.86 -26.18 19.00
MO6 8M0 U . -0.65 -26.41 12.44
O7 8M0 U . -0.28 -23.70 16.46
MO7 8M0 U . 2.09 -27.14 14.16
O8 8M0 U . -0.11 -24.08 18.99
MO8 8M0 U . -0.99 -27.35 15.70
O9 8M0 U . -4.45 -25.53 11.90
O11 8M0 U . 0.32 -25.84 14.40
O12 8M0 U . 0.04 -23.02 13.53
O13 8M0 U . 2.39 -26.17 18.75
O14 8M0 U . 2.44 -26.39 15.98
O15 8M0 U . 0.48 -28.33 18.58
O16 8M0 U . 0.79 -28.05 15.70
O17 8M0 U . 0.86 -27.70 12.69
O18 8M0 U . -1.72 -27.27 11.28
O19 8M0 U . 0.28 -25.15 11.43
O20 8M0 U . -1.63 -27.69 13.95
O21 8M0 U . 2.85 -25.73 13.38
O22 8M0 U . -1.78 -28.45 16.82
O23 8M0 U . 3.15 -28.67 13.96
O24 8M0 U . -2.68 -23.86 17.57
O25 8M0 U . 0.18 -26.07 16.96
O26 8M0 U . -2.01 -25.43 13.41
O27 8M0 U . -5.10 -23.12 13.25
O1 M10 V . -0.90 -17.64 5.62
O2 M10 V . 2.59 -18.28 1.48
O4 M10 V . -0.30 -15.51 2.22
MO1 M10 V . -0.74 -16.55 4.30
MO2 M10 V . 1.52 -16.96 1.78
O6 M10 V . 0.92 -17.49 3.63
MO3 M10 V . -1.82 -16.94 1.10
O7 M10 V . -1.66 -15.13 4.72
O8 M10 V . 2.50 -15.58 2.15
O9 M10 V . -0.04 -17.89 0.85
O11 M10 V . -1.79 -15.74 -0.15
O12 M10 V . -1.97 -17.55 3.03
O13 M10 V . -2.81 -18.23 0.53
PB ADP W . -7.74 -42.46 -21.98
O1B ADP W . -6.35 -41.99 -22.33
O2B ADP W . -7.81 -43.89 -21.48
O3B ADP W . -8.52 -41.49 -21.14
PA ADP W . -8.15 -41.72 -24.70
O1A ADP W . -9.42 -41.40 -25.44
O2A ADP W . -7.20 -40.60 -24.37
O3A ADP W . -8.56 -42.53 -23.36
O5' ADP W . -7.33 -42.81 -25.55
C5' ADP W . -7.90 -44.08 -25.88
C4' ADP W . -8.61 -43.96 -27.22
O4' ADP W . -7.75 -43.59 -28.31
C3' ADP W . -9.32 -45.23 -27.67
O3' ADP W . -10.69 -45.20 -27.29
C2' ADP W . -9.18 -45.24 -29.20
O2' ADP W . -10.46 -45.10 -29.79
C1' ADP W . -8.32 -44.02 -29.56
N9 ADP W . -7.30 -44.20 -30.59
C8 ADP W . -6.86 -43.17 -31.34
N7 ADP W . -5.94 -43.60 -32.24
C5 ADP W . -5.80 -44.92 -32.08
C6 ADP W . -4.99 -45.98 -32.71
N6 ADP W . -4.13 -45.68 -33.71
N1 ADP W . -5.13 -47.24 -32.24
C2 ADP W . -5.98 -47.54 -31.25
N3 ADP W . -6.74 -46.63 -30.64
C4 ADP W . -6.71 -45.32 -30.99
MG MG X . -5.60 -40.21 -23.11
MO MOO Y . -6.05 -36.60 -20.27
O1 MOO Y . -5.07 -37.83 -19.62
O2 MOO Y . -5.73 -36.46 -21.95
O3 MOO Y . -7.71 -36.96 -20.22
O4 MOO Y . -5.68 -35.12 -19.48
P PO4 Z . -6.73 -38.44 -20.22
O1 PO4 Z . -6.67 -38.85 -21.67
O2 PO4 Z . -7.54 -37.17 -20.10
O3 PO4 Z . -7.39 -39.53 -19.41
O4 PO4 Z . -5.33 -38.20 -19.70
O1 8M0 AA . 4.59 -32.55 -5.79
MO1 8M0 AA . 4.32 -34.34 -5.38
O2 8M0 AA . 5.38 -34.68 -3.92
MO2 8M0 AA . 5.66 -36.97 -6.94
O3 8M0 AA . 2.59 -34.34 -4.52
MO3 8M0 AA . 1.05 -33.76 -5.70
O4 8M0 AA . 2.61 -34.49 -6.91
MO4 8M0 AA . 2.31 -36.26 -7.55
O5 8M0 AA . 3.82 -36.34 -5.76
MO5 8M0 AA . 4.60 -40.84 -6.67
O6 8M0 AA . 6.88 -37.16 -5.72
MO6 8M0 AA . 0.05 -37.55 -5.61
O7 8M0 AA . 3.99 -36.73 -8.31
MO7 8M0 AA . 1.40 -40.19 -7.02
O8 8M0 AA . 6.48 -37.42 -8.40
MO8 8M0 AA . 3.37 -38.21 -4.92
O9 8M0 AA . -0.30 -33.88 -4.36
O10 8M0 AA . 1.47 -32.16 -4.84
O11 8M0 AA . 1.89 -38.10 -6.82
O12 8M0 AA . 1.09 -36.06 -8.89
O13 8M0 AA . 5.87 -40.85 -7.88
O14 8M0 AA . 3.21 -40.20 -7.83
O15 8M0 AA . 5.62 -40.81 -5.00
O16 8M0 AA . 2.94 -40.02 -5.45
O17 8M0 AA . 0.10 -39.55 -5.65
O18 8M0 AA . -0.95 -37.12 -4.17
O19 8M0 AA . -1.10 -37.41 -7.05
O20 8M0 AA . 1.73 -37.64 -4.16
O21 8M0 AA . 0.64 -39.66 -8.57
O22 8M0 AA . 4.54 -38.43 -3.65
O23 8M0 AA . 1.01 -41.98 -6.63
O24 8M0 AA . 5.45 -35.04 -6.81
O25 8M0 AA . 4.55 -38.65 -6.65
O26 8M0 AA . 1.13 -35.92 -5.75
O27 8M0 AA . 0.92 -32.23 -6.56
O28 8M0 AA . 4.14 -42.59 -6.48
PG ATP BA . 22.64 -24.82 -9.85
O1G ATP BA . 22.44 -25.90 -8.83
O2G ATP BA . 21.90 -23.54 -9.59
O3G ATP BA . 22.53 -25.32 -11.27
PB ATP BA . 25.02 -23.35 -10.53
O1B ATP BA . 24.30 -23.04 -11.82
O2B ATP BA . 25.44 -22.23 -9.62
O3B ATP BA . 24.20 -24.42 -9.65
PA ATP BA . 26.78 -24.86 -12.22
O1A ATP BA . 26.63 -26.35 -12.05
O2A ATP BA . 26.07 -24.19 -13.38
O3A ATP BA . 26.35 -24.21 -10.81
O5' ATP BA . 28.34 -24.56 -12.30
C5' ATP BA . 28.85 -23.35 -12.85
C4' ATP BA . 30.22 -23.74 -13.32
O4' ATP BA . 30.15 -24.51 -14.55
C3' ATP BA . 31.22 -22.62 -13.60
O3' ATP BA . 31.95 -22.29 -12.42
C2' ATP BA . 32.10 -23.21 -14.68
O2' ATP BA . 33.36 -23.58 -14.10
C1' ATP BA . 31.42 -24.47 -15.22
N9 ATP BA . 31.30 -24.51 -16.70
C8 ATP BA . 31.35 -25.67 -17.38
N7 ATP BA . 31.26 -25.44 -18.71
C5 ATP BA . 31.18 -24.11 -18.89
C6 ATP BA . 31.07 -23.20 -20.04
N6 ATP BA . 31.02 -23.69 -21.30
N1 ATP BA . 31.01 -21.88 -19.80
C2 ATP BA . 31.05 -21.37 -18.55
N3 ATP BA . 31.14 -22.15 -17.46
C4 ATP BA . 31.22 -23.50 -17.56
MG MG CA . 24.70 -22.91 -13.72
O1 8M0 DA . 12.78 -25.81 1.10
MO1 8M0 DA . 11.92 -27.24 0.28
O2 8M0 DA . 13.01 -28.69 0.62
MO2 8M0 DA . 11.91 -28.07 -2.78
O3 8M0 DA . 10.50 -27.72 1.49
MO3 8M0 DA . 9.24 -26.18 1.69
O4 8M0 DA . 10.09 -25.96 -0.25
MO4 8M0 DA . 9.14 -26.67 -1.75
O5 8M0 DA . 10.61 -28.27 -0.98
MO5 8M0 DA . 9.64 -30.50 -4.69
O6 8M0 DA . 13.01 -29.38 -2.50
MO6 8M0 DA . 6.74 -28.44 -0.39
O7 8M0 DA . 10.41 -26.61 -3.13
MO7 8M0 DA . 6.74 -29.64 -3.43
O8 8M0 DA . 12.40 -27.53 -4.36
MO8 8M0 DA . 9.56 -30.02 -1.46
O9 8M0 DA . 8.41 -27.16 3.10
O11 8M0 DA . 8.04 -28.34 -2.23
O12 8M0 DA . 7.93 -25.37 -2.16
O13 8M0 DA . 10.61 -29.72 -5.95
O14 8M0 DA . 8.20 -29.24 -4.69
O15 8M0 DA . 10.98 -31.70 -3.90
O16 8M0 DA . 8.49 -30.81 -2.83
O17 8M0 DA . 6.02 -29.87 -1.58
O18 8M0 DA . 6.15 -28.93 1.24
O19 8M0 DA . 5.57 -27.11 -0.95
O20 8M0 DA . 8.36 -29.90 0.00
O21 8M0 DA . 5.90 -28.13 -3.89
O22 8M0 DA . 10.73 -31.28 -1.15
O23 8M0 DA . 5.81 -31.16 -4.03
O24 8M0 DA . 12.50 -26.78 -1.49
O25 8M0 DA . 10.25 -29.07 -3.25
O26 8M0 DA . 8.39 -27.47 0.16
O27 8M0 DA . 10.27 -25.04 2.56
O11 LHW EA . -5.81 -24.59 2.32
O12 LHW EA . -4.68 -22.22 1.50
O13 LHW EA . -3.37 -25.33 3.26
O14 LHW EA . -2.07 -23.43 1.82
O21 LHW EA . -2.03 -22.37 -0.95
O22 LHW EA . -2.18 -25.09 -1.45
O23 LHW EA . -1.85 -25.62 0.70
O24 LHW EA . 0.16 -24.55 -0.32
O25 LHW EA . -3.66 -24.03 0.28
O31 LHW EA . 2.96 -22.88 0.07
O32 LHW EA . 3.32 -24.38 2.19
O33 LHW EA . 1.54 -23.34 2.53
O34 LHW EA . 2.82 -25.48 -0.41
O41 LHW EA . -0.57 -21.45 2.91
O51 LHW EA . 4.50 -24.41 4.72
O52 LHW EA . 4.10 -22.32 3.47
O53 LHW EA . 2.22 -25.32 4.38
O61 LHW EA . 1.98 -23.17 5.68
O62 LHW EA . 0.38 -21.56 7.31
O63 LHW EA . 1.61 -23.63 8.11
O64 LHW EA . -1.63 -23.42 7.16
O71 LHW EA . -4.60 -23.84 6.48
O72 LHW EA . -3.53 -21.60 6.17
O73 LHW EA . -3.87 -22.89 3.97
O74 LHW EA . -1.02 -22.82 5.26
O81 LHW EA . -0.60 -27.66 0.89
O82 LHW EA . 0.77 -25.61 1.18
O83 LHW EA . -1.98 -27.63 2.91
O91 LHW EA . -0.91 -26.96 5.29
O92 LHW EA . -0.45 -24.84 3.45
O93 LHW EA . -3.35 -27.08 5.14
O94 LHW EA . 1.16 -27.42 5.47
MO1 LHW EA . -4.05 -23.86 2.25
MOA LHW EA . 0.51 -26.11 4.41
MO2 LHW EA . -1.72 -23.96 -0.12
MO3 LHW EA . 2.07 -24.31 0.71
MO4 LHW EA . -0.59 -23.22 3.22
MO5 LHW EA . 3.02 -23.67 4.01
MO6 LHW EA . 0.35 -23.30 6.86
MO7 LHW EA . -3.07 -23.28 5.72
MO8 LHW EA . -0.66 -26.30 2.05
MO9 LHW EA . -1.97 -26.15 4.22
O1 LHW EA . 0.92 -27.26 2.80
O2 LHW EA . -2.38 -24.84 5.36
O3 LHW EA . 0.42 -25.12 5.94
PB ADP FA . -21.64 -35.61 24.60
O1B ADP FA . -21.26 -37.06 24.68
O2B ADP FA . -20.48 -34.67 24.84
O3B ADP FA . -22.52 -35.24 23.43
PA ADP FA . -23.60 -34.20 26.10
O1A ADP FA . -23.44 -33.69 27.51
O2A ADP FA . -23.57 -33.25 24.93
O3A ADP FA . -22.59 -35.44 25.88
O5' ADP FA . -25.02 -34.98 26.02
C5' ADP FA . -25.24 -36.15 26.80
C4' ADP FA . -25.96 -35.72 28.07
O4' ADP FA . -27.26 -35.15 27.82
C3' ADP FA . -26.18 -36.81 29.11
O3' ADP FA . -25.15 -36.75 30.09
C2' ADP FA . -27.53 -36.49 29.73
O2' ADP FA . -27.36 -36.15 31.09
C1' ADP FA . -28.08 -35.27 28.99
N9 ADP FA . -29.51 -35.25 28.62
C8 ADP FA . -30.18 -34.10 28.43
N7 ADP FA . -31.48 -34.34 28.13
C5 ADP FA . -31.64 -35.69 28.14
C6 ADP FA . -32.76 -36.61 27.90
N6 ADP FA . -33.99 -36.15 27.58
N1 ADP FA . -32.51 -37.94 28.00
C2 ADP FA . -31.29 -38.41 28.31
N3 ADP FA . -30.24 -37.62 28.54
C4 ADP FA . -30.34 -36.27 28.47
MG MG GA . -23.32 -33.34 22.93
O1 8M0 HA . -12.57 -30.57 4.93
MO1 8M0 HA . -12.34 -32.39 5.24
O2 8M0 HA . -11.65 -33.05 3.68
MO2 8M0 HA . -14.69 -34.78 5.20
O3 8M0 HA . -10.79 -32.41 6.34
MO3 8M0 HA . -10.91 -31.55 8.16
O4 8M0 HA . -12.81 -32.15 7.48
MO4 8M0 HA . -13.45 -33.74 8.32
O5 8M0 HA . -12.68 -34.26 6.14
MO5 8M0 HA . -14.47 -38.54 6.60
O6 8M0 HA . -14.25 -35.27 3.59
MO6 8M0 HA . -10.81 -35.23 9.51
O7 8M0 HA . -14.99 -34.15 7.26
MO7 8M0 HA . -13.09 -37.61 9.43
O8 8M0 HA . -16.41 -34.94 5.22
MO8 8M0 HA . -11.98 -36.22 6.41
O9 8M0 HA . -9.11 -31.84 8.71
O10 8M0 HA . -10.26 -30.08 7.21
O11 8M0 HA . -12.84 -35.65 8.59
O12 8M0 HA . -13.96 -33.21 9.97
O13 8M0 HA . -16.10 -38.38 5.93
O14 8M0 HA . -14.69 -37.60 8.25
O15 8M0 HA . -13.53 -38.87 4.90
O16 8M0 HA . -12.48 -37.86 7.32
O17 8M0 HA . -11.19 -37.17 9.81
O18 8M0 HA . -9.03 -34.99 9.62
O19 8M0 HA . -11.44 -34.75 11.18
O20 8M0 HA . -10.43 -35.72 7.37
O21 8M0 HA . -13.95 -36.73 10.74
O22 8M0 HA . -11.50 -36.76 4.84
O23 8M0 HA . -12.81 -39.43 9.83
O24 8M0 HA . -14.22 -32.89 5.04
O25 8M0 HA . -14.12 -36.40 6.29
O26 8M0 HA . -11.24 -33.68 8.35
O27 8M0 HA . -11.69 -30.15 9.11
O28 8M0 HA . -14.24 -40.26 7.12
MO MOO IA . -20.03 -30.42 21.37
O1 MOO IA . -20.08 -31.83 20.45
O2 MOO IA . -19.29 -29.16 20.47
O3 MOO IA . -21.56 -29.81 21.78
O4 MOO IA . -19.11 -30.74 22.78
P PO4 JA . -20.08 -32.35 22.25
O1 PO4 JA . -19.26 -33.60 22.43
O2 PO4 JA . -20.44 -32.18 20.79
O3 PO4 JA . -21.36 -32.46 23.06
O4 PO4 JA . -19.30 -31.15 22.71
PG ATP KA . -23.58 -23.37 -10.45
O1G ATP KA . -22.74 -24.62 -10.59
O2G ATP KA . -22.80 -22.10 -10.23
O3G ATP KA . -24.76 -23.55 -9.54
PB ATP KA . -25.09 -21.93 -12.39
O1B ATP KA . -25.77 -21.30 -11.20
O2B ATP KA . -24.24 -21.09 -13.31
O3B ATP KA . -24.21 -23.20 -11.93
PA ATP KA . -27.63 -23.12 -12.81
O1A ATP KA . -27.56 -24.60 -12.48
O2A ATP KA . -28.15 -22.17 -11.76
O3A ATP KA . -26.18 -22.68 -13.32
O5' ATP KA . -28.52 -22.98 -14.13
C5' ATP KA . -29.00 -21.72 -14.58
C4' ATP KA . -30.15 -22.06 -15.50
O4' ATP KA . -31.27 -22.58 -14.75
C3' ATP KA . -30.71 -20.92 -16.36
O3' ATP KA . -30.05 -20.87 -17.61
C2' ATP KA . -32.18 -21.29 -16.51
O2' ATP KA . -32.40 -21.79 -17.83
C1' ATP KA . -32.50 -22.40 -15.51
N9 ATP KA . -33.68 -22.15 -14.66
C8 ATP KA . -34.42 -23.16 -14.15
N7 ATP KA . -35.46 -22.67 -13.45
C5 ATP KA . -35.40 -21.33 -13.51
C6 ATP KA . -36.22 -20.21 -12.99
N6 ATP KA . -37.30 -20.45 -12.22
N1 ATP KA . -35.81 -18.96 -13.27
C2 ATP KA . -34.71 -18.71 -14.02
N3 ATP KA . -33.95 -19.69 -14.52
C4 ATP KA . -34.23 -21.00 -14.32
MG MG LA . -27.54 -20.75 -10.65
O1 8M0 MA . -9.55 -26.25 -6.76
MO1 8M0 MA . -10.04 -27.37 -5.36
O2 8M0 MA . -10.47 -28.95 -6.17
MO2 8M0 MA . -12.86 -27.55 -3.79
O3 8M0 MA . -8.39 -28.00 -4.57
MO3 8M0 MA . -7.38 -26.42 -3.86
O4 8M0 MA . -9.40 -25.82 -3.81
MO4 8M0 MA . -10.26 -26.11 -2.15
O5 8M0 MA . -10.67 -27.95 -3.48
MO5 8M0 MA . -13.80 -29.26 -0.54
O6 8M0 MA . -13.34 -28.99 -4.64
MO6 8M0 MA . -8.24 -27.97 -0.40
O7 8M0 MA . -12.09 -25.91 -2.63
MO7 8M0 MA . -11.04 -28.46 1.24
O8 8M0 MA . -14.35 -26.67 -3.61
MO8 8M0 MA . -10.81 -29.44 -2.05
O9 8M0 MA . -5.93 -27.62 -3.59
O11 8M0 MA . -10.44 -27.53 -0.66
O12 8M0 MA . -9.77 -24.67 -1.16
O13 8M0 MA . -15.21 -28.25 -0.89
O14 8M0 MA . -12.82 -27.95 0.50
O15 8M0 MA . -13.97 -30.68 -1.87
O16 8M0 MA . -11.66 -29.83 -0.38
O17 8M0 MA . -9.13 -29.02 1.03
O18 8M0 MA . -6.65 -28.80 -0.59
O19 8M0 MA . -7.88 -26.45 0.60
O20 8M0 MA . -8.96 -29.60 -1.72
O21 8M0 MA . -10.81 -26.84 1.94
O22 8M0 MA . -11.31 -30.82 -3.00
O23 8M0 MA . -11.32 -29.74 2.59
O24 8M0 MA . -11.82 -26.65 -5.15
O25 8M0 MA . -12.59 -28.24 -1.94
O26 8M0 MA . -8.45 -27.33 -2.25
O27 8M0 MA . -6.93 -25.70 -5.41
PB ADP NA . 29.42 38.23 -5.37
O1B ADP NA . 28.99 39.67 -5.22
O2B ADP NA . 28.96 37.33 -4.25
O3B ADP NA . 29.25 37.66 -6.76
PA ADP NA . 32.00 37.07 -5.41
O1A ADP NA . 32.83 36.87 -4.15
O2A ADP NA . 31.24 35.91 -6.00
O3A ADP NA . 31.01 38.33 -5.19
O5' ADP NA . 32.95 37.66 -6.56
C5' ADP NA . 33.53 38.96 -6.43
C4' ADP NA . 34.96 38.76 -5.94
O4' ADP NA . 35.77 38.05 -6.90
C3' ADP NA . 35.73 40.04 -5.62
O3' ADP NA . 35.68 40.29 -4.22
C2' ADP NA . 37.16 39.78 -6.08
O2' ADP NA . 38.03 39.78 -4.95
C1' ADP NA . 37.17 38.39 -6.70
N9 ADP NA . 37.92 38.18 -7.96
C8 ADP NA . 38.36 36.96 -8.33
N7 ADP NA . 39.05 37.04 -9.49
C5 ADP NA . 39.08 38.33 -9.86
C6 ADP NA . 39.65 39.09 -10.97
N6 ADP NA . 40.34 38.48 -11.96
N1 ADP NA . 39.45 40.43 -11.00
C2 ADP NA . 38.76 41.06 -10.03
N3 ADP NA . 38.22 40.42 -8.98
C4 ADP NA . 38.35 39.08 -8.84
MG MG OA . 29.65 35.52 -7.27
O1 8M0 PA . 9.95 29.55 -12.08
MO1 8M0 PA . 9.78 31.41 -11.96
O2 8M0 PA . 8.14 31.76 -12.69
MO2 8M0 PA . 11.16 33.62 -14.03
O3 8M0 PA . 9.37 31.71 -10.08
MO3 8M0 PA . 10.85 31.31 -8.73
O4 8M0 PA . 11.66 31.62 -10.64
MO4 8M0 PA . 12.49 33.32 -10.79
O5 8M0 PA . 10.43 33.40 -11.88
MO5 8M0 PA . 11.55 37.60 -13.59
O6 8M0 PA . 9.71 33.82 -14.95
MO6 8M0 PA . 11.17 35.20 -8.43
O7 8M0 PA . 12.86 33.42 -12.67
MO7 8M0 PA . 12.62 37.32 -10.50
O8 8M0 PA . 12.41 33.72 -15.24
MO8 8M0 PA . 9.89 35.43 -11.62
O9 8M0 PA . 9.85 31.78 -7.18
O10 8M0 PA . 9.83 29.75 -8.64
O11 8M0 PA . 12.03 35.27 -10.52
O12 8M0 PA . 14.05 33.14 -9.88
O13 8M0 PA . 12.43 37.32 -15.09
O14 8M0 PA . 12.94 37.00 -12.42
O15 8M0 PA . 9.69 37.55 -14.25
O16 8M0 PA . 10.69 37.18 -11.60
O17 8M0 PA . 11.48 37.13 -8.86
O18 8M0 PA . 9.94 35.05 -7.11
O19 8M0 PA . 12.80 35.05 -7.55
O20 8M0 PA . 9.40 35.21 -9.79
O21 8M0 PA . 14.21 36.66 -9.99
O22 8M0 PA . 8.48 35.33 -12.65
O23 8M0 PA . 12.55 39.20 -10.36
O24 8M0 PA . 10.95 31.76 -13.48
O25 8M0 PA . 11.37 35.45 -13.17
O26 8M0 PA . 10.98 33.40 -9.21
O27 8M0 PA . 11.64 29.76 -8.51
O28 8M0 PA . 11.49 39.39 -13.33
MO MOO QA . 26.57 32.70 -5.43
O1 MOO QA . 25.60 31.33 -5.17
O2 MOO QA . 28.02 32.24 -6.23
O3 MOO QA . 25.88 33.82 -6.50
O4 MOO QA . 26.94 33.40 -3.92
P PO4 RA . 27.10 34.62 -5.28
O1 PO4 RA . 26.43 34.10 -6.53
O2 PO4 RA . 26.50 35.96 -4.90
O3 PO4 RA . 26.91 33.65 -4.15
O4 PO4 RA . 28.58 34.80 -5.54
PG ATP SA . 8.06 18.42 -28.35
O1G ATP SA . 7.27 19.69 -28.14
O2G ATP SA . 7.83 17.33 -27.33
O3G ATP SA . 9.52 18.67 -28.67
PB ATP SA . 7.97 16.49 -30.45
O1B ATP SA . 9.37 16.15 -29.97
O2B ATP SA . 6.88 15.46 -30.40
O3B ATP SA . 7.42 17.81 -29.70
PA ATP SA . 9.36 17.39 -32.73
O1A ATP SA . 9.46 18.90 -32.81
O2A ATP SA . 10.53 16.62 -32.17
O3A ATP SA . 8.01 17.07 -31.95
O5' ATP SA . 9.04 16.86 -34.20
C5' ATP SA . 9.22 15.48 -34.56
C4' ATP SA . 9.40 15.54 -36.06
O4' ATP SA . 10.67 16.16 -36.39
C3' ATP SA . 9.37 14.21 -36.82
O3' ATP SA . 8.06 13.87 -37.22
C2' ATP SA . 10.28 14.49 -38.02
O2' ATP SA . 9.46 14.73 -39.16
C1' ATP SA . 11.07 15.77 -37.71
N9 ATP SA . 12.54 15.61 -37.86
C8 ATP SA . 13.33 16.63 -38.20
N7 ATP SA . 14.62 16.21 -38.32
C5 ATP SA . 14.65 14.91 -38.05
C6 ATP SA . 15.68 13.86 -38.01
N6 ATP SA . 16.98 14.16 -38.25
N1 ATP SA . 15.30 12.60 -37.68
C2 ATP SA . 14.02 12.29 -37.42
N3 ATP SA . 13.03 13.20 -37.45
C4 ATP SA . 13.28 14.50 -37.76
MG MG TA . 11.02 15.52 -30.68
O1 8M0 UA . 0.07 23.07 -16.98
MO1 8M0 UA . 1.24 24.46 -16.61
O2 8M0 UA . 0.82 25.76 -17.83
MO2 8M0 UA . 4.39 24.81 -17.44
O3 8M0 UA . 0.54 25.37 -15.07
MO3 8M0 UA . 0.47 24.09 -13.52
O4 8M0 UA . 2.03 23.40 -14.73
MO4 8M0 UA . 3.75 23.99 -14.21
O5 8M0 UA . 2.93 25.42 -15.84
MO5 8M0 UA . 7.09 27.12 -16.19
O6 8M0 UA . 4.04 25.98 -18.67
MO6 8M0 UA . 3.31 26.33 -12.02
O7 8M0 UA . 4.75 23.52 -15.75
MO7 8M0 UA . 6.42 26.93 -12.91
O8 8M0 UA . 5.67 23.87 -18.13
MO8 8M0 UA . 3.91 27.17 -15.24
O9 8M0 UA . -0.56 25.43 -12.63
O11 8M0 UA . 4.76 25.68 -13.61
O12 8M0 UA . 4.23 22.85 -12.87
O13 8M0 UA . 7.97 25.95 -17.21
O14 8M0 UA . 7.22 26.14 -14.54
O15 8M0 UA . 6.13 28.15 -17.56
O16 8M0 UA . 5.60 27.87 -14.72
O17 8M0 UA . 4.85 27.60 -11.86
O18 8M0 UA . 1.97 27.22 -11.23
O19 8M0 UA . 3.89 25.10 -10.74
O20 8M0 UA . 2.77 27.55 -13.77
O21 8M0 UA . 6.88 25.53 -11.91
O22 8M0 UA . 3.48 28.27 -16.54
O23 8M0 UA . 7.44 28.44 -12.45
O24 8M0 UA . 2.79 23.71 -17.51
O25 8M0 UA . 5.37 25.88 -16.10
O26 8M0 UA . 2.24 25.28 -13.29
O27 8M0 UA . -0.81 23.04 -14.13
O1 M10 VA . 1.01 17.57 -5.51
O2 M10 VA . 3.09 18.23 -0.53
O3 M10 VA . -2.40 18.18 -1.31
O4 M10 VA . 0.53 15.47 -2.06
MO1 M10 VA . 0.82 16.47 -4.19
MO2 M10 VA . 2.11 16.94 -1.08
O6 M10 VA . 2.20 17.42 -3.05
MO3 M10 VA . -1.22 16.95 -1.45
O8 M10 VA . 3.13 15.53 -1.18
O9 M10 VA . 0.38 17.90 -0.67
O11 M10 VA . 0.03 15.08 -4.84
O12 M10 VA . -0.71 17.48 -3.34
O13 M10 VA . -1.55 15.78 -0.20
PB ADP WA . -13.16 42.81 18.67
O1B ADP WA . -11.91 42.31 19.37
O2B ADP WA . -13.07 44.23 18.16
O3B ADP WA . -13.72 41.82 17.67
PA ADP WA . -14.30 42.06 21.18
O1A ADP WA . -15.73 41.74 21.49
O2A ADP WA . -13.26 40.95 21.12
O3A ADP WA . -14.30 42.90 19.80
O5' ADP WA . -13.77 43.14 22.25
C5' ADP WA . -14.40 44.43 22.36
C4' ADP WA . -15.49 44.33 23.41
O4' ADP WA . -14.99 43.97 24.72
C3' ADP WA . -16.29 45.62 23.62
O3' ADP WA . -17.49 45.58 22.85
C2' ADP WA . -16.60 45.65 25.11
O2' ADP WA . -18.01 45.52 25.32
C1' ADP WA . -15.90 44.45 25.74
N9 ADP WA . -15.20 44.64 27.02
C8 ADP WA . -14.97 43.62 27.87
N7 ADP WA . -14.34 44.06 28.99
C5 ADP WA . -14.19 45.39 28.85
C6 ADP WA . -13.59 46.46 29.68
N6 ADP WA . -13.05 46.19 30.88
N1 ADP WA . -13.63 47.72 29.18
C2 ADP WA . -14.17 48.01 27.98
N3 ADP WA . -14.71 47.07 27.20
C4 ADP WA . -14.76 45.77 27.57
O1 8M0 XA . 3.19 32.51 7.16
MO1 8M0 XA . 3.01 34.27 6.61
O2 8M0 XA . 4.46 34.57 5.53
MO2 8M0 XA . 3.88 36.95 8.37
O3 8M0 XA . 1.65 34.21 5.25
MO3 8M0 XA . -0.18 33.80 5.97
O4 8M0 XA . 0.96 34.47 7.58
MO4 8M0 XA . 0.46 36.23 7.93
O5 8M0 XA . 2.48 36.30 6.70
MO5 8M0 XA . 3.09 40.72 7.52
O6 8M0 XA . 5.42 37.08 7.59
MO6 8M0 XA . -0.87 37.54 5.28
O7 8M0 XA . 1.86 36.73 9.15
MO7 8M0 XA . -0.09 40.13 7.01
O8 8M0 XA . 4.23 37.43 10.01
MO8 8M0 XA . 2.41 38.14 5.65
O9 8M0 XA . -1.06 33.90 4.29
O10 8M0 XA . 0.35 32.11 5.40
O11 8M0 XA . 0.43 38.05 7.02
O12 8M0 XA . -1.16 36.14 8.75
O13 8M0 XA . 4.04 40.75 9.01
O14 8M0 XA . 1.42 40.20 8.30
O15 8M0 XA . 4.56 40.49 6.25
O16 8M0 XA . 1.82 39.93 5.92
O17 8M0 XA . -0.87 39.52 5.29
O18 8M0 XA . -1.37 37.04 3.61
O19 8M0 XA . -2.44 37.42 6.27
O20 8M0 XA . 1.15 37.54 4.39
O21 8M0 XA . -1.27 39.60 8.26
O22 8M0 XA . 3.99 38.23 4.96
O23 8M0 XA . -0.35 41.91 6.49
O24 8M0 XA . 3.67 35.02 8.28
O25 8M0 XA . 2.91 38.58 7.68
O26 8M0 XA . 0.05 35.91 5.82
O27 8M0 XA . -0.71 32.38 6.87
O28 8M0 XA . 2.82 42.44 7.02
MG MG YA . -11.39 40.61 20.42
MO MOO ZA . -11.15 36.91 17.64
O1 MOO ZA . -10.53 35.48 16.98
O2 MOO ZA . -10.11 38.23 17.24
O3 MOO ZA . -12.65 37.38 17.00
O4 MOO ZA . -11.23 36.75 19.35
P PO4 AB . -11.27 36.91 17.69
O1 PO4 AB . -11.12 36.84 19.18
O2 PO4 AB . -10.80 35.62 17.06
O3 PO4 AB . -12.73 37.14 17.35
O4 PO4 AB . -10.44 38.06 17.15
PG ATP BB . 19.27 24.51 16.08
O1G ATP BB . 19.41 25.60 15.05
O2G ATP BB . 18.68 23.22 15.59
O3G ATP BB . 18.70 24.99 17.38
PB ATP BB . 21.26 23.00 17.48
O1B ATP BB . 20.16 22.79 18.51
O2B ATP BB . 21.81 21.83 16.71
O3B ATP BB . 20.81 24.12 16.40
PA ATP BB . 22.45 24.48 19.58
O1A ATP BB . 22.35 25.96 19.30
O2A ATP BB . 21.41 23.83 20.46
O3A ATP BB . 22.51 23.75 18.15
O5' ATP BB . 23.91 24.21 20.18
C5' ATP BB . 24.25 22.98 20.82
C4' ATP BB . 25.48 23.32 21.65
O4' ATP BB . 25.15 24.14 22.79
C3' ATP BB . 26.26 22.13 22.20
O3' ATP BB . 27.31 21.74 21.32
C2' ATP BB . 26.82 22.65 23.52
O2' ATP BB . 28.22 22.90 23.37
C1' ATP BB . 26.12 23.97 23.84
N9 ATP BB . 25.52 24.04 25.20
C8 ATP BB . 25.36 25.21 25.85
N7 ATP BB . 24.82 24.99 27.07
C5 ATP BB . 24.66 23.68 27.23
C6 ATP BB . 24.16 22.79 28.30
N6 ATP BB . 23.69 23.29 29.46
N1 ATP BB . 24.15 21.45 28.05
C2 ATP BB . 24.60 20.93 26.89
N3 ATP BB . 25.06 21.69 25.90
C4 ATP BB . 25.13 23.04 25.99
MG MG CB . 20.00 22.55 20.38
O1 8M0 DB . 12.95 25.57 2.78
MO1 8M0 DB . 11.91 27.03 3.27
O2 8M0 DB . 13.05 28.47 3.20
MO2 8M0 DB . 11.02 28.04 6.25
O3 8M0 DB . 10.87 27.53 1.72
MO3 8M0 DB . 9.67 26.01 1.21
O4 8M0 DB . 9.99 25.77 3.27
MO4 8M0 DB . 8.64 26.51 4.38
O5 8M0 DB . 10.31 28.09 4.11
MO5 8M0 DB . 8.37 30.46 7.44
O6 8M0 DB . 12.14 29.37 6.27
MO6 8M0 DB . 6.77 28.29 2.43
O7 8M0 DB . 9.50 26.52 6.08
MO7 8M0 DB . 5.98 29.46 5.33
O8 8M0 DB . 11.05 27.47 7.89
MO8 8M0 DB . 9.17 29.85 4.28
O9 8M0 DB . 9.27 26.99 -0.38
O11 8M0 DB . 7.51 28.17 4.54
O12 8M0 DB . 7.34 25.22 4.43
O13 8M0 DB . 8.90 29.67 8.93
O14 8M0 DB . 7.04 29.14 6.98
O15 8M0 DB . 9.94 31.57 7.04
O16 8M0 DB . 7.80 30.68 5.31
O17 8M0 DB . 5.76 29.74 3.37
O18 8M0 DB . 6.69 28.78 0.69
O19 8M0 DB . 5.48 26.96 2.61
O20 8M0 DB . 8.44 29.75 2.54
O21 8M0 DB . 5.07 27.95 5.52
O22 8M0 DB . 10.41 31.10 4.32
O23 8M0 DB . 4.89 30.96 5.68
O24 8M0 DB . 11.97 26.73 5.18
O25 8M0 DB . 9.27 28.97 6.23
O26 8M0 DB . 8.50 27.36 2.37
O27 8M0 DB . 10.93 24.92 0.61
PB ADP EB . -13.17 35.57 -29.86
O1B ADP EB . -12.65 36.97 -29.82
O2B ADP EB . -12.09 34.51 -29.78
O3B ADP EB . -14.38 35.31 -28.98
PA ADP EB . -14.67 34.24 -31.89
O1A ADP EB . -14.11 33.73 -33.20
O2A ADP EB . -15.01 33.29 -30.78
O3A ADP EB . -13.74 35.45 -31.37
O5' ADP EB . -16.03 35.05 -32.23
C5' ADP EB . -15.99 36.22 -33.06
C4' ADP EB . -16.34 35.77 -34.47
O4' ADP EB . -17.68 35.23 -34.57
C3' ADP EB . -16.24 36.85 -35.55
O3' ADP EB . -14.98 36.78 -36.20
C2' ADP EB . -17.37 36.52 -36.53
O2' ADP EB . -16.81 36.12 -37.78
C1' ADP EB . -18.14 35.34 -35.94
N9 ADP EB . -19.61 35.37 -36.00
C8 ADP EB . -20.35 34.24 -35.98
N7 ADP EB . -21.66 34.53 -36.06
C5 ADP EB . -21.77 35.87 -36.15
C6 ADP EB . -22.89 36.83 -36.25
N6 ADP EB . -24.17 36.41 -36.29
N1 ADP EB . -22.57 38.15 -36.31
C2 ADP EB . -21.30 38.59 -36.27
N3 ADP EB . -20.25 37.76 -36.16
C4 ADP EB . -20.41 36.42 -36.11
MG MG FB . -15.32 33.47 -28.73
O1 8M0 GB . -10.46 30.63 -8.36
MO1 8M0 GB . -10.09 32.43 -8.54
O2 8M0 GB . -9.76 32.97 -6.83
MO2 8M0 GB . -12.26 34.87 -9.24
O3 8M0 GB . -8.23 32.56 -9.09
MO3 8M0 GB . -7.82 31.66 -10.83
O4 8M0 GB . -9.85 32.18 -10.80
MO4 8M0 GB . -10.13 33.77 -11.77
O5 8M0 GB . -10.08 34.29 -9.49
MO5 8M0 GB . -11.60 38.52 -10.65
O6 8M0 GB . -12.31 35.41 -7.61
MO6 8M0 GB . -7.23 35.29 -12.12
O7 8M0 GB . -11.91 34.25 -11.28
MO7 8M0 GB . -9.39 37.61 -12.81
O8 8M0 GB . -13.85 35.11 -9.82
MO8 8M0 GB . -9.33 36.23 -9.59
O9 8M0 GB . -6.00 32.00 -10.51
O10 8M0 GB . -7.73 29.99 -10.06
O11 8M0 GB . -9.46 35.65 -11.90
O12 8M0 GB . -10.18 33.24 -13.48
O13 8M0 GB . -13.33 38.38 -10.84
O14 8M0 GB . -11.27 37.56 -12.27
O15 8M0 GB . -11.47 38.72 -8.70
O16 8M0 GB . -9.49 37.85 -10.60
O17 8M0 GB . -7.48 37.25 -12.44
O18 8M0 GB . -5.55 34.58 -12.22
O19 8M0 GB . -7.25 34.92 -13.93
O20 8M0 GB . -7.54 35.72 -9.97
O21 8M0 GB . -9.70 36.69 -14.31
O22 8M0 GB . -9.36 36.76 -7.93
O23 8M0 GB . -8.98 39.39 -13.13
O24 8M0 GB . -11.90 32.99 -8.90
O25 8M0 GB . -11.38 36.42 -10.16
O26 8M0 GB . -8.04 33.75 -11.22
O27 8M0 GB . -7.84 31.10 -12.47
O28 8M0 GB . -11.10 40.23 -10.97
MO MOO HB . -12.70 30.46 -26.32
O1 MOO HB . -12.16 29.37 -25.13
O2 MOO HB . -11.46 30.69 -27.49
O3 MOO HB . -14.02 29.91 -27.22
O4 MOO HB . -13.03 31.96 -25.54
P PO4 IB . -12.33 32.30 -27.16
O1 PO4 IB . -11.54 31.03 -27.40
O2 PO4 IB . -11.41 33.49 -27.21
O3 PO4 IB . -13.38 32.43 -28.24
O4 PO4 IB . -13.01 32.24 -25.81
O11 LJB JB . 2.60 46.10 -11.03
O12 LJB JB . 3.12 43.70 -10.40
O13 LJB JB . 1.08 46.27 -8.62
O14 LJB JB . 2.88 43.98 -7.55
O21 LJB JB . -1.09 43.30 -9.95
O22 LJB JB . -0.27 45.69 -10.71
O23 LJB JB . -1.63 46.62 -8.71
O24 LJB JB . -0.63 44.38 -7.19
O25 LJB JB . 1.06 43.69 -9.23
O31 LJB JB . -3.80 45.53 -6.27
O32 LJB JB . -2.85 46.88 -5.06
O33 LJB JB . -1.86 44.47 -4.66
O34 LJB JB . -0.42 46.65 -5.43
O41 LJB JB . 1.26 48.86 -6.91
O51 LJB JB . -1.31 46.53 -2.28
O52 LJB JB . 0.57 45.23 -1.97
O53 LJB JB . 1.20 45.66 -4.79
O61 LJB JB . 4.00 46.76 -2.70
O62 LJB JB . 3.05 44.59 -2.71
O63 LJB JB . 1.40 46.51 -3.03
O64 LJB JB . 4.83 45.22 -4.42
O71 LJB JB . 5.85 46.23 -6.56
O72 LJB JB . 5.39 43.79 -7.35
O73 LJB JB . 4.15 45.89 -8.34
O74 LJB JB . 3.10 46.59 -5.95
O81 LJB JB . 1.41 42.35 -5.16
MO1 LJB JB . 2.49 45.10 -9.41
MO2 LJB JB . -0.56 44.86 -9.14
MO3 LJB JB . -2.02 45.76 -6.20
MO4 LJB JB . 1.19 47.07 -6.70
MO5 LJB JB . -0.34 45.60 -3.48
MO6 LJB JB . 3.06 45.88 -3.96
MO7 LJB JB . 4.48 45.08 -6.48
MO8 LJB JB . 1.20 43.88 -6.13
PG ATP KB . -25.34 23.76 3.20
O1G ATP KB . -24.59 25.02 3.55
O2G ATP KB . -24.49 22.51 3.18
O3G ATP KB . -26.26 23.90 2.01
PB ATP KB . -27.35 22.32 4.64
O1B ATP KB . -27.71 21.71 3.31
O2B ATP KB . -26.87 21.47 5.79
O3B ATP KB . -26.32 23.55 4.47
PA ATP KB . -29.89 23.57 4.30
O1A ATP KB . -29.72 25.04 4.01
O2A ATP KB . -30.09 22.61 3.16
O3A ATP KB . -28.63 23.13 5.21
O5' ATP KB . -31.11 23.43 5.33
C5' ATP KB . -31.74 22.17 5.57
C4' ATP KB . -33.10 22.54 6.12
O4' ATP KB . -33.96 23.05 5.08
C3' ATP KB . -33.90 21.43 6.82
O3' ATP KB . -33.62 21.41 8.21
C2' ATP KB . -35.34 21.83 6.54
O2' ATP KB . -35.92 22.36 7.73
C1' ATP KB . -35.34 22.91 5.46
N9 ATP KB . -36.25 22.64 4.31
C8 ATP KB . -36.84 23.63 3.62
N7 ATP KB . -37.63 23.12 2.66
C5 ATP KB . -37.57 21.79 2.74
C6 ATP KB . -38.20 20.65 2.04
N6 ATP KB . -39.03 20.86 1.00
N1 ATP KB . -37.87 19.40 2.43
C2 ATP KB . -37.02 19.17 3.45
N3 ATP KB . -36.44 20.16 4.14
C4 ATP KB . -36.67 21.47 3.85
MG MG LB . -29.23 21.23 2.30
O1 8M0 MB . -10.79 26.32 3.77
MO1 8M0 MB . -10.83 27.45 2.28
O2 8M0 MB . -11.47 29.04 2.94
MO2 8M0 MB . -13.05 27.67 -0.07
O3 8M0 MB . -9.04 28.06 1.98
MO3 8M0 MB . -7.91 26.44 1.67
O4 8M0 MB . -9.81 25.88 0.94
MO4 8M0 MB . -10.11 26.14 -0.93
O5 8M0 MB . -10.85 28.01 0.26
MO5 8M0 MB . -12.98 29.41 -3.45
O6 8M0 MB . -13.75 29.11 0.60
MO6 8M0 MB . -7.63 28.04 -2.02
O7 8M0 MB . -12.01 26.01 -0.98
MO7 8M0 MB . -9.85 28.52 -4.36
O8 8M0 MB . -14.44 26.81 -0.69
MO8 8M0 MB . -10.56 29.55 -1.16
O9 8M0 MB . -6.40 27.58 1.88
O11 8M0 MB . -9.83 27.61 -2.37
O12 8M0 MB . -9.41 24.68 -1.76
O13 8M0 MB . -14.47 28.44 -3.51
O14 8M0 MB . -11.78 28.07 -4.15
O15 8M0 MB . -13.50 30.83 -2.18
O16 8M0 MB . -10.86 29.92 -3.01
O17 8M0 MB . -8.10 29.12 -3.62
O18 8M0 MB . -6.15 28.82 -1.38
O19 8M0 MB . -7.03 26.54 -2.95
O20 8M0 MB . -8.69 29.65 -0.92
O21 8M0 MB . -9.42 26.88 -4.93
O22 8M0 MB . -11.30 30.94 -0.39
O23 8M0 MB . -9.73 29.77 -5.75
O24 8M0 MB . -12.48 26.76 1.54
O25 8M0 MB . -12.24 28.35 -1.75
O26 8M0 MB . -8.34 27.28 -0.29
O27 8M0 MB . -8.04 25.71 3.28
O11 LHW NB . 3.55 23.94 -7.87
O12 LHW NB . 2.51 21.58 -7.02
O13 LHW NB . 2.57 25.07 -5.71
O14 LHW NB . 0.84 22.95 -5.25
O21 LHW NB . -0.88 21.39 -6.96
O22 LHW NB . -1.49 23.90 -7.88
O23 LHW NB . -0.50 24.97 -6.25
O24 LHW NB . -2.31 23.66 -5.41
O25 LHW NB . 0.78 23.23 -7.66
O31 LHW NB . -3.73 22.33 -2.82
O32 LHW NB . -2.92 24.54 -1.53
O33 LHW NB . -1.22 23.14 -2.24
O34 LHW NB . -4.38 24.61 -3.83
O41 LHW NB . 0.72 21.28 -3.15
O51 LHW NB . -2.00 24.93 1.06
O52 LHW NB . -2.42 22.76 0.01
O53 LHW NB . -0.63 25.85 -0.73
O61 LHW NB . 0.66 24.01 -0.13
O62 LHW NB . 3.00 22.55 0.16
O63 LHW NB . 2.50 24.69 1.37
O64 LHW NB . 4.42 24.25 -1.19
O71 LHW NB . 5.79 24.34 -3.68
O72 LHW NB . 5.10 22.02 -2.80
O73 LHW NB . 3.57 23.05 -4.85
O74 LHW NB . 2.48 23.11 -2.12
O81 LHW NB . -1.39 27.22 -5.70
O82 LHW NB . -2.08 25.34 -4.15
O83 LHW NB . 1.08 27.20 -5.33
O91 LHW NB . 2.11 27.12 -2.86
O92 LHW NB . 0.58 24.92 -3.30
O93 LHW NB . 3.77 27.02 -4.66
O94 LHW NB . 0.69 27.99 -1.26
MO1 LHW NB . 2.38 23.39 -6.47
MOA LHW NB . 0.54 26.42 -2.11
MO2 LHW NB . -0.74 23.13 -6.44
MO3 LHW NB . -2.84 23.82 -3.31
MO4 LHW NB . 0.74 23.08 -3.25
MO5 LHW NB . -1.36 24.17 -0.44
MO6 LHW NB . 2.68 24.25 -0.37
MO7 LHW NB . 4.29 23.61 -3.04
MO8 LHW NB . -0.50 26.06 -4.65
MO9 LHW NB . 2.22 26.03 -4.18
O1 LHW NB . -0.99 27.27 -3.14
O2 LHW NB . 3.38 25.07 -3.23
O3 LHW NB . 1.94 25.95 -1.09
#